data_6HQA
#
_entry.id   6HQA
#
loop_
_entity.id
_entity.type
_entity.pdbx_description
1 polymer Taf2
2 polymer 'Subunit (90 kDa) of TFIID and SAGA complexes'
3 polymer 'Subunit (60 kDa) of TFIID and SAGA complexes'
4 polymer 'Subunit (17 kDa) of TFIID and SAGA complexes, involved in RNA polymerase II transcription initiation'
5 polymer Taf8
6 polymer Histone-fold
7 polymer Histone-fold
8 polymer 'Subunit (61/68 kDa) of TFIID and SAGA complexes'
9 polymer 'TFIID subunit (48 kDa)'
#
loop_
_entity_poly.entity_id
_entity_poly.type
_entity_poly.pdbx_seq_one_letter_code
_entity_poly.pdbx_strand_id
1 'polypeptide(L)'
;MPAIPYDYPSIVSHGTPRKQKSQAKSSRATQNFKIAHQKVQLDVDLATQTVNGETELTIFATDPSLSKVRLDARCMQIHE
VSVNLIKANFIAADFSRNDEFQNDPNNETLQRIHRYQKSYDTNSESIDIYQHHFYRSKFNPLYLDLNDHESPESVETLNT
ENLTVYLPENLRLRPHDLSNTYSPVSNYNSPLTSNSALMNSDRLYTPFVLKINYSLRVPKNGIIFNGGSHTTIEKTQWFC
HTINNDIGCSASSWMPCIDNFYEKYTWELQLIVPKTVGDIGQTKPIGEKFSKQPNDNDDDDDDMIDSYQETDEEMTREIK
VVLPDFESVKESPHILDHSKKVVSVQLYNNPVAAHHIGFFVGPFEQLPASTFKFQDQSHPKILDGEENNHSDFTAAVAAR
VYFLPSQKEMVLNTCLALYKNLDFYSKEFGSYPFSTYSMVFVDNLPTQYSSFAGISGISSEVLYDSGLVEPMFPVTELLS
LIVAEQWSGINIVPKSLNDYWCVIGIAHFMAGQFLKKLFGFNNYKFVIKQRSDRICREDIGKAPLANQHFRFPVNDATDF
KFIRLKAPLVLFILDRRMTKTDRSFGLSRVIPKIFAAAMSHDLYNGNCLSTSHFQHVCEKVAHHKLDSFFNNWVHNSGTP
VLRVTQRFNKKRMFIEMGIRQVQGYELARSDASKSRKKDPVSFLNEACQHVDQTGPGVTSQIFTGPMTIRIHEADGTPYE
HIVDLKEGFTKLDIQYNTKYKRIKKNKKDEELTKKDDSENTVNRLGDILSRSKDMQEWHLEDLSAEGEEARTQDAAEWIR
IDADFEWICQIHLNQPDYMYQSQLQQDRDVEAQLDSVNFFSNSLRPNVFYSSVLVRTLMDNRYFYGVRCEAAKGLARLSK
EENNHIGLHHLLKTLKQAFCYPMHDSHEDATTLINNPKNFLPLPNDFSDFQRLFIQETIPAALSTIKIKDSDLFLNLRRI
LLRLLQYNDNLNNDFNDCFYVCSLIRALANTIVEAGMVLQDHNEGISYYDEATSEDGTLDDRINNINRETVIEFNRRLQL
DAADVSYHTCISDTILNEKVRLGSEGLINFRFPELLQFTQEKYSVYVRLAGFRGLLLLGGLKNKSILHYFFSTAKLELSA
LFKRGLIDHFLEAVGVAALFGTPSTLDDP(UNK)(UNK)(UNK)(UNK)(UNK)(UNK)(UNK)(UNK)(UNK)(UNK)
(UNK)(UNK)(UNK)(UNK)(UNK)(UNK)(UNK)(UNK)(UNK)(UNK)(UNK)(UNK)(UNK)(UNK)(UNK)(UNK)
(UNK)(UNK)(UNK)(UNK)(UNK)(UNK)(UNK)(UNK)(UNK)(UNK)(UNK)(UNK)(UNK)(UNK)(UNK)(UNK)
(UNK)(UNK)(UNK)NKSRRDTYIRTTMKGAIQILKRDYAIGEGLTKELWSAVHSCLLSINLKRDIFDLIDLMYDAYDSY
LVKIDSVSDKKVVTRVETVGDNTAIVKLYAKPRPKPSIVDSTSQKIEEKPKIKLGFKKSTEKSSGLSLKIKPKNVEVPEK
VRPSKVKKEIEPPKENGPSEKKIPPPSSLVDDVTAPTPKVEDISNHRSKKQLLVKFGYKTANSRRFVRILLREKRLEFSS
IPFNPKRYDVKLKYNRELLEERTRARVDEDQNSSSNSYSMSIDGKATNSGPVDSLNDDSIPTDGVAELKPEVEQRKKRVA
KSTPKARQSRTIESDQDALISRSHKRQKFNPTINKPKSEEEIGENQTPEAGTQPTPKTKPKAKTKIKLKLKFLESMEMDE
KTTGWRGGHVVEGLAGELEQLRARLEHHPQGQREPGGSELKTAALAQHDEAVDNKFNKEQQNAFYEILHLPNLNEEQRNA
FIQSLKDDPSQSANLLAEAKKLNDAQAPKVDNKFNKEQQNAFYEILHLPNLNEEQRNAFIQSLKDDPSQSANLLAEAKKL
NGAQAPKVDANSAGKST
;
A
2 'polypeptide(L)'
;MKQEPGDSSDKSAPSGSITPQPKPPQQANVSNQQPQKPQQFSAADLNRIVLEYLNKKGYHKTESMLRMESSHIPAPPTNI
PTPQTTNISRPTAPGRAPEYSDDPATIKRGYSILKSWCESSLDFYRPELEKFLYPVFVHCYLDLIARGYPSHAREFYDKF
SKDHSVLHEYEISKLGGISLKEHLQENDVAKIFRSHKFKVLIGRTTFNLLLYFLNENDAVGGGVVLRLINQYIEPVITTE
AIAVEREGELNLSEGIVELHTLNNTSIGGEQREISSVDAFNKKPVKLGKLQVDPEYSKELEAELKLKDEHEQAAQKKVST
TLLEEYRENFKVDPSDENNPSKDTLPLPLKSAQDLRNDIAMIQDSRAKIKLSAAQASLPSVCMYTFHNTNNDLTCLKFND
DSTMVASGFQDSFIKLWSIDGSPLRSLLKNDPYNQQNNDGVAVKGSRRLVGHSGAVYGVDFSPDNRYLISCSEDKTVRLW
SLDTYTCLVSYKGHSSSVWDVKFSPMGHYFATASHDQTARLWSCDHIYPLRIFAGHLNDVDCVEFHPNSTYLFTGSSDKT
ARMWDIARGECVRVFMGHSGAINCLAVSPDGRWLASAGEDSVVCLWDISTGRRIKAMRGHGRSSIYSLAFSREGTVLVST
GADNSVRVWDVKKNTNSPSAQPEPINDVTAQGIQKKTEDLRRRKEIVATNDHMSVYFTKKTPVYTVHFTRRNLCLAGGVF
GG
;
B,C
3 'polypeptide(L)'
;MSKNSQRSSIPTSHTLWSPSDTVKDAAESLGIFNLNEEAAKNLAMDIEYRIHEILDQASKFMRHGKRRTLHTSDIDRALK
VLNLEPLYGYDVSRPLVFKEALVGAGQNLYYVDDDEVDFEKLINEPLPKVPRFSTFTAHWLAIEGVQPAIPQNPSPNDIK
NILPINRGSMENMFSLINDEVKEDTNEEFTSTGPSVSSNISNQKQGLEVKPLVKHVLSRELQLYFDKIVEVLLNQEETKE
AELLRNSALQSVRADPGLHQLVPYFIQFISETITKNLKNISLLSTMLELIYSLLMNESLFLEPYVHAIIPCILTLLLAKK
IGNVDDELQKQQQLALRELSASLLERVIEDFGSSYSTLKPRITRTLLRAFVSVNNTTPGTQYGALLGLRGLGSEVIRIVV
LGNVINWSSTFLEKLQQEDQVFLIDTLIETLRVLTKEGKLVKDMKTENGIDNERLKQRVGDLIADRIQACDDAQDIYWGI
FFGEV
;
D,E
4 'polypeptide(L)'
;MTNEQAAIPRDVRLLHLIFATQNIYSYQDHVPLQLMDFAYRYTTGTLQDATIYSDHAHASGSHISNAGNAGTNAQLTTED
IRLAIAARTNYQFKPVPPKELLLELAAERNKKPLPAVIPTWGIRLPPEKYCLTGKDWVLEDEEEAVSYKKRKT
;
F
5 'polypeptide(L)'
;(UNK)(UNK)(UNK)(UNK)(UNK)(UNK)(UNK)(UNK)(UNK)(UNK)(UNK)(UNK)(UNK)(UNK)(UNK)(UNK)
(UNK)(UNK)(UNK)(UNK)(UNK)(UNK)(UNK)(UNK)(UNK)(UNK)(UNK)(UNK)(UNK)(UNK)(UNK)(UNK)
(UNK)(UNK)(UNK)(UNK)(UNK)(UNK)(UNK)(UNK)(UNK)(UNK)(UNK)(UNK)(UNK)(UNK)(UNK)(UNK)
(UNK)(UNK)(UNK)(UNK)(UNK)(UNK)(UNK)(UNK)(UNK)(UNK)(UNK)(UNK)(UNK)(UNK)(UNK)(UNK)
(UNK)(UNK)(UNK)(UNK)(UNK)(UNK)(UNK)(UNK)(UNK)(UNK)(UNK)
;
G
6 'polypeptide(L)'
;(UNK)(UNK)(UNK)(UNK)(UNK)(UNK)(UNK)(UNK)(UNK)(UNK)(UNK)(UNK)(UNK)(UNK)(UNK)(UNK)
(UNK)(UNK)(UNK)(UNK)(UNK)(UNK)(UNK)(UNK)(UNK)(UNK)(UNK)(UNK)(UNK)(UNK)(UNK)(UNK)
(UNK)(UNK)(UNK)(UNK)(UNK)(UNK)(UNK)(UNK)(UNK)(UNK)(UNK)(UNK)(UNK)(UNK)(UNK)(UNK)
(UNK)(UNK)(UNK)(UNK)(UNK)(UNK)(UNK)(UNK)(UNK)(UNK)(UNK)(UNK)(UNK)(UNK)(UNK)(UNK)
;
I
7 'polypeptide(L)'
;(UNK)(UNK)(UNK)(UNK)(UNK)(UNK)(UNK)(UNK)(UNK)(UNK)(UNK)(UNK)(UNK)(UNK)(UNK)(UNK)
(UNK)(UNK)(UNK)(UNK)(UNK)(UNK)(UNK)(UNK)(UNK)(UNK)(UNK)(UNK)(UNK)(UNK)(UNK)(UNK)
(UNK)(UNK)(UNK)(UNK)(UNK)(UNK)(UNK)(UNK)(UNK)(UNK)(UNK)(UNK)(UNK)(UNK)(UNK)(UNK)
(UNK)(UNK)(UNK)(UNK)(UNK)(UNK)(UNK)(UNK)(UNK)(UNK)(UNK)(UNK)(UNK)(UNK)(UNK)(UNK)
(UNK)(UNK)(UNK)(UNK)
;
H
8 'polypeptide(L)'
;MNQPPNQPQDNDSQVSSSGMQGGNSMNYSSSAPVNGAGQGPQPQQNSQGQNGKKPVGMQQAQIQLLARRYQLEMQKAHQL
GPQTPQGAEHLQTATKIKHVLLSYQQQRQRQQGQVQGQGLSQPQGQNQAQGRVQQQTQGLSPDPGSHQGSPQFQQPHQVM
MGSAQTAGTSIANPQAQSNISSQVSQMAAAKVNSASPPIPPKTVGTPTGTPVGTQPRGQVTIQQFQQVKSILEEFEKKLR
TIEAAKRDQNLPEETLQKLLRQEAILKQRYAQTKATAYQMSQHLQRQQQALRAASAESAEVYVTGSASSPNMNVYNQQIL
TQQPQQQLQQQQLHQPQPQQPQPARQSPHLLIHQQQQQQQQQQQQQQQQQQHPVTHRPSNVSQTMPQPSQPLQSSTPSSA
VGRNQSPGATPVTSVNAAAKPSPGTSSTSTLINQHILKPAPPPTEIPARLQVKPPQPAAMKIPNRPTLLGGSAISQPSLT
TPVSIRPPPLEMEGDHVLQKRKLKELLRNVGADEGDGETVIDGDVEELLLDLADEFVTSVTSFACRLAKHRKVDNIDMRD
VQLHLERNWNIRVPGYASDEIRSVRKFQPTAGYNQKVQGVAISKSVNKN
;
K
9 'polypeptide(L)'
;MSRKPERRRQPRLFSNDMRTLLFAYGDVQQPQLETIQALEDVMIVFMTDLCHEAMTYATYQGRKHKLKMEDFKFALRKDR
LKLGRVEELMNKQKEIQEARKLFDSNEKETKDDDIEKKRRKEAKRAIKEAKKLKLSKGDTAFMSSTPDGSTPVDSGKRTS
DQIDVGEYKRVKVERGNRSETVDSGLIDMSNSVGASLDIPTPDQLNPTNTGVQTPSLHQPGESISAHSLSLPGETSVGGS
TGISRENTPQVRPDVSVSQSSSQLHQRNESFPGLSVSKSTTSLNKDTMFDNRKRLLGNNGANPNGQKSSDPEKLSDALTA
AGVDLKEEESLLSQSTVIQQSRRQLSTLSSFLHPVHLATFMRRVMENNGLRNYVDHDTELLSYMSSACEGFMAGILTDSV
ILANHRKRPIKSKLKHSTTPRSDVSKVLRDIATKQKEREEQRVQKRVTLDIEGQEDDGKSKQDNEEVLHRAANATAMMMT
SKSKKKKYSWMNADSGAQGGKTNSVLARGDSGIRYRDAREEPGLVLRDLLGALEGRRMCVANTVVKGYARMND
;
J
#
# COMPACT_ATOMS: atom_id res chain seq x y z
N ALA A 36 71.95 17.90 -34.45
CA ALA A 36 71.15 18.91 -33.75
C ALA A 36 69.68 18.80 -34.14
N HIS A 37 69.42 18.44 -35.39
CA HIS A 37 68.07 18.30 -35.90
C HIS A 37 67.94 16.97 -36.61
N GLN A 38 66.69 16.63 -36.97
CA GLN A 38 66.42 15.37 -37.66
C GLN A 38 65.01 15.44 -38.24
N LYS A 39 64.86 14.95 -39.47
CA LYS A 39 63.57 14.94 -40.16
C LYS A 39 63.30 13.52 -40.64
N VAL A 40 62.59 12.75 -39.82
CA VAL A 40 62.25 11.37 -40.14
C VAL A 40 60.90 11.35 -40.86
N GLN A 41 60.81 10.58 -41.93
CA GLN A 41 59.59 10.45 -42.73
C GLN A 41 59.26 8.97 -42.86
N LEU A 42 58.33 8.49 -42.03
CA LEU A 42 57.91 7.10 -42.05
C LEU A 42 56.47 7.00 -42.54
N ASP A 43 56.17 5.86 -43.16
CA ASP A 43 54.84 5.63 -43.70
C ASP A 43 54.79 4.19 -44.22
N VAL A 44 53.57 3.74 -44.53
CA VAL A 44 53.35 2.39 -45.04
C VAL A 44 53.77 1.38 -43.98
N ASP A 45 53.30 1.57 -42.75
CA ASP A 45 53.64 0.67 -41.65
C ASP A 45 52.49 -0.26 -41.28
N LEU A 46 51.25 0.15 -41.49
CA LEU A 46 50.10 -0.68 -41.17
C LEU A 46 49.82 -1.67 -42.31
N ALA A 47 48.77 -2.46 -42.14
CA ALA A 47 48.38 -3.44 -43.15
C ALA A 47 49.49 -4.47 -43.36
N THR A 48 50.52 -4.09 -44.13
CA THR A 48 51.63 -4.98 -44.40
C THR A 48 52.58 -5.14 -43.23
N GLN A 49 52.36 -4.41 -42.13
CA GLN A 49 53.21 -4.49 -40.96
C GLN A 49 54.65 -4.05 -41.28
N THR A 50 54.77 -3.00 -42.09
CA THR A 50 56.06 -2.46 -42.50
C THR A 50 56.13 -0.98 -42.15
N VAL A 51 57.29 -0.39 -42.39
CA VAL A 51 57.51 1.03 -42.12
C VAL A 51 58.68 1.53 -42.94
N ASN A 52 58.39 2.22 -44.04
CA ASN A 52 59.40 2.76 -44.93
C ASN A 52 59.27 4.27 -45.02
N GLY A 53 60.41 4.94 -45.12
CA GLY A 53 60.42 6.39 -45.20
C GLY A 53 61.84 6.91 -45.25
N GLU A 54 61.96 8.16 -45.68
CA GLU A 54 63.25 8.81 -45.78
C GLU A 54 63.72 9.30 -44.42
N THR A 55 64.99 9.68 -44.35
CA THR A 55 65.59 10.17 -43.12
C THR A 55 66.56 11.30 -43.47
N GLU A 56 66.28 12.50 -42.98
CA GLU A 56 67.10 13.68 -43.22
C GLU A 56 67.71 14.11 -41.89
N LEU A 57 68.83 13.48 -41.53
CA LEU A 57 69.51 13.79 -40.27
C LEU A 57 70.30 15.09 -40.42
N THR A 58 70.18 15.96 -39.43
CA THR A 58 70.87 17.25 -39.42
C THR A 58 71.87 17.24 -38.26
N ILE A 59 73.15 17.19 -38.59
CA ILE A 59 74.18 17.18 -37.55
C ILE A 59 74.25 18.55 -36.87
N PHE A 60 74.83 18.55 -35.67
CA PHE A 60 74.96 19.77 -34.89
C PHE A 60 76.26 20.51 -35.25
N ALA A 61 76.39 15.49 -35.28
CA ALA A 61 77.18 16.10 -34.22
C ALA A 61 78.23 17.04 -34.79
N THR A 62 78.80 17.89 -33.92
CA THR A 62 79.81 18.83 -34.37
C THR A 62 81.12 18.13 -34.70
N ASP A 63 81.65 17.36 -33.75
CA ASP A 63 82.89 16.64 -33.96
C ASP A 63 82.61 15.18 -34.27
N PRO A 64 82.35 14.35 -33.26
CA PRO A 64 82.06 12.92 -33.51
C PRO A 64 83.17 12.24 -34.31
N SER A 65 82.84 11.79 -35.52
CA SER A 65 83.81 11.12 -36.38
C SER A 65 83.58 11.48 -37.84
N LEU A 66 82.31 11.48 -38.26
CA LEU A 66 81.97 11.81 -39.65
C LEU A 66 82.58 10.80 -40.61
N SER A 67 82.45 11.06 -41.91
CA SER A 67 82.98 10.18 -42.95
C SER A 67 82.26 8.84 -42.82
N LYS A 68 82.97 7.72 -42.76
CA LYS A 68 82.32 6.42 -42.62
C LYS A 68 81.73 6.24 -41.23
N VAL A 69 80.50 6.69 -41.04
CA VAL A 69 79.83 6.59 -39.74
C VAL A 69 79.27 5.18 -39.59
N ARG A 70 79.37 4.64 -38.38
CA ARG A 70 78.86 3.30 -38.07
C ARG A 70 77.43 3.43 -37.57
N LEU A 71 76.47 3.44 -38.50
CA LEU A 71 75.07 3.56 -38.14
C LEU A 71 74.51 2.21 -37.74
N ASP A 72 73.81 2.18 -36.61
CA ASP A 72 73.22 0.94 -36.12
C ASP A 72 71.98 0.58 -36.93
N ALA A 73 71.94 -0.65 -37.42
CA ALA A 73 70.82 -1.13 -38.22
C ALA A 73 70.59 -2.60 -37.92
N ARG A 74 69.48 -3.13 -38.45
CA ARG A 74 69.14 -4.53 -38.25
C ARG A 74 68.70 -5.17 -39.56
N CYS A 75 67.74 -6.09 -39.49
CA CYS A 75 67.23 -6.78 -40.68
C CYS A 75 66.24 -5.86 -41.39
N MET A 76 66.79 -4.90 -42.13
CA MET A 76 66.01 -3.93 -42.88
C MET A 76 66.56 -3.85 -44.30
N GLN A 77 65.88 -3.05 -45.13
CA GLN A 77 66.26 -2.86 -46.52
C GLN A 77 66.68 -1.42 -46.73
N ILE A 78 67.88 -1.23 -47.28
CA ILE A 78 68.41 0.10 -47.53
C ILE A 78 67.68 0.72 -48.72
N HIS A 79 67.76 2.04 -48.86
CA HIS A 79 67.10 2.74 -49.94
C HIS A 79 67.82 4.05 -50.27
N GLU A 80 68.81 3.98 -51.17
CA GLU A 80 69.56 5.17 -51.56
C GLU A 80 70.36 5.71 -50.39
N VAL A 81 71.18 6.74 -50.65
CA VAL A 81 72.01 7.35 -49.62
C VAL A 81 72.73 8.55 -50.21
N SER A 82 71.99 9.46 -50.82
CA SER A 82 72.59 10.64 -51.42
C SER A 82 73.11 11.59 -50.33
N VAL A 83 74.00 12.48 -50.73
CA VAL A 83 74.58 13.46 -49.80
C VAL A 83 75.25 14.57 -50.60
N ASN A 84 74.83 15.81 -50.35
CA ASN A 84 75.39 16.97 -51.05
C ASN A 84 75.15 16.86 -52.55
N LEU A 85 76.01 16.12 -53.25
CA LEU A 85 75.92 15.92 -54.69
C LEU A 85 76.13 14.44 -55.00
N ILE A 86 75.09 13.77 -55.46
CA ILE A 86 75.17 12.35 -55.80
C ILE A 86 75.50 11.55 -54.53
N LYS A 87 76.30 10.51 -54.71
CA LYS A 87 76.70 9.65 -53.58
C LYS A 87 78.17 9.28 -53.79
N ALA A 88 78.63 8.27 -53.06
CA ALA A 88 80.00 7.82 -53.15
C ALA A 88 80.09 6.42 -52.52
N ASN A 89 81.31 5.97 -52.23
CA ASN A 89 81.50 4.66 -51.63
C ASN A 89 80.96 4.65 -50.21
N PHE A 90 80.54 3.46 -49.77
CA PHE A 90 80.00 3.27 -48.43
C PHE A 90 79.76 1.79 -48.19
N ILE A 91 79.99 1.35 -46.96
CA ILE A 91 79.80 -0.05 -46.58
C ILE A 91 78.37 -0.24 -46.12
N ALA A 92 77.86 -1.46 -46.32
CA ALA A 92 76.50 -1.79 -45.93
C ALA A 92 76.47 -2.42 -44.54
N ALA A 93 76.12 -3.70 -44.48
CA ALA A 93 76.07 -4.41 -43.21
C ALA A 93 75.04 -3.79 -42.28
N ASN A 162 76.33 -4.09 -38.12
CA ASN A 162 76.96 -2.80 -37.90
C ASN A 162 77.13 -2.04 -39.22
N LEU A 163 76.32 -1.00 -39.40
CA LEU A 163 76.40 -0.20 -40.62
C LEU A 163 77.59 0.74 -40.58
N THR A 164 78.14 1.03 -41.77
CA THR A 164 79.29 1.91 -41.90
C THR A 164 79.18 2.61 -43.27
N VAL A 165 78.41 3.70 -43.28
CA VAL A 165 78.20 4.49 -44.50
C VAL A 165 79.23 5.60 -44.55
N TYR A 166 80.06 5.60 -45.58
CA TYR A 166 81.09 6.63 -45.73
C TYR A 166 80.46 7.95 -46.14
N LEU A 167 81.06 9.05 -45.67
CA LEU A 167 80.58 10.38 -45.97
C LEU A 167 81.71 11.37 -45.79
N PRO A 168 81.87 12.34 -46.69
CA PRO A 168 82.97 13.31 -46.53
C PRO A 168 84.33 12.65 -46.40
N GLU A 169 84.90 12.22 -47.53
CA GLU A 169 86.20 11.57 -47.53
C GLU A 169 87.14 12.26 -48.49
N ASN A 170 86.68 12.57 -49.70
CA ASN A 170 87.49 13.23 -50.70
C ASN A 170 87.47 14.74 -50.48
N LEU A 171 88.16 15.46 -51.35
CA LEU A 171 88.26 16.92 -51.28
C LEU A 171 87.33 17.61 -52.27
N ARG A 172 86.28 16.92 -52.73
CA ARG A 172 85.35 17.53 -53.68
C ARG A 172 84.48 18.59 -53.00
N LEU A 173 84.31 18.51 -51.69
CA LEU A 173 83.49 19.49 -50.98
C LEU A 173 84.26 20.80 -50.84
N ARG A 174 83.63 21.77 -50.18
CA ARG A 174 84.23 23.08 -49.96
C ARG A 174 84.49 23.32 -48.49
N PRO A 175 85.58 24.01 -48.14
CA PRO A 175 85.87 24.26 -46.73
C PRO A 175 85.65 25.71 -46.33
N HIS A 176 85.12 26.51 -47.27
CA HIS A 176 84.88 27.91 -46.98
C HIS A 176 83.77 28.08 -45.95
N ASP A 177 82.76 27.19 -45.98
CA ASP A 177 81.65 27.29 -45.03
C ASP A 177 82.12 26.97 -43.61
N LEU A 178 83.06 26.03 -43.47
CA LEU A 178 83.55 25.67 -42.15
C LEU A 178 84.65 26.62 -41.67
N SER A 179 85.36 27.25 -42.60
CA SER A 179 86.44 28.17 -42.22
C SER A 179 85.92 29.58 -41.95
N ASN A 180 84.82 29.96 -42.59
CA ASN A 180 84.26 31.29 -42.37
C ASN A 180 83.59 31.38 -41.00
N THR A 181 83.34 32.62 -40.58
CA THR A 181 82.71 32.89 -39.30
C THR A 181 81.78 34.08 -39.44
N TYR A 182 80.69 34.05 -38.67
CA TYR A 182 79.69 35.12 -38.69
C TYR A 182 79.83 35.98 -37.44
N SER A 183 79.11 37.10 -37.43
CA SER A 183 79.15 38.00 -36.30
C SER A 183 78.39 37.42 -35.12
N PRO A 184 78.73 37.82 -33.90
CA PRO A 184 78.03 37.28 -32.72
C PRO A 184 77.74 38.35 -31.68
N VAL A 185 77.00 37.99 -30.64
CA VAL A 185 76.63 38.91 -29.58
C VAL A 185 76.64 38.15 -28.24
N SER A 186 76.79 38.92 -27.16
CA SER A 186 76.83 38.36 -25.81
C SER A 186 77.99 37.40 -25.63
N ASN A 187 79.09 37.64 -26.33
CA ASN A 187 80.29 36.81 -26.25
C ASN A 187 79.99 35.38 -26.70
N TYR A 188 79.62 35.25 -27.97
CA TYR A 188 79.30 33.94 -28.53
C TYR A 188 80.55 33.19 -28.97
N ASN A 189 81.60 33.90 -29.35
CA ASN A 189 82.84 33.27 -29.80
C ASN A 189 82.60 32.41 -31.02
N SER A 190 82.34 31.12 -30.81
CA SER A 190 82.09 30.18 -31.90
C SER A 190 83.31 30.09 -32.81
N PRO A 191 84.51 29.93 -32.26
CA PRO A 191 85.71 29.84 -33.08
C PRO A 191 86.00 28.43 -33.54
N LEU A 192 86.68 28.34 -34.68
CA LEU A 192 87.06 27.07 -35.27
C LEU A 192 88.55 26.83 -35.09
N THR A 193 89.09 25.86 -35.82
CA THR A 193 90.51 25.54 -35.74
C THR A 193 90.92 24.56 -36.84
N SER A 194 91.97 23.78 -36.60
CA SER A 194 92.41 22.82 -37.60
C SER A 194 91.36 21.74 -37.85
N ASN A 195 90.70 21.28 -36.78
CA ASN A 195 89.66 20.26 -36.93
C ASN A 195 88.50 20.78 -37.79
N SER A 196 88.01 21.99 -37.47
CA SER A 196 86.92 22.56 -38.25
C SER A 196 87.36 22.89 -39.67
N ALA A 197 88.66 23.15 -39.88
CA ALA A 197 89.17 23.45 -41.20
C ALA A 197 90.23 22.42 -41.54
N LEU A 198 91.51 22.77 -41.48
CA LEU A 198 92.59 21.81 -41.80
C LEU A 198 92.43 21.40 -43.27
N MET A 199 92.65 20.13 -43.60
CA MET A 199 92.50 19.68 -44.98
C MET A 199 92.58 18.16 -45.05
N ASN A 200 91.94 17.48 -44.10
CA ASN A 200 91.92 16.02 -44.03
C ASN A 200 90.49 15.55 -43.79
N SER A 201 90.32 14.23 -43.72
CA SER A 201 89.02 13.64 -43.49
C SER A 201 88.76 13.47 -41.99
N ASP A 202 87.51 13.15 -41.66
CA ASP A 202 87.09 12.96 -40.27
C ASP A 202 87.28 14.23 -39.45
N ARG A 203 87.00 15.38 -40.07
CA ARG A 203 87.14 16.65 -39.40
C ARG A 203 86.10 16.79 -38.30
N LEU A 204 86.43 17.63 -37.31
CA LEU A 204 85.56 17.89 -36.18
C LEU A 204 85.04 19.31 -36.22
N TYR A 205 83.91 19.53 -35.55
CA TYR A 205 83.28 20.85 -35.48
C TYR A 205 82.85 21.30 -36.88
N THR A 206 82.18 20.41 -37.60
CA THR A 206 81.71 20.68 -38.95
C THR A 206 80.20 20.43 -39.02
N PRO A 207 79.50 21.15 -39.89
CA PRO A 207 78.05 20.94 -40.02
C PRO A 207 77.65 20.42 -41.38
N PHE A 208 76.71 19.49 -41.42
CA PHE A 208 76.25 18.90 -42.67
C PHE A 208 74.79 18.46 -42.47
N VAL A 209 74.23 17.89 -43.53
CA VAL A 209 72.85 17.40 -43.53
C VAL A 209 72.80 16.17 -44.42
N LEU A 210 72.61 15.00 -43.82
CA LEU A 210 72.55 13.75 -44.56
C LEU A 210 71.10 13.32 -44.78
N LYS A 211 70.90 12.46 -45.77
CA LYS A 211 69.57 11.96 -46.09
C LYS A 211 69.71 10.57 -46.71
N ILE A 212 68.71 9.71 -46.46
CA ILE A 212 68.71 8.36 -46.98
C ILE A 212 67.39 7.69 -46.64
N ASN A 213 66.82 6.97 -47.61
CA ASN A 213 65.55 6.29 -47.42
C ASN A 213 65.79 4.89 -46.85
N TYR A 214 64.91 4.49 -45.94
CA TYR A 214 64.99 3.20 -45.29
C TYR A 214 63.67 2.46 -45.42
N SER A 215 63.75 1.13 -45.43
CA SER A 215 62.57 0.29 -45.54
C SER A 215 62.61 -0.76 -44.43
N LEU A 216 61.52 -0.84 -43.66
CA LEU A 216 61.40 -1.78 -42.55
C LEU A 216 60.36 -2.82 -42.92
N ARG A 217 60.82 -4.05 -43.16
CA ARG A 217 59.92 -5.14 -43.54
C ARG A 217 59.21 -5.67 -42.28
N VAL A 218 58.48 -6.76 -42.44
CA VAL A 218 57.75 -7.36 -41.32
C VAL A 218 58.68 -8.31 -40.57
N PRO A 219 59.87 -8.60 -41.11
CA PRO A 219 60.79 -9.51 -40.40
C PRO A 219 61.79 -8.76 -39.53
N LYS A 220 61.41 -7.56 -39.09
CA LYS A 220 62.27 -6.74 -38.25
C LYS A 220 62.10 -7.16 -36.79
N ASN A 221 63.19 -7.63 -36.18
CA ASN A 221 63.15 -8.06 -34.78
C ASN A 221 63.12 -6.86 -33.86
N GLY A 222 62.37 -6.98 -32.76
CA GLY A 222 62.27 -5.92 -31.80
C GLY A 222 61.12 -4.96 -32.03
N ILE A 223 59.99 -5.44 -32.57
CA ILE A 223 58.84 -4.59 -32.82
C ILE A 223 57.65 -5.46 -33.20
N ILE A 224 56.58 -5.39 -32.40
CA ILE A 224 55.39 -6.18 -32.65
C ILE A 224 54.66 -5.59 -33.85
N PHE A 225 54.53 -6.39 -34.91
CA PHE A 225 53.86 -5.96 -36.14
C PHE A 225 52.68 -6.90 -36.39
N ASN A 226 51.48 -6.31 -36.53
CA ASN A 226 50.28 -7.10 -36.78
C ASN A 226 49.34 -6.24 -37.64
N GLY A 227 49.51 -6.34 -38.96
CA GLY A 227 48.69 -5.58 -39.87
C GLY A 227 47.23 -5.97 -39.80
N GLY A 228 46.38 -5.05 -40.27
CA GLY A 228 44.95 -5.27 -40.26
C GLY A 228 44.43 -5.76 -41.59
N SER A 229 44.53 -7.07 -41.83
CA SER A 229 44.06 -7.66 -43.07
C SER A 229 44.05 -9.18 -43.00
N HIS A 230 43.18 -9.73 -42.16
CA HIS A 230 43.06 -11.18 -41.98
C HIS A 230 44.32 -11.79 -41.40
N THR A 231 45.10 -11.01 -40.65
CA THR A 231 46.34 -11.50 -40.04
C THR A 231 46.38 -11.36 -38.52
N THR A 232 45.62 -10.42 -37.95
CA THR A 232 45.62 -10.24 -36.50
C THR A 232 44.42 -10.94 -35.87
N ILE A 233 43.23 -10.37 -36.03
CA ILE A 233 42.01 -10.94 -35.47
C ILE A 233 40.80 -10.17 -35.98
N GLU A 234 39.61 -10.56 -35.54
CA GLU A 234 38.40 -9.87 -35.98
C GLU A 234 38.26 -8.48 -35.38
N LYS A 235 38.93 -8.21 -34.26
CA LYS A 235 38.86 -6.90 -33.63
C LYS A 235 39.82 -5.93 -34.31
N THR A 236 39.29 -4.78 -34.74
CA THR A 236 40.09 -3.77 -35.42
C THR A 236 40.69 -4.33 -36.69
N GLN A 237 39.89 -4.35 -37.77
CA GLN A 237 40.35 -4.86 -39.05
C GLN A 237 41.03 -3.79 -39.90
N TRP A 238 40.63 -2.53 -39.75
CA TRP A 238 41.19 -1.42 -40.51
C TRP A 238 42.27 -0.68 -39.73
N PHE A 239 42.99 -1.36 -38.85
CA PHE A 239 44.04 -0.74 -38.06
C PHE A 239 45.05 -1.80 -37.66
N CYS A 240 46.32 -1.57 -37.99
CA CYS A 240 47.38 -2.51 -37.68
C CYS A 240 47.85 -2.30 -36.23
N HIS A 241 48.97 -2.93 -35.86
CA HIS A 241 49.50 -2.79 -34.51
C HIS A 241 50.98 -3.17 -34.56
N THR A 242 51.84 -2.17 -34.77
CA THR A 242 53.27 -2.39 -34.84
C THR A 242 53.99 -1.61 -33.74
N ILE A 243 53.67 -1.92 -32.48
CA ILE A 243 54.30 -1.24 -31.36
C ILE A 243 55.76 -1.69 -31.26
N ASN A 244 56.67 -0.73 -31.40
CA ASN A 244 58.10 -0.98 -31.33
C ASN A 244 58.66 -0.39 -30.04
N ASN A 245 59.39 -1.21 -29.29
CA ASN A 245 59.97 -0.74 -28.04
C ASN A 245 61.03 0.33 -28.30
N ASP A 246 61.38 1.05 -27.24
CA ASP A 246 62.38 2.11 -27.33
C ASP A 246 63.51 1.95 -26.34
N ILE A 247 63.22 1.54 -25.10
CA ILE A 247 64.25 1.35 -24.09
C ILE A 247 65.04 0.09 -24.40
N GLY A 248 66.12 0.24 -25.15
CA GLY A 248 66.96 -0.88 -25.52
C GLY A 248 67.82 -0.62 -26.74
N CYS A 249 67.67 -1.45 -27.77
CA CYS A 249 68.42 -1.31 -29.01
C CYS A 249 67.52 -1.41 -30.22
N SER A 250 66.28 -0.93 -30.11
CA SER A 250 65.33 -0.97 -31.21
C SER A 250 65.60 0.09 -32.27
N ALA A 251 66.51 1.04 -32.00
CA ALA A 251 66.80 2.07 -32.99
C ALA A 251 67.43 1.48 -34.24
N SER A 252 68.27 0.45 -34.09
CA SER A 252 68.89 -0.16 -35.26
C SER A 252 67.86 -0.86 -36.14
N SER A 253 66.89 -1.54 -35.53
CA SER A 253 65.85 -2.23 -36.29
C SER A 253 64.80 -1.28 -36.84
N TRP A 254 64.60 -0.13 -36.19
CA TRP A 254 63.61 0.84 -36.66
C TRP A 254 64.16 1.79 -37.71
N MET A 255 65.48 2.02 -37.72
CA MET A 255 66.10 2.92 -38.69
C MET A 255 67.61 2.77 -38.64
N PRO A 256 68.35 3.56 -39.42
CA PRO A 256 69.82 3.44 -39.40
C PRO A 256 70.49 4.68 -38.83
N CYS A 257 70.84 4.63 -37.54
CA CYS A 257 71.49 5.74 -36.88
C CYS A 257 72.34 5.20 -35.74
N ILE A 258 73.01 6.12 -35.03
CA ILE A 258 73.85 5.72 -33.91
C ILE A 258 72.99 5.32 -32.72
N ASP A 259 73.52 4.44 -31.89
CA ASP A 259 72.83 3.95 -30.69
C ASP A 259 73.74 4.03 -29.47
N ASN A 260 74.52 5.10 -29.38
CA ASN A 260 75.42 5.31 -28.27
C ASN A 260 74.78 6.18 -27.19
N PHE A 261 75.48 6.33 -26.08
CA PHE A 261 75.01 7.11 -24.96
C PHE A 261 75.91 8.29 -24.60
N TYR A 262 77.11 8.35 -25.14
CA TYR A 262 78.05 9.43 -24.85
C TYR A 262 77.90 10.60 -25.82
N GLU A 263 76.81 10.67 -26.58
CA GLU A 263 76.57 11.74 -27.53
C GLU A 263 75.12 12.18 -27.40
N LYS A 264 74.90 13.41 -26.95
CA LYS A 264 73.55 13.96 -26.79
C LYS A 264 73.25 14.93 -27.91
N TYR A 265 72.09 14.77 -28.54
CA TYR A 265 71.69 15.64 -29.63
C TYR A 265 70.17 15.65 -29.73
N THR A 266 69.63 16.75 -30.24
CA THR A 266 68.19 16.89 -30.39
C THR A 266 67.73 16.30 -31.71
N TRP A 267 66.41 16.28 -31.89
CA TRP A 267 65.81 15.73 -33.11
C TRP A 267 64.34 16.13 -33.15
N GLU A 268 63.80 16.21 -34.37
CA GLU A 268 62.41 16.58 -34.58
C GLU A 268 61.58 15.34 -34.87
N LEU A 269 60.30 15.42 -34.52
CA LEU A 269 59.33 14.33 -34.72
C LEU A 269 58.22 14.85 -35.62
N GLN A 270 58.40 14.68 -36.93
CA GLN A 270 57.43 15.11 -37.94
C GLN A 270 57.02 13.90 -38.77
N LEU A 271 56.21 13.03 -38.18
CA LEU A 271 55.73 11.82 -38.83
C LEU A 271 54.28 11.99 -39.23
N ILE A 272 53.82 11.10 -40.11
CA ILE A 272 52.44 11.10 -40.61
C ILE A 272 51.85 9.72 -40.35
N VAL A 273 50.73 9.68 -39.64
CA VAL A 273 50.06 8.42 -39.33
C VAL A 273 48.61 8.46 -39.80
N GLU A 331 53.38 21.04 -33.05
CA GLU A 331 52.56 21.75 -34.03
C GLU A 331 51.15 21.17 -34.10
N SER A 332 50.51 21.31 -35.26
CA SER A 332 49.17 20.81 -35.47
C SER A 332 49.02 20.37 -36.92
N PRO A 333 48.37 19.24 -37.19
CA PRO A 333 48.22 18.80 -38.57
C PRO A 333 46.76 18.49 -38.92
N HIS A 334 46.50 18.19 -40.19
CA HIS A 334 45.15 17.88 -40.64
C HIS A 334 45.18 17.23 -42.02
N ILE A 335 45.08 18.03 -43.08
CA ILE A 335 45.09 17.56 -44.45
C ILE A 335 46.41 17.95 -45.08
N LEU A 336 47.07 16.99 -45.73
CA LEU A 336 48.35 17.22 -46.38
C LEU A 336 48.40 16.54 -47.74
N ASP A 337 48.34 15.21 -47.74
CA ASP A 337 48.37 14.40 -48.96
C ASP A 337 47.15 13.50 -48.97
N HIS A 338 46.03 14.02 -49.48
CA HIS A 338 44.79 13.25 -49.54
C HIS A 338 44.33 12.87 -48.14
N SER A 339 44.69 11.66 -47.71
CA SER A 339 44.32 11.14 -46.39
C SER A 339 45.55 10.98 -45.50
N LYS A 340 46.44 11.97 -45.53
CA LYS A 340 47.66 11.94 -44.72
C LYS A 340 47.79 13.27 -43.97
N LYS A 341 48.26 13.19 -42.73
CA LYS A 341 48.44 14.36 -41.88
C LYS A 341 49.93 14.50 -41.56
N VAL A 342 50.52 15.61 -42.01
CA VAL A 342 51.94 15.87 -41.77
C VAL A 342 52.08 16.38 -40.34
N VAL A 343 52.42 15.48 -39.41
CA VAL A 343 52.58 15.83 -38.01
C VAL A 343 54.00 16.38 -37.82
N SER A 344 54.09 17.68 -37.58
CA SER A 344 55.38 18.34 -37.38
C SER A 344 55.63 18.53 -35.89
N VAL A 345 56.85 18.24 -35.46
CA VAL A 345 57.25 18.36 -34.05
C VAL A 345 58.66 18.92 -34.02
N GLN A 346 58.82 20.16 -33.56
CA GLN A 346 60.11 20.80 -33.50
C GLN A 346 61.03 20.08 -32.50
N LEU A 347 61.02 20.53 -31.25
CA LEU A 347 61.85 19.93 -30.20
C LEU A 347 63.33 20.04 -30.51
N TYR A 348 63.73 21.14 -31.16
CA TYR A 348 65.12 21.37 -31.52
C TYR A 348 65.91 22.07 -30.42
N ASN A 349 65.30 22.32 -29.26
CA ASN A 349 65.99 22.98 -28.16
C ASN A 349 66.62 21.95 -27.23
N ASN A 350 65.77 21.18 -26.53
CA ASN A 350 66.28 20.17 -25.63
C ASN A 350 66.84 18.98 -26.40
N PRO A 351 67.88 18.33 -25.89
CA PRO A 351 68.46 17.18 -26.60
C PRO A 351 68.43 15.91 -25.77
N VAL A 352 68.42 14.76 -26.43
CA VAL A 352 68.41 13.48 -25.74
C VAL A 352 69.56 12.62 -26.24
N ALA A 353 69.42 11.30 -26.15
CA ALA A 353 70.46 10.39 -26.59
C ALA A 353 69.95 9.47 -27.69
N ALA A 354 70.61 8.32 -27.87
CA ALA A 354 70.22 7.36 -28.90
C ALA A 354 69.49 6.15 -28.34
N HIS A 355 69.65 5.85 -27.04
CA HIS A 355 68.99 4.69 -26.46
C HIS A 355 67.49 4.94 -26.26
N HIS A 356 67.05 6.19 -26.26
CA HIS A 356 65.63 6.49 -26.07
C HIS A 356 65.04 7.08 -27.35
N ILE A 357 65.19 6.37 -28.47
CA ILE A 357 64.66 6.84 -29.74
C ILE A 357 63.94 5.68 -30.43
N GLY A 358 62.70 5.42 -30.02
CA GLY A 358 61.90 4.37 -30.58
C GLY A 358 60.71 4.89 -31.38
N PHE A 359 59.79 3.95 -31.68
CA PHE A 359 58.58 4.27 -32.44
C PHE A 359 57.53 3.22 -32.07
N PHE A 360 56.86 3.44 -30.95
CA PHE A 360 55.81 2.54 -30.46
C PHE A 360 54.51 2.89 -31.16
N VAL A 361 54.26 2.22 -32.28
CA VAL A 361 53.04 2.45 -33.06
C VAL A 361 51.90 1.70 -32.37
N GLY A 362 51.09 2.42 -31.61
CA GLY A 362 49.98 1.82 -30.90
C GLY A 362 48.65 2.44 -31.31
N PRO A 363 47.67 2.36 -30.42
CA PRO A 363 46.35 2.92 -30.74
C PRO A 363 46.39 4.44 -30.76
N PHE A 364 45.44 5.02 -31.50
CA PHE A 364 45.35 6.46 -31.63
C PHE A 364 44.46 7.09 -30.56
N GLU A 365 43.58 6.32 -29.93
CA GLU A 365 42.70 6.85 -28.90
C GLU A 365 43.51 7.21 -27.66
N GLN A 366 43.37 8.46 -27.21
CA GLN A 366 44.08 8.97 -26.04
C GLN A 366 43.04 9.28 -24.97
N LEU A 367 42.99 8.44 -23.94
CA LEU A 367 42.04 8.63 -22.85
C LEU A 367 42.67 9.48 -21.74
N PRO A 368 43.01 10.73 -22.03
CA PRO A 368 43.63 11.59 -21.02
C PRO A 368 42.57 12.32 -20.19
N ALA A 369 43.03 12.96 -19.13
CA ALA A 369 42.16 13.70 -18.22
C ALA A 369 42.93 14.92 -17.72
N SER A 370 42.56 15.41 -16.54
CA SER A 370 43.22 16.57 -15.96
C SER A 370 43.72 16.26 -14.56
N THR A 371 43.39 17.11 -13.59
CA THR A 371 43.83 16.90 -12.21
C THR A 371 42.85 17.40 -11.17
N PHE A 372 41.86 18.23 -11.53
CA PHE A 372 40.90 18.73 -10.55
C PHE A 372 40.01 17.60 -10.06
N LYS A 373 40.05 17.33 -8.75
CA LYS A 373 39.24 16.26 -8.17
C LYS A 373 39.03 16.57 -6.69
N PHE A 374 38.07 15.86 -6.10
CA PHE A 374 37.77 16.04 -4.68
C PHE A 374 36.84 14.93 -4.19
N GLN A 375 35.92 14.50 -5.04
CA GLN A 375 34.98 13.44 -4.67
C GLN A 375 34.76 12.49 -5.84
N ASP A 376 33.83 12.83 -6.73
CA ASP A 376 33.53 12.00 -7.89
C ASP A 376 33.04 10.62 -7.46
N GLN A 377 33.93 9.63 -7.50
CA GLN A 377 33.59 8.27 -7.11
C GLN A 377 33.87 8.01 -5.64
N SER A 378 33.43 8.94 -4.78
CA SER A 378 33.63 8.83 -3.33
C SER A 378 35.11 8.84 -2.99
N HIS A 379 35.79 9.92 -3.39
CA HIS A 379 37.21 10.05 -3.13
C HIS A 379 37.45 10.71 -1.77
N PRO A 380 38.57 10.39 -1.11
CA PRO A 380 39.55 9.44 -1.64
C PRO A 380 40.17 8.56 -0.55
N LYS A 381 41.35 8.01 -0.83
CA LYS A 381 42.04 7.17 0.14
C LYS A 381 43.49 6.95 -0.26
N ALA A 395 47.95 24.92 -14.75
CA ALA A 395 49.25 24.47 -15.23
C ALA A 395 49.43 22.97 -15.01
N ALA A 396 48.52 22.19 -15.57
CA ALA A 396 48.51 20.74 -15.47
C ALA A 396 48.91 20.15 -16.83
N VAL A 397 48.32 19.01 -17.17
CA VAL A 397 48.62 18.34 -18.44
C VAL A 397 47.61 17.22 -18.64
N ALA A 398 47.44 16.79 -19.89
CA ALA A 398 46.51 15.72 -20.20
C ALA A 398 46.93 14.42 -19.54
N ALA A 399 46.50 14.21 -18.30
CA ALA A 399 46.87 13.01 -17.56
C ALA A 399 46.04 11.81 -18.02
N ARG A 400 45.74 10.90 -17.09
CA ARG A 400 44.95 9.71 -17.40
C ARG A 400 45.75 8.73 -18.25
N VAL A 401 45.05 7.92 -19.04
CA VAL A 401 45.71 6.90 -19.85
C VAL A 401 45.19 6.94 -21.28
N TYR A 402 45.05 5.78 -21.91
CA TYR A 402 44.57 5.69 -23.28
C TYR A 402 44.48 4.23 -23.73
N PHE A 403 43.32 3.83 -24.24
CA PHE A 403 43.10 2.47 -24.69
C PHE A 403 42.33 2.51 -26.01
N LEU A 404 42.05 1.33 -26.55
CA LEU A 404 41.32 1.21 -27.80
C LEU A 404 39.83 1.43 -27.56
N PRO A 405 39.40 2.68 -27.39
CA PRO A 405 37.96 2.94 -27.15
C PRO A 405 37.42 2.15 -25.96
N SER A 406 38.07 2.31 -24.81
CA SER A 406 37.63 1.60 -23.61
C SER A 406 38.39 2.09 -22.38
N GLN A 407 38.33 1.33 -21.29
CA GLN A 407 39.01 1.69 -20.05
C GLN A 407 38.47 3.00 -19.48
N LYS A 408 37.14 3.05 -19.31
CA LYS A 408 36.52 4.24 -18.76
C LYS A 408 36.80 4.38 -17.27
N GLU A 409 36.39 3.38 -16.49
CA GLU A 409 36.64 3.44 -15.05
C GLU A 409 38.13 3.42 -14.74
N MET A 410 38.88 2.57 -15.43
CA MET A 410 40.33 2.52 -15.21
C MET A 410 40.99 3.84 -15.58
N VAL A 411 40.55 4.46 -16.66
CA VAL A 411 41.11 5.75 -17.06
C VAL A 411 40.72 6.84 -16.07
N LEU A 412 39.55 6.72 -15.43
CA LEU A 412 39.13 7.71 -14.46
C LEU A 412 39.93 7.59 -13.17
N ASN A 413 40.00 6.38 -12.60
CA ASN A 413 40.77 6.17 -11.38
C ASN A 413 42.24 6.49 -11.61
N THR A 414 42.83 5.94 -12.67
CA THR A 414 44.23 6.23 -12.97
C THR A 414 44.45 7.69 -13.28
N CYS A 415 43.42 8.37 -13.81
CA CYS A 415 43.56 9.80 -14.10
C CYS A 415 43.55 10.63 -12.82
N LEU A 416 42.72 10.24 -11.85
CA LEU A 416 42.67 10.97 -10.58
C LEU A 416 43.92 10.71 -9.75
N ALA A 417 44.27 9.43 -9.57
CA ALA A 417 45.46 9.11 -8.79
C ALA A 417 46.72 9.65 -9.46
N LEU A 418 46.87 9.41 -10.76
CA LEU A 418 48.04 9.93 -11.48
C LEU A 418 48.03 11.45 -11.51
N TYR A 419 46.86 12.07 -11.46
CA TYR A 419 46.79 13.53 -11.45
C TYR A 419 47.25 14.10 -10.12
N LYS A 420 46.78 13.51 -9.02
CA LYS A 420 47.19 13.98 -7.70
C LYS A 420 48.66 13.71 -7.45
N ASN A 421 49.12 12.50 -7.76
CA ASN A 421 50.53 12.18 -7.57
C ASN A 421 51.42 13.03 -8.47
N LEU A 422 51.00 13.24 -9.73
CA LEU A 422 51.78 14.08 -10.64
C LEU A 422 51.82 15.52 -10.17
N ASP A 423 50.72 16.01 -9.59
CA ASP A 423 50.69 17.38 -9.10
C ASP A 423 51.57 17.55 -7.86
N PHE A 424 51.51 16.58 -6.94
CA PHE A 424 52.34 16.66 -5.74
C PHE A 424 53.82 16.55 -6.10
N TYR A 425 54.16 15.59 -6.96
CA TYR A 425 55.57 15.43 -7.35
C TYR A 425 56.07 16.64 -8.13
N SER A 426 55.22 17.21 -8.98
CA SER A 426 55.62 18.38 -9.75
C SER A 426 55.75 19.62 -8.86
N LYS A 427 54.97 19.69 -7.79
CA LYS A 427 55.03 20.83 -6.88
C LYS A 427 56.09 20.66 -5.80
N GLU A 428 56.60 19.44 -5.61
CA GLU A 428 57.62 19.17 -4.60
C GLU A 428 58.95 18.74 -5.19
N PHE A 429 59.09 18.76 -6.54
CA PHE A 429 60.32 18.36 -7.18
C PHE A 429 60.95 19.60 -7.78
N GLY A 430 60.92 19.78 -9.10
CA GLY A 430 61.51 20.96 -9.71
C GLY A 430 60.76 21.43 -10.94
N SER A 431 60.83 20.66 -12.03
CA SER A 431 60.15 21.00 -13.27
C SER A 431 59.87 19.72 -14.04
N TYR A 432 59.30 19.87 -15.23
CA TYR A 432 58.98 18.74 -16.08
C TYR A 432 58.61 19.22 -17.48
N PRO A 433 59.29 18.73 -18.52
CA PRO A 433 58.96 19.18 -19.88
C PRO A 433 58.03 18.22 -20.59
N PHE A 434 56.90 17.89 -19.97
CA PHE A 434 55.92 16.98 -20.54
C PHE A 434 54.52 17.46 -20.20
N SER A 435 53.59 17.22 -21.13
CA SER A 435 52.20 17.62 -20.94
C SER A 435 51.20 16.53 -21.29
N THR A 436 51.67 15.31 -21.60
CA THR A 436 50.80 14.20 -21.94
C THR A 436 50.98 13.08 -20.92
N TYR A 437 50.49 13.34 -19.70
CA TYR A 437 50.58 12.37 -18.61
C TYR A 437 49.43 11.38 -18.73
N SER A 438 49.50 10.55 -19.77
CA SER A 438 48.50 9.53 -20.05
C SER A 438 49.19 8.24 -20.45
N MET A 439 48.73 7.13 -19.89
CA MET A 439 49.28 5.81 -20.19
C MET A 439 48.54 5.23 -21.40
N VAL A 440 48.58 3.91 -21.55
CA VAL A 440 47.92 3.25 -22.66
C VAL A 440 47.86 1.76 -22.36
N PHE A 441 46.90 1.06 -22.97
CA PHE A 441 46.72 -0.38 -22.78
C PHE A 441 46.87 -1.04 -24.14
N VAL A 442 48.12 -1.24 -24.57
CA VAL A 442 48.37 -1.87 -25.85
C VAL A 442 48.07 -3.36 -25.78
N ASP A 443 47.78 -3.94 -26.95
CA ASP A 443 47.47 -5.37 -27.04
C ASP A 443 48.71 -6.25 -26.98
N ASN A 444 49.91 -5.69 -27.13
CA ASN A 444 51.15 -6.45 -27.09
C ASN A 444 51.68 -6.62 -25.68
N LEU A 445 50.87 -6.36 -24.65
CA LEU A 445 51.32 -6.52 -23.27
C LEU A 445 51.02 -7.92 -22.76
N PRO A 446 51.80 -8.38 -21.76
CA PRO A 446 52.88 -7.60 -21.17
C PRO A 446 54.25 -7.98 -21.73
N THR A 447 55.30 -7.29 -21.27
CA THR A 447 56.65 -7.56 -21.71
C THR A 447 57.60 -7.42 -20.53
N GLN A 448 58.83 -7.89 -20.71
CA GLN A 448 59.84 -7.82 -19.67
C GLN A 448 60.25 -6.37 -19.41
N TYR A 449 61.02 -5.79 -20.34
CA TYR A 449 61.48 -4.41 -20.22
C TYR A 449 60.76 -3.55 -21.25
N SER A 450 59.45 -3.39 -21.04
CA SER A 450 58.63 -2.59 -21.94
C SER A 450 57.27 -2.31 -21.32
N SER A 451 56.38 -3.30 -21.31
CA SER A 451 55.05 -3.17 -20.74
C SER A 451 54.99 -3.52 -19.26
N PHE A 452 56.14 -3.56 -18.58
CA PHE A 452 56.19 -3.89 -17.16
C PHE A 452 55.82 -2.66 -16.35
N ALA A 453 54.66 -2.69 -15.69
CA ALA A 453 54.20 -1.58 -14.89
C ALA A 453 54.02 -0.32 -15.74
N GLY A 454 55.09 0.44 -15.91
CA GLY A 454 55.03 1.66 -16.71
C GLY A 454 56.24 1.84 -17.60
N ILE A 455 56.00 2.23 -18.86
CA ILE A 455 57.07 2.44 -19.83
C ILE A 455 57.34 3.94 -19.93
N SER A 456 58.61 4.28 -20.16
CA SER A 456 59.04 5.66 -20.28
C SER A 456 59.51 5.89 -21.72
N GLY A 457 58.76 6.70 -22.46
CA GLY A 457 59.09 6.99 -23.84
C GLY A 457 59.25 8.47 -24.12
N ILE A 458 58.13 9.15 -24.41
CA ILE A 458 58.15 10.58 -24.69
C ILE A 458 56.78 11.16 -24.39
N SER A 459 56.53 11.48 -23.13
CA SER A 459 55.25 12.05 -22.69
C SER A 459 54.11 11.08 -22.96
N SER A 460 54.29 9.83 -22.55
CA SER A 460 53.27 8.81 -22.74
C SER A 460 53.65 7.52 -22.04
N GLU A 461 52.74 6.98 -21.23
CA GLU A 461 52.97 5.75 -20.49
C GLU A 461 52.39 4.56 -21.23
N VAL A 462 53.04 3.41 -21.10
CA VAL A 462 52.62 2.17 -21.74
C VAL A 462 52.46 1.13 -20.64
N LEU A 463 51.22 0.86 -20.25
CA LEU A 463 50.91 -0.11 -19.22
C LEU A 463 50.26 -1.35 -19.81
N TYR A 464 50.31 -2.44 -19.06
CA TYR A 464 49.72 -3.70 -19.50
C TYR A 464 48.22 -3.70 -19.25
N ASP A 465 47.57 -4.81 -19.61
CA ASP A 465 46.12 -4.96 -19.44
C ASP A 465 45.87 -5.48 -18.03
N SER A 466 45.74 -4.56 -17.09
CA SER A 466 45.49 -4.90 -15.70
C SER A 466 44.56 -3.86 -15.07
N GLY A 467 43.44 -3.58 -15.73
CA GLY A 467 42.49 -2.61 -15.23
C GLY A 467 41.54 -3.17 -14.20
N LEU A 468 41.29 -4.48 -14.25
CA LEU A 468 40.40 -5.15 -13.31
C LEU A 468 41.14 -6.09 -12.38
N VAL A 469 42.46 -5.95 -12.27
CA VAL A 469 43.26 -6.79 -11.39
C VAL A 469 43.23 -6.23 -9.98
N GLU A 470 43.90 -6.92 -9.05
CA GLU A 470 43.94 -6.48 -7.66
C GLU A 470 44.97 -5.37 -7.50
N PRO A 471 44.54 -4.12 -7.32
CA PRO A 471 45.50 -3.02 -7.17
C PRO A 471 45.92 -2.80 -5.72
N MET A 472 45.49 -1.69 -5.14
CA MET A 472 45.82 -1.34 -3.75
C MET A 472 47.32 -1.07 -3.69
N PHE A 473 48.08 -1.70 -2.80
CA PHE A 473 49.51 -1.46 -2.75
C PHE A 473 50.23 -1.87 -4.01
N PRO A 474 49.74 -2.83 -4.80
CA PRO A 474 50.46 -3.21 -6.03
C PRO A 474 50.40 -2.12 -7.09
N VAL A 475 49.19 -1.73 -7.47
CA VAL A 475 49.04 -0.68 -8.48
C VAL A 475 49.56 0.65 -7.94
N THR A 476 49.39 0.90 -6.64
CA THR A 476 49.86 2.15 -6.07
C THR A 476 51.39 2.23 -6.10
N GLU A 477 52.05 1.18 -5.60
CA GLU A 477 53.52 1.18 -5.61
C GLU A 477 54.06 1.16 -7.03
N LEU A 478 53.36 0.49 -7.95
CA LEU A 478 53.81 0.45 -9.33
C LEU A 478 53.70 1.82 -10.00
N LEU A 479 52.58 2.51 -9.81
CA LEU A 479 52.41 3.83 -10.41
C LEU A 479 53.36 4.84 -9.78
N SER A 480 53.51 4.79 -8.45
CA SER A 480 54.41 5.72 -7.78
C SER A 480 55.86 5.49 -8.22
N LEU A 481 56.29 4.23 -8.25
CA LEU A 481 57.65 3.93 -8.67
C LEU A 481 57.88 4.26 -10.14
N ILE A 482 56.85 4.12 -10.98
CA ILE A 482 56.98 4.45 -12.39
C ILE A 482 57.10 5.96 -12.58
N VAL A 483 56.27 6.72 -11.87
CA VAL A 483 56.32 8.18 -12.00
C VAL A 483 57.64 8.71 -11.45
N ALA A 484 58.05 8.23 -10.28
CA ALA A 484 59.30 8.68 -9.68
C ALA A 484 60.49 8.29 -10.55
N GLU A 485 60.48 7.07 -11.11
CA GLU A 485 61.57 6.64 -11.96
C GLU A 485 61.63 7.45 -13.25
N GLN A 486 60.46 7.77 -13.82
CA GLN A 486 60.43 8.55 -15.06
C GLN A 486 60.85 9.99 -14.81
N TRP A 487 60.54 10.53 -13.62
CA TRP A 487 60.89 11.90 -13.30
C TRP A 487 62.33 12.05 -12.82
N SER A 488 62.94 10.96 -12.34
CA SER A 488 64.31 10.98 -11.86
C SER A 488 65.26 10.18 -12.73
N GLY A 489 64.76 9.50 -13.77
CA GLY A 489 65.61 8.72 -14.64
C GLY A 489 65.84 9.37 -15.99
N ILE A 490 65.05 10.41 -16.30
CA ILE A 490 65.16 11.12 -17.57
C ILE A 490 65.51 12.58 -17.40
N ASN A 491 65.48 13.11 -16.17
CA ASN A 491 65.82 14.52 -15.97
C ASN A 491 67.32 14.73 -15.86
N ILE A 492 68.04 13.79 -15.26
CA ILE A 492 69.48 13.87 -15.09
C ILE A 492 70.12 12.78 -15.95
N VAL A 493 70.95 13.20 -16.90
CA VAL A 493 71.63 12.26 -17.79
C VAL A 493 73.06 12.07 -17.32
N PRO A 494 73.33 11.09 -16.47
CA PRO A 494 74.71 10.88 -16.00
C PRO A 494 75.57 10.20 -17.05
N LYS A 495 76.86 10.53 -17.02
CA LYS A 495 77.81 9.95 -17.96
C LYS A 495 78.05 8.47 -17.71
N SER A 496 77.82 8.00 -16.49
CA SER A 496 78.02 6.60 -16.13
C SER A 496 76.66 5.92 -15.94
N LEU A 497 76.56 4.70 -16.44
CA LEU A 497 75.32 3.92 -16.34
C LEU A 497 75.17 3.22 -14.99
N ASN A 498 76.12 3.40 -14.08
CA ASN A 498 76.08 2.77 -12.77
C ASN A 498 75.31 3.62 -11.75
N ASP A 499 74.37 4.45 -12.19
CA ASP A 499 73.60 5.28 -11.29
C ASP A 499 72.29 4.60 -10.90
N TYR A 500 72.30 3.26 -10.88
CA TYR A 500 71.09 2.53 -10.52
C TYR A 500 70.69 2.80 -9.07
N TRP A 501 71.67 2.88 -8.17
CA TRP A 501 71.36 3.16 -6.78
C TRP A 501 70.89 4.59 -6.57
N CYS A 502 71.39 5.53 -7.38
CA CYS A 502 70.97 6.92 -7.25
C CYS A 502 69.57 7.13 -7.79
N VAL A 503 69.32 6.69 -9.03
CA VAL A 503 68.00 6.84 -9.62
C VAL A 503 66.96 6.06 -8.81
N ILE A 504 67.29 4.82 -8.48
CA ILE A 504 66.37 4.00 -7.68
C ILE A 504 66.16 4.61 -6.31
N GLY A 505 67.19 5.24 -5.75
CA GLY A 505 67.03 5.87 -4.45
C GLY A 505 66.13 7.09 -4.49
N ILE A 506 66.32 7.95 -5.48
CA ILE A 506 65.48 9.14 -5.60
C ILE A 506 64.04 8.75 -5.91
N ALA A 507 63.85 7.80 -6.83
CA ALA A 507 62.51 7.34 -7.16
C ALA A 507 61.84 6.70 -5.95
N HIS A 508 62.59 5.92 -5.18
CA HIS A 508 62.02 5.29 -3.99
C HIS A 508 61.69 6.34 -2.92
N PHE A 509 62.46 7.41 -2.84
CA PHE A 509 62.19 8.45 -1.85
C PHE A 509 60.95 9.25 -2.24
N MET A 510 60.86 9.66 -3.50
CA MET A 510 59.69 10.41 -3.95
C MET A 510 58.44 9.57 -3.87
N ALA A 511 58.50 8.33 -4.35
CA ALA A 511 57.34 7.44 -4.28
C ALA A 511 56.97 7.14 -2.84
N GLY A 512 57.96 7.04 -1.96
CA GLY A 512 57.68 6.79 -0.56
C GLY A 512 57.01 7.96 0.13
N GLN A 513 57.46 9.18 -0.20
CA GLN A 513 56.86 10.37 0.39
C GLN A 513 55.45 10.60 -0.14
N PHE A 514 55.27 10.46 -1.45
CA PHE A 514 53.93 10.64 -2.03
C PHE A 514 52.97 9.58 -1.53
N LEU A 515 53.42 8.32 -1.49
CA LEU A 515 52.55 7.25 -1.00
C LEU A 515 52.24 7.44 0.48
N LYS A 516 53.23 7.83 1.27
CA LYS A 516 53.00 8.05 2.69
C LYS A 516 52.07 9.23 2.94
N LYS A 517 52.09 10.23 2.07
CA LYS A 517 51.22 11.39 2.21
C LYS A 517 49.84 11.17 1.61
N LEU A 518 49.69 10.13 0.78
CA LEU A 518 48.41 9.81 0.14
C LEU A 518 47.78 8.53 0.66
N PHE A 519 48.56 7.45 0.76
CA PHE A 519 48.08 6.17 1.23
C PHE A 519 48.53 5.97 2.68
N GLY A 520 47.61 5.50 3.52
CA GLY A 520 47.91 5.27 4.92
C GLY A 520 46.97 4.30 5.59
N PHE A 521 47.17 3.00 5.35
CA PHE A 521 46.34 1.95 5.93
C PHE A 521 47.16 0.88 6.62
N ASN A 522 48.24 0.42 6.01
CA ASN A 522 49.11 -0.60 6.59
C ASN A 522 50.34 -0.01 7.27
N ASN A 523 50.29 1.27 7.63
CA ASN A 523 51.42 1.92 8.30
C ASN A 523 52.62 2.02 7.36
N TYR A 524 52.97 3.25 6.98
CA TYR A 524 54.12 3.44 6.10
C TYR A 524 55.40 2.92 6.74
N LYS A 525 55.57 3.16 8.04
CA LYS A 525 56.77 2.68 8.73
C LYS A 525 56.82 1.15 8.73
N PHE A 526 55.69 0.50 9.00
CA PHE A 526 55.66 -0.96 8.99
C PHE A 526 55.94 -1.50 7.59
N VAL A 527 55.41 -0.85 6.56
CA VAL A 527 55.65 -1.29 5.19
C VAL A 527 57.12 -1.15 4.84
N ILE A 528 57.73 -0.04 5.25
CA ILE A 528 59.15 0.16 4.99
C ILE A 528 59.99 -0.88 5.72
N LYS A 529 59.61 -1.19 6.96
CA LYS A 529 60.34 -2.20 7.72
C LYS A 529 60.23 -3.57 7.06
N GLN A 530 59.04 -3.94 6.61
CA GLN A 530 58.85 -5.22 5.92
C GLN A 530 59.65 -5.25 4.63
N ARG A 531 59.66 -4.16 3.88
CA ARG A 531 60.43 -4.11 2.64
C ARG A 531 61.92 -4.26 2.92
N SER A 532 62.41 -3.62 3.99
CA SER A 532 63.81 -3.73 4.34
C SER A 532 64.16 -5.15 4.77
N ASP A 533 63.29 -5.79 5.55
CA ASP A 533 63.54 -7.16 5.97
C ASP A 533 63.57 -8.10 4.79
N ARG A 534 62.61 -7.95 3.87
CA ARG A 534 62.58 -8.79 2.69
C ARG A 534 63.80 -8.55 1.81
N ILE A 535 64.26 -7.30 1.72
CA ILE A 535 65.44 -6.99 0.93
C ILE A 535 66.67 -7.61 1.56
N CYS A 536 66.74 -7.64 2.89
CA CYS A 536 67.88 -8.25 3.56
C CYS A 536 67.87 -9.77 3.39
N ARG A 537 66.71 -10.39 3.54
CA ARG A 537 66.61 -11.83 3.38
C ARG A 537 66.93 -12.25 1.94
N GLU A 538 66.44 -11.48 0.96
CA GLU A 538 66.71 -11.79 -0.43
C GLU A 538 68.12 -11.38 -0.86
N ASP A 539 68.79 -10.54 -0.08
CA ASP A 539 70.14 -10.10 -0.39
C ASP A 539 71.21 -10.76 0.48
N ILE A 540 70.81 -11.69 1.36
CA ILE A 540 71.78 -12.36 2.22
C ILE A 540 72.72 -13.23 1.39
N GLY A 541 72.26 -13.70 0.23
CA GLY A 541 73.08 -14.52 -0.62
C GLY A 541 73.15 -14.03 -2.06
N LYS A 542 73.37 -12.72 -2.23
CA LYS A 542 73.45 -12.13 -3.55
C LYS A 542 74.90 -11.94 -3.98
N ALA A 543 75.17 -10.92 -4.78
CA ALA A 543 76.52 -10.65 -5.25
C ALA A 543 76.92 -9.21 -4.91
N PRO A 544 77.29 -8.41 -5.90
CA PRO A 544 77.68 -7.02 -5.61
C PRO A 544 76.78 -6.01 -6.31
N LEU A 545 76.77 -4.77 -5.82
CA LEU A 545 75.94 -3.73 -6.42
C LEU A 545 76.61 -3.13 -7.64
N ALA A 546 77.84 -2.64 -7.49
CA ALA A 546 78.58 -2.03 -8.60
C ALA A 546 78.98 -3.13 -9.58
N ASN A 547 78.06 -3.47 -10.47
CA ASN A 547 78.31 -4.49 -11.47
C ASN A 547 79.14 -3.93 -12.61
N GLN A 548 79.44 -4.79 -13.59
CA GLN A 548 80.23 -4.42 -14.75
C GLN A 548 79.30 -4.14 -15.92
N HIS A 549 79.30 -2.89 -16.39
CA HIS A 549 78.45 -2.50 -17.52
C HIS A 549 79.14 -2.77 -18.84
N PHE A 550 75.59 -3.11 -19.68
CA PHE A 550 75.70 -3.29 -21.13
C PHE A 550 74.45 -3.96 -21.69
N ARG A 551 73.66 -3.20 -22.44
CA ARG A 551 72.43 -3.74 -23.03
C ARG A 551 71.46 -4.21 -21.96
N PHE A 552 67.56 -5.67 -23.45
CA PHE A 552 66.49 -5.33 -22.53
C PHE A 552 66.49 -6.26 -21.32
N PRO A 553 67.09 -7.45 -21.47
CA PRO A 553 67.11 -8.39 -20.35
C PRO A 553 67.95 -7.89 -19.18
N VAL A 554 69.12 -7.32 -19.46
CA VAL A 554 69.98 -6.82 -18.38
C VAL A 554 69.32 -5.63 -17.70
N ASN A 555 68.69 -4.75 -18.47
CA ASN A 555 68.04 -3.58 -17.87
C ASN A 555 66.84 -3.99 -17.05
N ASP A 556 66.03 -4.94 -17.54
CA ASP A 556 64.86 -5.37 -16.80
C ASP A 556 65.26 -6.12 -15.53
N ALA A 557 66.26 -7.00 -15.62
CA ALA A 557 66.70 -7.74 -14.45
C ALA A 557 67.34 -6.82 -13.42
N THR A 558 68.14 -5.85 -13.87
CA THR A 558 68.77 -4.93 -12.93
C THR A 558 67.77 -3.96 -12.31
N ASP A 559 66.70 -3.62 -13.05
CA ASP A 559 65.70 -2.71 -12.54
C ASP A 559 64.65 -3.40 -11.68
N PHE A 560 64.49 -4.72 -11.83
CA PHE A 560 63.52 -5.49 -11.06
C PHE A 560 64.20 -6.60 -10.25
N LYS A 561 65.47 -6.39 -9.90
CA LYS A 561 66.21 -7.39 -9.13
C LYS A 561 66.29 -6.98 -7.66
N PHE A 562 67.49 -6.64 -7.20
CA PHE A 562 67.71 -6.25 -5.81
C PHE A 562 68.17 -4.79 -5.69
N ILE A 563 68.36 -4.09 -6.80
CA ILE A 563 68.80 -2.70 -6.73
C ILE A 563 67.69 -1.81 -6.17
N ARG A 564 66.44 -2.09 -6.54
CA ARG A 564 65.32 -1.30 -6.02
C ARG A 564 65.19 -1.45 -4.52
N LEU A 565 65.40 -2.65 -4.00
CA LEU A 565 65.30 -2.90 -2.57
C LEU A 565 66.55 -2.50 -1.81
N LYS A 566 67.69 -2.38 -2.50
CA LYS A 566 68.93 -2.01 -1.83
C LYS A 566 69.16 -0.50 -1.85
N ALA A 567 68.52 0.22 -2.78
CA ALA A 567 68.67 1.66 -2.87
C ALA A 567 67.92 2.33 -1.72
N PRO A 568 66.80 1.75 -1.27
CA PRO A 568 66.07 2.40 -0.17
C PRO A 568 66.84 2.40 1.14
N LEU A 569 67.56 1.32 1.45
CA LEU A 569 68.33 1.29 2.68
C LEU A 569 69.49 2.28 2.64
N VAL A 570 70.19 2.36 1.51
CA VAL A 570 71.30 3.29 1.40
C VAL A 570 70.81 4.72 1.43
N LEU A 571 69.69 5.00 0.76
CA LEU A 571 69.15 6.35 0.75
C LEU A 571 68.67 6.77 2.15
N PHE A 572 67.98 5.87 2.84
CA PHE A 572 67.50 6.19 4.19
C PHE A 572 68.66 6.35 5.16
N ILE A 573 69.70 5.53 5.01
CA ILE A 573 70.85 5.62 5.91
C ILE A 573 71.60 6.93 5.66
N LEU A 574 71.83 7.28 4.39
CA LEU A 574 72.54 8.52 4.08
C LEU A 574 71.73 9.73 4.50
N ASP A 575 70.41 9.69 4.31
CA ASP A 575 69.56 10.81 4.68
C ASP A 575 69.31 10.89 6.19
N ARG A 576 69.56 9.81 6.92
CA ARG A 576 69.36 9.78 8.36
C ARG A 576 70.67 9.84 9.14
N ARG A 577 71.82 9.85 8.45
CA ARG A 577 73.10 9.92 9.15
C ARG A 577 73.30 11.25 9.86
N MET A 578 72.65 12.32 9.41
CA MET A 578 72.78 13.62 10.04
C MET A 578 71.46 14.36 10.05
N THR A 579 71.43 15.55 9.45
CA THR A 579 70.23 16.37 9.39
C THR A 579 69.57 16.24 8.02
N LYS A 580 68.24 16.32 8.00
CA LYS A 580 67.49 16.21 6.76
C LYS A 580 67.59 17.48 5.91
N THR A 581 67.95 18.62 6.51
CA THR A 581 68.05 19.86 5.75
C THR A 581 69.15 19.76 4.70
N ASP A 582 70.29 19.17 5.05
CA ASP A 582 71.38 19.03 4.10
C ASP A 582 71.04 18.07 2.98
N ARG A 583 70.22 17.07 3.26
CA ARG A 583 69.83 16.11 2.23
C ARG A 583 68.79 16.69 1.28
N SER A 584 67.71 17.26 1.83
CA SER A 584 66.68 17.85 0.99
C SER A 584 67.22 19.04 0.22
N PHE A 585 67.80 20.01 0.92
CA PHE A 585 68.35 21.17 0.24
C PHE A 585 69.51 20.80 -0.68
N GLY A 586 70.32 19.80 -0.28
CA GLY A 586 71.43 19.39 -1.12
C GLY A 586 70.98 18.74 -2.41
N LEU A 587 69.93 17.91 -2.35
CA LEU A 587 69.43 17.27 -3.55
C LEU A 587 68.67 18.24 -4.43
N SER A 588 67.80 19.08 -3.83
CA SER A 588 67.05 20.04 -4.61
C SER A 588 67.96 21.07 -5.27
N ARG A 589 68.98 21.54 -4.54
CA ARG A 589 69.91 22.51 -5.11
C ARG A 589 70.88 21.85 -6.08
N VAL A 590 71.19 20.56 -5.88
CA VAL A 590 72.10 19.87 -6.77
C VAL A 590 71.43 19.52 -8.08
N ILE A 591 70.12 19.25 -8.06
CA ILE A 591 69.38 18.91 -9.28
C ILE A 591 69.33 20.14 -10.19
N PRO A 592 69.14 21.34 -9.63
CA PRO A 592 69.10 22.52 -10.50
C PRO A 592 70.43 22.83 -11.17
N LYS A 593 71.55 22.53 -10.51
CA LYS A 593 72.85 22.79 -11.12
C LYS A 593 73.07 21.92 -12.35
N ILE A 594 72.74 20.64 -12.26
CA ILE A 594 72.92 19.74 -13.40
C ILE A 594 71.83 19.99 -14.45
N PHE A 595 70.65 20.43 -14.02
CA PHE A 595 69.55 20.70 -14.93
C PHE A 595 69.60 22.10 -15.53
N ALA A 596 70.60 22.91 -15.16
CA ALA A 596 70.74 24.27 -15.66
C ALA A 596 72.07 24.51 -16.35
N ALA A 597 73.18 24.05 -15.76
CA ALA A 597 74.50 24.23 -16.34
C ALA A 597 75.53 23.36 -15.65
N ASN A 605 75.38 21.00 -17.82
CA ASN A 605 75.91 19.65 -17.67
C ASN A 605 74.85 18.60 -17.98
N GLY A 606 74.14 18.80 -19.09
CA GLY A 606 73.10 17.85 -19.46
C GLY A 606 73.65 16.49 -19.83
N ASN A 607 74.88 16.43 -20.35
CA ASN A 607 75.51 15.17 -20.73
C ASN A 607 76.88 15.03 -20.08
N CYS A 608 77.09 15.68 -18.93
CA CYS A 608 78.35 15.61 -18.22
C CYS A 608 78.18 15.20 -16.76
N LEU A 609 77.01 14.71 -16.38
CA LEU A 609 76.80 14.29 -15.00
C LEU A 609 77.65 13.08 -14.67
N SER A 610 77.92 12.90 -13.37
CA SER A 610 78.75 11.78 -12.90
C SER A 610 78.30 11.41 -11.50
N THR A 611 77.98 10.13 -11.30
CA THR A 611 77.56 9.68 -9.98
C THR A 611 78.65 9.90 -8.94
N SER A 612 79.91 9.66 -9.31
CA SER A 612 81.01 9.90 -8.38
C SER A 612 81.13 11.37 -8.02
N HIS A 613 80.93 12.26 -9.00
CA HIS A 613 80.99 13.69 -8.72
C HIS A 613 79.86 14.12 -7.82
N PHE A 614 78.64 13.62 -8.08
CA PHE A 614 77.50 13.97 -7.24
C PHE A 614 77.69 13.48 -5.81
N GLN A 615 78.10 12.22 -5.65
CA GLN A 615 78.33 11.68 -4.32
C GLN A 615 79.44 12.42 -3.61
N HIS A 616 80.50 12.80 -4.34
CA HIS A 616 81.58 13.56 -3.73
C HIS A 616 81.13 14.94 -3.28
N VAL A 617 80.28 15.59 -4.08
CA VAL A 617 79.78 16.91 -3.70
C VAL A 617 78.86 16.80 -2.49
N CYS A 618 78.02 15.77 -2.46
CA CYS A 618 77.12 15.59 -1.32
C CYS A 618 77.90 15.30 -0.04
N GLU A 619 78.89 14.40 -0.11
CA GLU A 619 79.70 14.09 1.05
C GLU A 619 80.52 15.29 1.50
N LYS A 620 80.98 16.11 0.56
CA LYS A 620 81.77 17.29 0.87
C LYS A 620 80.92 18.44 1.43
N VAL A 621 79.63 18.49 1.09
CA VAL A 621 78.75 19.55 1.58
C VAL A 621 77.94 19.13 2.80
N ALA A 622 77.93 17.84 3.13
CA ALA A 622 77.18 17.34 4.30
C ALA A 622 78.06 16.32 5.02
N HIS A 623 78.78 16.79 6.03
CA HIS A 623 79.69 15.95 6.84
C HIS A 623 80.78 15.43 5.90
N HIS A 624 81.07 14.13 5.88
CA HIS A 624 82.11 13.61 5.00
C HIS A 624 82.15 12.08 5.07
N LYS A 625 83.27 11.49 4.68
CA LYS A 625 83.47 10.04 4.70
C LYS A 625 82.49 9.43 3.71
N LEU A 626 81.58 8.55 4.11
CA LEU A 626 80.59 7.90 3.27
C LEU A 626 81.19 6.84 2.35
N ASP A 627 82.52 6.74 2.28
CA ASP A 627 83.16 5.74 1.43
C ASP A 627 82.91 4.34 1.96
N SER A 628 83.20 4.12 3.25
CA SER A 628 82.99 2.80 3.84
C SER A 628 81.51 2.44 3.87
N PHE A 629 80.63 3.42 3.99
CA PHE A 629 79.19 3.13 4.03
C PHE A 629 78.68 2.80 2.63
N PHE A 630 79.19 3.49 1.60
CA PHE A 630 78.73 3.23 0.24
C PHE A 630 79.30 1.93 -0.28
N ASN A 631 80.63 1.80 -0.29
CA ASN A 631 81.26 0.58 -0.79
C ASN A 631 80.93 -0.60 0.11
N ASN A 632 81.10 -0.44 1.43
CA ASN A 632 80.80 -1.53 2.35
C ASN A 632 79.32 -1.89 2.32
N TRP A 633 78.44 -0.88 2.25
CA TRP A 633 77.01 -1.16 2.20
C TRP A 633 76.61 -1.86 0.91
N VAL A 634 77.26 -1.52 -0.20
CA VAL A 634 76.94 -2.15 -1.48
C VAL A 634 77.62 -3.50 -1.67
N HIS A 635 78.63 -3.81 -0.86
CA HIS A 635 79.33 -5.09 -1.00
C HIS A 635 78.54 -6.22 -0.34
N ASN A 636 78.43 -6.18 0.99
CA ASN A 636 77.69 -7.19 1.74
C ASN A 636 77.60 -6.73 3.18
N SER A 637 76.88 -7.51 3.99
CA SER A 637 76.69 -7.19 5.39
C SER A 637 76.08 -8.40 6.08
N GLY A 638 76.19 -8.42 7.40
CA GLY A 638 75.65 -9.51 8.18
C GLY A 638 76.04 -9.38 9.64
N THR A 639 75.31 -10.12 10.47
CA THR A 639 75.55 -10.11 11.91
C THR A 639 74.71 -11.19 12.58
N PRO A 640 75.20 -11.79 13.67
CA PRO A 640 74.42 -12.83 14.35
C PRO A 640 74.93 -13.12 15.76
N VAL A 641 75.26 -12.05 16.49
CA VAL A 641 75.76 -12.20 17.86
C VAL A 641 75.81 -10.83 18.53
N LEU A 642 75.14 -10.68 19.66
CA LEU A 642 75.11 -9.42 20.39
C LEU A 642 75.13 -9.73 21.88
N ARG A 643 76.23 -9.37 22.55
CA ARG A 643 76.40 -9.60 23.96
C ARG A 643 76.19 -8.30 24.73
N VAL A 644 75.60 -8.41 25.92
CA VAL A 644 75.33 -7.26 26.77
C VAL A 644 75.87 -7.55 28.17
N THR A 645 76.35 -6.49 28.82
CA THR A 645 76.92 -6.60 30.17
C THR A 645 76.11 -5.72 31.11
N GLN A 646 75.88 -6.21 32.32
CA GLN A 646 75.13 -5.50 33.34
C GLN A 646 75.98 -5.32 34.58
N ARG A 647 76.02 -4.09 35.11
CA ARG A 647 76.80 -3.78 36.30
C ARG A 647 75.99 -2.82 37.16
N PHE A 648 75.79 -3.18 38.42
CA PHE A 648 75.03 -2.35 39.36
C PHE A 648 75.99 -1.71 40.36
N ASN A 649 75.99 -0.39 40.40
CA ASN A 649 76.85 0.38 41.30
C ASN A 649 75.95 1.11 42.30
N LYS A 650 75.84 0.57 43.51
CA LYS A 650 75.02 1.18 44.55
C LYS A 650 75.73 2.30 45.28
N LYS A 651 77.07 2.32 45.26
CA LYS A 651 77.79 3.38 45.95
C LYS A 651 77.56 4.74 45.31
N ARG A 652 77.24 4.77 44.02
CA ARG A 652 76.99 6.02 43.32
C ARG A 652 75.85 5.93 42.31
N MET A 653 75.12 4.81 42.27
CA MET A 653 74.01 4.64 41.34
C MET A 653 74.51 4.70 39.89
N PHE A 654 75.40 3.76 39.56
CA PHE A 654 75.99 3.65 38.22
C PHE A 654 75.60 2.30 37.64
N ILE A 655 74.66 2.31 36.70
CA ILE A 655 74.21 1.08 36.06
C ILE A 655 74.99 0.89 34.76
N GLU A 656 76.21 0.40 34.85
CA GLU A 656 77.03 0.17 33.67
C GLU A 656 76.46 -0.96 32.83
N MET A 657 76.80 -0.94 31.53
CA MET A 657 76.33 -1.96 30.60
C MET A 657 77.29 -2.02 29.43
N GLY A 658 77.40 -3.22 28.85
CA GLY A 658 78.27 -3.45 27.72
C GLY A 658 77.49 -3.92 26.51
N ILE A 659 77.97 -3.53 25.33
CA ILE A 659 77.35 -3.89 24.07
C ILE A 659 78.43 -4.34 23.10
N ARG A 660 78.40 -5.61 22.71
CA ARG A 660 79.38 -6.17 21.79
C ARG A 660 78.66 -6.88 20.66
N GLN A 661 79.27 -6.84 19.47
CA GLN A 661 78.73 -7.46 18.27
C GLN A 661 79.74 -8.45 17.70
N VAL A 662 79.25 -9.63 17.33
CA VAL A 662 80.10 -10.68 16.77
C VAL A 662 79.26 -11.49 15.79
N GLN A 663 79.95 -12.21 14.90
CA GLN A 663 79.31 -13.04 13.89
C GLN A 663 79.98 -14.41 13.86
N GLY A 664 79.24 -15.39 13.36
CA GLY A 664 79.74 -16.74 13.26
C GLY A 664 79.77 -17.27 11.84
N TYR A 665 80.14 -16.41 10.89
CA TYR A 665 80.19 -16.81 9.49
C TYR A 665 81.36 -17.77 9.27
N GLU A 666 81.07 -18.90 8.62
CA GLU A 666 82.10 -19.90 8.34
C GLU A 666 83.06 -19.41 7.26
N GLU A 686 78.39 -10.38 -14.56
CA GLU A 686 78.44 -11.65 -13.84
C GLU A 686 79.27 -11.52 -12.57
N ALA A 687 79.94 -10.39 -12.41
CA ALA A 687 80.77 -10.15 -11.24
C ALA A 687 81.90 -11.16 -11.14
N CYS A 688 82.98 -10.94 -11.89
CA CYS A 688 84.13 -11.84 -11.89
C CYS A 688 83.76 -13.23 -12.37
N GLN A 689 82.83 -13.33 -13.31
CA GLN A 689 82.37 -14.60 -13.85
C GLN A 689 81.77 -15.48 -12.75
N HIS A 690 80.77 -14.91 -12.07
CA HIS A 690 80.09 -15.60 -10.97
C HIS A 690 81.05 -15.90 -9.83
N VAL A 691 81.79 -14.87 -9.41
CA VAL A 691 82.75 -15.00 -8.32
C VAL A 691 83.84 -15.99 -8.72
N ASP A 692 84.90 -15.49 -9.34
CA ASP A 692 85.99 -16.37 -9.76
C ASP A 692 86.73 -16.96 -8.57
N GLN A 693 86.72 -16.28 -7.42
CA GLN A 693 87.39 -16.76 -6.22
C GLN A 693 86.36 -16.79 -5.11
N THR A 694 86.65 -16.22 -3.94
CA THR A 694 85.72 -16.23 -2.83
C THR A 694 86.09 -15.14 -1.82
N GLY A 695 85.68 -15.34 -0.57
CA GLY A 695 85.97 -14.38 0.48
C GLY A 695 84.75 -14.06 1.32
N PRO A 696 84.79 -14.43 2.61
CA PRO A 696 83.64 -14.14 3.48
C PRO A 696 83.52 -12.67 3.86
N GLY A 697 84.57 -11.88 3.66
CA GLY A 697 84.51 -10.46 4.01
C GLY A 697 85.88 -9.84 4.20
N VAL A 698 86.45 -10.00 5.39
CA VAL A 698 85.78 -10.72 6.46
C VAL A 698 84.87 -9.78 7.24
N THR A 699 85.19 -8.49 7.21
CA THR A 699 84.42 -7.46 7.90
C THR A 699 83.76 -6.60 6.84
N SER A 700 82.54 -6.97 6.46
CA SER A 700 81.81 -6.21 5.44
C SER A 700 81.41 -4.84 5.97
N GLN A 701 80.92 -4.78 7.20
CA GLN A 701 80.51 -3.51 7.82
C GLN A 701 81.72 -2.90 8.50
N ILE A 702 82.29 -1.87 7.88
CA ILE A 702 83.46 -1.19 8.43
C ILE A 702 83.06 -0.45 9.70
N PHE A 703 82.59 0.78 9.55
CA PHE A 703 82.17 1.58 10.69
C PHE A 703 80.83 1.09 11.23
N THR A 704 80.71 1.07 12.55
CA THR A 704 79.49 0.62 13.20
C THR A 704 78.38 1.65 13.16
N GLY A 705 78.67 2.89 12.76
CA GLY A 705 77.67 3.93 12.70
C GLY A 705 77.18 4.34 14.07
N PRO A 706 75.90 4.70 14.16
CA PRO A 706 75.34 5.11 15.45
C PRO A 706 74.77 3.94 16.23
N MET A 707 75.00 3.97 17.54
CA MET A 707 74.55 2.92 18.46
C MET A 707 73.57 3.57 19.45
N THR A 708 72.28 3.50 19.12
CA THR A 708 71.25 4.09 19.98
C THR A 708 70.96 3.15 21.15
N ILE A 709 70.94 3.70 22.35
CA ILE A 709 70.66 2.93 23.56
C ILE A 709 69.35 3.39 24.17
N ARG A 710 68.23 2.79 23.74
CA ARG A 710 66.91 3.15 24.25
C ARG A 710 66.63 2.30 25.49
N ILE A 711 67.25 2.69 26.60
CA ILE A 711 67.07 1.97 27.85
C ILE A 711 65.71 2.30 28.45
N HIS A 712 65.02 1.29 28.96
CA HIS A 712 63.70 1.46 29.56
C HIS A 712 63.82 1.36 31.08
N GLU A 713 63.02 2.15 31.78
CA GLU A 713 63.02 2.15 33.24
C GLU A 713 62.21 0.97 33.79
N ALA A 714 61.70 1.12 35.00
CA ALA A 714 60.91 0.06 35.60
C ALA A 714 59.58 -0.11 34.88
N ASP A 715 59.13 -1.36 34.76
CA ASP A 715 57.87 -1.68 34.09
C ASP A 715 57.89 -1.27 32.62
N GLY A 716 59.08 -1.27 32.01
CA GLY A 716 59.22 -0.91 30.62
C GLY A 716 58.83 0.53 30.34
N THR A 717 59.77 1.46 30.53
CA THR A 717 59.52 2.87 30.29
C THR A 717 59.98 3.25 28.89
N PRO A 718 60.42 4.49 28.69
CA PRO A 718 60.87 4.90 27.35
C PRO A 718 62.03 5.87 27.40
N TYR A 719 63.21 5.37 27.77
CA TYR A 719 64.41 6.18 27.86
C TYR A 719 65.25 6.02 26.60
N GLU A 720 65.77 7.13 26.09
CA GLU A 720 66.60 7.14 24.89
C GLU A 720 68.05 7.43 25.25
N HIS A 721 68.94 7.08 24.33
CA HIS A 721 70.37 7.30 24.54
C HIS A 721 71.06 7.36 23.18
N ILE A 722 72.02 8.25 23.06
CA ILE A 722 72.78 8.45 21.83
C ILE A 722 74.19 7.95 22.09
N VAL A 723 74.47 6.72 21.65
CA VAL A 723 75.78 6.10 21.83
C VAL A 723 76.56 6.25 20.52
N ASP A 724 77.76 6.84 20.61
CA ASP A 724 78.58 7.03 19.43
C ASP A 724 79.07 5.69 18.87
N LEU A 725 79.63 4.85 19.74
CA LEU A 725 80.14 3.54 19.32
C LEU A 725 81.26 3.70 18.29
N LYS A 726 80.88 3.89 17.02
CA LYS A 726 81.85 4.05 15.95
C LYS A 726 82.72 2.81 15.82
N GLU A 727 83.75 2.70 16.65
CA GLU A 727 84.64 1.54 16.59
C GLU A 727 83.90 0.28 17.04
N GLY A 728 84.10 -0.81 16.30
CA GLY A 728 83.45 -2.06 16.64
C GLY A 728 84.13 -2.76 17.80
N PHE A 729 83.32 -3.51 18.56
CA PHE A 729 83.78 -4.26 19.72
C PHE A 729 84.36 -3.32 20.78
N THR A 730 83.44 -2.57 21.39
CA THR A 730 83.78 -1.61 22.44
C THR A 730 82.83 -1.78 23.60
N LYS A 731 83.10 -1.05 24.68
CA LYS A 731 82.30 -1.09 25.88
C LYS A 731 81.82 0.32 26.24
N LEU A 732 80.79 0.38 27.09
CA LEU A 732 80.22 1.64 27.52
C LEU A 732 79.96 1.57 29.03
N ASP A 733 79.36 2.63 29.56
CA ASP A 733 79.05 2.70 30.98
C ASP A 733 77.92 3.70 31.18
N ILE A 734 76.97 3.34 32.06
CA ILE A 734 75.83 4.20 32.35
C ILE A 734 75.75 4.41 33.85
N GLN A 735 74.77 5.22 34.29
CA GLN A 735 74.60 5.51 35.70
C GLN A 735 73.22 6.10 35.96
N TYR A 736 73.18 7.21 36.70
CA TYR A 736 71.92 7.88 37.01
C TYR A 736 71.37 8.62 35.79
N ALA A 785 53.29 -18.85 38.81
CA ALA A 785 54.03 -19.21 37.61
C ALA A 785 54.98 -18.08 37.21
N GLU A 786 54.68 -16.87 37.65
CA GLU A 786 55.50 -15.69 37.35
C GLU A 786 56.51 -15.42 38.45
N GLY A 787 57.26 -16.45 38.83
CA GLY A 787 58.27 -16.27 39.88
C GLY A 787 59.42 -15.40 39.44
N GLU A 788 59.82 -15.50 38.17
CA GLU A 788 60.92 -14.69 37.67
C GLU A 788 60.55 -13.22 37.63
N GLU A 789 59.37 -12.92 37.06
CA GLU A 789 58.94 -11.52 36.98
C GLU A 789 58.61 -10.96 38.35
N ALA A 790 58.04 -11.79 39.23
CA ALA A 790 57.71 -11.32 40.57
C ALA A 790 58.95 -11.05 41.40
N ARG A 791 59.96 -11.92 41.28
CA ARG A 791 61.19 -11.72 42.04
C ARG A 791 62.06 -10.63 41.42
N THR A 792 61.90 -10.38 40.12
CA THR A 792 62.69 -9.36 39.41
C THR A 792 61.73 -8.42 38.67
N GLN A 793 60.82 -7.81 39.43
CA GLN A 793 59.86 -6.89 38.82
C GLN A 793 60.54 -5.60 38.37
N ASP A 794 61.29 -4.97 39.27
CA ASP A 794 61.99 -3.72 38.95
C ASP A 794 63.28 -3.68 39.74
N ALA A 795 64.41 -3.73 39.05
CA ALA A 795 65.73 -3.68 39.68
C ALA A 795 66.53 -2.47 39.29
N ALA A 796 66.46 -2.04 38.02
CA ALA A 796 67.21 -0.88 37.57
C ALA A 796 66.58 -0.28 36.32
N GLU A 797 67.01 -0.75 35.15
CA GLU A 797 66.48 -0.25 33.88
C GLU A 797 66.65 -1.33 32.83
N TRP A 798 65.54 -1.85 32.31
CA TRP A 798 65.57 -2.90 31.29
C TRP A 798 65.80 -2.24 29.92
N ILE A 799 67.07 -2.00 29.62
CA ILE A 799 67.46 -1.39 28.35
C ILE A 799 67.16 -2.35 27.21
N ARG A 800 66.04 -2.15 26.53
CA ARG A 800 65.65 -3.00 25.43
C ARG A 800 66.51 -2.69 24.20
N ILE A 801 66.31 -3.48 23.15
CA ILE A 801 67.05 -3.30 21.90
C ILE A 801 66.55 -2.05 21.19
N ASP A 802 67.25 -1.64 20.14
CA ASP A 802 66.87 -0.45 19.38
C ASP A 802 65.57 -0.69 18.62
N ALA A 803 69.31 2.38 16.70
CA ALA A 803 67.91 2.62 16.36
C ALA A 803 67.72 2.71 14.86
N ASP A 804 68.76 2.37 14.11
CA ASP A 804 68.71 2.40 12.65
C ASP A 804 69.16 1.11 11.98
N PHE A 805 69.72 0.16 12.73
CA PHE A 805 70.19 -1.11 12.18
C PHE A 805 71.29 -0.88 11.14
N GLU A 806 72.43 -0.40 11.66
CA GLU A 806 73.58 -0.13 10.79
C GLU A 806 74.19 -1.41 10.24
N TRP A 807 74.15 -2.49 11.02
CA TRP A 807 74.71 -3.78 10.62
C TRP A 807 73.57 -4.80 10.59
N ILE A 808 72.99 -5.01 9.41
CA ILE A 808 71.89 -5.96 9.26
C ILE A 808 72.39 -7.39 9.45
N CYS A 809 68.84 -5.62 12.28
CA CYS A 809 69.84 -6.39 13.02
C CYS A 809 69.18 -7.29 14.07
N GLN A 810 69.73 -8.48 14.23
CA GLN A 810 69.19 -9.42 15.21
C GLN A 810 69.45 -8.94 16.63
N ILE A 811 68.51 -9.21 17.52
CA ILE A 811 68.60 -8.82 18.91
C ILE A 811 69.08 -10.01 19.73
N HIS A 812 69.80 -9.73 20.81
CA HIS A 812 70.32 -10.77 21.68
C HIS A 812 70.74 -10.14 23.00
N LEU A 813 70.05 -10.50 24.08
CA LEU A 813 70.33 -9.97 25.41
C LEU A 813 69.50 -10.76 26.41
N ASN A 814 69.71 -10.45 27.69
CA ASN A 814 68.98 -11.14 28.75
C ASN A 814 67.53 -10.64 28.81
N GLN A 815 66.73 -11.33 29.61
CA GLN A 815 65.32 -11.00 29.77
C GLN A 815 64.59 -11.11 28.44
N PRO A 816 64.51 -12.31 27.86
CA PRO A 816 63.82 -12.46 26.58
C PRO A 816 62.31 -12.34 26.71
N ASP A 817 61.73 -13.05 27.68
CA ASP A 817 60.29 -12.99 27.89
C ASP A 817 59.86 -11.63 28.42
N TYR A 818 60.61 -11.08 29.37
CA TYR A 818 60.25 -9.78 29.93
C TYR A 818 60.47 -8.67 28.91
N MET A 819 61.55 -8.74 28.13
CA MET A 819 61.81 -7.72 27.13
C MET A 819 60.81 -7.79 25.98
N TYR A 820 60.45 -9.00 25.55
CA TYR A 820 59.50 -9.14 24.46
C TYR A 820 58.09 -8.76 24.90
N GLN A 821 57.71 -9.15 26.12
CA GLN A 821 56.37 -8.82 26.61
C GLN A 821 56.24 -7.32 26.89
N SER A 822 57.25 -6.74 27.55
CA SER A 822 57.20 -5.32 27.86
C SER A 822 57.33 -4.47 26.60
N GLN A 823 58.11 -4.92 25.62
CA GLN A 823 58.28 -4.17 24.39
C GLN A 823 57.08 -4.29 23.48
N LEU A 824 56.42 -5.46 23.47
CA LEU A 824 55.26 -5.67 22.62
C LEU A 824 53.98 -5.15 23.25
N GLN A 825 53.93 -5.00 24.58
CA GLN A 825 52.76 -4.50 25.27
C GLN A 825 52.90 -3.06 25.74
N GLN A 826 54.11 -2.49 25.69
CA GLN A 826 54.33 -1.11 26.13
C GLN A 826 55.43 -0.52 25.24
N ASP A 827 55.00 0.12 24.16
CA ASP A 827 55.93 0.74 23.21
C ASP A 827 55.15 1.69 22.31
N ARG A 828 55.57 2.95 22.27
CA ARG A 828 54.92 3.97 21.45
C ARG A 828 55.52 4.08 20.06
N ASP A 829 56.08 2.98 19.53
CA ASP A 829 56.69 2.96 18.21
C ASP A 829 56.22 1.73 17.46
N VAL A 830 55.75 1.93 16.22
CA VAL A 830 55.28 0.81 15.42
C VAL A 830 56.42 -0.16 15.14
N GLU A 831 57.60 0.36 14.84
CA GLU A 831 58.74 -0.51 14.57
C GLU A 831 59.13 -1.31 15.81
N ALA A 832 59.14 -0.66 16.97
CA ALA A 832 59.48 -1.37 18.21
C ALA A 832 58.45 -2.44 18.54
N GLN A 833 57.16 -2.12 18.34
CA GLN A 833 56.11 -3.10 18.62
C GLN A 833 56.20 -4.29 17.67
N LEU A 834 56.42 -4.02 16.38
CA LEU A 834 56.54 -5.11 15.41
C LEU A 834 57.77 -5.97 15.69
N ASP A 835 58.90 -5.34 16.02
CA ASP A 835 60.10 -6.09 16.31
C ASP A 835 59.92 -6.93 17.57
N SER A 836 59.28 -6.36 18.60
CA SER A 836 59.05 -7.12 19.83
C SER A 836 58.10 -8.28 19.59
N VAL A 837 57.08 -8.07 18.75
CA VAL A 837 56.14 -9.16 18.46
C VAL A 837 56.83 -10.27 17.67
N ASN A 838 57.67 -9.90 16.71
CA ASN A 838 58.39 -10.91 15.93
C ASN A 838 59.37 -11.68 16.81
N PHE A 839 60.11 -10.98 17.67
CA PHE A 839 61.05 -11.65 18.55
C PHE A 839 60.33 -12.57 19.54
N PHE A 840 59.21 -12.12 20.09
CA PHE A 840 58.46 -12.95 21.02
C PHE A 840 57.86 -14.16 20.32
N SER A 841 57.41 -14.00 19.08
CA SER A 841 56.85 -15.12 18.34
C SER A 841 57.93 -16.09 17.88
N ASN A 842 59.16 -15.62 17.72
CA ASN A 842 60.27 -16.46 17.29
C ASN A 842 61.07 -17.02 18.45
N SER A 843 60.80 -16.60 19.68
CA SER A 843 61.51 -17.07 20.86
C SER A 843 60.55 -17.95 21.68
N LEU A 844 60.46 -17.80 23.00
CA LEU A 844 59.57 -18.60 23.82
C LEU A 844 58.95 -17.73 24.89
N ARG A 845 57.80 -18.16 25.40
CA ARG A 845 57.09 -17.43 26.43
C ARG A 845 55.99 -18.30 27.04
N PRO A 846 54.92 -17.71 27.55
CA PRO A 846 53.84 -18.51 28.13
C PRO A 846 52.92 -19.06 27.05
N ASN A 847 51.89 -19.79 27.49
CA ASN A 847 50.93 -20.39 26.58
C ASN A 847 49.62 -19.62 26.59
N VAL A 848 48.89 -19.70 27.71
CA VAL A 848 47.62 -18.98 27.80
C VAL A 848 47.84 -17.48 27.79
N PHE A 849 48.87 -17.01 28.48
CA PHE A 849 49.15 -15.58 28.51
C PHE A 849 49.54 -15.07 27.13
N TYR A 850 50.41 -15.81 26.43
CA TYR A 850 50.81 -15.41 25.09
C TYR A 850 49.65 -15.47 24.11
N SER A 851 48.76 -16.44 24.26
CA SER A 851 47.61 -16.54 23.36
C SER A 851 46.62 -15.42 23.60
N SER A 852 46.33 -15.11 24.86
CA SER A 852 45.39 -14.04 25.16
C SER A 852 45.96 -12.68 24.76
N VAL A 853 47.23 -12.44 25.10
CA VAL A 853 47.85 -11.16 24.74
C VAL A 853 47.95 -11.02 23.23
N LEU A 854 48.30 -12.11 22.54
CA LEU A 854 48.39 -12.06 21.09
C LEU A 854 47.04 -11.82 20.44
N VAL A 855 45.99 -12.44 20.99
CA VAL A 855 44.65 -12.25 20.44
C VAL A 855 44.18 -10.82 20.68
N ARG A 856 44.45 -10.28 21.86
CA ARG A 856 44.04 -8.91 22.17
C ARG A 856 44.78 -7.91 21.30
N THR A 857 46.10 -8.07 21.17
CA THR A 857 46.88 -7.16 20.34
C THR A 857 46.48 -7.26 18.87
N LEU A 858 46.19 -8.48 18.40
CA LEU A 858 45.78 -8.65 17.02
C LEU A 858 44.38 -8.13 16.76
N MET A 859 43.53 -8.10 17.79
CA MET A 859 42.17 -7.62 17.68
C MET A 859 42.02 -6.16 18.05
N ASP A 860 43.09 -5.51 18.49
CA ASP A 860 43.02 -4.10 18.87
C ASP A 860 42.72 -3.24 17.65
N ASN A 861 41.94 -2.18 17.85
CA ASN A 861 41.59 -1.29 16.75
C ASN A 861 42.80 -0.50 16.26
N ARG A 862 43.76 -0.22 17.15
CA ARG A 862 44.93 0.53 16.73
C ARG A 862 45.81 -0.28 15.78
N TYR A 863 45.75 -1.61 15.86
CA TYR A 863 46.55 -2.44 14.98
C TYR A 863 46.00 -2.41 13.55
N PHE A 864 46.91 -2.56 12.59
CA PHE A 864 46.56 -2.55 11.18
C PHE A 864 46.84 -3.93 10.58
N TYR A 865 46.97 -3.99 9.26
CA TYR A 865 47.23 -5.27 8.59
C TYR A 865 48.57 -5.85 9.01
N GLY A 866 49.56 -5.00 9.31
CA GLY A 866 50.85 -5.50 9.72
C GLY A 866 50.83 -6.09 11.13
N VAL A 867 50.15 -5.42 12.05
CA VAL A 867 50.07 -5.92 13.42
C VAL A 867 49.20 -7.16 13.48
N ARG A 868 48.03 -7.12 12.85
CA ARG A 868 47.14 -8.29 12.85
C ARG A 868 47.79 -9.47 12.15
N CYS A 869 48.38 -9.24 10.98
CA CYS A 869 49.05 -10.32 10.26
C CYS A 869 50.25 -10.84 11.03
N GLU A 870 50.97 -9.97 11.73
CA GLU A 870 52.11 -10.41 12.52
C GLU A 870 51.67 -11.29 13.68
N ALA A 871 50.64 -10.85 14.42
CA ALA A 871 50.14 -11.65 15.54
C ALA A 871 49.60 -12.98 15.05
N ALA A 872 48.84 -12.98 13.95
CA ALA A 872 48.30 -14.22 13.42
C ALA A 872 49.42 -15.16 12.97
N LYS A 873 50.46 -14.62 12.34
CA LYS A 873 51.57 -15.45 11.91
C LYS A 873 52.30 -16.05 13.11
N GLY A 874 52.55 -15.23 14.14
CA GLY A 874 53.22 -15.75 15.33
C GLY A 874 52.41 -16.81 16.03
N LEU A 875 51.10 -16.59 16.18
CA LEU A 875 50.25 -17.58 16.82
C LEU A 875 50.17 -18.86 15.99
N ALA A 876 50.19 -18.74 14.66
CA ALA A 876 50.14 -19.92 13.82
C ALA A 876 51.44 -20.73 13.91
N ARG A 877 52.59 -20.04 13.87
CA ARG A 877 53.86 -20.74 13.99
C ARG A 877 54.05 -21.32 15.38
N LEU A 878 53.47 -20.70 16.41
CA LEU A 878 53.60 -21.20 17.76
C LEU A 878 52.22 -21.40 18.38
N SER A 879 51.45 -22.35 17.86
CA SER A 879 50.12 -22.61 18.37
C SER A 879 50.16 -23.67 19.48
N LYS A 880 51.27 -23.74 20.20
CA LYS A 880 51.41 -24.71 21.28
C LYS A 880 52.74 -24.52 22.00
N GLU A 881 52.70 -24.51 23.34
CA GLU A 881 53.94 -24.35 24.11
C GLU A 881 54.87 -25.53 23.93
N GLU A 882 54.32 -26.71 23.61
CA GLU A 882 55.14 -27.90 23.42
C GLU A 882 54.30 -29.05 22.90
N ASN A 883 53.05 -28.76 22.53
CA ASN A 883 52.15 -29.79 22.01
C ASN A 883 52.00 -29.67 20.50
N ASN A 884 50.80 -29.35 20.05
CA ASN A 884 50.54 -29.21 18.61
C ASN A 884 49.69 -27.98 18.33
N HIS A 885 48.37 -28.13 18.42
CA HIS A 885 47.43 -27.04 18.17
C HIS A 885 46.94 -26.44 19.48
N ILE A 886 46.51 -25.19 19.42
CA ILE A 886 46.01 -24.46 20.58
C ILE A 886 44.52 -24.23 20.37
N GLY A 887 43.70 -24.86 21.22
CA GLY A 887 42.26 -24.69 21.10
C GLY A 887 41.80 -23.26 21.34
N LEU A 888 42.52 -22.54 22.21
CA LEU A 888 42.15 -21.15 22.48
C LEU A 888 42.47 -20.24 21.31
N HIS A 889 43.62 -20.45 20.66
CA HIS A 889 43.99 -19.63 19.52
C HIS A 889 43.16 -19.96 18.30
N HIS A 890 43.01 -21.25 18.00
CA HIS A 890 42.21 -21.65 16.84
C HIS A 890 40.74 -21.30 17.04
N LEU A 891 40.19 -21.62 18.21
CA LEU A 891 38.79 -21.30 18.48
C LEU A 891 38.58 -19.80 18.53
N LEU A 892 39.56 -19.06 19.05
CA LEU A 892 39.42 -17.60 19.12
C LEU A 892 39.44 -16.98 17.73
N LYS A 893 40.36 -17.41 16.88
CA LYS A 893 40.43 -16.86 15.53
C LYS A 893 39.21 -17.25 14.71
N THR A 894 38.78 -18.51 14.80
CA THR A 894 37.61 -18.95 14.06
C THR A 894 36.35 -18.23 14.52
N LEU A 895 36.19 -18.08 15.85
CA LEU A 895 35.01 -17.40 16.37
C LEU A 895 35.03 -15.91 16.01
N LYS A 896 36.20 -15.28 16.05
CA LYS A 896 36.30 -13.86 15.70
C LYS A 896 36.10 -13.64 14.22
N GLN A 897 36.46 -14.62 13.38
CA GLN A 897 36.31 -14.51 11.94
C GLN A 897 34.95 -14.97 11.44
N ALA A 898 34.19 -15.70 12.25
CA ALA A 898 32.88 -16.18 11.85
C ALA A 898 32.97 -17.10 10.65
N PHE A 930 33.67 -0.97 2.24
CA PHE A 930 33.15 -1.56 3.46
C PHE A 930 34.25 -1.68 4.52
N GLN A 931 34.45 -7.12 2.72
CA GLN A 931 34.59 -6.30 3.92
C GLN A 931 35.57 -5.15 3.67
N ARG A 932 36.68 -5.16 4.39
CA ARG A 932 37.70 -4.13 4.26
C ARG A 932 39.07 -4.80 4.42
N LEU A 933 40.08 -3.99 4.73
CA LEU A 933 41.43 -4.53 4.90
C LEU A 933 41.54 -5.43 6.12
N PHE A 934 40.73 -5.20 7.15
CA PHE A 934 40.79 -6.03 8.36
C PHE A 934 40.35 -7.45 8.06
N ILE A 935 39.13 -7.62 7.55
CA ILE A 935 38.63 -8.95 7.24
C ILE A 935 39.39 -9.55 6.07
N GLN A 936 39.76 -8.74 5.09
CA GLN A 936 40.49 -9.24 3.93
C GLN A 936 41.85 -9.80 4.35
N GLU A 937 42.58 -9.08 5.19
CA GLU A 937 43.89 -9.53 5.65
C GLU A 937 43.79 -10.64 6.69
N THR A 938 42.72 -10.68 7.48
CA THR A 938 42.57 -11.72 8.48
C THR A 938 42.12 -13.05 7.88
N ILE A 939 41.28 -13.01 6.85
CA ILE A 939 40.81 -14.23 6.19
C ILE A 939 41.97 -14.88 5.45
N PRO A 940 42.81 -14.10 4.76
CA PRO A 940 43.94 -14.73 4.05
C PRO A 940 44.97 -15.33 4.98
N ALA A 941 45.35 -14.62 6.03
CA ALA A 941 46.34 -15.15 6.97
C ALA A 941 45.79 -16.34 7.74
N ALA A 942 44.51 -16.27 8.14
CA ALA A 942 43.92 -17.38 8.89
C ALA A 942 43.67 -18.59 7.99
N LEU A 943 43.49 -18.36 6.68
CA LEU A 943 43.25 -19.47 5.76
C LEU A 943 44.56 -20.14 5.36
N SER A 944 45.54 -19.35 4.93
CA SER A 944 46.82 -19.91 4.51
C SER A 944 47.62 -20.42 5.71
N THR A 945 47.37 -19.88 6.90
CA THR A 945 48.09 -20.31 8.09
C THR A 945 47.33 -21.36 8.89
N ILE A 946 46.00 -21.37 8.80
CA ILE A 946 45.21 -22.36 9.55
C ILE A 946 45.46 -23.76 8.99
N LYS A 947 45.08 -23.98 7.73
CA LYS A 947 45.28 -25.27 7.10
C LYS A 947 46.75 -25.52 6.80
N ILE A 948 47.49 -26.01 7.80
CA ILE A 948 48.92 -26.27 7.64
C ILE A 948 49.14 -27.77 7.54
N LYS A 949 49.95 -28.32 8.47
CA LYS A 949 50.25 -29.74 8.46
C LYS A 949 49.00 -30.56 8.74
N ASP A 950 48.57 -30.60 10.00
CA ASP A 950 47.39 -31.36 10.38
C ASP A 950 47.59 -32.85 10.10
N SER A 951 47.43 -33.25 8.84
CA SER A 951 47.60 -34.65 8.46
C SER A 951 46.58 -35.53 9.16
N ASP A 952 46.83 -35.85 10.43
CA ASP A 952 45.93 -36.69 11.19
C ASP A 952 44.57 -36.01 11.34
N LEU A 953 43.58 -36.81 11.76
CA LEU A 953 42.21 -36.33 11.97
C LEU A 953 41.62 -35.83 10.65
N PHE A 954 41.49 -36.77 9.71
CA PHE A 954 40.92 -36.44 8.40
C PHE A 954 39.46 -36.02 8.49
N LEU A 955 38.76 -36.40 9.55
CA LEU A 955 37.35 -36.01 9.70
C LEU A 955 37.23 -34.54 10.06
N ASN A 956 37.88 -34.12 11.15
CA ASN A 956 37.83 -32.72 11.56
C ASN A 956 38.54 -31.83 10.54
N LEU A 957 39.72 -32.25 10.07
CA LEU A 957 40.45 -31.46 9.09
C LEU A 957 39.66 -31.34 7.78
N ARG A 958 39.12 -32.45 7.29
CA ARG A 958 38.34 -32.41 6.06
C ARG A 958 37.06 -31.59 6.24
N ARG A 959 36.49 -31.59 7.45
CA ARG A 959 35.28 -30.81 7.69
C ARG A 959 35.55 -29.32 7.80
N ILE A 960 36.70 -28.94 8.36
CA ILE A 960 37.03 -27.52 8.49
C ILE A 960 37.50 -26.98 7.14
N LEU A 961 38.46 -27.65 6.50
CA LEU A 961 38.95 -27.19 5.21
C LEU A 961 37.86 -27.28 4.15
N LEU A 962 37.16 -28.42 4.07
CA LEU A 962 36.09 -28.56 3.10
C LEU A 962 34.95 -27.60 3.39
N ARG A 963 34.63 -27.38 4.67
CA ARG A 963 33.56 -26.47 5.03
C ARG A 963 33.92 -25.03 4.67
N LEU A 964 35.18 -24.66 4.82
CA LEU A 964 35.60 -23.30 4.48
C LEU A 964 35.68 -23.10 2.97
N LEU A 965 36.18 -24.10 2.25
CA LEU A 965 36.27 -23.98 0.80
C LEU A 965 34.89 -23.97 0.15
N GLN A 966 34.04 -24.93 0.51
CA GLN A 966 32.70 -24.98 -0.05
C GLN A 966 31.80 -23.89 0.51
N TYR A 967 32.14 -23.32 1.66
CA TYR A 967 31.35 -22.26 2.28
C TYR A 967 32.07 -20.93 2.25
N ASN A 968 32.97 -20.74 1.29
CA ASN A 968 33.71 -19.49 1.17
C ASN A 968 32.77 -18.34 0.80
N ASP A 969 32.97 -17.20 1.44
CA ASP A 969 32.15 -16.01 1.19
C ASP A 969 30.68 -16.26 1.55
N ASN A 970 30.44 -17.12 2.53
CA ASN A 970 29.08 -17.44 2.97
C ASN A 970 28.63 -16.59 4.14
N LEU A 971 29.04 -15.32 4.17
CA LEU A 971 28.65 -14.43 5.26
C LEU A 971 28.71 -12.97 4.80
N ASN A 972 29.44 -12.71 3.73
CA ASN A 972 29.57 -11.35 3.21
C ASN A 972 30.11 -11.37 1.78
N ASN A 973 29.44 -12.09 0.89
CA ASN A 973 29.85 -12.17 -0.50
C ASN A 973 29.32 -10.98 -1.28
N ASP A 974 30.22 -10.29 -1.99
CA ASP A 974 29.83 -9.13 -2.78
C ASP A 974 30.65 -9.06 -4.07
N PHE A 975 31.41 -7.98 -4.25
CA PHE A 975 32.23 -7.79 -5.43
C PHE A 975 33.69 -8.14 -5.21
N ASN A 976 34.24 -7.81 -4.03
CA ASN A 976 35.63 -8.10 -3.73
C ASN A 976 35.85 -9.60 -3.57
N ASP A 977 36.16 -10.29 -4.67
CA ASP A 977 36.38 -11.73 -4.65
C ASP A 977 37.81 -12.12 -4.97
N CYS A 978 38.67 -11.17 -5.34
CA CYS A 978 40.06 -11.51 -5.66
C CYS A 978 40.81 -11.96 -4.40
N PHE A 979 40.67 -11.24 -3.30
CA PHE A 979 41.35 -11.61 -2.07
C PHE A 979 40.88 -12.97 -1.57
N TYR A 980 39.57 -13.21 -1.59
CA TYR A 980 39.04 -14.49 -1.15
C TYR A 980 39.43 -15.62 -2.10
N VAL A 981 39.60 -15.31 -3.38
CA VAL A 981 39.98 -16.34 -4.35
C VAL A 981 41.44 -16.73 -4.17
N CYS A 982 42.32 -15.74 -4.04
CA CYS A 982 43.74 -16.02 -3.85
C CYS A 982 43.98 -16.70 -2.50
N SER A 983 43.43 -16.12 -1.43
CA SER A 983 43.62 -16.70 -0.10
C SER A 983 43.00 -18.08 -0.02
N LEU A 984 41.83 -18.27 -0.65
CA LEU A 984 41.18 -19.58 -0.63
C LEU A 984 42.00 -20.61 -1.40
N ILE A 985 42.52 -20.24 -2.56
CA ILE A 985 43.33 -21.16 -3.34
C ILE A 985 44.60 -21.53 -2.60
N ARG A 986 45.24 -20.53 -1.98
CA ARG A 986 46.46 -20.80 -1.22
C ARG A 986 46.18 -21.69 -0.02
N ALA A 987 45.07 -21.46 0.67
CA ALA A 987 44.73 -22.28 1.82
C ALA A 987 44.41 -23.72 1.41
N LEU A 988 43.67 -23.88 0.31
CA LEU A 988 43.34 -25.22 -0.16
C LEU A 988 44.58 -25.96 -0.63
N ALA A 989 45.46 -25.27 -1.36
CA ALA A 989 46.70 -25.91 -1.82
C ALA A 989 47.61 -26.26 -0.65
N ASN A 990 47.63 -25.42 0.38
CA ASN A 990 48.48 -25.69 1.54
C ASN A 990 47.91 -26.83 2.37
N THR A 991 46.57 -26.96 2.43
CA THR A 991 45.97 -28.04 3.20
C THR A 991 46.08 -29.37 2.48
N ILE A 992 45.90 -29.37 1.16
CA ILE A 992 45.99 -30.62 0.41
C ILE A 992 47.45 -31.03 0.22
N VAL A 993 48.36 -30.06 0.18
CA VAL A 993 49.78 -30.38 0.01
C VAL A 993 50.40 -30.79 1.33
N GLU A 994 50.25 -29.96 2.37
CA GLU A 994 50.81 -30.28 3.67
C GLU A 994 50.10 -31.47 4.29
N ALA A 995 48.77 -31.48 4.26
CA ALA A 995 47.99 -32.57 4.83
C ALA A 995 47.83 -33.74 3.87
N GLY A 996 48.26 -33.61 2.62
CA GLY A 996 48.14 -34.67 1.65
C GLY A 996 49.47 -35.06 1.02
N MET A 997 50.58 -34.66 1.65
CA MET A 997 51.89 -34.98 1.11
C MET A 997 52.18 -36.47 1.23
N VAL A 998 51.92 -37.05 2.40
CA VAL A 998 52.16 -38.48 2.60
C VAL A 998 51.13 -39.30 1.85
N LEU A 999 49.85 -39.10 2.17
CA LEU A 999 48.77 -39.83 1.51
C LEU A 999 48.90 -41.33 1.75
N LEU A 1019 41.77 -45.87 3.47
CA LEU A 1019 41.53 -44.62 4.17
C LEU A 1019 40.87 -44.86 5.52
N ASP A 1020 41.63 -44.71 6.60
CA ASP A 1020 41.09 -44.91 7.93
C ASP A 1020 40.22 -43.76 8.40
N ASP A 1021 40.29 -42.60 7.73
CA ASP A 1021 39.50 -41.43 8.09
C ASP A 1021 38.95 -40.76 6.84
N ARG A 1022 38.62 -41.54 5.83
CA ARG A 1022 38.08 -41.03 4.57
C ARG A 1022 39.10 -40.15 3.86
N ILE A 1023 40.37 -40.55 3.90
CA ILE A 1023 41.42 -39.79 3.24
C ILE A 1023 41.24 -39.84 1.72
N ASN A 1024 41.04 -41.04 1.18
CA ASN A 1024 40.84 -41.17 -0.26
C ASN A 1024 39.58 -40.46 -0.71
N ASN A 1025 38.52 -40.52 0.09
CA ASN A 1025 37.28 -39.84 -0.26
C ASN A 1025 37.47 -38.33 -0.23
N ILE A 1026 38.24 -37.82 0.73
CA ILE A 1026 38.49 -36.38 0.80
C ILE A 1026 39.33 -35.92 -0.38
N ASN A 1027 40.36 -36.70 -0.73
CA ASN A 1027 41.21 -36.34 -1.87
C ASN A 1027 40.42 -36.36 -3.17
N ARG A 1028 39.65 -37.42 -3.40
CA ARG A 1028 38.85 -37.51 -4.61
C ARG A 1028 37.81 -36.40 -4.66
N GLU A 1029 37.19 -36.08 -3.52
CA GLU A 1029 36.21 -35.00 -3.48
C GLU A 1029 36.86 -33.66 -3.79
N THR A 1030 38.06 -33.43 -3.28
CA THR A 1030 38.75 -32.17 -3.55
C THR A 1030 39.16 -32.07 -5.02
N VAL A 1031 39.64 -33.17 -5.60
CA VAL A 1031 40.02 -33.16 -7.00
C VAL A 1031 38.81 -32.92 -7.89
N ILE A 1032 37.70 -33.62 -7.61
CA ILE A 1032 36.49 -33.44 -8.41
C ILE A 1032 35.96 -32.01 -8.26
N GLU A 1033 36.04 -31.47 -7.04
CA GLU A 1033 35.57 -30.10 -6.82
C GLU A 1033 36.43 -29.10 -7.59
N PHE A 1034 37.75 -29.31 -7.60
CA PHE A 1034 38.62 -28.40 -8.33
C PHE A 1034 38.40 -28.51 -9.84
N ASN A 1035 38.23 -29.73 -10.34
CA ASN A 1035 37.98 -29.90 -11.78
C ASN A 1035 36.65 -29.28 -12.19
N ARG A 1036 35.60 -29.53 -11.42
CA ARG A 1036 34.29 -28.94 -11.75
C ARG A 1036 34.33 -27.42 -11.64
N ARG A 1037 35.01 -26.90 -10.62
CA ARG A 1037 35.09 -25.45 -10.46
C ARG A 1037 35.86 -24.80 -11.61
N LEU A 1038 36.97 -25.43 -12.02
CA LEU A 1038 37.76 -24.88 -13.11
C LEU A 1038 37.01 -24.97 -14.43
N GLN A 1039 36.32 -26.09 -14.68
CA GLN A 1039 35.57 -26.24 -15.92
C GLN A 1039 34.38 -25.30 -15.96
N LEU A 1040 33.77 -25.01 -14.80
CA LEU A 1040 32.62 -24.11 -14.77
C LEU A 1040 33.06 -22.65 -14.88
N ASP A 1041 34.17 -22.29 -14.26
CA ASP A 1041 34.65 -20.91 -14.32
C ASP A 1041 35.32 -20.60 -15.65
N ALA A 1042 35.87 -21.62 -16.33
CA ALA A 1042 36.52 -21.43 -17.61
C ALA A 1042 35.64 -21.78 -18.80
N ALA A 1043 34.50 -22.43 -18.57
CA ALA A 1043 33.61 -22.81 -19.65
C ALA A 1043 32.46 -21.81 -19.79
N ASP A 1044 31.41 -22.00 -19.00
CA ASP A 1044 30.25 -21.11 -19.02
C ASP A 1044 30.40 -20.00 -17.97
N VAL A 1045 31.47 -19.22 -18.14
CA VAL A 1045 31.77 -18.12 -17.23
C VAL A 1045 32.89 -17.27 -17.82
N SER A 1046 33.46 -16.40 -17.00
CA SER A 1046 34.55 -15.53 -17.45
C SER A 1046 35.33 -15.07 -16.23
N TYR A 1047 36.63 -15.33 -16.22
CA TYR A 1047 37.48 -14.92 -15.11
C TYR A 1047 38.93 -14.90 -15.57
N HIS A 1048 39.80 -14.37 -14.73
CA HIS A 1048 41.22 -14.27 -15.05
C HIS A 1048 42.04 -13.95 -13.80
N THR A 1049 41.36 -13.76 -12.67
CA THR A 1049 42.00 -13.44 -11.41
C THR A 1049 41.71 -14.50 -10.35
N CYS A 1050 41.55 -15.75 -10.77
CA CYS A 1050 41.28 -16.84 -9.84
C CYS A 1050 41.53 -18.19 -10.51
N ILE A 1051 41.38 -18.25 -11.84
CA ILE A 1051 41.60 -19.51 -12.55
C ILE A 1051 43.06 -19.90 -12.50
N SER A 1052 43.97 -18.95 -12.73
CA SER A 1052 45.40 -19.25 -12.70
C SER A 1052 45.84 -19.64 -11.29
N ASP A 1053 45.38 -18.91 -10.28
CA ASP A 1053 45.77 -19.23 -8.91
C ASP A 1053 45.21 -20.58 -8.48
N THR A 1054 43.99 -20.91 -8.92
CA THR A 1054 43.40 -22.19 -8.56
C THR A 1054 44.11 -23.35 -9.26
N ILE A 1055 44.41 -23.19 -10.55
CA ILE A 1055 45.10 -24.25 -11.27
C ILE A 1055 46.50 -24.45 -10.73
N LEU A 1056 47.24 -23.36 -10.50
CA LEU A 1056 48.58 -23.47 -9.96
C LEU A 1056 48.57 -24.05 -8.55
N ASN A 1057 47.60 -23.66 -7.73
CA ASN A 1057 47.51 -24.18 -6.37
C ASN A 1057 47.17 -25.67 -6.37
N GLU A 1058 46.29 -26.09 -7.28
CA GLU A 1058 45.91 -27.49 -7.35
C GLU A 1058 47.07 -28.36 -7.87
N LYS A 1059 47.73 -27.90 -8.94
CA LYS A 1059 48.85 -28.65 -9.48
C LYS A 1059 50.01 -28.72 -8.49
N VAL A 1060 50.32 -27.60 -7.84
CA VAL A 1060 51.40 -27.59 -6.87
C VAL A 1060 51.06 -28.45 -5.66
N ARG A 1061 49.78 -28.40 -5.23
CA ARG A 1061 49.37 -29.20 -4.08
C ARG A 1061 49.38 -30.69 -4.40
N LEU A 1062 49.09 -31.06 -5.65
CA LEU A 1062 49.09 -32.45 -6.06
C LEU A 1062 50.50 -32.91 -6.43
N GLY A 1063 50.93 -32.58 -7.65
CA GLY A 1063 52.26 -32.96 -8.11
C GLY A 1063 52.48 -34.46 -8.14
N SER A 1064 53.20 -34.99 -7.14
CA SER A 1064 53.47 -36.41 -7.09
C SER A 1064 52.18 -37.19 -6.81
N GLU A 1065 52.18 -38.46 -7.21
CA GLU A 1065 51.04 -39.34 -7.02
C GLU A 1065 49.80 -38.84 -7.76
N GLY A 1066 50.01 -38.18 -8.90
CA GLY A 1066 48.93 -37.65 -9.70
C GLY A 1066 48.53 -38.58 -10.83
N LEU A 1067 47.74 -38.04 -11.75
CA LEU A 1067 47.26 -38.81 -12.89
C LEU A 1067 48.41 -39.00 -13.89
N ILE A 1068 48.73 -40.26 -14.18
CA ILE A 1068 49.79 -40.61 -15.12
C ILE A 1068 49.13 -41.32 -16.30
N ASN A 1069 48.91 -40.57 -17.38
CA ASN A 1069 49.28 -39.16 -17.43
C ASN A 1069 48.34 -38.38 -18.35
N PHE A 1070 47.72 -37.34 -17.80
CA PHE A 1070 46.79 -36.50 -18.55
C PHE A 1070 47.21 -35.03 -18.59
N ARG A 1071 48.30 -34.66 -17.92
CA ARG A 1071 48.74 -33.27 -17.93
C ARG A 1071 49.10 -32.83 -19.35
N PHE A 1072 49.84 -33.66 -20.08
CA PHE A 1072 50.20 -33.30 -21.45
C PHE A 1072 49.00 -33.24 -22.37
N PRO A 1073 48.05 -34.18 -22.33
CA PRO A 1073 46.90 -34.06 -23.23
C PRO A 1073 45.97 -32.92 -22.86
N GLU A 1074 45.74 -32.69 -21.56
CA GLU A 1074 44.87 -31.59 -21.15
C GLU A 1074 45.48 -30.25 -21.48
N LEU A 1075 46.75 -30.05 -21.10
CA LEU A 1075 47.41 -28.78 -21.40
C LEU A 1075 47.55 -28.57 -22.90
N LEU A 1076 47.83 -29.64 -23.65
CA LEU A 1076 47.95 -29.51 -25.09
C LEU A 1076 46.61 -29.17 -25.73
N GLN A 1077 45.52 -29.70 -25.19
CA GLN A 1077 44.20 -29.41 -25.74
C GLN A 1077 43.78 -27.98 -25.41
N PHE A 1078 44.01 -27.55 -24.18
CA PHE A 1078 43.65 -26.18 -23.79
C PHE A 1078 44.48 -25.16 -24.56
N THR A 1079 45.80 -25.35 -24.60
CA THR A 1079 46.66 -24.43 -25.33
C THR A 1079 46.36 -24.46 -26.83
N GLN A 1080 46.06 -25.65 -27.37
CA GLN A 1080 45.74 -25.74 -28.79
C GLN A 1080 44.44 -25.04 -29.11
N GLU A 1081 43.45 -25.13 -28.22
CA GLU A 1081 42.17 -24.47 -28.43
C GLU A 1081 42.22 -22.97 -28.17
N LYS A 1082 43.17 -22.52 -27.35
CA LYS A 1082 43.31 -21.09 -27.03
C LYS A 1082 42.06 -20.57 -26.31
N TYR A 1083 41.86 -21.08 -25.10
CA TYR A 1083 40.73 -20.70 -24.26
C TYR A 1083 41.19 -19.61 -23.28
N SER A 1084 40.60 -18.42 -23.41
CA SER A 1084 40.94 -17.30 -22.54
C SER A 1084 42.37 -16.81 -22.81
N VAL A 1085 42.58 -15.51 -22.68
CA VAL A 1085 43.91 -14.96 -22.93
C VAL A 1085 44.89 -15.39 -21.85
N TYR A 1086 44.41 -15.64 -20.64
CA TYR A 1086 45.24 -16.07 -19.52
C TYR A 1086 44.88 -17.52 -19.20
N VAL A 1087 45.56 -18.45 -19.88
CA VAL A 1087 45.33 -19.87 -19.68
C VAL A 1087 46.39 -20.67 -20.44
N ARG A 1088 46.73 -20.20 -21.64
CA ARG A 1088 47.74 -20.90 -22.44
C ARG A 1088 49.11 -20.83 -21.78
N LEU A 1089 49.53 -19.63 -21.38
CA LEU A 1089 50.83 -19.48 -20.73
C LEU A 1089 50.86 -20.22 -19.41
N ALA A 1090 49.77 -20.19 -18.66
CA ALA A 1090 49.73 -20.89 -17.37
C ALA A 1090 49.82 -22.40 -17.57
N GLY A 1091 49.12 -22.93 -18.57
CA GLY A 1091 49.17 -24.36 -18.82
C GLY A 1091 50.53 -24.81 -19.33
N PHE A 1092 51.10 -24.05 -20.26
CA PHE A 1092 52.41 -24.41 -20.80
C PHE A 1092 53.49 -24.32 -19.74
N ARG A 1093 53.50 -23.24 -18.96
CA ARG A 1093 54.49 -23.10 -17.90
C ARG A 1093 54.30 -24.16 -16.82
N GLY A 1094 53.05 -24.46 -16.46
CA GLY A 1094 52.81 -25.48 -15.45
C GLY A 1094 53.22 -26.87 -15.91
N LEU A 1095 52.91 -27.21 -17.15
CA LEU A 1095 53.30 -28.52 -17.66
C LEU A 1095 54.81 -28.64 -17.81
N LEU A 1096 55.44 -27.61 -18.37
CA LEU A 1096 56.90 -27.65 -18.54
C LEU A 1096 57.62 -27.68 -17.19
N LEU A 1097 57.06 -27.00 -16.17
CA LEU A 1097 57.68 -26.98 -14.85
C LEU A 1097 57.29 -28.19 -14.00
N LEU A 1098 56.29 -28.97 -14.42
CA LEU A 1098 55.86 -30.14 -13.67
C LEU A 1098 56.40 -31.45 -14.24
N GLY A 1099 56.55 -31.55 -15.55
CA GLY A 1099 57.05 -32.75 -16.17
C GLY A 1099 58.52 -33.00 -15.85
N GLY A 1100 58.97 -34.20 -16.20
CA GLY A 1100 60.34 -34.58 -15.96
C GLY A 1100 60.63 -36.03 -16.31
N LEU A 1101 59.75 -36.93 -15.88
CA LEU A 1101 59.93 -38.35 -16.16
C LEU A 1101 59.76 -38.63 -17.65
N LYS A 1102 60.47 -39.65 -18.13
CA LYS A 1102 60.41 -40.04 -19.53
C LYS A 1102 60.94 -38.92 -20.43
N ASN A 1103 60.13 -37.87 -20.59
CA ASN A 1103 60.50 -36.73 -21.43
C ASN A 1103 60.64 -37.10 -22.91
N LYS A 1104 59.95 -38.17 -23.32
CA LYS A 1104 60.02 -38.61 -24.71
C LYS A 1104 59.34 -37.57 -25.60
N SER A 1105 60.13 -36.90 -26.44
CA SER A 1105 59.68 -35.87 -27.36
C SER A 1105 59.19 -34.61 -26.65
N ILE A 1106 59.40 -34.51 -25.33
CA ILE A 1106 58.96 -33.33 -24.60
C ILE A 1106 59.75 -32.10 -25.06
N LEU A 1107 61.04 -32.27 -25.35
CA LEU A 1107 61.85 -31.15 -25.80
C LEU A 1107 61.40 -30.68 -27.19
N HIS A 1108 61.05 -31.61 -28.07
CA HIS A 1108 60.60 -31.23 -29.41
C HIS A 1108 59.23 -30.57 -29.37
N TYR A 1109 58.30 -31.14 -28.59
CA TYR A 1109 56.96 -30.56 -28.49
C TYR A 1109 57.02 -29.18 -27.84
N PHE A 1110 57.75 -29.05 -26.74
CA PHE A 1110 57.85 -27.76 -26.07
C PHE A 1110 58.57 -26.75 -26.96
N PHE A 1111 59.59 -27.19 -27.69
CA PHE A 1111 60.31 -26.28 -28.58
C PHE A 1111 59.42 -25.79 -29.71
N SER A 1112 58.66 -26.69 -30.33
CA SER A 1112 57.76 -26.29 -31.41
C SER A 1112 56.66 -25.39 -30.91
N THR A 1113 56.10 -25.69 -29.73
CA THR A 1113 55.04 -24.86 -29.17
C THR A 1113 55.55 -23.48 -28.82
N ALA A 1114 56.75 -23.40 -28.24
CA ALA A 1114 57.31 -22.10 -27.88
C ALA A 1114 57.70 -21.29 -29.13
N LYS A 1115 58.17 -21.98 -30.18
CA LYS A 1115 58.57 -21.29 -31.40
C LYS A 1115 57.38 -20.91 -32.27
N LEU A 1116 56.22 -21.54 -32.08
CA LEU A 1116 55.03 -21.24 -32.86
C LEU A 1116 54.12 -20.25 -32.16
N GLU A 1117 54.01 -20.33 -30.83
CA GLU A 1117 53.16 -19.43 -30.06
C GLU A 1117 54.00 -18.22 -29.63
N LEU A 1118 54.14 -17.27 -30.56
CA LEU A 1118 54.90 -16.05 -30.33
C LEU A 1118 53.97 -14.85 -30.40
N SER A 1119 53.95 -14.06 -29.34
CA SER A 1119 53.09 -12.88 -29.28
C SER A 1119 53.53 -11.94 -28.16
N ALA A 1120 52.75 -11.90 -27.07
CA ALA A 1120 53.07 -11.05 -25.94
C ALA A 1120 53.17 -11.93 -24.72
N LEU A 1121 52.06 -12.31 -24.08
CA LEU A 1121 52.14 -13.16 -22.90
C LEU A 1121 52.63 -14.56 -23.25
N PHE A 1122 52.36 -15.03 -24.47
CA PHE A 1122 52.81 -16.35 -24.87
C PHE A 1122 54.30 -16.35 -25.19
N LYS A 1123 54.78 -15.28 -25.84
CA LYS A 1123 56.21 -15.22 -26.18
C LYS A 1123 57.05 -14.93 -24.94
N ARG A 1124 56.75 -13.84 -24.23
CA ARG A 1124 57.50 -13.51 -23.04
C ARG A 1124 57.30 -14.56 -21.95
N GLY A 1125 56.04 -14.89 -21.66
CA GLY A 1125 55.78 -15.91 -20.66
C GLY A 1125 56.30 -17.28 -21.02
N LEU A 1126 56.36 -17.58 -22.32
CA LEU A 1126 56.87 -18.88 -22.76
C LEU A 1126 58.40 -18.94 -22.67
N ILE A 1127 59.07 -17.83 -22.99
CA ILE A 1127 60.52 -17.81 -22.92
C ILE A 1127 61.00 -17.76 -21.47
N ASP A 1128 60.53 -16.76 -20.72
CA ASP A 1128 60.92 -16.65 -19.32
C ASP A 1128 60.43 -17.84 -18.51
N HIS A 1129 59.16 -18.21 -18.67
CA HIS A 1129 58.62 -19.35 -17.94
C HIS A 1129 59.29 -20.65 -18.36
N PHE A 1130 59.72 -20.75 -19.63
CA PHE A 1130 60.38 -21.96 -20.09
C PHE A 1130 61.80 -22.07 -19.53
N LEU A 1131 62.56 -20.97 -19.56
CA LEU A 1131 63.92 -21.00 -19.02
C LEU A 1131 63.90 -21.20 -17.51
N GLU A 1132 63.07 -20.44 -16.80
CA GLU A 1132 63.00 -20.58 -15.35
C GLU A 1132 62.47 -21.95 -14.96
N ALA A 1133 61.49 -22.47 -15.71
CA ALA A 1133 60.93 -23.77 -15.41
C ALA A 1133 61.96 -24.88 -15.64
N VAL A 1134 62.75 -24.77 -16.71
CA VAL A 1134 63.76 -25.78 -16.99
C VAL A 1134 64.87 -25.72 -15.96
N GLY A 1135 65.31 -24.51 -15.61
CA GLY A 1135 66.38 -24.38 -14.62
C GLY A 1135 65.95 -24.86 -13.24
N VAL A 1136 64.74 -24.49 -12.81
CA VAL A 1136 64.25 -24.91 -11.51
C VAL A 1136 63.99 -26.41 -11.49
N ALA A 1137 63.49 -26.96 -12.60
CA ALA A 1137 63.23 -28.39 -12.65
C ALA A 1137 64.52 -29.20 -12.70
N ALA A 1138 65.57 -28.65 -13.29
CA ALA A 1138 66.85 -29.36 -13.36
C ALA A 1138 67.67 -29.18 -12.11
N LEU A 1139 67.47 -28.09 -11.38
CA LEU A 1139 68.24 -27.83 -10.16
C LEU A 1139 67.56 -26.75 -9.32
N UNK A 1150 77.52 -24.59 -2.73
CA UNK A 1150 76.14 -24.92 -3.10
C UNK A 1150 75.86 -24.55 -4.55
N UNK A 1151 76.21 -23.32 -4.92
CA UNK A 1151 76.00 -22.85 -6.28
C UNK A 1151 76.83 -23.67 -7.28
N UNK A 1152 78.10 -23.88 -6.93
CA UNK A 1152 79.00 -24.64 -7.79
C UNK A 1152 78.51 -26.09 -7.93
N UNK A 1153 78.00 -26.64 -6.83
CA UNK A 1153 77.49 -28.01 -6.84
C UNK A 1153 76.25 -28.12 -7.73
N UNK A 1154 75.36 -27.13 -7.61
CA UNK A 1154 74.15 -27.11 -8.42
C UNK A 1154 74.48 -26.98 -9.90
N UNK A 1155 75.40 -26.08 -10.22
CA UNK A 1155 75.82 -25.86 -11.59
C UNK A 1155 76.47 -27.12 -12.17
N UNK A 1156 77.28 -27.77 -11.36
CA UNK A 1156 77.95 -29.01 -11.77
C UNK A 1156 76.92 -30.11 -12.02
N UNK A 1157 75.90 -30.16 -11.18
CA UNK A 1157 74.84 -31.16 -11.31
C UNK A 1157 74.06 -30.92 -12.61
N UNK A 1158 73.72 -29.66 -12.86
CA UNK A 1158 72.99 -29.30 -14.08
C UNK A 1158 73.81 -29.63 -15.32
N UNK A 1159 75.11 -29.32 -15.26
CA UNK A 1159 76.00 -29.61 -16.37
C UNK A 1159 76.10 -31.12 -16.61
N UNK A 1160 76.11 -31.89 -15.52
CA UNK A 1160 76.17 -33.34 -15.61
C UNK A 1160 74.90 -33.89 -16.25
N UNK A 1161 73.75 -33.35 -15.83
CA UNK A 1161 72.47 -33.77 -16.37
C UNK A 1161 72.39 -33.45 -17.86
N UNK A 1162 72.85 -32.26 -18.23
CA UNK A 1162 72.86 -31.84 -19.64
C UNK A 1162 73.78 -32.73 -20.45
N UNK A 1163 74.90 -33.14 -19.85
CA UNK A 1163 75.85 -34.01 -20.51
C UNK A 1163 75.25 -35.39 -20.74
N UNK A 1164 74.52 -35.89 -19.75
CA UNK A 1164 73.87 -37.19 -19.84
C UNK A 1164 72.72 -37.13 -20.86
N UNK A 1165 72.13 -35.96 -21.01
CA UNK A 1165 71.04 -35.76 -21.96
C UNK A 1165 71.37 -34.67 -22.96
N UNK A 1166 72.49 -34.84 -23.66
CA UNK A 1166 72.94 -33.86 -24.64
C UNK A 1166 72.13 -33.97 -25.93
N UNK A 1167 71.37 -35.06 -26.06
CA UNK A 1167 70.55 -35.29 -27.24
C UNK A 1167 69.47 -34.22 -27.37
N UNK A 1168 69.36 -33.64 -28.56
CA UNK A 1168 68.36 -32.60 -28.82
C UNK A 1168 68.67 -31.34 -28.03
N UNK A 1169 68.96 -30.25 -28.76
CA UNK A 1169 69.26 -28.97 -28.13
C UNK A 1169 68.67 -27.82 -28.93
N UNK A 1170 69.49 -27.21 -29.77
CA UNK A 1170 69.04 -26.10 -30.61
C UNK A 1170 68.59 -24.91 -29.75
N UNK A 1171 69.49 -23.99 -29.38
CA UNK A 1171 70.87 -23.93 -29.86
C UNK A 1171 70.92 -23.64 -31.36
N UNK A 1172 71.06 -24.68 -32.16
CA UNK A 1172 71.03 -24.53 -33.62
C UNK A 1172 69.69 -23.93 -34.05
N UNK A 1173 68.61 -24.59 -33.67
CA UNK A 1173 67.27 -24.16 -34.04
C UNK A 1173 66.76 -23.03 -33.15
N UNK A 1174 66.75 -23.26 -31.83
CA UNK A 1174 66.25 -22.25 -30.90
C UNK A 1174 67.06 -20.96 -31.03
N UNK A 1175 68.37 -21.10 -31.14
CA UNK A 1175 69.26 -19.95 -31.29
C UNK A 1175 69.21 -19.41 -32.72
N UNK A 1176 68.92 -20.28 -33.68
CA UNK A 1176 68.82 -19.89 -35.07
C UNK A 1176 67.49 -19.20 -35.35
N UNK A 1177 66.63 -19.16 -34.34
CA UNK A 1177 65.31 -18.55 -34.48
C UNK A 1177 65.19 -17.34 -33.54
N UNK A 1178 65.92 -17.38 -32.43
CA UNK A 1178 65.89 -16.29 -31.47
C UNK A 1178 66.41 -15.00 -32.10
N UNK A 1179 65.59 -13.96 -32.03
CA UNK A 1179 65.96 -12.66 -32.60
C UNK A 1179 65.58 -11.52 -31.65
N UNK A 1180 66.30 -10.41 -31.77
CA UNK A 1180 66.05 -9.23 -30.93
C UNK A 1180 66.26 -9.58 -29.46
N UNK A 1181 65.23 -9.36 -28.66
CA UNK A 1181 65.29 -9.65 -27.22
C UNK A 1181 65.57 -11.13 -27.00
N UNK A 1182 64.97 -11.98 -27.83
CA UNK A 1182 65.17 -13.42 -27.74
C UNK A 1182 66.56 -13.80 -28.21
N UNK A 1183 67.14 -12.94 -29.06
CA UNK A 1183 68.48 -13.17 -29.58
C UNK A 1183 69.54 -12.84 -28.53
N UNK A 1184 69.32 -11.74 -27.81
CA UNK A 1184 70.24 -11.31 -26.77
C UNK A 1184 70.11 -12.21 -25.54
N UNK A 1185 68.88 -12.36 -25.05
CA UNK A 1185 68.63 -13.19 -23.88
C UNK A 1185 68.97 -14.65 -24.18
N UNK A 1186 68.62 -15.11 -25.38
CA UNK A 1186 68.90 -16.47 -25.79
C UNK A 1186 70.40 -16.66 -26.04
N UNK A 1187 71.08 -15.55 -26.34
CA UNK A 1187 72.51 -15.59 -26.59
C UNK A 1187 73.29 -15.71 -25.27
N UNK A 1188 72.89 -14.91 -24.29
CA UNK A 1188 73.52 -14.94 -22.98
C UNK A 1188 73.20 -16.24 -22.24
N UNK A 1189 71.91 -16.56 -22.18
CA UNK A 1189 71.46 -17.78 -21.53
C UNK A 1189 71.99 -19.02 -22.24
N UNK A 1190 71.99 -18.97 -23.56
CA UNK A 1190 72.49 -20.07 -24.37
C UNK A 1190 73.99 -20.27 -24.15
N UNK A 1191 74.71 -19.16 -24.05
CA UNK A 1191 76.15 -19.19 -23.84
C UNK A 1191 76.47 -19.69 -22.42
N UNK A 1192 75.56 -19.42 -21.49
CA UNK A 1192 75.74 -19.84 -20.11
C UNK A 1192 75.30 -21.29 -19.92
N UNK A 1193 74.55 -21.80 -20.89
CA UNK A 1193 74.07 -23.18 -20.83
C UNK A 1193 74.95 -24.08 -21.67
N UNK A 1194 75.76 -23.48 -22.54
CA UNK A 1194 76.65 -24.24 -23.40
C UNK A 1194 77.94 -24.61 -22.68
N PRO B 104 -53.19 38.87 -5.83
CA PRO B 104 -53.06 37.43 -6.04
C PRO B 104 -52.40 37.09 -7.37
N ALA B 105 -53.02 37.51 -8.48
CA ALA B 105 -52.46 37.24 -9.79
C ALA B 105 -51.12 37.93 -9.97
N THR B 106 -51.04 39.21 -9.58
CA THR B 106 -49.79 39.94 -9.71
C THR B 106 -48.70 39.34 -8.83
N ILE B 107 -49.06 38.91 -7.62
CA ILE B 107 -48.09 38.31 -6.72
C ILE B 107 -47.58 36.99 -7.29
N LYS B 108 -48.49 36.18 -7.84
CA LYS B 108 -48.08 34.90 -8.42
C LYS B 108 -47.18 35.10 -9.64
N ARG B 109 -47.57 36.03 -10.53
CA ARG B 109 -46.75 36.28 -11.71
C ARG B 109 -45.37 36.82 -11.33
N GLY B 110 -45.34 37.76 -10.39
CA GLY B 110 -44.06 38.29 -9.95
C GLY B 110 -43.18 37.25 -9.28
N TYR B 111 -43.78 36.38 -8.47
CA TYR B 111 -43.02 35.33 -7.82
C TYR B 111 -42.48 34.32 -8.84
N SER B 112 -43.30 33.94 -9.81
CA SER B 112 -42.83 33.00 -10.83
C SER B 112 -41.73 33.61 -11.67
N ILE B 113 -41.89 34.88 -12.08
CA ILE B 113 -40.85 35.54 -12.88
C ILE B 113 -39.57 35.66 -12.08
N LEU B 114 -39.67 35.98 -10.79
CA LEU B 114 -38.48 36.09 -9.95
C LEU B 114 -37.79 34.74 -9.81
N LYS B 115 -38.57 33.67 -9.63
CA LYS B 115 -37.98 32.34 -9.51
C LYS B 115 -37.29 31.92 -10.80
N SER B 116 -37.92 32.18 -11.95
CA SER B 116 -37.32 31.82 -13.22
C SER B 116 -36.05 32.62 -13.47
N TRP B 117 -36.07 33.92 -13.19
CA TRP B 117 -34.89 34.75 -13.38
C TRP B 117 -33.76 34.31 -12.45
N CYS B 118 -34.08 34.01 -11.19
CA CYS B 118 -33.06 33.55 -10.26
C CYS B 118 -32.54 32.16 -10.59
N GLU B 119 -33.33 31.35 -11.29
CA GLU B 119 -32.93 30.00 -11.67
C GLU B 119 -32.63 29.89 -13.16
N SER B 120 -32.34 31.01 -13.82
CA SER B 120 -32.03 31.00 -15.25
C SER B 120 -30.77 30.18 -15.52
N SER B 121 -29.60 30.74 -15.21
CA SER B 121 -28.35 30.04 -15.43
C SER B 121 -27.18 30.80 -14.79
N LEU B 122 -27.48 31.59 -13.76
CA LEU B 122 -26.45 32.35 -13.07
C LEU B 122 -25.80 31.51 -11.99
N ASP B 123 -24.47 31.62 -11.89
CA ASP B 123 -23.73 30.87 -10.89
C ASP B 123 -23.68 31.64 -9.57
N PHE B 124 -22.71 32.54 -9.42
CA PHE B 124 -22.59 33.31 -8.19
C PHE B 124 -23.79 34.23 -8.00
N TYR B 125 -24.36 34.75 -9.09
CA TYR B 125 -25.52 35.63 -8.96
C TYR B 125 -26.72 34.91 -8.37
N ARG B 126 -26.81 33.59 -8.57
CA ARG B 126 -27.91 32.81 -8.02
C ARG B 126 -27.71 32.59 -6.53
N PRO B 127 -26.49 32.23 -6.10
CA PRO B 127 -26.25 32.03 -4.66
C PRO B 127 -26.35 33.33 -3.88
N GLU B 128 -25.59 34.34 -4.31
CA GLU B 128 -25.62 35.63 -3.63
C GLU B 128 -27.01 36.27 -3.72
N LEU B 129 -27.66 36.15 -4.88
CA LEU B 129 -28.99 36.72 -5.04
C LEU B 129 -30.01 35.98 -4.17
N GLU B 130 -29.79 34.70 -3.90
CA GLU B 130 -30.71 33.94 -3.07
C GLU B 130 -30.50 34.25 -1.59
N LYS B 131 -29.26 34.12 -1.11
CA LYS B 131 -28.98 34.41 0.29
C LYS B 131 -29.32 35.85 0.63
N PHE B 132 -29.03 36.78 -0.28
CA PHE B 132 -29.35 38.19 -0.07
C PHE B 132 -30.77 38.54 -0.49
N LEU B 133 -31.51 37.60 -1.08
CA LEU B 133 -32.88 37.83 -1.52
C LEU B 133 -33.90 37.08 -0.68
N TYR B 134 -33.47 36.30 0.31
CA TYR B 134 -34.44 35.60 1.15
C TYR B 134 -35.43 36.53 1.84
N PRO B 135 -35.07 37.76 2.22
CA PRO B 135 -36.08 38.64 2.84
C PRO B 135 -37.24 38.97 1.92
N VAL B 136 -37.04 38.90 0.61
CA VAL B 136 -38.15 39.16 -0.32
C VAL B 136 -39.11 37.98 -0.36
N PHE B 137 -38.60 36.76 -0.24
CA PHE B 137 -39.47 35.59 -0.24
C PHE B 137 -40.17 35.42 1.11
N VAL B 138 -39.41 35.46 2.20
CA VAL B 138 -40.02 35.33 3.53
C VAL B 138 -40.95 36.51 3.80
N HIS B 139 -40.44 37.73 3.60
CA HIS B 139 -41.28 38.92 3.80
C HIS B 139 -42.43 38.95 2.81
N CYS B 140 -42.26 38.35 1.64
CA CYS B 140 -43.35 38.30 0.66
C CYS B 140 -44.47 37.38 1.12
N TYR B 141 -44.12 36.17 1.56
CA TYR B 141 -45.14 35.25 2.06
C TYR B 141 -45.81 35.79 3.31
N LEU B 142 -45.02 36.34 4.25
CA LEU B 142 -45.59 36.90 5.45
C LEU B 142 -46.51 38.08 5.14
N ASP B 143 -46.11 38.91 4.17
CA ASP B 143 -46.93 40.05 3.79
C ASP B 143 -48.24 39.59 3.14
N LEU B 144 -48.16 38.56 2.29
CA LEU B 144 -49.37 38.04 1.66
C LEU B 144 -50.31 37.43 2.68
N ILE B 145 -49.77 36.64 3.61
CA ILE B 145 -50.62 36.03 4.64
C ILE B 145 -51.22 37.11 5.53
N ALA B 146 -50.46 38.16 5.82
CA ALA B 146 -50.97 39.26 6.64
C ALA B 146 -52.00 40.11 5.91
N ARG B 147 -51.95 40.14 4.57
CA ARG B 147 -52.90 40.92 3.79
C ARG B 147 -54.18 40.15 3.49
N GLY B 148 -54.10 38.83 3.33
CA GLY B 148 -55.27 38.03 3.06
C GLY B 148 -55.21 37.33 1.71
N TYR B 149 -55.20 35.99 1.73
CA TYR B 149 -55.13 35.21 0.50
C TYR B 149 -55.28 33.73 0.82
N PRO B 150 -56.50 33.20 0.85
CA PRO B 150 -56.66 31.77 1.15
C PRO B 150 -56.15 30.88 0.03
N SER B 151 -56.86 30.87 -1.11
CA SER B 151 -56.44 30.06 -2.24
C SER B 151 -55.12 30.56 -2.82
N HIS B 152 -54.96 31.88 -2.93
CA HIS B 152 -53.72 32.43 -3.47
C HIS B 152 -52.54 32.10 -2.58
N ALA B 153 -52.69 32.30 -1.26
CA ALA B 153 -51.61 31.98 -0.33
C ALA B 153 -51.34 30.49 -0.28
N ARG B 154 -52.36 29.66 -0.51
CA ARG B 154 -52.17 28.21 -0.49
C ARG B 154 -51.40 27.74 -1.73
N GLU B 155 -51.80 28.23 -2.91
CA GLU B 155 -51.11 27.83 -4.13
C GLU B 155 -49.68 28.39 -4.16
N PHE B 156 -49.52 29.68 -3.86
CA PHE B 156 -48.19 30.28 -3.86
C PHE B 156 -47.31 29.64 -2.79
N TYR B 157 -47.86 29.42 -1.59
CA TYR B 157 -47.09 28.80 -0.53
C TYR B 157 -46.71 27.37 -0.88
N ASP B 158 -47.58 26.65 -1.60
CA ASP B 158 -47.27 25.28 -1.98
C ASP B 158 -46.22 25.23 -3.07
N LYS B 159 -46.28 26.16 -4.03
CA LYS B 159 -45.29 26.19 -5.10
C LYS B 159 -43.93 26.61 -4.58
N PHE B 160 -43.88 27.72 -3.83
CA PHE B 160 -42.60 28.18 -3.30
C PHE B 160 -42.04 27.19 -2.28
N SER B 161 -42.90 26.65 -1.42
CA SER B 161 -42.44 25.68 -0.43
C SER B 161 -41.92 24.42 -1.10
N LYS B 162 -42.64 23.92 -2.11
CA LYS B 162 -42.19 22.72 -2.81
C LYS B 162 -40.89 22.98 -3.56
N ASP B 163 -40.73 24.18 -4.13
CA ASP B 163 -39.50 24.51 -4.85
C ASP B 163 -38.33 24.68 -3.90
N HIS B 164 -38.58 25.15 -2.67
CA HIS B 164 -37.49 25.32 -1.71
C HIS B 164 -37.13 24.01 -1.02
N SER B 165 -38.08 23.11 -0.85
CA SER B 165 -37.83 21.81 -0.20
C SER B 165 -37.43 22.09 1.25
N VAL B 166 -36.46 21.38 1.80
CA VAL B 166 -36.04 21.60 3.18
C VAL B 166 -35.35 22.95 3.27
N LEU B 167 -35.94 23.87 4.05
CA LEU B 167 -35.37 25.20 4.22
C LEU B 167 -36.06 25.93 5.37
N HIS B 168 -37.31 25.56 5.65
CA HIS B 168 -38.07 26.19 6.73
C HIS B 168 -39.36 25.43 7.01
N GLU B 169 -39.23 24.18 7.47
CA GLU B 169 -40.41 23.39 7.77
C GLU B 169 -41.19 23.97 8.94
N TYR B 170 -40.49 24.34 10.01
CA TYR B 170 -41.16 24.92 11.17
C TYR B 170 -41.84 26.24 10.81
N GLU B 171 -41.14 27.10 10.06
CA GLU B 171 -41.74 28.38 9.67
C GLU B 171 -42.91 28.19 8.71
N ILE B 172 -42.87 27.14 7.89
CA ILE B 172 -43.96 26.90 6.95
C ILE B 172 -45.18 26.33 7.68
N SER B 173 -44.94 25.51 8.71
CA SER B 173 -46.04 24.92 9.47
C SER B 173 -46.68 25.95 10.40
N LYS B 174 -45.87 26.55 11.27
CA LYS B 174 -46.40 27.56 12.19
C LYS B 174 -46.91 28.77 11.43
N LEU B 175 -46.14 29.28 10.48
CA LEU B 175 -46.57 30.43 9.70
C LEU B 175 -47.75 30.09 8.79
N GLY B 176 -47.88 28.82 8.39
CA GLY B 176 -48.97 28.40 7.54
C GLY B 176 -50.23 27.98 8.26
N GLY B 177 -50.17 27.83 9.58
CA GLY B 177 -51.32 27.44 10.37
C GLY B 177 -52.33 28.52 10.63
N ILE B 178 -52.22 29.66 9.97
CA ILE B 178 -53.16 30.76 10.16
C ILE B 178 -54.48 30.42 9.49
N SER B 179 -55.46 31.32 9.60
CA SER B 179 -56.77 31.11 8.99
C SER B 179 -57.62 32.37 9.05
N LEU B 180 -58.33 32.55 10.17
CA LEU B 180 -59.19 33.72 10.34
C LEU B 180 -58.36 34.96 10.64
N LYS B 181 -58.89 35.84 11.50
CA LYS B 181 -58.18 37.06 11.86
C LYS B 181 -56.88 36.77 12.59
N GLU B 182 -56.77 35.63 13.28
CA GLU B 182 -55.56 35.28 14.01
C GLU B 182 -54.54 34.63 13.06
N HIS B 183 -54.11 35.43 12.08
CA HIS B 183 -53.14 34.99 11.07
C HIS B 183 -51.84 35.74 11.28
N LEU B 184 -50.74 35.00 11.31
CA LEU B 184 -49.41 35.58 11.51
C LEU B 184 -49.29 36.30 12.84
N GLN B 185 -49.99 35.81 13.86
CA GLN B 185 -49.98 36.40 15.20
C GLN B 185 -50.15 35.27 16.22
N GLU B 186 -49.08 34.50 16.43
CA GLU B 186 -49.07 33.38 17.38
C GLU B 186 -47.71 33.38 18.08
N ASN B 187 -47.61 34.16 19.16
CA ASN B 187 -46.41 34.20 19.99
C ASN B 187 -45.13 34.23 19.16
N ASP B 188 -44.28 33.21 19.33
CA ASP B 188 -43.06 33.13 18.54
C ASP B 188 -43.36 33.13 17.06
N VAL B 189 -44.45 32.46 16.65
CA VAL B 189 -44.87 32.49 15.25
C VAL B 189 -45.26 33.90 14.85
N ALA B 190 -45.79 34.69 15.79
CA ALA B 190 -46.13 36.08 15.49
C ALA B 190 -44.88 36.92 15.29
N LYS B 191 -43.92 36.81 16.19
CA LYS B 191 -42.69 37.58 16.07
C LYS B 191 -41.93 37.21 14.80
N ILE B 192 -41.82 35.91 14.53
CA ILE B 192 -41.11 35.45 13.34
C ILE B 192 -41.86 35.90 12.08
N PHE B 193 -43.19 35.83 12.12
CA PHE B 193 -43.99 36.24 10.97
C PHE B 193 -43.97 37.75 10.75
N ARG B 194 -43.63 38.54 11.78
CA ARG B 194 -43.57 39.99 11.70
C ARG B 194 -42.41 40.48 12.55
N SER B 195 -41.19 40.20 12.10
CA SER B 195 -39.99 40.61 12.83
C SER B 195 -38.84 40.87 11.86
N HIS B 196 -37.64 40.42 12.22
CA HIS B 196 -36.47 40.62 11.38
C HIS B 196 -36.50 39.65 10.21
N LYS B 197 -35.45 39.68 9.39
CA LYS B 197 -35.35 38.81 8.22
C LYS B 197 -33.99 38.13 8.19
N PHE B 198 -33.06 38.70 7.42
CA PHE B 198 -31.71 38.13 7.30
C PHE B 198 -30.75 39.23 6.88
N LYS B 199 -29.47 39.01 7.16
CA LYS B 199 -28.42 39.96 6.82
C LYS B 199 -27.98 39.70 5.38
N VAL B 200 -28.52 40.49 4.45
CA VAL B 200 -28.18 40.34 3.04
C VAL B 200 -26.76 40.86 2.82
N LEU B 201 -25.85 39.97 2.44
CA LEU B 201 -24.46 40.35 2.19
C LEU B 201 -24.11 40.17 0.72
N ILE B 202 -24.89 40.76 -0.17
CA ILE B 202 -24.65 40.66 -1.61
C ILE B 202 -23.57 41.67 -2.01
N GLY B 203 -23.72 42.26 -3.20
CA GLY B 203 -22.77 43.23 -3.69
C GLY B 203 -23.43 44.18 -4.65
N ARG B 204 -22.61 45.06 -5.24
CA ARG B 204 -23.13 46.03 -6.19
C ARG B 204 -23.71 45.35 -7.44
N THR B 205 -23.11 44.23 -7.86
CA THR B 205 -23.61 43.53 -9.04
C THR B 205 -24.97 42.90 -8.76
N THR B 206 -25.09 42.17 -7.65
CA THR B 206 -26.36 41.54 -7.31
C THR B 206 -27.44 42.59 -7.06
N PHE B 207 -27.10 43.66 -6.33
CA PHE B 207 -28.08 44.71 -6.07
C PHE B 207 -28.51 45.40 -7.36
N ASN B 208 -27.57 45.62 -8.27
CA ASN B 208 -27.90 46.28 -9.54
C ASN B 208 -28.78 45.38 -10.40
N LEU B 209 -28.47 44.08 -10.44
CA LEU B 209 -29.28 43.15 -11.23
C LEU B 209 -30.69 43.04 -10.66
N LEU B 210 -30.80 42.87 -9.34
CA LEU B 210 -32.12 42.76 -8.72
C LEU B 210 -32.91 44.04 -8.90
N LEU B 211 -32.27 45.19 -8.73
CA LEU B 211 -32.97 46.47 -8.91
C LEU B 211 -33.40 46.65 -10.35
N TYR B 212 -32.59 46.18 -11.31
CA TYR B 212 -32.96 46.30 -12.72
C TYR B 212 -34.14 45.39 -13.06
N PHE B 213 -34.11 44.15 -12.57
CA PHE B 213 -35.21 43.23 -12.85
C PHE B 213 -36.50 43.73 -12.20
N LEU B 214 -36.43 44.14 -10.94
CA LEU B 214 -37.62 44.64 -10.26
C LEU B 214 -38.14 45.90 -10.93
N ASN B 215 -37.24 46.79 -11.35
CA ASN B 215 -37.67 48.01 -12.03
C ASN B 215 -38.33 47.70 -13.37
N GLU B 216 -37.80 46.71 -14.09
CA GLU B 216 -38.38 46.33 -15.37
C GLU B 216 -39.74 45.64 -15.19
N ASN B 217 -39.91 44.90 -14.09
CA ASN B 217 -41.18 44.22 -13.85
C ASN B 217 -42.23 45.20 -13.33
N ASP B 218 -42.04 45.71 -12.12
CA ASP B 218 -42.97 46.67 -11.53
C ASP B 218 -44.34 46.03 -11.33
N ALA B 219 -44.63 45.58 -10.12
CA ALA B 219 -45.91 44.96 -9.81
C ALA B 219 -46.11 44.81 -8.31
N VAL B 220 -46.98 43.88 -7.90
CA VAL B 220 -47.23 43.68 -6.48
C VAL B 220 -45.96 43.19 -5.78
N GLY B 221 -45.12 42.42 -6.47
CA GLY B 221 -43.89 41.95 -5.86
C GLY B 221 -42.93 43.08 -5.55
N GLY B 222 -42.72 43.98 -6.51
CA GLY B 222 -41.82 45.09 -6.28
C GLY B 222 -42.39 46.12 -5.30
N GLY B 223 -43.65 46.48 -5.47
CA GLY B 223 -44.29 47.43 -4.59
C GLY B 223 -44.40 46.95 -3.16
N VAL B 224 -45.01 45.78 -2.97
CA VAL B 224 -45.15 45.23 -1.62
C VAL B 224 -43.79 44.86 -1.05
N VAL B 225 -42.84 44.49 -1.90
CA VAL B 225 -41.50 44.13 -1.41
C VAL B 225 -40.80 45.37 -0.87
N LEU B 226 -40.87 46.47 -1.62
CA LEU B 226 -40.22 47.70 -1.15
C LEU B 226 -40.94 48.29 0.06
N ARG B 227 -42.27 48.24 0.07
CA ARG B 227 -43.03 48.77 1.20
C ARG B 227 -42.74 47.98 2.46
N LEU B 228 -42.78 46.65 2.36
CA LEU B 228 -42.51 45.81 3.53
C LEU B 228 -41.06 45.92 3.97
N ILE B 229 -40.13 46.04 3.01
CA ILE B 229 -38.72 46.16 3.35
C ILE B 229 -38.43 47.51 3.98
N ASN B 230 -39.24 48.53 3.68
CA ASN B 230 -39.06 49.86 4.22
C ASN B 230 -39.96 50.14 5.42
N GLN B 231 -40.82 49.18 5.82
CA GLN B 231 -41.72 49.35 6.95
C GLN B 231 -41.74 48.12 7.84
N TYR B 232 -40.74 47.24 7.74
CA TYR B 232 -40.68 46.05 8.55
C TYR B 232 -39.25 45.66 8.85
N ILE B 233 -38.43 45.48 7.81
CA ILE B 233 -37.03 45.11 8.00
C ILE B 233 -36.22 46.26 8.57
N GLU B 234 -36.69 47.50 8.41
CA GLU B 234 -35.98 48.66 8.91
C GLU B 234 -36.49 49.03 10.31
N PRO B 235 -36.75 48.04 11.17
CA PRO B 235 -37.26 48.37 12.51
C PRO B 235 -36.19 48.91 13.44
N VAL B 236 -34.90 48.67 13.15
CA VAL B 236 -33.82 49.16 13.99
C VAL B 236 -32.74 49.77 13.12
N ILE B 237 -32.29 49.02 12.11
CA ILE B 237 -31.25 49.50 11.20
C ILE B 237 -31.15 48.54 10.02
N THR B 238 -30.12 48.72 9.19
CA THR B 238 -29.91 47.87 8.03
C THR B 238 -28.53 48.08 7.44
N THR B 239 -28.44 48.86 6.37
CA THR B 239 -27.17 49.14 5.72
C THR B 239 -26.91 50.64 5.63
N SER B 335 -16.87 19.32 46.18
CA SER B 335 -17.79 19.97 47.10
C SER B 335 -17.08 21.05 47.92
N ASP B 336 -17.76 21.54 48.95
CA ASP B 336 -17.22 22.57 49.83
C ASP B 336 -17.38 22.14 51.28
N GLU B 337 -16.33 22.35 52.08
CA GLU B 337 -16.32 21.99 53.49
C GLU B 337 -16.34 23.28 54.30
N ASN B 338 -17.51 23.64 54.82
CA ASN B 338 -17.66 24.85 55.61
C ASN B 338 -17.06 24.66 57.00
N ASN B 339 -17.08 25.71 57.80
CA ASN B 339 -16.54 25.67 59.15
C ASN B 339 -17.44 24.82 60.04
N PRO B 340 -18.75 24.82 59.82
CA PRO B 340 -19.66 24.00 60.63
C PRO B 340 -19.90 22.61 60.04
N SER B 341 -18.81 21.88 59.83
CA SER B 341 -18.91 20.55 59.26
C SER B 341 -19.39 19.55 60.32
N LYS B 342 -19.84 18.39 59.84
CA LYS B 342 -20.34 17.33 60.72
C LYS B 342 -19.21 16.44 61.26
N ASP B 343 -18.02 16.49 60.68
CA ASP B 343 -16.90 15.67 61.14
C ASP B 343 -17.20 14.19 60.98
N THR B 344 -18.08 13.65 61.84
CA THR B 344 -18.42 12.24 61.76
C THR B 344 -19.07 11.89 60.43
N LEU B 345 -19.91 12.78 59.90
CA LEU B 345 -20.58 12.53 58.63
C LEU B 345 -19.56 12.48 57.49
N PRO B 346 -18.48 13.26 57.58
CA PRO B 346 -17.48 13.22 56.50
C PRO B 346 -16.80 11.86 56.37
N LEU B 347 -16.42 11.24 57.49
CA LEU B 347 -15.78 9.93 57.41
C LEU B 347 -16.75 8.86 56.91
N PRO B 348 -17.98 8.76 57.41
CA PRO B 348 -18.88 7.73 56.88
C PRO B 348 -19.29 7.97 55.44
N LEU B 349 -19.56 9.23 55.07
CA LEU B 349 -19.93 9.52 53.69
C LEU B 349 -18.78 9.24 52.73
N LYS B 350 -17.58 9.71 53.08
CA LYS B 350 -16.43 9.46 52.22
C LYS B 350 -16.08 7.99 52.14
N SER B 351 -16.26 7.24 53.24
CA SER B 351 -15.97 5.82 53.22
C SER B 351 -16.98 5.06 52.37
N ALA B 352 -18.27 5.38 52.52
CA ALA B 352 -19.30 4.72 51.72
C ALA B 352 -19.15 5.03 50.24
N GLN B 353 -18.98 6.31 49.91
CA GLN B 353 -18.81 6.70 48.51
C GLN B 353 -17.47 6.23 47.94
N ASP B 354 -16.50 5.92 48.81
CA ASP B 354 -15.18 5.44 48.37
C ASP B 354 -14.72 4.39 49.38
N LEU B 355 -15.24 3.17 49.22
CA LEU B 355 -14.90 2.08 50.12
C LEU B 355 -13.48 1.55 49.89
N ARG B 356 -12.79 2.03 48.86
CA ARG B 356 -11.42 1.56 48.61
C ARG B 356 -10.47 1.96 49.72
N ASN B 357 -10.77 3.06 50.42
CA ASN B 357 -9.92 3.53 51.50
C ASN B 357 -10.37 2.93 52.84
N ASP B 358 -17.69 9.76 42.89
CA ASP B 358 -17.24 10.09 44.24
C ASP B 358 -15.75 9.82 44.40
N ILE B 359 -13.85 8.38 41.66
CA ILE B 359 -12.42 8.26 41.91
C ILE B 359 -12.06 6.80 42.19
N ALA B 360 -13.03 6.04 42.67
CA ALA B 360 -12.80 4.63 42.98
C ALA B 360 -12.71 3.76 41.73
N MET B 361 -13.13 4.26 40.57
CA MET B 361 -13.07 3.51 39.33
C MET B 361 -11.75 3.70 38.58
N ILE B 362 -10.68 4.11 39.28
CA ILE B 362 -9.40 4.30 38.63
C ILE B 362 -8.83 2.96 38.15
N GLN B 363 -8.94 1.92 38.97
CA GLN B 363 -8.43 0.61 38.58
C GLN B 363 -9.23 0.03 37.42
N ASP B 364 -10.56 0.16 37.47
CA ASP B 364 -11.40 -0.37 36.39
C ASP B 364 -11.17 0.38 35.09
N SER B 365 -11.03 1.71 35.17
CA SER B 365 -10.81 2.49 33.96
C SER B 365 -9.43 2.23 33.38
N ARG B 366 -8.41 2.13 34.24
CA ARG B 366 -7.06 1.86 33.75
C ARG B 366 -6.91 0.45 33.22
N ALA B 367 -7.68 -0.49 33.76
CA ALA B 367 -7.62 -1.89 33.33
C ALA B 367 -8.65 -2.22 32.25
N LYS B 368 -9.48 -1.25 31.85
CA LYS B 368 -10.49 -1.48 30.82
C LYS B 368 -10.26 -0.60 29.60
N ILE B 369 -10.17 0.72 29.78
CA ILE B 369 -9.96 1.62 28.65
C ILE B 369 -8.46 1.76 28.36
N LYS B 370 -5.60 2.50 30.94
CA LYS B 370 -4.62 1.86 30.08
C LYS B 370 -5.29 0.84 29.16
N LEU B 371 -4.83 0.79 27.91
CA LEU B 371 -5.38 -0.14 26.93
C LEU B 371 -4.82 -1.54 27.15
N SER B 372 -4.42 -2.21 26.06
CA SER B 372 -3.87 -3.55 26.15
C SER B 372 -2.34 -3.51 26.14
N ALA B 373 -6.47 -4.16 30.85
CA ALA B 373 -6.62 -5.12 29.76
C ALA B 373 -7.60 -4.61 28.70
N ALA B 374 -8.48 -5.51 28.24
CA ALA B 374 -9.47 -5.17 27.23
C ALA B 374 -10.86 -4.98 27.82
N GLN B 375 -10.95 -4.67 29.12
CA GLN B 375 -12.20 -4.46 29.83
C GLN B 375 -13.01 -5.73 30.01
N ALA B 376 -12.46 -6.88 29.64
CA ALA B 376 -13.17 -8.16 29.77
C ALA B 376 -14.42 -8.11 28.89
N SER B 377 -15.49 -8.78 29.29
CA SER B 377 -16.73 -8.80 28.53
C SER B 377 -17.89 -8.98 29.51
N LEU B 378 -19.00 -9.51 29.02
CA LEU B 378 -20.18 -9.74 29.84
C LEU B 378 -21.20 -10.50 29.00
N PRO B 379 -22.12 -11.23 29.65
CA PRO B 379 -23.13 -11.98 28.90
C PRO B 379 -24.53 -11.45 29.11
N SER B 380 -25.11 -10.84 28.08
CA SER B 380 -26.46 -10.27 28.14
C SER B 380 -27.53 -11.28 27.75
N VAL B 381 -27.42 -12.52 28.25
CA VAL B 381 -28.40 -13.56 27.94
C VAL B 381 -29.70 -13.26 28.66
N CYS B 382 -29.73 -13.50 29.97
CA CYS B 382 -30.92 -13.25 30.77
C CYS B 382 -30.49 -13.16 32.24
N MET B 383 -31.46 -12.84 33.10
CA MET B 383 -31.19 -12.72 34.52
C MET B 383 -32.49 -12.73 35.32
N TYR B 384 -33.53 -12.09 34.78
CA TYR B 384 -34.82 -12.03 35.45
C TYR B 384 -35.90 -11.49 34.51
N THR B 385 -36.93 -12.29 34.26
CA THR B 385 -38.01 -11.88 33.38
C THR B 385 -39.00 -10.99 34.14
N PHE B 386 -39.40 -9.89 33.52
CA PHE B 386 -40.33 -8.95 34.11
C PHE B 386 -41.43 -8.62 33.11
N HIS B 387 -42.67 -8.62 33.60
CA HIS B 387 -43.83 -8.32 32.75
C HIS B 387 -44.43 -6.95 33.00
N ASN B 388 -44.11 -6.30 34.12
CA ASN B 388 -44.65 -4.99 34.42
C ASN B 388 -46.17 -5.03 34.54
N THR B 389 -46.82 -3.89 34.37
CA THR B 389 -48.27 -3.82 34.47
C THR B 389 -48.91 -4.26 33.15
N ASN B 390 -50.22 -4.51 33.21
CA ASN B 390 -50.94 -4.93 32.02
C ASN B 390 -51.05 -3.81 31.00
N ASN B 391 -51.04 -2.56 31.45
CA ASN B 391 -51.14 -1.42 30.56
C ASN B 391 -49.79 -1.16 29.88
N ASP B 392 -49.80 -0.23 28.94
CA ASP B 392 -48.58 0.12 28.21
C ASP B 392 -47.61 0.85 29.13
N LEU B 393 -46.38 0.35 29.20
CA LEU B 393 -45.37 0.96 30.04
C LEU B 393 -44.98 2.34 29.51
N THR B 394 -44.62 3.23 30.44
CA THR B 394 -44.22 4.58 30.07
C THR B 394 -42.71 4.72 30.04
N CYS B 395 -42.07 4.62 31.21
CA CYS B 395 -40.62 4.72 31.31
C CYS B 395 -40.12 3.71 32.33
N LEU B 396 -38.79 3.65 32.48
CA LEU B 396 -38.17 2.74 33.42
C LEU B 396 -36.67 3.04 33.55
N LYS B 397 -36.22 3.25 34.79
CA LYS B 397 -34.82 3.56 35.06
C LYS B 397 -34.41 2.87 36.35
N PHE B 398 -33.23 2.26 36.33
CA PHE B 398 -32.70 1.55 37.49
C PHE B 398 -31.87 2.50 38.35
N ASN B 399 -32.05 2.41 39.66
CA ASN B 399 -31.35 3.25 40.61
C ASN B 399 -30.31 2.41 41.37
N ASP B 400 -29.42 3.12 42.06
CA ASP B 400 -28.37 2.47 42.84
C ASP B 400 -27.43 1.68 41.93
N ASP B 401 -26.54 0.88 42.54
CA ASP B 401 -25.59 0.07 41.78
C ASP B 401 -26.22 -1.28 41.45
N SER B 402 -27.16 -1.25 40.51
CA SER B 402 -27.87 -2.46 40.07
C SER B 402 -28.68 -3.07 41.21
N THR B 403 -29.21 -2.23 42.10
CA THR B 403 -30.00 -2.70 43.24
C THR B 403 -31.42 -2.16 43.23
N MET B 404 -31.62 -0.91 42.87
CA MET B 404 -32.94 -0.30 42.83
C MET B 404 -33.48 -0.27 41.40
N VAL B 405 -34.80 -0.19 41.29
CA VAL B 405 -35.46 -0.16 39.99
C VAL B 405 -36.71 0.70 40.12
N ALA B 406 -36.99 1.49 39.08
CA ALA B 406 -38.15 2.38 39.04
C ALA B 406 -38.82 2.20 37.68
N SER B 407 -39.91 1.44 37.65
CA SER B 407 -40.67 1.19 36.43
C SER B 407 -41.94 2.02 36.47
N GLY B 408 -41.96 3.09 35.67
CA GLY B 408 -43.11 3.97 35.62
C GLY B 408 -44.11 3.59 34.53
N PHE B 409 -45.26 3.06 34.93
CA PHE B 409 -46.28 2.66 33.99
C PHE B 409 -47.07 3.86 33.50
N GLN B 410 -47.28 3.94 32.19
CA GLN B 410 -48.01 5.07 31.61
C GLN B 410 -49.41 5.23 32.18
N ASP B 411 -50.01 4.16 32.70
CA ASP B 411 -51.34 4.22 33.29
C ASP B 411 -51.36 4.88 34.67
N SER B 412 -50.67 6.00 34.82
CA SER B 412 -50.60 6.72 36.10
C SER B 412 -49.96 5.84 37.18
N PHE B 413 -48.92 5.10 36.82
CA PHE B 413 -48.23 4.22 37.73
C PHE B 413 -46.74 4.52 37.71
N ILE B 414 -46.07 4.12 38.80
CA ILE B 414 -44.62 4.33 38.92
C ILE B 414 -44.09 3.43 40.02
N LYS B 415 -44.12 2.12 39.80
CA LYS B 415 -43.63 1.17 40.79
C LYS B 415 -42.11 1.26 40.90
N LEU B 416 -41.58 0.60 41.94
CA LEU B 416 -40.14 0.58 42.20
C LEU B 416 -39.78 -0.85 42.62
N TRP B 417 -39.16 -1.60 41.71
CA TRP B 417 -38.76 -2.96 41.98
C TRP B 417 -37.34 -3.00 42.57
N SER B 418 -36.97 -4.19 43.04
CA SER B 418 -35.66 -4.40 43.65
C SER B 418 -34.64 -4.98 42.67
N ILE B 419 -34.99 -5.08 41.39
CA ILE B 419 -34.09 -5.59 40.37
C ILE B 419 -33.81 -7.07 40.66
N ASP B 420 -32.98 -7.34 41.66
CA ASP B 420 -32.62 -8.70 42.02
C ASP B 420 -33.82 -9.37 42.68
N GLY B 421 -33.57 -10.50 43.35
CA GLY B 421 -34.62 -11.24 44.02
C GLY B 421 -35.27 -10.48 45.16
N SER B 422 -34.85 -10.77 46.38
CA SER B 422 -35.40 -10.11 47.56
C SER B 422 -34.44 -10.25 48.74
N PRO B 423 -33.58 -9.27 48.99
CA PRO B 423 -32.66 -9.37 50.11
C PRO B 423 -33.35 -9.12 51.44
N LEU B 424 -32.82 -9.79 52.49
CA LEU B 424 -33.39 -9.63 53.82
C LEU B 424 -33.21 -8.22 54.35
N ARG B 425 -32.14 -7.54 53.95
CA ARG B 425 -31.88 -6.17 54.40
C ARG B 425 -31.71 -6.14 55.92
N SER B 426 -31.95 -4.97 56.52
CA SER B 426 -31.81 -4.80 57.96
C SER B 426 -32.86 -3.81 58.44
N LEU B 427 -32.89 -3.58 59.75
CA LEU B 427 -33.83 -2.65 60.35
C LEU B 427 -33.33 -1.22 60.38
N LEU B 428 -32.06 -0.99 60.03
CA LEU B 428 -31.48 0.36 60.02
C LEU B 428 -31.38 0.90 58.61
N LYS B 429 -32.48 0.84 57.86
CA LYS B 429 -32.49 1.34 56.48
C LYS B 429 -33.91 1.42 55.95
N ASN B 430 -34.30 0.45 55.12
CA ASN B 430 -35.64 0.41 54.56
C ASN B 430 -36.69 -0.09 55.53
N ASP B 431 -36.29 -0.66 56.66
CA ASP B 431 -37.22 -1.17 57.65
C ASP B 431 -38.07 -2.29 57.05
N PRO B 432 -39.39 -2.13 57.00
CA PRO B 432 -40.23 -3.19 56.42
C PRO B 432 -41.62 -2.68 56.06
N TYR B 433 -42.13 -3.12 54.91
CA TYR B 433 -43.45 -2.71 54.44
C TYR B 433 -44.50 -3.80 54.69
N ASN B 434 -44.26 -5.00 54.16
CA ASN B 434 -45.18 -6.12 54.33
C ASN B 434 -46.55 -5.81 53.69
N GLN B 435 -46.53 -5.75 52.36
CA GLN B 435 -47.73 -5.45 51.59
C GLN B 435 -47.59 -5.96 50.16
N GLN B 436 -46.45 -5.68 49.54
CA GLN B 436 -46.20 -6.10 48.16
C GLN B 436 -46.02 -7.61 48.13
N ASN B 437 -47.11 -8.33 47.82
CA ASN B 437 -47.07 -9.79 47.75
C ASN B 437 -47.38 -10.30 46.35
N ASN B 438 -47.12 -9.49 45.32
CA ASN B 438 -47.37 -9.90 43.94
C ASN B 438 -46.31 -10.84 43.40
N ASP B 439 -45.19 -11.03 44.11
CA ASP B 439 -44.13 -11.92 43.66
C ASP B 439 -43.56 -11.44 42.33
N GLY B 440 -44.20 -11.83 41.23
CA GLY B 440 -43.75 -11.44 39.91
C GLY B 440 -42.37 -11.98 39.57
N VAL B 441 -42.33 -13.20 39.04
CA VAL B 441 -41.08 -13.84 38.66
C VAL B 441 -40.23 -14.05 39.91
N ALA B 442 -39.39 -13.06 40.23
CA ALA B 442 -38.53 -13.15 41.40
C ALA B 442 -38.02 -11.77 41.80
N VAL B 443 -38.27 -10.77 40.96
CA VAL B 443 -37.81 -9.42 41.27
C VAL B 443 -38.63 -8.80 42.39
N LYS B 444 -39.91 -9.17 42.51
CA LYS B 444 -40.78 -8.64 43.55
C LYS B 444 -40.93 -7.13 43.41
N GLY B 445 -41.45 -6.48 44.45
CA GLY B 445 -41.64 -5.05 44.42
C GLY B 445 -41.20 -4.36 45.71
N SER B 446 -40.57 -3.20 45.58
CA SER B 446 -40.08 -2.45 46.73
C SER B 446 -41.02 -1.31 47.13
N ARG B 447 -41.47 -0.50 46.17
CA ARG B 447 -42.35 0.62 46.44
C ARG B 447 -43.36 0.75 45.30
N ARG B 448 -44.37 1.60 45.52
CA ARG B 448 -45.41 1.83 44.54
C ARG B 448 -45.72 3.32 44.51
N LEU B 449 -45.28 4.01 43.47
CA LEU B 449 -45.50 5.45 43.31
C LEU B 449 -46.75 5.68 42.49
N VAL B 450 -47.67 6.48 43.02
CA VAL B 450 -48.92 6.79 42.34
C VAL B 450 -49.26 8.26 42.57
N GLY B 451 -50.56 8.55 42.65
CA GLY B 451 -51.04 9.92 42.86
C GLY B 451 -51.30 10.70 41.60
N HIS B 452 -50.52 10.43 40.55
CA HIS B 452 -50.70 11.14 39.29
C HIS B 452 -51.93 10.63 38.55
N SER B 453 -52.63 11.55 37.87
CA SER B 453 -53.82 11.18 37.13
C SER B 453 -53.53 10.84 35.67
N GLY B 454 -52.54 11.49 35.06
CA GLY B 454 -52.18 11.24 33.68
C GLY B 454 -51.10 10.19 33.54
N ALA B 455 -50.41 10.23 32.40
CA ALA B 455 -49.34 9.30 32.11
C ALA B 455 -48.09 9.67 32.89
N VAL B 456 -47.34 8.66 33.31
CA VAL B 456 -46.10 8.87 34.07
C VAL B 456 -44.97 8.95 33.05
N TYR B 457 -44.84 10.12 32.43
CA TYR B 457 -43.82 10.35 31.42
C TYR B 457 -42.43 10.28 32.05
N GLY B 458 -42.03 11.33 32.74
CA GLY B 458 -40.72 11.35 33.37
C GLY B 458 -40.73 10.61 34.71
N VAL B 459 -39.68 9.83 34.92
CA VAL B 459 -39.54 9.04 36.15
C VAL B 459 -38.08 9.03 36.56
N ASP B 460 -37.58 10.17 37.01
CA ASP B 460 -36.20 10.29 37.45
C ASP B 460 -36.05 9.79 38.88
N PHE B 461 -34.79 9.55 39.28
CA PHE B 461 -34.50 9.07 40.62
C PHE B 461 -32.98 8.97 40.84
N SER B 462 -32.49 9.61 41.90
CA SER B 462 -31.06 9.54 42.16
C SER B 462 -30.77 8.62 43.34
N PRO B 463 -29.76 7.75 43.21
CA PRO B 463 -29.46 6.81 44.30
C PRO B 463 -28.68 7.47 45.44
N ASP B 464 -29.12 8.65 45.86
CA ASP B 464 -28.47 9.34 46.97
C ASP B 464 -29.07 8.87 48.29
N ASN B 465 -29.09 7.56 48.50
CA ASN B 465 -29.64 6.96 49.72
C ASN B 465 -31.16 6.94 49.68
N ARG B 466 -31.75 7.88 48.93
CA ARG B 466 -33.20 7.98 48.84
C ARG B 466 -33.61 9.15 47.95
N TYR B 467 -33.07 9.21 46.74
CA TYR B 467 -33.36 10.29 45.81
C TYR B 467 -34.25 9.79 44.69
N LEU B 468 -35.23 10.61 44.30
CA LEU B 468 -36.14 10.26 43.23
C LEU B 468 -37.04 11.46 42.94
N ILE B 469 -37.38 11.63 41.67
CA ILE B 469 -38.24 12.73 41.23
C ILE B 469 -39.20 12.20 40.17
N SER B 470 -40.49 12.19 40.50
CA SER B 470 -41.53 11.71 39.59
C SER B 470 -42.10 12.90 38.82
N CYS B 471 -42.04 12.82 37.49
CA CYS B 471 -42.54 13.88 36.61
C CYS B 471 -43.73 13.31 35.84
N SER B 472 -44.93 13.49 36.40
CA SER B 472 -46.14 13.01 35.75
C SER B 472 -46.52 13.93 34.60
N GLU B 473 -46.87 13.31 33.45
CA GLU B 473 -47.22 14.09 32.28
C GLU B 473 -48.38 15.05 32.53
N ASP B 474 -49.24 14.74 33.51
CA ASP B 474 -50.36 15.62 33.86
C ASP B 474 -49.94 16.87 34.61
N LYS B 475 -48.84 17.50 34.19
CA LYS B 475 -48.35 18.70 34.86
C LYS B 475 -47.96 18.42 36.31
N THR B 476 -47.26 17.31 36.52
CA THR B 476 -46.81 16.92 37.85
C THR B 476 -45.34 16.58 37.83
N VAL B 477 -44.74 16.56 39.02
CA VAL B 477 -43.32 16.25 39.17
C VAL B 477 -42.97 16.23 40.65
N ARG B 478 -43.79 15.54 41.45
CA ARG B 478 -43.55 15.46 42.88
C ARG B 478 -42.32 14.61 43.16
N LEU B 479 -41.55 15.02 44.18
CA LEU B 479 -40.34 14.30 44.54
C LEU B 479 -40.68 13.09 45.40
N TRP B 480 -39.68 12.25 45.63
CA TRP B 480 -39.85 11.04 46.43
C TRP B 480 -38.48 10.52 46.82
N SER B 481 -38.34 10.13 48.10
CA SER B 481 -37.09 9.61 48.61
C SER B 481 -37.04 8.10 48.42
N LEU B 482 -35.99 7.63 47.76
CA LEU B 482 -35.80 6.21 47.48
C LEU B 482 -34.99 5.58 48.61
N ASP B 483 -35.66 4.78 49.44
CA ASP B 483 -35.02 4.11 50.56
C ASP B 483 -36.04 3.29 51.34
N THR B 484 -37.05 3.96 51.90
CA THR B 484 -38.14 3.31 52.60
C THR B 484 -39.48 3.68 52.00
N TYR B 485 -39.51 3.91 50.69
CA TYR B 485 -40.73 4.30 50.00
C TYR B 485 -41.21 5.66 50.49
N THR B 486 -40.41 6.69 50.25
CA THR B 486 -40.74 8.06 50.67
C THR B 486 -41.10 8.91 49.47
N CYS B 487 -41.76 10.03 49.75
CA CYS B 487 -42.18 10.96 48.70
C CYS B 487 -42.59 12.27 49.35
N LEU B 488 -42.27 13.38 48.67
CA LEU B 488 -42.59 14.71 49.17
C LEU B 488 -42.21 15.71 48.08
N VAL B 489 -42.54 16.98 48.32
CA VAL B 489 -42.24 18.05 47.38
C VAL B 489 -42.99 17.80 46.08
N SER B 490 -44.21 18.32 45.98
CA SER B 490 -45.04 18.16 44.80
C SER B 490 -44.95 19.43 43.95
N TYR B 491 -44.47 19.28 42.72
CA TYR B 491 -44.33 20.42 41.82
C TYR B 491 -45.66 20.73 41.14
N LYS B 492 -45.93 22.02 40.96
CA LYS B 492 -47.16 22.45 40.32
C LYS B 492 -46.98 23.64 39.39
N GLY B 493 -45.78 24.21 39.29
CA GLY B 493 -45.56 25.35 38.42
C GLY B 493 -45.60 25.02 36.94
N HIS B 494 -45.43 23.75 36.59
CA HIS B 494 -45.45 23.34 35.19
C HIS B 494 -46.85 23.48 34.62
N SER B 495 -46.99 24.30 33.57
CA SER B 495 -48.29 24.52 32.95
C SER B 495 -48.65 23.41 31.96
N SER B 496 -47.67 22.66 31.46
CA SER B 496 -47.93 21.60 30.50
C SER B 496 -47.39 20.27 31.01
N SER B 497 -47.16 19.33 30.10
CA SER B 497 -46.64 18.03 30.48
C SER B 497 -45.14 18.09 30.73
N VAL B 498 -44.69 17.42 31.78
CA VAL B 498 -43.28 17.39 32.14
C VAL B 498 -42.50 16.62 31.09
N TRP B 499 -41.78 17.36 30.24
CA TRP B 499 -40.98 16.73 29.17
C TRP B 499 -39.84 15.93 29.76
N ASP B 500 -38.80 16.62 30.24
CA ASP B 500 -37.63 16.00 30.82
C ASP B 500 -37.55 16.31 32.32
N VAL B 501 -36.59 15.67 32.98
CA VAL B 501 -36.40 15.86 34.41
C VAL B 501 -34.99 15.42 34.79
N LYS B 502 -34.06 16.38 34.85
CA LYS B 502 -32.67 16.12 35.20
C LYS B 502 -32.38 16.78 36.55
N PHE B 503 -32.00 15.97 37.53
CA PHE B 503 -31.69 16.45 38.87
C PHE B 503 -30.44 15.77 39.39
N SER B 504 -29.64 16.53 40.14
CA SER B 504 -28.40 16.04 40.72
C SER B 504 -28.49 16.05 42.23
N PRO B 505 -28.25 14.92 42.91
CA PRO B 505 -28.37 14.91 44.37
C PRO B 505 -27.08 15.36 45.06
N MET B 506 -26.40 16.33 44.47
CA MET B 506 -25.17 16.89 45.03
C MET B 506 -25.44 17.94 46.11
N GLY B 507 -26.44 17.70 46.96
CA GLY B 507 -26.79 18.65 47.99
C GLY B 507 -28.19 19.21 47.83
N HIS B 508 -28.52 19.63 46.61
CA HIS B 508 -29.85 20.18 46.33
C HIS B 508 -29.97 20.56 44.86
N TYR B 509 -29.73 19.60 43.96
CA TYR B 509 -29.80 19.82 42.53
C TYR B 509 -31.03 19.13 41.96
N PHE B 510 -31.88 19.90 41.28
CA PHE B 510 -33.09 19.36 40.68
C PHE B 510 -33.44 20.17 39.45
N ALA B 511 -34.14 19.53 38.51
CA ALA B 511 -34.54 20.19 37.28
C ALA B 511 -35.50 19.28 36.53
N THR B 512 -36.30 19.88 35.65
CA THR B 512 -37.27 19.12 34.85
C THR B 512 -37.65 20.00 33.65
N ALA B 513 -37.09 19.68 32.48
CA ALA B 513 -37.36 20.44 31.27
C ALA B 513 -38.85 20.46 30.96
N SER B 514 -39.50 21.60 31.19
CA SER B 514 -40.93 21.71 30.92
C SER B 514 -41.17 21.74 29.41
N HIS B 515 -41.95 20.78 28.92
CA HIS B 515 -42.21 20.69 27.49
C HIS B 515 -42.84 21.97 26.95
N ASP B 516 -43.53 22.73 27.80
CA ASP B 516 -44.15 23.99 27.40
C ASP B 516 -43.13 25.12 27.20
N GLN B 517 -41.98 24.81 26.61
CA GLN B 517 -40.93 25.81 26.38
C GLN B 517 -40.41 26.37 27.70
N THR B 518 -40.23 25.50 28.69
CA THR B 518 -39.76 25.90 30.00
C THR B 518 -38.78 24.85 30.52
N ALA B 519 -38.36 25.01 31.77
CA ALA B 519 -37.42 24.09 32.39
C ALA B 519 -37.26 24.39 33.88
N ARG B 520 -37.96 23.64 34.72
CA ARG B 520 -37.88 23.87 36.16
C ARG B 520 -36.46 23.59 36.66
N LEU B 521 -36.04 24.39 37.64
CA LEU B 521 -34.70 24.27 38.24
C LEU B 521 -34.87 24.24 39.76
N TRP B 522 -35.24 23.08 40.29
CA TRP B 522 -35.44 22.92 41.72
C TRP B 522 -34.11 22.63 42.41
N SER B 523 -34.16 22.54 43.74
CA SER B 523 -32.97 22.27 44.56
C SER B 523 -33.24 21.03 45.39
N CYS B 524 -32.51 19.95 45.09
CA CYS B 524 -32.67 18.70 45.82
C CYS B 524 -32.26 18.87 47.28
N ASP B 525 -33.23 19.19 48.14
CA ASP B 525 -32.95 19.37 49.56
C ASP B 525 -34.24 19.64 50.32
N HIS B 526 -35.01 20.64 49.88
CA HIS B 526 -36.27 21.00 50.52
C HIS B 526 -37.28 21.37 49.43
N ILE B 527 -38.50 21.69 49.87
CA ILE B 527 -39.57 22.06 48.96
C ILE B 527 -39.52 23.57 48.78
N TYR B 528 -39.01 24.02 47.63
CA TYR B 528 -38.90 25.44 47.35
C TYR B 528 -38.47 25.65 45.90
N PRO B 529 -39.03 26.65 45.20
CA PRO B 529 -38.65 26.88 43.80
C PRO B 529 -37.37 27.71 43.74
N LEU B 530 -36.33 27.12 43.15
CA LEU B 530 -35.04 27.80 43.03
C LEU B 530 -35.03 28.72 41.80
N ARG B 531 -34.71 28.15 40.63
CA ARG B 531 -34.66 28.90 39.39
C ARG B 531 -35.64 28.30 38.39
N ILE B 532 -36.00 29.11 37.39
CA ILE B 532 -36.93 28.71 36.34
C ILE B 532 -36.25 29.03 35.00
N PHE B 533 -35.56 28.03 34.44
CA PHE B 533 -34.86 28.22 33.17
C PHE B 533 -35.88 28.31 32.03
N ALA B 534 -35.80 29.38 31.26
CA ALA B 534 -36.71 29.59 30.13
C ALA B 534 -35.94 30.25 29.00
N GLY B 535 -36.60 30.35 27.84
CA GLY B 535 -35.99 30.96 26.67
C GLY B 535 -36.10 30.11 25.43
N HIS B 536 -36.46 28.84 25.61
CA HIS B 536 -36.59 27.94 24.47
C HIS B 536 -37.79 28.34 23.61
N LEU B 537 -37.59 28.29 22.29
CA LEU B 537 -38.68 28.66 21.37
C LEU B 537 -39.74 27.58 21.31
N ASN B 538 -39.34 26.30 21.41
CA ASN B 538 -40.29 25.20 21.35
C ASN B 538 -40.16 24.31 22.58
N ASP B 539 -40.63 23.07 22.48
CA ASP B 539 -40.55 22.15 23.59
C ASP B 539 -39.10 21.77 23.88
N VAL B 540 -38.77 21.64 25.16
CA VAL B 540 -37.41 21.28 25.59
C VAL B 540 -37.24 19.79 25.37
N ASP B 541 -36.56 19.43 24.27
CA ASP B 541 -36.33 18.02 23.97
C ASP B 541 -35.40 17.38 25.00
N CYS B 542 -34.13 17.77 24.99
CA CYS B 542 -33.14 17.25 25.92
C CYS B 542 -32.93 18.24 27.07
N VAL B 543 -32.61 17.69 28.24
CA VAL B 543 -32.38 18.49 29.43
C VAL B 543 -31.13 18.01 30.14
N GLU B 544 -29.99 18.09 29.46
CA GLU B 544 -28.73 17.67 30.05
C GLU B 544 -28.27 18.67 31.12
N PHE B 545 -27.35 18.22 31.96
CA PHE B 545 -26.81 19.05 33.03
C PHE B 545 -25.77 18.24 33.78
N HIS B 546 -24.92 18.95 34.53
CA HIS B 546 -23.88 18.31 35.32
C HIS B 546 -23.68 19.09 36.62
N PRO B 547 -23.73 18.42 37.78
CA PRO B 547 -23.58 19.12 39.05
C PRO B 547 -22.15 19.54 39.33
N ASN B 548 -21.50 20.18 38.36
CA ASN B 548 -20.15 20.67 38.54
C ASN B 548 -20.17 22.09 39.08
N SER B 549 -20.88 22.29 40.20
CA SER B 549 -21.01 23.61 40.83
C SER B 549 -22.00 24.49 40.07
N THR B 550 -22.17 24.22 38.78
CA THR B 550 -23.10 24.99 37.94
C THR B 550 -23.07 24.50 36.51
N TYR B 551 -23.05 23.18 36.32
CA TYR B 551 -22.99 22.59 34.99
C TYR B 551 -24.40 22.22 34.52
N LEU B 552 -24.67 22.48 33.23
CA LEU B 552 -25.97 22.18 32.65
C LEU B 552 -26.00 22.55 31.17
N PHE B 553 -26.82 21.84 30.40
CA PHE B 553 -26.95 22.11 28.97
C PHE B 553 -28.32 21.66 28.52
N THR B 554 -29.17 22.61 28.17
CA THR B 554 -30.53 22.33 27.72
C THR B 554 -30.58 22.36 26.19
N GLY B 555 -31.46 21.52 25.64
CA GLY B 555 -31.62 21.43 24.21
C GLY B 555 -33.07 21.44 23.76
N SER B 556 -33.55 22.58 23.28
CA SER B 556 -34.93 22.68 22.82
C SER B 556 -35.12 21.88 21.53
N SER B 557 -36.27 21.22 21.42
CA SER B 557 -36.56 20.40 20.25
C SER B 557 -36.51 21.20 18.96
N ASP B 558 -36.71 22.51 19.02
CA ASP B 558 -36.66 23.37 17.84
C ASP B 558 -35.23 23.63 17.37
N LYS B 559 -34.38 22.61 17.36
CA LYS B 559 -32.98 22.76 16.94
C LYS B 559 -32.24 23.73 17.85
N THR B 560 -32.47 23.61 19.15
CA THR B 560 -31.83 24.46 20.14
C THR B 560 -31.07 23.61 21.15
N ALA B 561 -30.08 24.24 21.78
CA ALA B 561 -29.26 23.55 22.78
C ALA B 561 -28.37 24.55 23.53
N ARG B 562 -28.99 25.53 24.19
CA ARG B 562 -28.25 26.52 24.93
C ARG B 562 -27.75 25.96 26.26
N MET B 563 -26.63 26.49 26.72
CA MET B 563 -26.05 26.04 27.98
C MET B 563 -26.79 26.64 29.16
N TRP B 564 -26.74 25.93 30.29
CA TRP B 564 -27.41 26.35 31.53
C TRP B 564 -26.45 26.14 32.68
N ASP B 565 -26.06 27.23 33.34
CA ASP B 565 -25.16 27.16 34.48
C ASP B 565 -25.96 26.94 35.75
N ILE B 566 -25.82 25.77 36.35
CA ILE B 566 -26.56 25.40 37.55
C ILE B 566 -25.84 25.97 38.77
N ALA B 567 -26.44 26.98 39.40
CA ALA B 567 -25.85 27.61 40.57
C ALA B 567 -26.75 28.75 41.05
N ARG B 568 -27.51 29.33 40.13
CA ARG B 568 -28.42 30.43 40.44
C ARG B 568 -29.18 30.84 39.19
N GLY B 569 -29.19 29.98 38.18
CA GLY B 569 -29.85 30.29 36.93
C GLY B 569 -28.95 31.04 35.96
N GLU B 570 -27.74 30.52 35.73
CA GLU B 570 -26.80 31.19 34.85
C GLU B 570 -26.69 30.47 33.52
N CYS B 571 -27.82 30.26 32.84
CA CYS B 571 -27.83 29.58 31.55
C CYS B 571 -27.26 30.51 30.49
N VAL B 572 -26.10 30.14 29.93
CA VAL B 572 -25.44 30.95 28.92
C VAL B 572 -25.32 30.15 27.63
N ARG B 573 -24.27 30.41 26.85
CA ARG B 573 -24.05 29.70 25.60
C ARG B 573 -25.37 29.28 24.97
N VAL B 574 -25.37 29.04 23.66
CA VAL B 574 -26.57 28.63 22.96
C VAL B 574 -26.19 27.89 21.68
N PHE B 575 -26.26 26.56 21.74
CA PHE B 575 -25.91 25.72 20.59
C PHE B 575 -27.07 25.74 19.59
N MET B 576 -26.87 26.42 18.47
CA MET B 576 -27.88 26.53 17.43
C MET B 576 -27.33 26.12 16.07
N GLY B 577 -26.41 25.16 16.06
CA GLY B 577 -25.83 24.71 14.80
C GLY B 577 -26.67 23.73 14.03
N HIS B 578 -27.68 23.14 14.67
CA HIS B 578 -28.55 22.19 14.01
C HIS B 578 -29.52 22.91 13.07
N SER B 579 -30.32 22.13 12.34
CA SER B 579 -31.29 22.67 11.41
C SER B 579 -32.67 22.05 11.51
N GLY B 580 -32.82 20.92 12.20
CA GLY B 580 -34.12 20.28 12.34
C GLY B 580 -34.61 20.23 13.76
N ALA B 581 -34.63 19.04 14.35
CA ALA B 581 -35.08 18.84 15.72
C ALA B 581 -33.95 18.23 16.54
N ILE B 582 -33.65 18.85 17.68
CA ILE B 582 -32.58 18.38 18.56
C ILE B 582 -33.03 17.09 19.24
N ASN B 583 -32.73 15.95 18.61
CA ASN B 583 -33.09 14.66 19.18
C ASN B 583 -32.26 14.34 20.41
N CYS B 584 -30.99 13.99 20.21
CA CYS B 584 -30.08 13.68 21.31
C CYS B 584 -29.19 14.88 21.61
N LEU B 585 -28.90 15.07 22.90
CA LEU B 585 -28.06 16.19 23.34
C LEU B 585 -27.22 15.69 24.52
N ALA B 586 -26.04 15.18 24.21
CA ALA B 586 -25.11 14.70 25.22
C ALA B 586 -24.10 15.78 25.56
N VAL B 587 -23.34 15.53 26.63
CA VAL B 587 -22.32 16.48 27.09
C VAL B 587 -21.56 15.88 28.27
N SER B 588 -20.29 16.26 28.41
CA SER B 588 -19.46 15.79 29.50
C SER B 588 -18.63 16.97 30.01
N PRO B 589 -18.55 17.17 31.33
CA PRO B 589 -17.79 18.32 31.85
C PRO B 589 -16.31 18.00 32.02
N ASP B 590 -15.77 17.17 31.13
CA ASP B 590 -14.35 16.82 31.16
C ASP B 590 -13.47 17.87 30.50
N GLY B 591 -13.82 19.14 30.63
CA GLY B 591 -13.06 20.21 30.02
C GLY B 591 -13.88 21.01 29.02
N ARG B 592 -14.60 20.31 28.14
CA ARG B 592 -15.43 20.96 27.13
C ARG B 592 -16.13 19.93 26.26
N TRP B 593 -16.92 19.06 26.88
CA TRP B 593 -17.64 18.01 26.17
C TRP B 593 -19.12 18.34 26.11
N LEU B 594 -19.72 18.14 24.93
CA LEU B 594 -21.13 18.40 24.73
C LEU B 594 -21.58 17.98 23.33
N ALA B 595 -21.70 16.67 23.11
CA ALA B 595 -22.09 16.16 21.81
C ALA B 595 -23.51 16.60 21.46
N SER B 596 -23.72 16.93 20.19
CA SER B 596 -25.01 17.35 19.68
C SER B 596 -25.50 16.39 18.62
N ALA B 597 -26.79 16.07 18.65
CA ALA B 597 -27.42 15.16 17.69
C ALA B 597 -28.79 15.70 17.35
N GLY B 598 -28.92 16.27 16.15
CA GLY B 598 -30.17 16.83 15.69
C GLY B 598 -30.87 15.93 14.69
N GLU B 599 -32.17 16.16 14.52
CA GLU B 599 -32.96 15.36 13.59
C GLU B 599 -32.51 15.59 12.15
N ASP B 600 -33.08 14.81 11.24
CA ASP B 600 -32.75 14.90 9.82
C ASP B 600 -31.28 14.58 9.57
N SER B 601 -30.75 13.62 10.34
CA SER B 601 -29.36 13.21 10.23
C SER B 601 -28.41 14.37 10.53
N VAL B 602 -28.58 14.93 11.72
CA VAL B 602 -27.77 16.06 12.17
C VAL B 602 -26.94 15.62 13.38
N VAL B 603 -25.74 16.19 13.48
CA VAL B 603 -24.84 15.89 14.58
C VAL B 603 -23.66 16.85 14.54
N CYS B 604 -23.10 17.17 15.71
CA CYS B 604 -21.97 18.08 15.79
C CYS B 604 -21.48 18.21 17.23
N LEU B 605 -20.17 18.12 17.43
CA LEU B 605 -19.61 18.25 18.77
C LEU B 605 -19.76 19.68 19.27
N TRP B 606 -19.81 19.83 20.59
CA TRP B 606 -19.97 21.12 21.24
C TRP B 606 -18.98 21.20 22.41
N ASP B 607 -17.89 21.94 22.22
CA ASP B 607 -16.89 22.10 23.27
C ASP B 607 -17.48 22.89 24.43
N ILE B 608 -17.67 22.21 25.56
CA ILE B 608 -18.24 22.82 26.75
C ILE B 608 -17.12 23.38 27.61
N SER B 609 -17.03 24.71 27.66
CA SER B 609 -15.99 25.38 28.44
C SER B 609 -16.14 26.89 28.29
N THR B 610 -16.16 27.37 27.05
CA THR B 610 -16.38 28.77 26.75
C THR B 610 -17.43 28.98 25.66
N GLY B 611 -18.22 27.94 25.34
CA GLY B 611 -19.23 28.04 24.31
C GLY B 611 -18.68 27.73 22.93
N ARG B 612 -18.12 26.54 22.77
CA ARG B 612 -17.53 26.11 21.51
C ARG B 612 -18.28 24.88 20.98
N ARG B 613 -17.81 24.37 19.85
CA ARG B 613 -18.43 23.21 19.22
C ARG B 613 -17.39 22.54 18.33
N ILE B 614 -17.02 21.31 18.64
CA ILE B 614 -16.02 20.59 17.86
C ILE B 614 -16.68 19.96 16.64
N LYS B 615 -15.86 19.71 15.61
CA LYS B 615 -16.35 19.12 14.37
C LYS B 615 -17.86 18.92 14.41
N ALA B 616 -18.41 18.32 13.36
CA ALA B 616 -19.85 18.08 13.26
C ALA B 616 -20.07 16.72 12.60
N MET B 617 -20.76 15.83 13.29
CA MET B 617 -21.04 14.50 12.77
C MET B 617 -22.30 14.54 11.92
N ARG B 618 -22.17 14.24 10.63
CA ARG B 618 -23.30 14.23 9.71
C ARG B 618 -23.00 13.27 8.58
N GLY B 619 -23.64 12.11 8.60
CA GLY B 619 -23.43 11.10 7.57
C GLY B 619 -24.54 10.08 7.51
N HIS B 620 -25.67 10.37 8.15
CA HIS B 620 -26.81 9.47 8.16
C HIS B 620 -27.71 9.63 6.94
N GLY B 621 -27.35 10.51 6.00
CA GLY B 621 -28.15 10.72 4.81
C GLY B 621 -29.49 11.36 5.10
N ARG B 622 -30.52 10.54 5.27
CA ARG B 622 -31.86 11.05 5.55
C ARG B 622 -32.37 10.53 6.89
N SER B 623 -33.68 10.50 7.07
CA SER B 623 -34.31 10.03 8.31
C SER B 623 -33.89 11.00 9.42
N SER B 624 -33.34 10.52 10.54
CA SER B 624 -32.93 11.39 11.63
C SER B 624 -31.98 10.61 12.53
N ILE B 625 -31.50 11.27 13.57
CA ILE B 625 -30.58 10.68 14.54
C ILE B 625 -31.40 10.30 15.78
N TYR B 626 -31.59 9.00 15.97
CA TYR B 626 -32.35 8.52 17.13
C TYR B 626 -31.58 8.76 18.42
N SER B 627 -30.69 7.83 18.76
CA SER B 627 -29.89 7.93 19.97
C SER B 627 -28.48 8.39 19.63
N LEU B 628 -27.61 8.45 20.64
CA LEU B 628 -26.23 8.86 20.44
C LEU B 628 -25.41 8.68 21.71
N ALA B 629 -24.74 7.54 21.84
CA ALA B 629 -23.92 7.28 23.01
C ALA B 629 -22.77 8.28 23.08
N PHE B 630 -22.11 8.31 24.24
CA PHE B 630 -20.99 9.23 24.45
C PHE B 630 -20.17 8.68 25.62
N SER B 631 -19.11 7.93 25.29
CA SER B 631 -18.22 7.40 26.31
C SER B 631 -17.23 8.46 26.77
N ARG B 632 -17.67 9.32 27.69
CA ARG B 632 -16.85 10.41 28.21
C ARG B 632 -15.79 9.93 29.20
N GLU B 633 -15.76 8.63 29.48
CA GLU B 633 -14.78 8.05 30.41
C GLU B 633 -13.45 7.79 29.71
N GLY B 634 -12.99 8.75 28.90
CA GLY B 634 -11.75 8.59 28.18
C GLY B 634 -11.82 7.68 26.98
N THR B 635 -13.02 7.42 26.45
CA THR B 635 -13.18 6.55 25.30
C THR B 635 -13.54 7.41 24.11
N VAL B 636 -14.82 7.67 23.83
CA VAL B 636 -15.21 8.47 22.68
C VAL B 636 -16.71 8.74 22.73
N LEU B 637 -17.44 8.24 21.74
CA LEU B 637 -18.89 8.42 21.67
C LEU B 637 -19.39 7.67 20.44
N VAL B 638 -20.72 7.62 20.29
CA VAL B 638 -21.35 6.94 19.17
C VAL B 638 -22.61 7.71 18.80
N SER B 639 -23.09 7.48 17.59
CA SER B 639 -24.29 8.14 17.06
C SER B 639 -25.26 7.06 16.59
N THR B 640 -26.28 6.78 17.41
CA THR B 640 -27.28 5.77 17.07
C THR B 640 -28.24 6.35 16.04
N GLY B 641 -27.99 6.07 14.77
CA GLY B 641 -28.84 6.60 13.72
C GLY B 641 -30.22 5.94 13.77
N ALA B 642 -31.27 6.77 13.74
CA ALA B 642 -32.63 6.24 13.79
C ALA B 642 -32.92 5.31 12.62
N ASP B 643 -32.29 5.54 11.48
CA ASP B 643 -32.48 4.70 10.29
C ASP B 643 -31.71 3.38 10.38
N ASN B 644 -31.76 2.70 11.52
CA ASN B 644 -31.05 1.44 11.72
C ASN B 644 -29.55 1.64 11.57
N SER B 645 -29.01 2.62 12.29
CA SER B 645 -27.60 2.95 12.24
C SER B 645 -27.03 2.94 13.65
N VAL B 646 -25.73 2.62 13.75
CA VAL B 646 -25.03 2.59 15.02
C VAL B 646 -23.61 3.09 14.82
N ARG B 647 -23.49 4.36 14.39
CA ARG B 647 -22.18 4.93 14.12
C ARG B 647 -21.42 5.17 15.42
N VAL B 648 -20.14 5.52 15.28
CA VAL B 648 -19.27 5.81 16.41
C VAL B 648 -18.21 6.82 15.96
N TRP B 649 -17.59 7.47 16.93
CA TRP B 649 -16.56 8.46 16.65
C TRP B 649 -16.00 8.96 17.97
N ASP B 650 -14.79 9.52 17.91
CA ASP B 650 -14.11 10.08 19.07
C ASP B 650 -13.88 11.56 18.85
N VAL B 651 -13.63 12.27 19.96
CA VAL B 651 -13.45 13.71 19.94
C VAL B 651 -12.32 14.08 18.99
N LYS B 652 -11.08 13.82 19.40
CA LYS B 652 -9.92 14.16 18.57
C LYS B 652 -10.06 13.54 17.18
N LYS B 653 -10.10 12.20 17.11
CA LYS B 653 -10.31 11.47 15.87
C LYS B 653 -11.64 10.74 15.98
N ASN B 654 -12.64 11.21 15.24
CA ASN B 654 -13.98 10.63 15.29
C ASN B 654 -13.97 9.15 14.90
N THR B 655 -14.58 8.83 13.77
CA THR B 655 -14.65 7.46 13.30
C THR B 655 -15.54 7.34 12.05
N ASN B 656 -16.67 6.63 12.19
CA ASN B 656 -17.58 6.45 11.07
C ASN B 656 -18.80 5.67 11.49
N SER B 657 -19.73 5.43 10.56
CA SER B 657 -20.94 4.71 10.85
C SER B 657 -20.62 3.24 11.12
N PRO B 658 -21.54 2.51 11.75
CA PRO B 658 -21.29 1.09 12.04
C PRO B 658 -22.54 0.34 12.43
N SER B 659 -22.50 -0.99 12.34
CA SER B 659 -23.65 -1.82 12.70
C SER B 659 -24.84 -1.54 11.80
N ALA B 660 -25.02 -2.38 10.77
CA ALA B 660 -26.12 -2.22 9.82
C ALA B 660 -27.17 -3.29 10.11
N GLN B 661 -28.32 -2.86 10.60
CA GLN B 661 -29.43 -3.74 10.92
C GLN B 661 -30.66 -3.36 10.12
N PRO B 662 -31.68 -4.22 10.09
CA PRO B 662 -32.90 -3.92 9.33
C PRO B 662 -33.94 -3.14 10.12
N GLU B 663 -33.81 -3.04 11.43
CA GLU B 663 -34.77 -2.32 12.26
C GLU B 663 -34.14 -1.07 12.85
N PRO B 664 -34.93 -0.06 13.17
CA PRO B 664 -34.37 1.17 13.76
C PRO B 664 -33.81 0.91 15.15
N ILE B 665 -32.63 1.46 15.41
CA ILE B 665 -31.97 1.30 16.70
C ILE B 665 -32.65 2.23 17.71
N ASN B 666 -33.17 1.65 18.78
CA ASN B 666 -33.85 2.43 19.83
C ASN B 666 -32.84 2.92 20.86
N ASP B 667 -32.26 1.99 21.62
CA ASP B 667 -31.27 2.31 22.64
C ASP B 667 -29.86 1.97 22.13
N VAL B 668 -28.87 2.18 23.00
CA VAL B 668 -27.49 1.90 22.66
C VAL B 668 -26.61 2.18 23.88
N THR B 669 -25.96 1.13 24.39
CA THR B 669 -25.09 1.26 25.54
C THR B 669 -23.69 1.66 25.08
N ALA B 670 -23.14 2.71 25.69
CA ALA B 670 -21.82 3.22 25.34
C ALA B 670 -20.70 2.52 26.09
N GLN B 671 -21.02 1.51 26.92
CA GLN B 671 -19.96 0.79 27.63
C GLN B 671 -18.99 0.12 26.67
N GLY B 672 -19.45 -0.21 25.47
CA GLY B 672 -18.59 -0.82 24.46
C GLY B 672 -19.08 -0.54 23.06
N ILE B 673 -20.28 -1.02 22.75
CA ILE B 673 -20.89 -0.81 21.43
C ILE B 673 -22.23 -1.52 21.38
N GLN B 674 -23.10 -1.22 22.33
CA GLN B 674 -24.41 -1.86 22.41
C GLN B 674 -25.46 -1.02 21.71
N LYS B 675 -26.43 -1.71 21.11
CA LYS B 675 -27.52 -1.05 20.39
C LYS B 675 -28.76 -1.93 20.48
N LYS B 676 -29.87 -1.35 20.97
CA LYS B 676 -31.13 -2.08 21.12
C LYS B 676 -32.10 -1.58 20.05
N THR B 677 -32.28 -2.37 19.00
CA THR B 677 -33.19 -2.02 17.93
C THR B 677 -34.64 -2.18 18.38
N GLU B 678 -35.49 -1.23 17.97
CA GLU B 678 -36.89 -1.23 18.39
C GLU B 678 -37.58 -2.55 18.06
N ASP B 679 -37.07 -3.31 17.10
CA ASP B 679 -37.67 -4.59 16.76
C ASP B 679 -37.19 -5.68 17.72
N LEU B 680 -36.95 -5.30 18.97
CA LEU B 680 -36.48 -6.22 20.00
C LEU B 680 -35.12 -6.82 19.61
N ARG B 681 -34.20 -5.94 19.21
CA ARG B 681 -32.86 -6.33 18.80
C ARG B 681 -31.83 -5.64 19.68
N ARG B 682 -31.95 -5.85 20.99
CA ARG B 682 -31.03 -5.26 21.96
C ARG B 682 -29.74 -6.08 21.98
N ARG B 683 -28.93 -5.88 20.96
CA ARG B 683 -27.66 -6.57 20.80
C ARG B 683 -26.51 -5.73 21.33
N LYS B 684 -25.33 -6.34 21.40
CA LYS B 684 -24.11 -5.69 21.86
C LYS B 684 -23.05 -5.75 20.77
N GLU B 685 -21.90 -5.13 21.06
CA GLU B 685 -20.80 -5.10 20.12
C GLU B 685 -19.56 -4.46 20.75
N ILE B 686 -18.39 -4.83 20.26
CA ILE B 686 -17.13 -4.29 20.77
C ILE B 686 -16.68 -3.16 19.85
N VAL B 687 -16.27 -2.04 20.45
CA VAL B 687 -15.83 -0.90 19.66
C VAL B 687 -14.42 -1.08 19.12
N ALA B 688 -13.71 -2.12 19.58
CA ALA B 688 -12.36 -2.35 19.10
C ALA B 688 -12.33 -2.68 17.61
N THR B 689 -13.40 -3.27 17.07
CA THR B 689 -13.46 -3.61 15.66
C THR B 689 -14.88 -3.94 15.23
N ASN B 690 -15.86 -3.38 15.94
CA ASN B 690 -17.27 -3.61 15.64
C ASN B 690 -17.64 -5.08 15.81
N ASP B 691 -17.40 -5.61 17.01
CA ASP B 691 -17.69 -7.01 17.31
C ASP B 691 -19.14 -7.14 17.82
N HIS B 692 -20.06 -7.14 16.85
CA HIS B 692 -21.48 -7.25 17.16
C HIS B 692 -21.78 -8.61 17.78
N MET B 693 -21.72 -8.71 19.10
CA MET B 693 -21.98 -9.94 19.82
C MET B 693 -23.29 -9.83 20.58
N SER B 694 -23.73 -10.97 21.12
CA SER B 694 -24.97 -11.02 21.88
C SER B 694 -26.09 -10.29 21.16
N VAL B 695 -27.21 -10.98 20.93
CA VAL B 695 -28.36 -10.39 20.24
C VAL B 695 -29.57 -10.62 21.16
N TYR B 696 -29.91 -9.60 21.95
CA TYR B 696 -31.04 -9.68 22.86
C TYR B 696 -32.34 -9.59 22.06
N PHE B 697 -32.90 -10.76 21.75
CA PHE B 697 -34.14 -10.84 20.98
C PHE B 697 -35.23 -11.58 21.74
N THR B 698 -35.16 -11.62 23.07
CA THR B 698 -36.17 -12.31 23.86
C THR B 698 -37.46 -11.52 23.97
N LYS B 699 -37.42 -10.21 23.78
CA LYS B 699 -38.63 -9.40 23.87
C LYS B 699 -39.52 -9.63 22.65
N LYS B 700 -40.81 -9.36 22.83
CA LYS B 700 -41.79 -9.52 21.77
C LYS B 700 -42.34 -8.21 21.24
N THR B 701 -42.39 -7.16 22.06
CA THR B 701 -42.89 -5.87 21.62
C THR B 701 -41.75 -5.00 21.12
N PRO B 702 -41.80 -3.68 21.31
CA PRO B 702 -40.71 -2.83 20.83
C PRO B 702 -39.87 -2.28 21.97
N VAL B 703 -38.54 -2.46 21.87
CA VAL B 703 -37.64 -1.97 22.90
C VAL B 703 -37.65 -0.44 22.89
N TYR B 704 -38.07 0.14 24.01
CA TYR B 704 -38.14 1.61 24.12
C TYR B 704 -36.88 2.18 24.76
N THR B 705 -36.31 1.48 25.73
CA THR B 705 -35.10 1.94 26.42
C THR B 705 -34.21 0.74 26.72
N VAL B 706 -32.95 1.04 27.07
CA VAL B 706 -31.98 0.00 27.39
C VAL B 706 -30.70 0.66 27.88
N HIS B 707 -30.40 0.48 29.17
CA HIS B 707 -29.21 1.04 29.78
C HIS B 707 -28.40 -0.07 30.45
N PHE B 708 -27.20 0.28 30.90
CA PHE B 708 -26.29 -0.64 31.55
C PHE B 708 -26.06 -0.16 32.98
N THR B 709 -26.77 -0.77 33.93
CA THR B 709 -26.63 -0.37 35.33
C THR B 709 -25.28 -0.81 35.88
N ARG B 710 -24.71 0.03 36.74
CA ARG B 710 -23.41 -0.26 37.34
C ARG B 710 -22.31 -0.32 36.27
N ARG B 711 -21.15 -0.85 36.63
CA ARG B 711 -20.03 -0.98 35.70
C ARG B 711 -20.12 -2.33 35.00
N ASN B 712 -20.98 -2.38 33.98
CA ASN B 712 -21.19 -3.59 33.19
C ASN B 712 -21.75 -4.72 34.05
N LEU B 713 -22.53 -4.37 35.07
CA LEU B 713 -23.13 -5.35 35.97
C LEU B 713 -24.57 -5.69 35.59
N CYS B 714 -25.42 -4.68 35.45
CA CYS B 714 -26.82 -4.87 35.10
C CYS B 714 -27.10 -4.21 33.76
N LEU B 715 -28.32 -4.44 33.25
CA LEU B 715 -28.73 -3.87 31.97
C LEU B 715 -30.25 -3.87 31.94
N ALA B 716 -30.84 -2.68 32.07
CA ALA B 716 -32.29 -2.54 32.05
C ALA B 716 -32.78 -2.43 30.61
N GLY B 717 -33.84 -3.17 30.29
CA GLY B 717 -34.41 -3.15 28.96
C GLY B 717 -35.91 -2.94 28.95
N GLY B 718 -36.34 -1.74 28.57
CA GLY B 718 -37.75 -1.43 28.51
C GLY B 718 -38.35 -1.58 27.13
N VAL B 719 -39.20 -2.58 26.95
CA VAL B 719 -39.85 -2.85 25.67
C VAL B 719 -41.34 -2.62 25.83
N PHE B 720 -41.95 -1.99 24.82
CA PHE B 720 -43.38 -1.71 24.85
C PHE B 720 -43.87 -1.25 23.48
N PRO C 104 -28.41 53.58 -23.36
CA PRO C 104 -27.63 53.90 -24.55
C PRO C 104 -26.12 53.96 -24.28
N ALA C 105 -25.72 54.90 -23.41
CA ALA C 105 -24.31 55.03 -23.09
C ALA C 105 -23.78 53.78 -22.37
N THR C 106 -24.56 53.24 -21.43
CA THR C 106 -24.12 52.05 -20.72
C THR C 106 -24.03 50.86 -21.65
N ILE C 107 -25.01 50.69 -22.54
CA ILE C 107 -24.99 49.57 -23.49
C ILE C 107 -23.79 49.71 -24.43
N LYS C 108 -23.54 50.92 -24.92
CA LYS C 108 -22.41 51.13 -25.82
C LYS C 108 -21.08 50.85 -25.12
N ARG C 109 -20.95 51.32 -23.88
CA ARG C 109 -19.71 51.07 -23.14
C ARG C 109 -19.52 49.58 -22.86
N GLY C 110 -20.59 48.89 -22.46
CA GLY C 110 -20.47 47.46 -22.21
C GLY C 110 -20.12 46.67 -23.46
N TYR C 111 -20.80 46.98 -24.56
CA TYR C 111 -20.51 46.29 -25.82
C TYR C 111 -19.08 46.57 -26.29
N SER C 112 -18.64 47.81 -26.15
CA SER C 112 -17.27 48.15 -26.55
C SER C 112 -16.24 47.43 -25.68
N ILE C 113 -16.52 47.33 -24.38
CA ILE C 113 -15.60 46.63 -23.49
C ILE C 113 -15.56 45.14 -23.82
N LEU C 114 -16.73 44.54 -24.06
CA LEU C 114 -16.77 43.12 -24.41
C LEU C 114 -16.02 42.85 -25.72
N LYS C 115 -16.26 43.69 -26.72
CA LYS C 115 -15.57 43.52 -27.99
C LYS C 115 -14.06 43.71 -27.83
N SER C 116 -13.66 44.66 -26.98
CA SER C 116 -12.23 44.89 -26.75
C SER C 116 -11.59 43.69 -26.07
N TRP C 117 -12.27 43.10 -25.08
CA TRP C 117 -11.72 41.94 -24.40
C TRP C 117 -11.66 40.73 -25.33
N CYS C 118 -12.73 40.48 -26.08
CA CYS C 118 -12.73 39.36 -27.02
C CYS C 118 -11.65 39.52 -28.08
N GLU C 119 -11.48 40.74 -28.61
CA GLU C 119 -10.46 40.97 -29.61
C GLU C 119 -9.05 40.94 -29.01
N SER C 120 -8.92 41.20 -27.71
CA SER C 120 -7.62 41.18 -27.04
C SER C 120 -7.36 39.87 -26.31
N SER C 121 -8.23 38.87 -26.48
CA SER C 121 -8.04 37.59 -25.82
C SER C 121 -6.84 36.85 -26.42
N LEU C 122 -6.63 35.62 -25.96
CA LEU C 122 -5.52 34.81 -26.44
C LEU C 122 -5.86 34.17 -27.78
N ASP C 123 -5.13 33.11 -28.14
CA ASP C 123 -5.36 32.41 -29.40
C ASP C 123 -6.75 31.79 -29.43
N PHE C 124 -6.94 30.70 -28.67
CA PHE C 124 -8.24 30.05 -28.63
C PHE C 124 -9.32 30.98 -28.07
N TYR C 125 -8.94 31.84 -27.12
CA TYR C 125 -9.91 32.78 -26.55
C TYR C 125 -10.45 33.75 -27.58
N ARG C 126 -9.70 33.99 -28.66
CA ARG C 126 -10.16 34.89 -29.71
C ARG C 126 -11.22 34.20 -30.55
N PRO C 127 -10.95 33.02 -31.09
CA PRO C 127 -11.98 32.33 -31.87
C PRO C 127 -13.20 31.96 -31.04
N GLU C 128 -12.99 31.37 -29.87
CA GLU C 128 -14.12 31.02 -29.00
C GLU C 128 -14.86 32.27 -28.56
N LEU C 129 -14.13 33.35 -28.28
CA LEU C 129 -14.77 34.60 -27.88
C LEU C 129 -15.56 35.22 -29.02
N GLU C 130 -15.18 34.93 -30.26
CA GLU C 130 -15.91 35.46 -31.42
C GLU C 130 -17.16 34.63 -31.70
N LYS C 131 -17.00 33.31 -31.84
CA LYS C 131 -18.15 32.44 -32.08
C LYS C 131 -19.17 32.57 -30.95
N PHE C 132 -18.70 32.53 -29.70
CA PHE C 132 -19.59 32.70 -28.56
C PHE C 132 -20.00 34.15 -28.35
N LEU C 133 -19.29 35.10 -28.96
CA LEU C 133 -19.64 36.51 -28.82
C LEU C 133 -20.72 36.94 -29.80
N TYR C 134 -20.83 36.25 -30.95
CA TYR C 134 -21.86 36.59 -31.91
C TYR C 134 -23.25 36.47 -31.32
N PRO C 135 -23.61 35.39 -30.62
CA PRO C 135 -24.96 35.33 -30.02
C PRO C 135 -25.20 36.43 -29.00
N VAL C 136 -24.16 36.85 -28.27
CA VAL C 136 -24.35 37.94 -27.31
C VAL C 136 -24.62 39.26 -28.02
N PHE C 137 -24.02 39.45 -29.20
CA PHE C 137 -24.27 40.67 -29.96
C PHE C 137 -25.65 40.65 -30.62
N VAL C 138 -26.03 39.52 -31.21
CA VAL C 138 -27.35 39.40 -31.84
C VAL C 138 -28.44 39.57 -30.78
N HIS C 139 -28.33 38.84 -29.68
CA HIS C 139 -29.31 38.96 -28.60
C HIS C 139 -29.28 40.35 -27.99
N CYS C 140 -28.10 40.99 -27.93
CA CYS C 140 -28.01 42.34 -27.39
C CYS C 140 -28.75 43.33 -28.28
N TYR C 141 -28.64 43.19 -29.60
CA TYR C 141 -29.36 44.08 -30.51
C TYR C 141 -30.85 43.80 -30.48
N LEU C 142 -31.24 42.53 -30.43
CA LEU C 142 -32.66 42.18 -30.38
C LEU C 142 -33.31 42.73 -29.11
N ASP C 143 -32.67 42.51 -27.96
CA ASP C 143 -33.22 43.03 -26.71
C ASP C 143 -33.15 44.54 -26.65
N LEU C 144 -32.14 45.14 -27.28
CA LEU C 144 -31.99 46.59 -27.30
C LEU C 144 -32.77 47.25 -28.43
N ILE C 145 -33.56 46.49 -29.19
CA ILE C 145 -34.33 47.07 -30.28
C ILE C 145 -35.36 48.04 -29.74
N ALA C 146 -35.85 47.83 -28.53
CA ALA C 146 -36.84 48.72 -27.93
C ALA C 146 -36.17 49.95 -27.33
N ARG C 147 -36.45 50.23 -26.06
CA ARG C 147 -35.87 51.39 -25.38
C ARG C 147 -36.26 52.68 -26.08
N GLY C 148 -35.42 53.15 -26.99
CA GLY C 148 -35.70 54.37 -27.72
C GLY C 148 -34.46 55.15 -28.07
N TYR C 149 -33.33 54.45 -28.22
CA TYR C 149 -32.07 55.10 -28.57
C TYR C 149 -31.85 55.05 -30.07
N PRO C 150 -32.35 56.04 -30.81
CA PRO C 150 -32.15 56.02 -32.27
C PRO C 150 -30.71 56.29 -32.67
N SER C 151 -30.16 57.43 -32.25
CA SER C 151 -28.78 57.75 -32.58
C SER C 151 -27.81 56.77 -31.92
N HIS C 152 -28.06 56.43 -30.65
CA HIS C 152 -27.18 55.49 -29.97
C HIS C 152 -27.21 54.12 -30.63
N ALA C 153 -28.41 53.64 -31.00
CA ALA C 153 -28.51 52.34 -31.66
C ALA C 153 -27.89 52.38 -33.06
N ARG C 154 -27.96 53.53 -33.74
CA ARG C 154 -27.37 53.63 -35.06
C ARG C 154 -25.85 53.62 -34.99
N GLU C 155 -25.27 54.43 -34.09
CA GLU C 155 -23.82 54.46 -33.96
C GLU C 155 -23.28 53.13 -33.45
N PHE C 156 -23.89 52.58 -32.40
CA PHE C 156 -23.44 51.30 -31.87
C PHE C 156 -23.60 50.20 -32.90
N TYR C 157 -24.70 50.22 -33.66
CA TYR C 157 -24.89 49.21 -34.70
C TYR C 157 -23.88 49.37 -35.83
N ASP C 158 -23.47 50.60 -36.13
CA ASP C 158 -22.48 50.81 -37.19
C ASP C 158 -21.10 50.35 -36.75
N LYS C 159 -20.68 50.74 -35.54
CA LYS C 159 -19.38 50.31 -35.04
C LYS C 159 -19.32 48.81 -34.88
N PHE C 160 -20.32 48.23 -34.19
CA PHE C 160 -20.35 46.77 -34.02
C PHE C 160 -20.45 46.05 -35.36
N SER C 161 -21.15 46.65 -36.33
CA SER C 161 -21.25 46.03 -37.64
C SER C 161 -19.90 46.01 -38.34
N LYS C 162 -19.21 47.15 -38.38
CA LYS C 162 -17.89 47.20 -38.99
C LYS C 162 -16.91 46.28 -38.28
N ASP C 163 -17.04 46.15 -36.96
CA ASP C 163 -16.17 45.25 -36.20
C ASP C 163 -16.57 43.79 -36.33
N HIS C 164 -17.77 43.50 -36.84
CA HIS C 164 -18.23 42.13 -37.03
C HIS C 164 -18.09 41.64 -38.45
N SER C 165 -17.96 42.54 -39.43
CA SER C 165 -17.80 42.19 -40.85
C SER C 165 -19.10 41.56 -41.31
N VAL C 166 -19.11 40.33 -41.82
CA VAL C 166 -20.32 39.70 -42.32
C VAL C 166 -20.88 38.69 -41.32
N LEU C 167 -20.49 38.80 -40.05
CA LEU C 167 -20.97 37.89 -39.02
C LEU C 167 -22.08 38.55 -38.21
N HIS C 168 -21.74 39.15 -37.07
CA HIS C 168 -22.74 39.81 -36.26
C HIS C 168 -23.40 40.96 -37.02
N GLU C 169 -22.65 41.61 -37.90
CA GLU C 169 -23.23 42.70 -38.69
C GLU C 169 -24.26 42.17 -39.69
N TYR C 170 -23.98 41.01 -40.30
CA TYR C 170 -24.92 40.43 -41.25
C TYR C 170 -26.14 39.88 -40.54
N GLU C 171 -25.96 39.23 -39.39
CA GLU C 171 -27.09 38.69 -38.65
C GLU C 171 -27.98 39.81 -38.12
N ILE C 172 -27.38 40.81 -37.47
CA ILE C 172 -28.16 41.93 -36.94
C ILE C 172 -28.80 42.71 -38.08
N SER C 173 -28.10 42.83 -39.21
CA SER C 173 -28.66 43.54 -40.35
C SER C 173 -29.88 42.83 -40.91
N LYS C 174 -29.78 41.52 -41.11
CA LYS C 174 -30.92 40.75 -41.62
C LYS C 174 -32.04 40.68 -40.60
N LEU C 175 -31.72 40.80 -39.32
CA LEU C 175 -32.71 40.77 -38.25
C LEU C 175 -33.00 42.15 -37.67
N GLY C 176 -32.78 43.21 -38.45
CA GLY C 176 -33.02 44.55 -37.99
C GLY C 176 -34.49 44.91 -37.91
N GLY C 177 -34.80 46.19 -38.03
CA GLY C 177 -36.17 46.64 -37.96
C GLY C 177 -36.62 47.15 -36.61
N ILE C 178 -35.69 47.68 -35.80
CA ILE C 178 -36.04 48.18 -34.48
C ILE C 178 -36.64 49.57 -34.60
N SER C 179 -37.48 49.93 -33.63
CA SER C 179 -38.13 51.23 -33.61
C SER C 179 -38.87 51.45 -32.29
N LEU C 180 -40.09 50.91 -32.20
CA LEU C 180 -40.89 51.05 -30.99
C LEU C 180 -40.58 49.94 -30.00
N LYS C 181 -41.60 49.16 -29.64
CA LYS C 181 -41.44 48.06 -28.70
C LYS C 181 -41.79 46.70 -29.29
N GLU C 182 -42.44 46.64 -30.45
CA GLU C 182 -42.81 45.38 -31.07
C GLU C 182 -41.56 44.64 -31.56
N HIS C 183 -40.97 43.82 -30.69
CA HIS C 183 -39.78 43.05 -31.03
C HIS C 183 -40.05 41.56 -31.13
N LEU C 184 -41.31 41.16 -31.23
CA LEU C 184 -41.68 39.75 -31.32
C LEU C 184 -42.22 39.47 -32.73
N GLN C 185 -41.32 39.59 -33.71
CA GLN C 185 -41.69 39.34 -35.10
C GLN C 185 -40.46 39.33 -35.99
N GLU C 186 -39.51 38.44 -35.69
CA GLU C 186 -38.29 38.31 -36.46
C GLU C 186 -38.27 37.08 -37.36
N ASN C 187 -39.36 36.31 -37.39
CA ASN C 187 -39.52 35.14 -38.28
C ASN C 187 -38.27 34.27 -38.15
N ASP C 188 -37.59 33.94 -39.25
CA ASP C 188 -36.39 33.12 -39.15
C ASP C 188 -35.34 33.79 -38.27
N VAL C 189 -35.26 35.12 -38.32
CA VAL C 189 -34.35 35.84 -37.44
C VAL C 189 -34.75 35.64 -35.98
N ALA C 190 -36.05 35.47 -35.73
CA ALA C 190 -36.51 35.23 -34.36
C ALA C 190 -36.17 33.82 -33.91
N LYS C 191 -36.45 32.82 -34.76
CA LYS C 191 -36.16 31.44 -34.39
C LYS C 191 -34.66 31.24 -34.19
N ILE C 192 -33.85 31.77 -35.09
CA ILE C 192 -32.39 31.62 -34.96
C ILE C 192 -31.88 32.45 -33.78
N PHE C 193 -32.43 33.64 -33.59
CA PHE C 193 -32.00 34.47 -32.46
C PHE C 193 -32.37 33.84 -31.12
N ARG C 194 -33.40 32.99 -31.09
CA ARG C 194 -33.80 32.35 -29.85
C ARG C 194 -33.14 30.99 -29.67
N SER C 195 -32.73 30.34 -30.75
CA SER C 195 -32.10 29.04 -30.73
C SER C 195 -30.59 29.22 -31.02
N HIS C 196 -29.95 28.17 -31.50
CA HIS C 196 -28.52 28.19 -31.81
C HIS C 196 -27.70 28.45 -30.55
N LYS C 197 -27.57 27.41 -29.74
CA LYS C 197 -26.83 27.49 -28.50
C LYS C 197 -25.35 27.18 -28.75
N PHE C 198 -24.53 27.46 -27.73
CA PHE C 198 -23.10 27.22 -27.81
C PHE C 198 -22.71 25.78 -27.47
N LYS C 199 -23.44 25.15 -26.55
CA LYS C 199 -23.15 23.77 -26.16
C LYS C 199 -21.76 23.68 -25.54
N VAL C 200 -20.73 23.61 -26.39
CA VAL C 200 -19.36 23.51 -25.89
C VAL C 200 -18.99 24.80 -25.18
N LEU C 201 -18.38 24.66 -24.00
CA LEU C 201 -17.98 25.82 -23.22
C LEU C 201 -16.71 26.44 -23.80
N ILE C 202 -16.33 27.59 -23.25
CA ILE C 202 -15.13 28.31 -23.69
C ILE C 202 -13.92 27.98 -22.82
N GLY C 203 -14.03 27.00 -21.93
CA GLY C 203 -12.92 26.62 -21.08
C GLY C 203 -13.03 27.20 -19.68
N ARG C 204 -12.63 26.42 -18.68
CA ARG C 204 -12.68 26.89 -17.30
C ARG C 204 -11.74 28.08 -17.08
N THR C 205 -10.57 28.05 -17.71
CA THR C 205 -9.63 29.15 -17.55
C THR C 205 -10.16 30.43 -18.17
N THR C 206 -10.69 30.33 -19.40
CA THR C 206 -11.23 31.52 -20.06
C THR C 206 -12.45 32.06 -19.32
N PHE C 207 -13.34 31.17 -18.88
CA PHE C 207 -14.52 31.61 -18.14
C PHE C 207 -14.14 32.28 -16.83
N ASN C 208 -13.17 31.69 -16.11
CA ASN C 208 -12.73 32.27 -14.85
C ASN C 208 -12.06 33.62 -15.07
N LEU C 209 -11.26 33.74 -16.13
CA LEU C 209 -10.61 35.02 -16.41
C LEU C 209 -11.62 36.09 -16.77
N LEU C 210 -12.60 35.75 -17.62
CA LEU C 210 -13.62 36.72 -18.00
C LEU C 210 -14.47 37.13 -16.79
N LEU C 211 -14.83 36.16 -15.95
CA LEU C 211 -15.62 36.48 -14.77
C LEU C 211 -14.83 37.37 -13.80
N TYR C 212 -13.53 37.08 -13.63
CA TYR C 212 -12.72 37.90 -12.75
C TYR C 212 -12.55 39.30 -13.29
N PHE C 213 -12.34 39.44 -14.60
CA PHE C 213 -12.19 40.77 -15.19
C PHE C 213 -13.49 41.56 -15.09
N LEU C 214 -14.62 40.92 -15.36
CA LEU C 214 -15.90 41.61 -15.26
C LEU C 214 -16.20 42.01 -13.83
N ASN C 215 -15.92 41.13 -12.87
CA ASN C 215 -16.16 41.45 -11.48
C ASN C 215 -15.24 42.58 -11.00
N GLU C 216 -14.01 42.62 -11.51
CA GLU C 216 -13.09 43.69 -11.13
C GLU C 216 -13.44 45.01 -11.79
N ASN C 217 -14.07 44.96 -12.96
CA ASN C 217 -14.46 46.19 -13.65
C ASN C 217 -15.79 46.73 -13.15
N ASP C 218 -16.66 45.87 -12.63
CA ASP C 218 -17.97 46.28 -12.11
C ASP C 218 -18.78 46.83 -13.30
N ALA C 219 -19.29 48.06 -13.22
CA ALA C 219 -20.07 48.63 -14.31
C ALA C 219 -21.33 47.80 -14.58
N VAL C 220 -21.95 48.01 -15.74
CA VAL C 220 -23.16 47.29 -16.11
C VAL C 220 -22.89 46.17 -17.10
N GLY C 221 -21.64 46.01 -17.55
CA GLY C 221 -21.34 44.96 -18.50
C GLY C 221 -21.56 43.57 -17.92
N GLY C 222 -21.23 43.39 -16.64
CA GLY C 222 -21.43 42.10 -16.01
C GLY C 222 -22.89 41.72 -15.87
N GLY C 223 -23.72 42.69 -15.49
CA GLY C 223 -25.14 42.40 -15.34
C GLY C 223 -25.85 42.24 -16.68
N VAL C 224 -25.57 43.13 -17.63
CA VAL C 224 -26.20 43.04 -18.94
C VAL C 224 -25.76 41.77 -19.66
N VAL C 225 -24.45 41.52 -19.68
CA VAL C 225 -23.95 40.31 -20.34
C VAL C 225 -24.40 39.05 -19.59
N LEU C 226 -24.56 39.14 -18.27
CA LEU C 226 -24.99 37.98 -17.51
C LEU C 226 -26.45 37.65 -17.79
N ARG C 227 -27.31 38.67 -17.85
CA ARG C 227 -28.73 38.43 -18.12
C ARG C 227 -28.94 38.01 -19.57
N LEU C 228 -28.30 38.69 -20.52
CA LEU C 228 -28.46 38.34 -21.93
C LEU C 228 -27.89 36.95 -22.21
N ILE C 229 -26.73 36.63 -21.63
CA ILE C 229 -26.15 35.32 -21.85
C ILE C 229 -26.95 34.23 -21.15
N ASN C 230 -27.52 34.54 -19.98
CA ASN C 230 -28.31 33.58 -19.24
C ASN C 230 -29.70 33.37 -19.84
N GLN C 231 -30.18 34.32 -20.65
CA GLN C 231 -31.50 34.22 -21.27
C GLN C 231 -31.44 33.97 -22.76
N TYR C 232 -30.24 33.88 -23.33
CA TYR C 232 -30.09 33.64 -24.77
C TYR C 232 -28.65 33.31 -25.12
N ILE C 233 -28.11 32.24 -24.52
CA ILE C 233 -26.74 31.83 -24.79
C ILE C 233 -26.48 30.50 -24.10
N GLU C 234 -26.98 30.35 -22.87
CA GLU C 234 -26.81 29.13 -22.11
C GLU C 234 -25.33 28.87 -21.83
N PRO C 235 -24.80 29.37 -20.73
CA PRO C 235 -23.39 29.16 -20.42
C PRO C 235 -23.15 27.82 -19.73
N VAL C 236 -21.88 27.51 -19.51
CA VAL C 236 -21.47 26.27 -18.87
C VAL C 236 -21.21 26.54 -17.39
N ILE C 237 -20.57 25.57 -16.72
CA ILE C 237 -20.28 25.75 -15.30
C ILE C 237 -19.20 26.80 -15.08
N THR C 238 -18.32 26.99 -16.07
CA THR C 238 -17.25 27.98 -15.98
C THR C 238 -16.32 27.54 -14.84
N THR C 239 -15.82 28.46 -14.03
CA THR C 239 -14.93 28.11 -12.93
C THR C 239 -15.70 27.43 -11.80
N SER D 218 23.19 -19.64 -8.23
CA SER D 218 21.84 -19.80 -8.74
C SER D 218 21.59 -18.88 -9.93
N ARG D 219 22.02 -17.63 -9.81
CA ARG D 219 21.85 -16.67 -10.90
C ARG D 219 22.79 -16.93 -12.06
N GLU D 220 23.85 -17.70 -11.86
CA GLU D 220 24.80 -18.01 -12.91
C GLU D 220 24.40 -19.24 -13.71
N LEU D 221 24.01 -20.32 -13.01
CA LEU D 221 23.60 -21.54 -13.70
C LEU D 221 22.32 -21.32 -14.49
N GLN D 222 21.36 -20.59 -13.92
CA GLN D 222 20.10 -20.33 -14.62
C GLN D 222 20.34 -19.53 -15.89
N LEU D 223 21.14 -18.47 -15.81
CA LEU D 223 21.44 -17.67 -16.98
C LEU D 223 22.24 -18.46 -18.01
N TYR D 224 23.17 -19.30 -17.55
CA TYR D 224 23.96 -20.10 -18.47
C TYR D 224 23.09 -21.10 -19.21
N PHE D 225 22.14 -21.73 -18.52
CA PHE D 225 21.25 -22.69 -19.17
C PHE D 225 20.28 -21.98 -20.11
N ASP D 226 19.73 -20.84 -19.68
CA ASP D 226 18.80 -20.11 -20.53
C ASP D 226 19.48 -19.64 -21.81
N LYS D 227 20.70 -19.10 -21.70
CA LYS D 227 21.43 -18.65 -22.88
C LYS D 227 21.85 -19.84 -23.74
N ILE D 228 22.25 -20.95 -23.12
CA ILE D 228 22.65 -22.12 -23.87
C ILE D 228 21.47 -22.68 -24.66
N VAL D 229 20.27 -22.58 -24.11
CA VAL D 229 19.08 -23.07 -24.81
C VAL D 229 18.66 -22.09 -25.90
N GLU D 230 18.74 -20.80 -25.61
CA GLU D 230 18.36 -19.79 -26.61
C GLU D 230 19.27 -19.86 -27.83
N VAL D 231 20.59 -19.74 -27.61
CA VAL D 231 21.55 -19.97 -28.69
C VAL D 231 21.31 -21.33 -29.33
N LEU D 232 21.41 -22.38 -28.52
CA LEU D 232 20.83 -23.66 -28.89
C LEU D 232 19.32 -23.49 -28.92
N LEU D 233 18.58 -24.59 -29.04
CA LEU D 233 17.12 -24.51 -29.09
C LEU D 233 16.66 -23.42 -30.05
N ASN D 234 16.92 -22.15 -29.72
CA ASN D 234 16.51 -21.05 -30.58
C ASN D 234 17.32 -21.00 -31.87
N GLN D 235 18.48 -21.65 -31.92
CA GLN D 235 19.30 -21.65 -33.12
C GLN D 235 18.74 -22.62 -34.15
N GLU D 236 19.60 -23.12 -35.04
CA GLU D 236 19.17 -24.05 -36.07
C GLU D 236 20.40 -24.73 -36.65
N GLU D 237 20.19 -25.94 -37.19
CA GLU D 237 21.28 -26.71 -37.79
C GLU D 237 20.77 -27.53 -38.96
N THR D 238 21.04 -28.84 -38.95
CA THR D 238 20.61 -29.73 -40.01
C THR D 238 20.75 -31.18 -39.59
N LYS D 239 21.97 -31.72 -39.68
CA LYS D 239 22.19 -33.11 -39.30
C LYS D 239 22.01 -33.31 -37.79
N GLU D 240 22.49 -32.38 -36.99
CA GLU D 240 22.39 -32.45 -35.54
C GLU D 240 21.21 -31.64 -35.00
N ALA D 241 20.34 -31.12 -35.87
CA ALA D 241 19.21 -30.33 -35.42
C ALA D 241 18.18 -31.21 -34.72
N GLU D 242 17.77 -32.31 -35.38
CA GLU D 242 16.79 -33.21 -34.78
C GLU D 242 17.34 -33.87 -33.53
N LEU D 243 18.58 -34.34 -33.58
CA LEU D 243 19.18 -34.99 -32.42
C LEU D 243 19.35 -34.00 -31.27
N LEU D 244 19.71 -32.75 -31.58
CA LEU D 244 19.89 -31.75 -30.53
C LEU D 244 18.54 -31.37 -29.91
N ARG D 245 17.51 -31.22 -30.72
CA ARG D 245 16.19 -30.86 -30.19
C ARG D 245 15.62 -32.00 -29.36
N ASN D 246 15.69 -33.22 -29.87
CA ASN D 246 15.16 -34.37 -29.13
C ASN D 246 15.95 -34.59 -27.84
N SER D 247 17.28 -34.48 -27.90
CA SER D 247 18.10 -34.67 -26.71
C SER D 247 17.82 -33.59 -25.67
N ALA D 248 17.66 -32.34 -26.13
CA ALA D 248 17.39 -31.25 -25.19
C ALA D 248 16.01 -31.40 -24.56
N LEU D 249 15.01 -31.76 -25.36
CA LEU D 249 13.66 -31.94 -24.83
C LEU D 249 13.60 -33.11 -23.85
N GLN D 250 14.27 -34.22 -24.19
CA GLN D 250 14.26 -35.37 -23.30
C GLN D 250 15.03 -35.09 -22.01
N SER D 251 16.16 -34.38 -22.11
CA SER D 251 16.94 -34.07 -20.91
C SER D 251 16.18 -33.09 -20.01
N VAL D 252 15.60 -32.05 -20.60
CA VAL D 252 14.85 -31.09 -19.79
C VAL D 252 13.58 -31.71 -19.24
N ARG D 253 13.04 -32.72 -19.92
CA ARG D 253 11.83 -33.41 -19.50
C ARG D 253 12.12 -34.79 -18.92
N ALA D 254 13.32 -34.98 -18.37
CA ALA D 254 13.70 -36.26 -17.79
C ALA D 254 14.60 -36.06 -16.58
N ASP D 255 15.35 -34.96 -16.56
CA ASP D 255 16.25 -34.66 -15.45
C ASP D 255 16.15 -33.19 -15.08
N PRO D 256 17.24 -32.59 -14.58
CA PRO D 256 17.19 -31.16 -14.21
C PRO D 256 16.08 -30.86 -13.22
N GLY D 257 15.58 -29.63 -13.23
CA GLY D 257 14.52 -29.23 -12.33
C GLY D 257 13.59 -28.19 -12.92
N LEU D 258 12.66 -27.68 -12.11
CA LEU D 258 11.71 -26.67 -12.54
C LEU D 258 12.21 -25.25 -12.34
N GLN D 260 13.51 -25.07 -12.10
CA GLN D 260 14.04 -23.73 -11.89
C GLN D 260 14.02 -22.91 -13.18
N LEU D 261 14.12 -23.56 -14.34
CA LEU D 261 14.11 -22.89 -15.63
C LEU D 261 12.73 -22.89 -16.27
N VAL D 262 11.67 -22.96 -15.46
CA VAL D 262 10.30 -22.97 -15.97
C VAL D 262 9.86 -21.53 -16.22
N PRO D 263 10.22 -20.58 -15.36
CA PRO D 263 9.81 -19.19 -15.58
C PRO D 263 10.49 -18.58 -16.79
N TYR D 264 11.80 -18.77 -16.91
CA TYR D 264 12.53 -18.21 -18.05
C TYR D 264 12.08 -18.86 -19.36
N PHE D 265 11.90 -20.19 -19.36
CA PHE D 265 11.46 -20.88 -20.57
C PHE D 265 10.04 -20.48 -20.94
N ILE D 266 9.17 -20.28 -19.95
CA ILE D 266 7.79 -19.90 -20.24
C ILE D 266 7.74 -18.47 -20.77
N GLN D 267 8.53 -17.57 -20.19
CA GLN D 267 8.54 -16.19 -20.65
C GLN D 267 9.13 -16.07 -22.06
N PHE D 268 10.25 -16.77 -22.29
CA PHE D 268 10.88 -16.72 -23.61
C PHE D 268 9.98 -17.37 -24.66
N ILE D 269 9.35 -18.49 -24.33
CA ILE D 269 8.47 -19.15 -25.28
C ILE D 269 7.24 -18.30 -25.57
N SER D 270 6.71 -17.63 -24.55
CA SER D 270 5.54 -16.78 -24.75
C SER D 270 5.88 -15.54 -25.58
N GLU D 271 7.05 -14.95 -25.33
CA GLU D 271 7.44 -13.77 -26.09
C GLU D 271 7.76 -14.12 -27.53
N THR D 272 8.51 -15.21 -27.75
CA THR D 272 8.85 -15.61 -29.12
C THR D 272 7.61 -16.07 -29.88
N ILE D 273 6.70 -16.78 -29.22
CA ILE D 273 5.49 -17.25 -29.89
C ILE D 273 4.53 -16.09 -30.12
N THR D 274 4.57 -15.06 -29.29
CA THR D 274 3.68 -13.92 -29.45
C THR D 274 4.20 -12.90 -30.46
N LYS D 275 5.52 -12.81 -30.64
CA LYS D 275 6.13 -11.87 -31.58
C LYS D 275 6.72 -12.58 -32.79
N ASN D 276 6.44 -13.86 -32.99
CA ASN D 276 6.97 -14.62 -34.12
C ASN D 276 5.80 -14.92 -35.05
N LEU D 277 5.23 -16.12 -35.02
CA LEU D 277 4.11 -16.48 -35.89
C LEU D 277 4.53 -16.43 -37.35
N LYS D 278 5.68 -17.02 -37.65
CA LYS D 278 6.22 -17.05 -39.00
C LYS D 278 6.59 -18.48 -39.37
N ASN D 279 6.36 -18.84 -40.63
CA ASN D 279 6.67 -20.19 -41.11
C ASN D 279 5.87 -21.23 -40.35
N ILE D 280 6.35 -22.47 -40.34
CA ILE D 280 5.66 -23.56 -39.66
C ILE D 280 6.67 -24.32 -38.81
N SER D 281 7.96 -24.10 -39.05
CA SER D 281 9.00 -24.77 -38.28
C SER D 281 9.06 -24.26 -36.85
N LEU D 282 9.01 -22.94 -36.67
CA LEU D 282 9.07 -22.39 -35.32
C LEU D 282 7.87 -22.82 -34.49
N LEU D 283 6.67 -22.83 -35.09
CA LEU D 283 5.48 -23.26 -34.35
C LEU D 283 5.57 -24.73 -33.97
N SER D 284 6.08 -25.57 -34.87
CA SER D 284 6.22 -26.99 -34.57
C SER D 284 7.25 -27.22 -33.47
N THR D 285 8.39 -26.54 -33.54
CA THR D 285 9.42 -26.71 -32.52
C THR D 285 8.93 -26.23 -31.16
N MET D 286 8.30 -25.04 -31.12
CA MET D 286 7.79 -24.53 -29.86
C MET D 286 6.69 -25.43 -29.30
N LEU D 287 5.83 -25.95 -30.17
CA LEU D 287 4.77 -26.84 -29.70
C LEU D 287 5.34 -28.14 -29.16
N GLU D 288 6.37 -28.69 -29.81
CA GLU D 288 6.98 -29.92 -29.32
C GLU D 288 7.70 -29.70 -28.00
N LEU D 289 8.45 -28.60 -27.89
CA LEU D 289 9.16 -28.32 -26.64
C LEU D 289 8.19 -28.08 -25.50
N ILE D 290 7.12 -27.31 -25.76
CA ILE D 290 6.13 -27.04 -24.72
C ILE D 290 5.39 -28.32 -24.34
N TYR D 291 5.19 -29.22 -25.31
CA TYR D 291 4.49 -30.47 -25.02
C TYR D 291 5.37 -31.41 -24.19
N SER D 292 6.68 -31.44 -24.48
CA SER D 292 7.59 -32.30 -23.72
C SER D 292 7.80 -31.76 -22.31
N LEU D 293 8.05 -30.45 -22.19
CA LEU D 293 8.25 -29.87 -20.87
C LEU D 293 6.98 -29.93 -20.02
N LEU D 294 5.84 -29.62 -20.64
CA LEU D 294 4.58 -29.67 -19.90
C LEU D 294 4.19 -31.10 -19.55
N MET D 295 4.51 -32.06 -20.41
CA MET D 295 4.18 -33.45 -20.14
C MET D 295 5.15 -34.11 -19.17
N ASN D 296 6.34 -33.53 -18.99
CA ASN D 296 7.34 -34.07 -18.08
C ASN D 296 8.00 -32.92 -17.32
N GLU D 297 7.17 -32.14 -16.63
CA GLU D 297 7.61 -31.00 -15.84
C GLU D 297 7.29 -31.23 -14.37
N SER D 298 7.72 -30.29 -13.53
CA SER D 298 7.47 -30.38 -12.10
C SER D 298 6.23 -29.60 -11.71
N LEU D 299 6.22 -29.04 -10.49
CA LEU D 299 5.08 -28.27 -10.01
C LEU D 299 5.35 -26.80 -10.29
N PHE D 300 4.84 -26.31 -11.43
CA PHE D 300 5.02 -24.92 -11.82
C PHE D 300 4.06 -24.53 -12.93
N LEU D 301 3.67 -25.51 -13.75
CA LEU D 301 2.75 -25.23 -14.84
C LEU D 301 1.38 -24.81 -14.31
N GLU D 302 0.88 -25.52 -13.31
CA GLU D 302 -0.42 -25.17 -12.74
C GLU D 302 -0.41 -23.80 -12.07
N PRO D 303 0.60 -23.45 -11.27
CA PRO D 303 0.57 -22.11 -10.66
C PRO D 303 0.87 -21.00 -11.64
N TYR D 304 1.72 -21.25 -12.64
CA TYR D 304 2.03 -20.20 -13.61
C TYR D 304 0.86 -19.95 -14.55
N VAL D 305 0.15 -21.02 -14.95
CA VAL D 305 -1.00 -20.89 -15.84
C VAL D 305 -0.55 -20.36 -17.18
N ALA D 307 -0.26 -21.26 -18.13
CA ALA D 307 0.18 -20.88 -19.46
C ALA D 307 -0.69 -21.44 -20.57
N ILE D 308 -1.58 -22.40 -20.28
CA ILE D 308 -2.43 -22.96 -21.31
C ILE D 308 -3.44 -21.95 -21.83
N ILE D 309 -3.72 -20.91 -21.05
CA ILE D 309 -4.69 -19.88 -21.45
C ILE D 309 -4.07 -19.04 -22.56
N PRO D 310 -2.91 -18.41 -22.34
CA PRO D 310 -2.32 -17.61 -23.42
C PRO D 310 -1.71 -18.45 -24.52
N CYS D 311 -0.99 -19.52 -24.18
CA CYS D 311 -0.40 -20.37 -25.20
C CYS D 311 -1.48 -21.07 -26.02
N ILE D 312 -2.45 -21.70 -25.36
CA ILE D 312 -3.52 -22.38 -26.07
C ILE D 312 -4.38 -21.39 -26.83
N LEU D 313 -4.56 -20.18 -26.29
CA LEU D 313 -5.37 -19.17 -26.96
C LEU D 313 -4.69 -18.69 -28.25
N THR D 314 -3.39 -18.41 -28.18
CA THR D 314 -2.68 -17.96 -29.37
C THR D 314 -2.55 -19.09 -30.40
N LEU D 315 -2.29 -20.31 -29.94
CA LEU D 315 -2.17 -21.43 -30.85
C LEU D 315 -3.49 -21.76 -31.52
N LEU D 316 -4.59 -21.58 -30.80
CA LEU D 316 -5.90 -21.86 -31.37
C LEU D 316 -6.43 -20.70 -32.21
N LEU D 317 -5.89 -19.50 -31.99
CA LEU D 317 -6.30 -18.31 -32.73
C LEU D 317 -5.36 -17.98 -33.89
N ALA D 318 -4.27 -18.73 -34.03
CA ALA D 318 -3.33 -18.46 -35.11
C ALA D 318 -3.94 -18.81 -36.46
N LYS D 319 -3.50 -18.10 -37.49
CA LYS D 319 -3.99 -18.32 -38.84
C LYS D 319 -3.06 -17.69 -39.87
N LYS D 320 -2.40 -16.59 -39.50
CA LYS D 320 -1.49 -15.93 -40.42
C LYS D 320 -0.22 -16.75 -40.63
N ILE D 321 0.15 -17.55 -39.63
CA ILE D 321 1.35 -18.39 -39.76
C ILE D 321 1.17 -19.40 -40.89
N GLY D 322 0.02 -20.07 -40.93
CA GLY D 322 -0.26 -21.02 -41.98
C GLY D 322 -0.63 -20.36 -43.29
N ASN D 323 -1.60 -19.45 -43.24
CA ASN D 323 -2.04 -18.74 -44.43
C ASN D 323 -0.86 -18.08 -45.13
N VAL D 324 -0.24 -17.09 -44.48
CA VAL D 324 0.95 -16.45 -45.03
C VAL D 324 2.08 -17.47 -45.23
N ASP D 325 2.09 -18.54 -44.44
CA ASP D 325 3.09 -19.60 -44.55
C ASP D 325 2.34 -20.88 -44.93
N ASP D 326 2.11 -21.05 -46.23
CA ASP D 326 1.41 -22.22 -46.75
C ASP D 326 -0.07 -22.19 -46.38
N GLU D 327 -0.81 -21.25 -46.97
CA GLU D 327 -2.24 -21.13 -46.70
C GLU D 327 -2.99 -22.38 -47.17
N LEU D 328 -3.08 -22.55 -48.49
CA LEU D 328 -3.77 -23.71 -49.04
C LEU D 328 -2.98 -24.98 -48.76
N GLN D 329 -3.70 -26.06 -48.42
CA GLN D 329 -3.07 -27.34 -48.11
C GLN D 329 -2.10 -27.22 -46.95
N LYS D 330 -2.59 -26.63 -45.85
CA LYS D 330 -1.77 -26.40 -44.65
C LYS D 330 -1.76 -27.67 -43.80
N GLN D 331 -1.02 -28.67 -44.28
CA GLN D 331 -0.88 -29.92 -43.54
C GLN D 331 -0.24 -29.68 -42.18
N GLN D 332 0.86 -28.94 -42.16
CA GLN D 332 1.52 -28.62 -40.89
C GLN D 332 0.60 -27.81 -39.98
N GLN D 333 -0.29 -27.00 -40.56
CA GLN D 333 -1.24 -26.24 -39.75
C GLN D 333 -2.30 -27.16 -39.14
N LEU D 334 -2.73 -28.17 -39.89
CA LEU D 334 -3.70 -29.12 -39.36
C LEU D 334 -3.09 -29.98 -38.27
N ALA D 335 -1.90 -30.55 -38.52
CA ALA D 335 -1.22 -31.35 -37.50
C ALA D 335 -0.94 -30.52 -36.26
N LEU D 336 -0.42 -29.31 -36.46
CA LEU D 336 -0.16 -28.43 -35.31
C LEU D 336 -1.44 -28.08 -34.57
N ARG D 337 -2.56 -27.99 -35.30
CA ARG D 337 -3.84 -27.72 -34.64
C ARG D 337 -4.29 -28.90 -33.80
N GLU D 338 -4.10 -30.13 -34.32
CA GLU D 338 -4.47 -31.31 -33.55
C GLU D 338 -3.59 -31.44 -32.30
N LEU D 339 -2.28 -31.26 -32.47
CA LEU D 339 -1.37 -31.32 -31.32
C LEU D 339 -1.72 -30.26 -30.30
N SER D 340 -2.00 -29.03 -30.75
CA SER D 340 -2.39 -27.97 -29.83
C SER D 340 -3.69 -28.31 -29.12
N ALA D 341 -4.61 -28.99 -29.81
CA ALA D 341 -5.86 -29.39 -29.18
C ALA D 341 -5.64 -30.49 -28.14
N SER D 342 -4.66 -31.36 -28.38
CA SER D 342 -4.37 -32.42 -27.41
C SER D 342 -3.68 -31.86 -26.18
N LEU D 343 -2.66 -31.02 -26.38
CA LEU D 343 -1.96 -30.42 -25.25
C LEU D 343 -2.88 -29.52 -24.44
N LEU D 344 -3.58 -28.61 -25.13
CA LEU D 344 -4.52 -27.73 -24.44
C LEU D 344 -5.64 -28.51 -23.78
N GLU D 345 -6.05 -29.62 -24.41
CA GLU D 345 -7.09 -30.46 -23.82
C GLU D 345 -6.61 -31.10 -22.53
N ARG D 346 -5.39 -31.63 -22.52
CA ARG D 346 -4.85 -32.24 -21.31
C ARG D 346 -4.63 -31.19 -20.22
N VAL D 347 -4.15 -30.01 -20.59
CA VAL D 347 -3.94 -28.95 -19.61
C VAL D 347 -5.27 -28.53 -19.01
N ILE D 348 -6.31 -28.42 -19.83
CA ILE D 348 -7.63 -28.04 -19.33
C ILE D 348 -8.30 -29.17 -18.56
N GLU D 349 -7.88 -30.42 -18.77
CA GLU D 349 -8.45 -31.55 -18.06
C GLU D 349 -7.71 -31.88 -16.77
N ASP D 350 -6.48 -31.40 -16.60
CA ASP D 350 -5.70 -31.65 -15.39
C ASP D 350 -6.12 -30.64 -14.31
N PHE D 351 -7.34 -30.84 -13.82
CA PHE D 351 -7.90 -29.99 -12.78
C PHE D 351 -8.89 -30.80 -11.95
N GLY D 352 -8.84 -30.60 -10.63
CA GLY D 352 -9.71 -31.31 -9.73
C GLY D 352 -10.68 -30.40 -9.00
N SER D 353 -10.20 -29.25 -8.55
CA SER D 353 -11.03 -28.28 -7.85
C SER D 353 -11.29 -27.02 -8.66
N SER D 354 -10.25 -26.34 -9.11
CA SER D 354 -10.41 -25.12 -9.90
C SER D 354 -9.15 -24.82 -10.70
N TYR D 355 -8.44 -25.87 -11.11
CA TYR D 355 -7.22 -25.72 -11.89
C TYR D 355 -7.48 -25.49 -13.37
N SER D 356 -8.75 -25.41 -13.79
CA SER D 356 -9.07 -25.21 -15.19
C SER D 356 -10.47 -24.61 -15.34
N THR D 357 -10.70 -23.47 -14.72
CA THR D 357 -11.99 -22.78 -14.79
C THR D 357 -12.11 -21.85 -15.98
N LEU D 358 -11.39 -22.13 -17.07
CA LEU D 358 -11.42 -21.30 -18.26
C LEU D 358 -12.50 -21.73 -19.25
N LYS D 359 -13.42 -22.61 -18.84
CA LYS D 359 -14.47 -23.05 -19.74
C LYS D 359 -15.39 -21.91 -20.15
N PRO D 360 -15.90 -21.08 -19.24
CA PRO D 360 -16.77 -19.97 -19.68
C PRO D 360 -16.06 -18.96 -20.55
N ARG D 361 -14.79 -18.67 -20.26
CA ARG D 361 -14.04 -17.72 -21.08
C ARG D 361 -13.77 -18.28 -22.47
N ILE D 362 -13.45 -19.58 -22.56
CA ILE D 362 -13.19 -20.19 -23.86
C ILE D 362 -14.47 -20.26 -24.67
N THR D 363 -15.58 -20.67 -24.04
CA THR D 363 -16.84 -20.76 -24.76
C THR D 363 -17.31 -19.38 -25.22
N ARG D 364 -17.22 -18.38 -24.34
CA ARG D 364 -17.62 -17.03 -24.72
C ARG D 364 -16.72 -16.49 -25.81
N THR D 365 -15.43 -16.81 -25.77
CA THR D 365 -14.52 -16.33 -26.81
C THR D 365 -14.82 -16.97 -28.15
N LEU D 366 -15.08 -18.28 -28.16
CA LEU D 366 -15.41 -18.95 -29.42
C LEU D 366 -16.74 -18.46 -29.98
N LEU D 367 -17.74 -18.30 -29.12
CA LEU D 367 -19.03 -17.82 -29.60
C LEU D 367 -18.94 -16.39 -30.12
N ARG D 368 -18.19 -15.54 -29.42
CA ARG D 368 -18.02 -14.16 -29.87
C ARG D 368 -17.25 -14.09 -31.18
N ALA D 369 -16.22 -14.93 -31.33
CA ALA D 369 -15.44 -14.93 -32.57
C ALA D 369 -16.28 -15.44 -33.74
N PHE D 370 -17.02 -16.52 -33.53
CA PHE D 370 -17.85 -17.05 -34.61
C PHE D 370 -18.97 -16.09 -34.97
N VAL D 371 -19.53 -15.39 -33.98
CA VAL D 371 -20.59 -14.42 -34.23
C VAL D 371 -20.08 -13.06 -34.65
N SER D 372 -18.76 -12.87 -34.69
CA SER D 372 -18.15 -11.60 -35.08
C SER D 372 -17.48 -11.66 -36.44
N VAL D 373 -16.82 -12.77 -36.77
CA VAL D 373 -16.14 -12.91 -38.05
C VAL D 373 -15.70 -14.36 -38.24
N ASN D 374 -14.79 -14.59 -39.19
CA ASN D 374 -14.29 -15.93 -39.45
C ASN D 374 -12.80 -16.02 -39.15
N ASN D 375 -12.40 -15.59 -37.95
CA ASN D 375 -11.00 -15.64 -37.56
C ASN D 375 -10.55 -17.08 -37.40
N THR D 376 -9.48 -17.45 -38.12
CA THR D 376 -8.94 -18.80 -38.08
C THR D 376 -9.95 -19.83 -38.56
N THR D 377 -10.78 -19.46 -39.53
CA THR D 377 -11.77 -20.38 -40.06
C THR D 377 -11.18 -21.23 -41.18
N PRO D 378 -11.52 -22.52 -41.24
CA PRO D 378 -12.43 -23.14 -40.28
C PRO D 378 -11.94 -24.52 -39.81
N GLY D 379 -11.42 -24.57 -38.60
CA GLY D 379 -10.92 -25.83 -38.05
C GLY D 379 -10.16 -25.65 -36.75
N THR D 380 -9.55 -24.48 -36.57
CA THR D 380 -8.79 -24.22 -35.34
C THR D 380 -9.72 -24.12 -34.13
N GLN D 381 -10.77 -23.29 -34.25
CA GLN D 381 -11.70 -23.13 -33.13
C GLN D 381 -12.45 -24.43 -32.86
N TYR D 382 -12.86 -25.13 -33.93
CA TYR D 382 -13.59 -26.39 -33.75
C TYR D 382 -12.70 -27.45 -33.10
N GLY D 383 -11.42 -27.50 -33.49
CA GLY D 383 -10.53 -28.49 -32.91
C GLY D 383 -10.18 -28.17 -31.47
N ALA D 384 -9.92 -26.89 -31.17
CA ALA D 384 -9.58 -26.49 -29.81
C ALA D 384 -10.77 -26.69 -28.87
N LEU D 385 -11.96 -26.26 -29.30
CA LEU D 385 -13.15 -26.42 -28.46
C LEU D 385 -13.50 -27.89 -28.30
N LEU D 386 -13.40 -28.67 -29.37
CA LEU D 386 -13.72 -30.09 -29.30
C LEU D 386 -12.75 -30.82 -28.38
N GLY D 387 -11.46 -30.50 -28.48
CA GLY D 387 -10.48 -31.15 -27.62
C GLY D 387 -10.61 -30.75 -26.17
N LEU D 388 -10.82 -29.46 -25.91
CA LEU D 388 -10.96 -28.98 -24.53
C LEU D 388 -12.23 -29.55 -23.90
N ARG D 389 -13.32 -29.61 -24.66
CA ARG D 389 -14.57 -30.14 -24.13
C ARG D 389 -14.48 -31.64 -23.91
N GLY D 390 -13.92 -32.37 -24.89
CA GLY D 390 -13.80 -33.80 -24.74
C GLY D 390 -12.88 -34.20 -23.61
N LEU D 391 -11.75 -33.50 -23.47
CA LEU D 391 -10.81 -33.82 -22.40
C LEU D 391 -11.30 -33.35 -21.04
N GLY D 392 -12.02 -32.23 -20.99
CA GLY D 392 -12.54 -31.72 -19.74
C GLY D 392 -13.86 -32.32 -19.29
N SER D 393 -14.53 -33.07 -20.15
CA SER D 393 -15.81 -33.70 -19.81
C SER D 393 -15.56 -34.74 -18.72
N GLU D 394 -15.60 -34.28 -17.48
CA GLU D 394 -15.39 -35.16 -16.32
C GLU D 394 -16.68 -35.33 -15.52
N VAL D 395 -19.91 -32.36 -19.38
CA VAL D 395 -20.14 -31.06 -20.01
C VAL D 395 -20.11 -31.19 -21.52
N ILE D 396 -19.96 -32.42 -22.01
CA ILE D 396 -19.91 -32.65 -23.44
C ILE D 396 -21.26 -32.38 -24.08
N ARG D 397 -22.36 -32.67 -23.37
CA ARG D 397 -23.68 -32.44 -23.92
C ARG D 397 -23.98 -30.94 -24.03
N ILE D 398 -23.67 -30.19 -22.97
CA ILE D 398 -23.92 -28.75 -22.99
C ILE D 398 -22.99 -28.06 -23.98
N VAL D 399 -21.75 -28.54 -24.07
CA VAL D 399 -20.79 -27.93 -24.99
C VAL D 399 -21.17 -28.21 -26.43
N VAL D 400 -21.62 -29.43 -26.72
CA VAL D 400 -22.02 -29.78 -28.08
C VAL D 400 -23.39 -29.23 -28.44
N LEU D 401 -24.21 -28.86 -27.45
CA LEU D 401 -25.53 -28.32 -27.72
C LEU D 401 -25.50 -26.79 -27.74
N GLY D 402 -25.32 -26.17 -26.58
CA GLY D 402 -25.28 -24.73 -26.50
C GLY D 402 -26.61 -24.07 -26.78
N ASN D 403 -26.97 -23.98 -28.05
CA ASN D 403 -28.23 -23.36 -28.45
C ASN D 403 -29.04 -24.31 -29.34
N VAL D 404 -30.09 -23.79 -29.96
CA VAL D 404 -30.94 -24.58 -30.84
C VAL D 404 -30.34 -24.59 -32.25
N ILE D 405 -30.96 -23.85 -33.16
CA ILE D 405 -30.48 -23.78 -34.54
C ILE D 405 -29.15 -23.04 -34.57
N ASN D 406 -28.05 -23.79 -34.50
CA ASN D 406 -26.71 -23.21 -34.51
C ASN D 406 -25.93 -23.52 -35.79
N TRP D 407 -26.17 -24.67 -36.41
CA TRP D 407 -25.44 -25.01 -37.63
C TRP D 407 -25.87 -24.10 -38.79
N SER D 408 -27.17 -24.04 -39.06
CA SER D 408 -27.65 -23.19 -40.15
C SER D 408 -27.37 -21.73 -39.88
N SER D 409 -27.47 -21.30 -38.61
CA SER D 409 -27.19 -19.91 -38.29
C SER D 409 -25.71 -19.58 -38.42
N THR D 410 -24.83 -20.53 -38.11
CA THR D 410 -23.40 -20.27 -38.22
C THR D 410 -22.95 -20.29 -39.68
N PHE D 411 -23.32 -21.33 -40.42
CA PHE D 411 -22.94 -21.41 -41.83
C PHE D 411 -23.57 -20.27 -42.62
N LEU D 412 -24.87 -20.04 -42.44
CA LEU D 412 -25.54 -18.97 -43.16
C LEU D 412 -24.99 -17.61 -42.75
N GLU D 413 -24.75 -17.42 -41.45
CA GLU D 413 -24.21 -16.14 -40.97
C GLU D 413 -22.81 -15.89 -41.52
N LYS D 414 -22.05 -16.96 -41.76
CA LYS D 414 -20.70 -16.82 -42.30
C LYS D 414 -20.71 -17.02 -43.81
N LEU D 415 -20.45 -18.25 -44.27
CA LEU D 415 -20.45 -18.56 -45.68
C LEU D 415 -19.42 -17.70 -46.42
N GLN D 416 -19.84 -16.51 -46.86
CA GLN D 416 -18.96 -15.59 -47.58
C GLN D 416 -18.46 -16.20 -48.89
N GLN D 417 -19.28 -17.03 -49.51
CA GLN D 417 -18.95 -17.68 -50.78
C GLN D 417 -17.69 -18.55 -50.62
N GLU D 418 -17.79 -19.52 -49.71
CA GLU D 418 -16.68 -20.43 -49.44
C GLU D 418 -16.36 -21.27 -50.68
N ASP D 419 -15.28 -20.92 -51.38
CA ASP D 419 -14.87 -21.65 -52.57
C ASP D 419 -14.15 -22.95 -52.25
N GLN D 420 -13.97 -23.28 -50.97
CA GLN D 420 -13.29 -24.51 -50.57
C GLN D 420 -14.35 -25.57 -50.28
N VAL D 421 -14.81 -26.21 -51.36
CA VAL D 421 -15.83 -27.26 -51.22
C VAL D 421 -15.29 -28.42 -50.40
N PHE D 422 -14.04 -28.84 -50.68
CA PHE D 422 -13.45 -29.93 -49.92
C PHE D 422 -13.25 -29.55 -48.46
N LEU D 423 -12.96 -28.27 -48.18
CA LEU D 423 -12.78 -27.85 -46.80
C LEU D 423 -14.10 -27.82 -46.05
N ILE D 424 -15.15 -27.30 -46.68
CA ILE D 424 -16.46 -27.25 -46.03
C ILE D 424 -16.99 -28.66 -45.81
N ASP D 425 -16.91 -29.51 -46.84
CA ASP D 425 -17.38 -30.89 -46.70
C ASP D 425 -16.57 -31.65 -45.66
N THR D 426 -15.25 -31.42 -45.63
CA THR D 426 -14.41 -32.08 -44.64
C THR D 426 -14.76 -31.63 -43.22
N LEU D 427 -15.04 -30.34 -43.06
CA LEU D 427 -15.39 -29.84 -41.73
C LEU D 427 -16.75 -30.38 -41.29
N ILE D 428 -17.72 -30.42 -42.20
CA ILE D 428 -19.04 -30.94 -41.85
C ILE D 428 -18.95 -32.42 -41.50
N GLU D 429 -18.21 -33.19 -42.30
CA GLU D 429 -18.06 -34.62 -42.02
C GLU D 429 -17.32 -34.84 -40.70
N THR D 430 -16.31 -34.02 -40.42
CA THR D 430 -15.58 -34.15 -39.16
C THR D 430 -16.47 -33.83 -37.96
N LEU D 431 -17.29 -32.79 -38.08
CA LEU D 431 -18.19 -32.43 -36.98
C LEU D 431 -19.25 -33.51 -36.77
N ARG D 432 -19.82 -34.03 -37.86
CA ARG D 432 -20.83 -35.07 -37.74
C ARG D 432 -20.24 -36.35 -37.14
N VAL D 433 -19.03 -36.72 -37.58
CA VAL D 433 -18.41 -37.92 -37.04
C VAL D 433 -18.05 -37.74 -35.57
N LEU D 434 -17.59 -36.54 -35.20
CA LEU D 434 -17.23 -36.28 -33.81
C LEU D 434 -18.47 -36.20 -32.92
N THR D 435 -19.61 -35.81 -33.48
CA THR D 435 -20.85 -35.72 -32.72
C THR D 435 -21.63 -37.03 -32.68
N LYS D 436 -21.35 -37.95 -33.60
CA LYS D 436 -22.05 -39.23 -33.64
C LYS D 436 -21.50 -40.18 -32.57
N GLY D 449 -20.66 -44.15 -28.57
CA GLY D 449 -21.79 -43.44 -28.01
C GLY D 449 -22.81 -44.36 -27.34
N ILE D 450 -22.95 -44.22 -26.03
CA ILE D 450 -23.90 -45.06 -25.30
C ILE D 450 -25.32 -44.61 -25.58
N ASP D 451 -25.61 -43.32 -25.42
CA ASP D 451 -26.95 -42.82 -25.69
C ASP D 451 -27.30 -42.91 -27.16
N ASN D 452 -26.35 -42.58 -28.04
CA ASN D 452 -26.62 -42.66 -29.47
C ASN D 452 -26.82 -44.10 -29.92
N GLU D 453 -26.00 -45.02 -29.40
CA GLU D 453 -26.15 -46.43 -29.78
C GLU D 453 -27.45 -47.02 -29.24
N ARG D 454 -27.83 -46.65 -28.02
CA ARG D 454 -29.06 -47.17 -27.44
C ARG D 454 -30.29 -46.62 -28.17
N LEU D 455 -30.29 -45.31 -28.45
CA LEU D 455 -31.43 -44.72 -29.15
C LEU D 455 -31.52 -45.22 -30.57
N LYS D 456 -30.38 -45.33 -31.27
CA LYS D 456 -30.40 -45.82 -32.64
C LYS D 456 -30.83 -47.28 -32.71
N GLN D 457 -30.30 -48.12 -31.81
CA GLN D 457 -30.66 -49.53 -31.80
C GLN D 457 -32.11 -49.73 -31.38
N ARG D 458 -32.64 -48.87 -30.52
CA ARG D 458 -34.02 -48.99 -30.07
C ARG D 458 -35.01 -48.35 -31.04
N VAL D 459 -34.53 -47.51 -31.95
CA VAL D 459 -35.41 -46.83 -32.91
C VAL D 459 -34.75 -46.85 -34.28
N GLY D 460 -33.78 -45.95 -34.48
CA GLY D 460 -33.09 -45.87 -35.75
C GLY D 460 -32.58 -44.47 -36.06
N ASP D 461 -32.05 -43.79 -35.04
CA ASP D 461 -31.52 -42.44 -35.15
C ASP D 461 -32.60 -41.39 -35.39
N LEU D 462 -33.87 -41.77 -35.34
CA LEU D 462 -34.98 -40.85 -35.55
C LEU D 462 -34.91 -40.22 -36.94
N ILE D 463 -35.26 -41.04 -37.94
CA ILE D 463 -35.24 -40.59 -39.32
C ILE D 463 -36.30 -39.51 -39.54
N ALA D 464 -37.51 -39.73 -39.03
CA ALA D 464 -38.57 -38.75 -39.20
C ALA D 464 -38.42 -37.58 -38.23
N ASP D 465 -38.10 -37.87 -36.97
CA ASP D 465 -37.93 -36.82 -35.97
C ASP D 465 -36.80 -35.88 -36.35
N ARG D 466 -35.58 -36.42 -36.51
CA ARG D 466 -34.47 -35.63 -37.02
C ARG D 466 -34.84 -35.00 -38.36
N ILE D 467 -35.22 -35.83 -39.33
CA ILE D 467 -35.92 -35.36 -40.51
C ILE D 467 -37.30 -34.94 -40.03
N GLN D 468 -38.22 -34.69 -40.95
CA GLN D 468 -39.57 -34.27 -40.56
C GLN D 468 -39.55 -33.21 -39.47
N ALA D 469 -39.13 -33.61 -38.26
CA ALA D 469 -39.07 -32.68 -37.14
C ALA D 469 -37.76 -31.90 -37.19
N CYS D 470 -37.42 -31.21 -36.11
CA CYS D 470 -36.19 -30.41 -36.03
C CYS D 470 -36.30 -29.30 -37.08
N ASP D 471 -35.19 -28.92 -37.72
CA ASP D 471 -35.18 -27.88 -38.73
C ASP D 471 -35.02 -28.51 -40.12
N ASP D 472 -34.55 -27.71 -41.08
CA ASP D 472 -34.34 -28.15 -42.45
C ASP D 472 -32.88 -27.96 -42.86
N ALA D 473 -31.96 -28.33 -41.97
CA ALA D 473 -30.53 -28.20 -42.25
C ALA D 473 -30.10 -29.28 -43.24
N GLN D 474 -29.76 -28.88 -44.46
CA GLN D 474 -29.34 -29.84 -45.47
C GLN D 474 -27.97 -30.40 -45.15
N ASP D 475 -27.04 -29.55 -44.70
CA ASP D 475 -25.70 -30.00 -44.38
C ASP D 475 -25.66 -30.76 -43.06
N ILE D 476 -26.44 -30.32 -42.08
CA ILE D 476 -26.46 -30.98 -40.78
C ILE D 476 -27.17 -32.32 -40.89
N TYR D 477 -28.39 -32.33 -41.44
CA TYR D 477 -29.14 -33.56 -41.59
C TYR D 477 -28.45 -34.52 -42.56
N TRP D 478 -27.95 -33.99 -43.69
CA TRP D 478 -27.28 -34.84 -44.66
C TRP D 478 -25.99 -35.41 -44.09
N GLY D 479 -25.21 -34.60 -43.37
CA GLY D 479 -23.97 -35.09 -42.79
C GLY D 479 -24.20 -36.11 -41.69
N ILE D 480 -25.21 -35.86 -40.85
CA ILE D 480 -25.50 -36.79 -39.76
C ILE D 480 -26.04 -38.11 -40.30
N PHE D 481 -26.95 -38.03 -41.29
CA PHE D 481 -27.50 -39.25 -41.87
C PHE D 481 -26.44 -40.04 -42.63
N PHE D 482 -25.59 -39.35 -43.39
CA PHE D 482 -24.54 -40.04 -44.14
C PHE D 482 -23.50 -40.65 -43.20
N GLY D 483 -23.16 -39.94 -42.13
CA GLY D 483 -22.18 -40.46 -41.19
C GLY D 483 -22.72 -41.57 -40.31
N GLU D 484 -24.04 -41.58 -40.08
CA GLU D 484 -24.66 -42.61 -39.26
C GLU D 484 -25.12 -43.81 -40.05
N VAL D 485 -25.27 -43.69 -41.37
CA VAL D 485 -25.72 -44.79 -42.21
C VAL D 485 -24.62 -45.85 -42.31
N PRO E 19 -61.90 19.44 6.53
CA PRO E 19 -62.55 19.08 5.28
C PRO E 19 -63.83 19.88 5.02
N SER E 20 -63.95 20.43 3.81
CA SER E 20 -65.13 21.22 3.48
C SER E 20 -66.39 20.36 3.51
N ASP E 21 -66.34 19.18 2.89
CA ASP E 21 -67.50 18.29 2.90
C ASP E 21 -67.83 17.83 4.31
N THR E 22 -66.82 17.61 5.14
CA THR E 22 -67.08 17.18 6.52
C THR E 22 -67.72 18.30 7.34
N VAL E 23 -67.25 19.54 7.15
CA VAL E 23 -67.82 20.66 7.88
C VAL E 23 -69.25 20.92 7.43
N LYS E 24 -69.48 20.91 6.12
CA LYS E 24 -70.83 21.14 5.60
C LYS E 24 -71.78 20.05 6.07
N ASP E 25 -71.35 18.78 5.99
CA ASP E 25 -72.19 17.69 6.46
C ASP E 25 -72.45 17.77 7.96
N ALA E 26 -71.47 18.23 8.72
CA ALA E 26 -71.66 18.36 10.16
C ALA E 26 -72.65 19.47 10.49
N ALA E 27 -72.53 20.63 9.84
CA ALA E 27 -73.46 21.72 10.08
C ALA E 27 -74.87 21.34 9.65
N GLU E 28 -75.01 20.76 8.46
CA GLU E 28 -76.32 20.35 7.98
C GLU E 28 -76.93 19.28 8.89
N SER E 29 -76.10 18.36 9.40
CA SER E 29 -76.60 17.33 10.29
C SER E 29 -77.04 17.94 11.62
N LEU E 30 -76.31 18.92 12.13
CA LEU E 30 -76.69 19.56 13.38
C LEU E 30 -77.95 20.40 13.23
N GLY E 31 -78.14 21.01 12.06
CA GLY E 31 -79.33 21.83 11.82
C GLY E 31 -79.25 23.21 12.44
N ILE E 32 -80.16 23.50 13.36
CA ILE E 32 -80.21 24.79 14.03
C ILE E 32 -80.48 25.88 12.99
N PHE E 33 -81.49 25.68 12.15
CA PHE E 33 -81.89 26.60 11.10
C PHE E 33 -80.85 26.71 10.00
N ASN E 34 -79.88 25.79 9.93
CA ASN E 34 -78.86 25.82 8.90
C ASN E 34 -78.03 27.09 9.00
N LEU E 35 -77.31 27.43 7.94
CA LEU E 35 -76.46 28.63 7.93
C LEU E 35 -76.62 29.38 6.61
N ASN E 36 -75.58 29.38 5.80
CA ASN E 36 -75.59 30.07 4.51
C ASN E 36 -74.26 29.76 3.82
N GLU E 37 -73.99 30.45 2.71
CA GLU E 37 -72.74 30.24 1.98
C GLU E 37 -71.56 30.82 2.75
N GLU E 38 -71.62 32.10 3.09
CA GLU E 38 -70.54 32.72 3.83
C GLU E 38 -70.38 32.10 5.22
N ALA E 39 -71.50 31.88 5.91
CA ALA E 39 -71.43 31.28 7.23
C ALA E 39 -70.87 29.86 7.16
N ALA E 40 -71.31 29.07 6.18
CA ALA E 40 -70.81 27.71 6.05
C ALA E 40 -69.32 27.71 5.71
N LYS E 41 -68.89 28.62 4.84
CA LYS E 41 -67.47 28.70 4.50
C LYS E 41 -66.63 29.10 5.71
N ASN E 42 -67.11 30.09 6.48
CA ASN E 42 -66.36 30.52 7.67
C ASN E 42 -66.29 29.40 8.70
N LEU E 43 -67.40 28.70 8.93
CA LEU E 43 -67.40 27.60 9.88
C LEU E 43 -66.47 26.48 9.44
N ALA E 44 -66.50 26.14 8.15
CA ALA E 44 -65.61 25.10 7.64
C ALA E 44 -64.15 25.52 7.77
N MET E 45 -63.86 26.79 7.52
CA MET E 45 -62.48 27.27 7.66
C MET E 45 -62.02 27.21 9.11
N ASP E 46 -62.88 27.63 10.04
CA ASP E 46 -62.52 27.57 11.45
C ASP E 46 -62.31 26.13 11.91
N ILE E 47 -63.20 25.22 11.50
CA ILE E 47 -63.05 23.83 11.86
C ILE E 47 -61.76 23.25 11.28
N GLU E 48 -61.43 23.64 10.05
CA GLU E 48 -60.18 23.18 9.44
C GLU E 48 -58.97 23.71 10.21
N TYR E 49 -59.04 24.97 10.66
CA TYR E 49 -57.93 25.52 11.43
C TYR E 49 -57.77 24.81 12.77
N ARG E 50 -58.88 24.57 13.47
CA ARG E 50 -58.81 23.86 14.74
C ARG E 50 -58.27 22.45 14.55
N ILE E 51 -58.73 21.74 13.52
CA ILE E 51 -58.24 20.40 13.25
C ILE E 51 -56.75 20.44 12.91
N HIS E 52 -56.31 21.48 12.21
CA HIS E 52 -54.89 21.62 11.90
C HIS E 52 -54.06 21.85 13.16
N GLU E 53 -54.57 22.67 14.08
CA GLU E 53 -53.85 22.90 15.33
C GLU E 53 -53.78 21.63 16.16
N ILE E 54 -54.90 20.89 16.26
CA ILE E 54 -54.90 19.65 17.02
C ILE E 54 -53.93 18.65 16.40
N LEU E 55 -53.91 18.56 15.06
CA LEU E 55 -52.98 17.67 14.39
C LEU E 55 -51.54 18.09 14.65
N ASP E 56 -51.27 19.39 14.70
CA ASP E 56 -49.92 19.86 14.99
C ASP E 56 -49.50 19.51 16.41
N GLN E 57 -50.40 19.70 17.37
CA GLN E 57 -50.08 19.34 18.75
C GLN E 57 -49.85 17.84 18.90
N ALA E 58 -50.69 17.03 18.25
CA ALA E 58 -50.50 15.59 18.31
C ALA E 58 -49.18 15.18 17.67
N SER E 59 -48.83 15.80 16.55
CA SER E 59 -47.55 15.48 15.90
C SER E 59 -46.37 15.89 16.78
N LYS E 60 -46.49 17.02 17.48
CA LYS E 60 -45.41 17.45 18.36
C LYS E 60 -45.26 16.52 19.56
N PHE E 61 -46.38 16.12 20.16
CA PHE E 61 -46.31 15.19 21.30
C PHE E 61 -45.76 13.85 20.87
N MET E 62 -46.24 13.32 19.74
CA MET E 62 -45.73 12.03 19.25
C MET E 62 -44.25 12.12 18.91
N ARG E 63 -43.82 13.21 18.28
CA ARG E 63 -42.41 13.37 17.95
C ARG E 63 -41.56 13.45 19.21
N HIS E 64 -42.04 14.17 20.23
CA HIS E 64 -41.29 14.28 21.48
C HIS E 64 -41.30 12.98 22.27
N GLY E 65 -42.29 12.12 22.05
CA GLY E 65 -42.39 10.85 22.74
C GLY E 65 -41.96 9.64 21.92
N LYS E 66 -41.40 9.85 20.72
CA LYS E 66 -40.95 8.77 19.86
C LYS E 66 -42.13 7.90 19.42
N ARG E 67 -42.94 8.48 18.54
CA ARG E 67 -44.12 7.83 17.98
C ARG E 67 -44.05 7.88 16.46
N ARG E 68 -44.02 6.71 15.83
CA ARG E 68 -43.95 6.65 14.37
C ARG E 68 -45.34 6.79 13.75
N THR E 69 -46.21 5.81 13.98
CA THR E 69 -47.56 5.81 13.44
C THR E 69 -48.55 6.23 14.53
N LEU E 70 -49.49 7.08 14.15
CA LEU E 70 -50.49 7.55 15.10
C LEU E 70 -51.42 6.40 15.50
N HIS E 71 -51.80 6.38 16.78
CA HIS E 71 -52.68 5.35 17.32
C HIS E 71 -53.58 5.98 18.37
N THR E 72 -54.40 5.13 19.01
CA THR E 72 -55.31 5.62 20.03
C THR E 72 -54.56 6.20 21.23
N SER E 73 -53.38 5.68 21.53
CA SER E 73 -52.60 6.20 22.65
C SER E 73 -52.09 7.60 22.37
N ASP E 74 -51.50 7.81 21.18
CA ASP E 74 -51.00 9.14 20.83
C ASP E 74 -52.13 10.12 20.64
N ILE E 75 -53.25 9.68 20.05
CA ILE E 75 -54.40 10.57 19.84
C ILE E 75 -54.98 10.99 21.19
N ASP E 76 -55.16 10.03 22.09
CA ASP E 76 -55.71 10.34 23.41
C ASP E 76 -54.76 11.24 24.21
N ARG E 77 -53.46 10.97 24.13
CA ARG E 77 -52.49 11.79 24.84
C ARG E 77 -52.48 13.22 24.31
N ALA E 78 -52.53 13.37 22.98
CA ALA E 78 -52.53 14.71 22.40
C ALA E 78 -53.83 15.45 22.72
N LEU E 79 -54.96 14.77 22.66
CA LEU E 79 -56.24 15.41 22.97
C LEU E 79 -56.31 15.81 24.44
N LYS E 80 -55.79 14.97 25.33
CA LYS E 80 -55.81 15.29 26.75
C LYS E 80 -54.82 16.40 27.10
N VAL E 81 -53.68 16.44 26.41
CA VAL E 81 -52.69 17.46 26.68
C VAL E 81 -53.05 18.80 26.04
N LEU E 82 -53.86 18.79 24.98
CA LEU E 82 -54.27 20.02 24.32
C LEU E 82 -55.62 20.54 24.79
N ASN E 83 -56.46 19.70 25.35
CA ASN E 83 -57.78 20.11 25.82
C ASN E 83 -57.76 20.61 27.27
N LEU E 84 -56.79 20.18 28.06
CA LEU E 84 -56.69 20.60 29.46
C LEU E 84 -56.06 21.99 29.57
N SER E 218 -7.71 -13.99 9.70
CA SER E 218 -8.68 -14.65 8.84
C SER E 218 -8.30 -16.12 8.62
N ARG E 219 -7.02 -16.36 8.35
CA ARG E 219 -6.54 -17.71 8.12
C ARG E 219 -6.45 -18.52 9.41
N GLU E 220 -6.47 -17.86 10.58
CA GLU E 220 -6.39 -18.55 11.85
C GLU E 220 -7.76 -18.94 12.38
N LEU E 221 -8.72 -18.01 12.34
CA LEU E 221 -10.06 -18.32 12.82
C LEU E 221 -10.75 -19.37 11.94
N GLN E 222 -10.57 -19.27 10.62
CA GLN E 222 -11.18 -20.24 9.73
C GLN E 222 -10.64 -21.64 9.97
N LEU E 223 -9.32 -21.77 10.10
CA LEU E 223 -8.72 -23.08 10.36
C LEU E 223 -9.11 -23.59 11.74
N TYR E 224 -9.19 -22.70 12.73
CA TYR E 224 -9.57 -23.12 14.07
C TYR E 224 -11.00 -23.63 14.10
N PHE E 225 -11.91 -22.97 13.39
CA PHE E 225 -13.29 -23.42 13.35
C PHE E 225 -13.44 -24.70 12.54
N ASP E 226 -12.74 -24.80 11.42
CA ASP E 226 -12.81 -26.00 10.60
C ASP E 226 -12.29 -27.21 11.37
N LYS E 227 -11.16 -27.06 12.06
CA LYS E 227 -10.62 -28.15 12.85
C LYS E 227 -11.49 -28.47 14.05
N ILE E 228 -12.06 -27.44 14.68
CA ILE E 228 -12.94 -27.66 15.83
C ILE E 228 -14.19 -28.42 15.41
N VAL E 229 -14.67 -28.19 14.19
CA VAL E 229 -15.85 -28.89 13.71
C VAL E 229 -15.48 -30.31 13.26
N GLU E 230 -14.33 -30.46 12.62
CA GLU E 230 -13.89 -31.79 12.17
C GLU E 230 -13.66 -32.72 13.36
N VAL E 231 -12.80 -32.30 14.30
CA VAL E 231 -12.65 -33.03 15.55
C VAL E 231 -14.02 -33.22 16.21
N LEU E 232 -14.67 -32.11 16.53
CA LEU E 232 -16.11 -32.13 16.79
C LEU E 232 -16.81 -32.50 15.48
N LEU E 233 -18.13 -32.40 15.45
CA LEU E 233 -18.88 -32.75 14.24
C LEU E 233 -18.41 -34.09 13.68
N ASN E 234 -17.17 -34.14 13.18
CA ASN E 234 -16.65 -35.39 12.61
C ASN E 234 -16.38 -36.44 13.68
N GLN E 235 -16.30 -36.04 14.95
CA GLN E 235 -16.06 -36.98 16.03
C GLN E 235 -17.33 -37.78 16.31
N GLU E 236 -17.30 -38.58 17.37
CA GLU E 236 -18.45 -39.40 17.75
C GLU E 236 -18.39 -39.68 19.24
N GLU E 237 -19.51 -40.18 19.77
CA GLU E 237 -19.60 -40.50 21.20
C GLU E 237 -20.79 -41.41 21.46
N THR E 238 -21.43 -41.24 22.62
CA THR E 238 -22.58 -42.06 22.99
C THR E 238 -23.67 -41.19 23.60
N LYS E 239 -23.33 -40.42 24.63
CA LYS E 239 -24.30 -39.56 25.30
C LYS E 239 -24.34 -38.16 24.70
N GLU E 240 -23.21 -37.66 24.20
CA GLU E 240 -23.15 -36.33 23.61
C GLU E 240 -23.14 -36.37 22.09
N ALA E 241 -23.38 -37.53 21.48
CA ALA E 241 -23.38 -37.62 20.03
C ALA E 241 -24.59 -36.90 19.43
N GLU E 242 -25.78 -37.18 19.95
CA GLU E 242 -26.99 -36.54 19.44
C GLU E 242 -26.96 -35.05 19.70
N LEU E 243 -26.57 -34.65 20.91
CA LEU E 243 -26.51 -33.23 21.23
C LEU E 243 -25.45 -32.52 20.40
N LEU E 244 -24.33 -33.19 20.13
CA LEU E 244 -23.27 -32.59 19.32
C LEU E 244 -23.69 -32.46 17.86
N ARG E 245 -24.43 -33.44 17.34
CA ARG E 245 -24.87 -33.38 15.96
C ARG E 245 -25.96 -32.32 15.78
N ASN E 246 -26.98 -32.35 16.64
CA ASN E 246 -28.06 -31.37 16.54
C ASN E 246 -27.54 -29.96 16.78
N SER E 247 -26.73 -29.79 17.83
CA SER E 247 -26.18 -28.47 18.13
C SER E 247 -25.23 -28.00 17.02
N ALA E 248 -24.51 -28.93 16.39
CA ALA E 248 -23.60 -28.55 15.31
C ALA E 248 -24.36 -28.14 14.06
N LEU E 249 -25.43 -28.86 13.74
CA LEU E 249 -26.22 -28.52 12.55
C LEU E 249 -26.99 -27.22 12.75
N GLN E 250 -27.67 -27.09 13.89
CA GLN E 250 -28.41 -25.86 14.17
C GLN E 250 -27.48 -24.67 14.30
N SER E 251 -26.34 -24.85 14.96
CA SER E 251 -25.39 -23.75 15.11
C SER E 251 -24.77 -23.37 13.77
N VAL E 252 -24.47 -24.36 12.92
CA VAL E 252 -23.89 -24.07 11.62
C VAL E 252 -24.91 -23.43 10.69
N ARG E 253 -26.20 -23.71 10.92
CA ARG E 253 -27.27 -23.16 10.09
C ARG E 253 -27.77 -21.81 10.60
N ALA E 254 -26.92 -21.05 11.29
CA ALA E 254 -27.31 -19.76 11.82
C ALA E 254 -26.78 -18.63 10.93
N ASP E 255 -25.89 -17.81 11.47
CA ASP E 255 -25.31 -16.70 10.72
C ASP E 255 -23.81 -16.86 10.62
N PRO E 256 -23.04 -16.31 11.56
CA PRO E 256 -21.57 -16.44 11.49
C PRO E 256 -21.00 -15.95 10.18
N GLY E 257 -19.86 -16.50 9.77
CA GLY E 257 -19.20 -16.12 8.54
C GLY E 257 -19.73 -16.87 7.34
N LEU E 258 -18.92 -16.90 6.29
CA LEU E 258 -19.28 -17.59 5.06
C LEU E 258 -18.29 -18.67 4.65
N GLN E 260 -17.17 -18.82 5.35
CA GLN E 260 -16.21 -19.85 5.01
C GLN E 260 -16.69 -21.25 5.36
N LEU E 261 -17.71 -21.36 6.21
CA LEU E 261 -18.22 -22.68 6.58
C LEU E 261 -18.87 -23.39 5.40
N VAL E 262 -19.34 -22.63 4.42
CA VAL E 262 -19.97 -23.20 3.23
C VAL E 262 -18.90 -23.80 2.33
N PRO E 263 -17.79 -23.10 2.09
CA PRO E 263 -16.73 -23.66 1.24
C PRO E 263 -15.94 -24.75 1.93
N TYR E 264 -15.43 -24.45 3.13
CA TYR E 264 -14.65 -25.44 3.87
C TYR E 264 -15.52 -26.63 4.27
N PHE E 265 -16.66 -26.35 4.90
CA PHE E 265 -17.56 -27.44 5.30
C PHE E 265 -18.12 -28.17 4.10
N ILE E 266 -18.31 -27.48 2.98
CA ILE E 266 -18.84 -28.13 1.78
C ILE E 266 -17.81 -29.08 1.19
N GLN E 267 -16.54 -28.65 1.15
CA GLN E 267 -15.49 -29.51 0.60
C GLN E 267 -15.21 -30.69 1.52
N PHE E 268 -15.14 -30.44 2.83
CA PHE E 268 -14.88 -31.52 3.78
C PHE E 268 -16.02 -32.52 3.78
N ILE E 269 -17.26 -32.02 3.83
CA ILE E 269 -18.41 -32.91 3.82
C ILE E 269 -18.51 -33.68 2.50
N SER E 270 -18.13 -33.02 1.39
CA SER E 270 -18.19 -33.68 0.10
C SER E 270 -17.14 -34.78 -0.01
N GLU E 271 -15.94 -34.53 0.52
CA GLU E 271 -14.89 -35.55 0.48
C GLU E 271 -15.18 -36.70 1.41
N THR E 272 -15.64 -36.41 2.63
CA THR E 272 -15.95 -37.46 3.59
C THR E 272 -17.13 -38.30 3.11
N ILE E 273 -18.20 -37.64 2.65
CA ILE E 273 -19.36 -38.37 2.16
C ILE E 273 -19.03 -39.13 0.89
N THR E 274 -18.15 -38.58 0.06
CA THR E 274 -17.79 -39.27 -1.19
C THR E 274 -16.86 -40.44 -0.93
N LYS E 275 -16.10 -40.41 0.16
CA LYS E 275 -15.18 -41.48 0.51
C LYS E 275 -15.73 -42.42 1.58
N ASN E 276 -16.96 -42.21 2.03
CA ASN E 276 -17.56 -43.06 3.06
C ASN E 276 -18.05 -44.36 2.43
N LEU E 277 -19.33 -44.40 2.05
CA LEU E 277 -19.93 -45.58 1.44
C LEU E 277 -19.92 -46.77 2.41
N LYS E 278 -20.20 -46.48 3.68
CA LYS E 278 -20.23 -47.51 4.71
C LYS E 278 -20.77 -46.91 6.00
N ASN E 279 -21.55 -47.70 6.73
CA ASN E 279 -22.14 -47.25 7.98
C ASN E 279 -23.16 -46.15 7.74
N ILE E 280 -24.42 -46.40 8.07
CA ILE E 280 -25.48 -45.41 7.89
C ILE E 280 -25.35 -44.23 8.83
N SER E 281 -24.55 -44.35 9.89
CA SER E 281 -24.39 -43.25 10.82
C SER E 281 -23.72 -42.05 10.16
N LEU E 282 -22.63 -42.29 9.43
CA LEU E 282 -21.94 -41.20 8.75
C LEU E 282 -22.83 -40.55 7.70
N LEU E 283 -23.54 -41.36 6.92
CA LEU E 283 -24.43 -40.80 5.90
C LEU E 283 -25.57 -40.01 6.54
N SER E 284 -26.08 -40.48 7.68
CA SER E 284 -27.16 -39.76 8.34
C SER E 284 -26.67 -38.45 8.92
N THR E 285 -25.51 -38.45 9.58
CA THR E 285 -24.98 -37.21 10.14
C THR E 285 -24.64 -36.20 9.04
N MET E 286 -23.97 -36.66 7.98
CA MET E 286 -23.63 -35.76 6.88
C MET E 286 -24.88 -35.24 6.19
N LEU E 287 -25.90 -36.08 6.03
CA LEU E 287 -27.14 -35.64 5.40
C LEU E 287 -27.87 -34.63 6.28
N GLU E 288 -27.84 -34.82 7.60
CA GLU E 288 -28.50 -33.88 8.49
C GLU E 288 -27.78 -32.54 8.53
N LEU E 289 -26.45 -32.57 8.62
CA LEU E 289 -25.68 -31.33 8.63
C LEU E 289 -25.83 -30.58 7.32
N ILE E 290 -25.71 -31.29 6.20
CA ILE E 290 -25.85 -30.65 4.90
C ILE E 290 -27.28 -30.14 4.71
N TYR E 291 -28.27 -30.83 5.27
CA TYR E 291 -29.65 -30.39 5.12
C TYR E 291 -29.91 -29.14 5.95
N SER E 292 -29.35 -29.07 7.16
CA SER E 292 -29.55 -27.89 8.00
C SER E 292 -28.79 -26.69 7.45
N LEU E 293 -27.54 -26.89 7.06
CA LEU E 293 -26.75 -25.78 6.51
C LEU E 293 -27.31 -25.31 5.18
N LEU E 294 -27.74 -26.24 4.33
CA LEU E 294 -28.29 -25.86 3.03
C LEU E 294 -29.66 -25.20 3.19
N MET E 295 -30.45 -25.66 4.17
CA MET E 295 -31.77 -25.09 4.39
C MET E 295 -31.72 -23.76 5.13
N ASN E 296 -30.62 -23.48 5.84
CA ASN E 296 -30.45 -22.24 6.59
C ASN E 296 -29.09 -21.64 6.30
N GLU E 297 -28.74 -21.55 5.02
CA GLU E 297 -27.46 -21.00 4.57
C GLU E 297 -27.70 -19.70 3.84
N SER E 298 -26.66 -19.22 3.15
CA SER E 298 -26.75 -17.97 2.40
C SER E 298 -27.02 -18.24 0.93
N LEU E 299 -26.41 -17.45 0.05
CA LEU E 299 -26.58 -17.58 -1.40
C LEU E 299 -25.27 -18.15 -1.97
N PHE E 300 -25.16 -19.47 -1.98
CA PHE E 300 -23.97 -20.13 -2.49
C PHE E 300 -24.30 -21.53 -3.00
N LEU E 301 -25.43 -22.08 -2.55
CA LEU E 301 -25.83 -23.42 -2.98
C LEU E 301 -26.10 -23.45 -4.48
N GLU E 302 -26.82 -22.46 -4.98
CA GLU E 302 -27.11 -22.42 -6.41
C GLU E 302 -25.86 -22.26 -7.26
N PRO E 303 -24.93 -21.36 -6.92
CA PRO E 303 -23.72 -21.24 -7.76
C PRO E 303 -22.77 -22.41 -7.60
N TYR E 304 -22.65 -22.98 -6.40
CA TYR E 304 -21.75 -24.12 -6.20
C TYR E 304 -22.29 -25.37 -6.87
N VAL E 305 -23.61 -25.57 -6.83
CA VAL E 305 -24.23 -26.74 -7.45
C VAL E 305 -23.73 -28.00 -6.77
N ALA E 307 -24.44 -28.44 -5.72
CA ALA E 307 -24.08 -29.64 -4.99
C ALA E 307 -25.12 -30.74 -5.05
N ILE E 308 -26.34 -30.44 -5.51
CA ILE E 308 -27.37 -31.47 -5.59
C ILE E 308 -27.05 -32.51 -6.65
N ILE E 309 -26.17 -32.19 -7.60
CA ILE E 309 -25.79 -33.13 -8.66
C ILE E 309 -24.94 -34.23 -8.04
N PRO E 310 -23.79 -33.89 -7.44
CA PRO E 310 -22.96 -34.96 -6.84
C PRO E 310 -23.56 -35.53 -5.57
N CYS E 311 -24.06 -34.68 -4.68
CA CYS E 311 -24.65 -35.17 -3.44
C CYS E 311 -25.90 -36.01 -3.71
N ILE E 312 -26.81 -35.49 -4.52
CA ILE E 312 -28.02 -36.23 -4.85
C ILE E 312 -27.69 -37.48 -5.66
N LEU E 313 -26.66 -37.42 -6.50
CA LEU E 313 -26.28 -38.58 -7.29
C LEU E 313 -25.74 -39.70 -6.41
N THR E 314 -24.84 -39.36 -5.48
CA THR E 314 -24.29 -40.38 -4.59
C THR E 314 -25.36 -40.91 -3.64
N LEU E 315 -26.17 -40.03 -3.07
CA LEU E 315 -27.22 -40.46 -2.16
C LEU E 315 -28.26 -41.32 -2.86
N LEU E 316 -28.55 -41.04 -4.13
CA LEU E 316 -29.52 -41.82 -4.88
C LEU E 316 -28.92 -43.06 -5.54
N LEU E 317 -27.59 -43.18 -5.58
CA LEU E 317 -26.93 -44.32 -6.17
C LEU E 317 -26.25 -45.23 -5.13
N ALA E 318 -26.31 -44.86 -3.86
CA ALA E 318 -25.68 -45.67 -2.82
C ALA E 318 -26.44 -46.98 -2.65
N LYS E 319 -25.75 -47.98 -2.10
CA LYS E 319 -26.34 -49.29 -1.87
C LYS E 319 -25.48 -50.10 -0.89
N LYS E 320 -24.16 -49.99 -1.02
CA LYS E 320 -23.27 -50.73 -0.14
C LYS E 320 -23.39 -50.24 1.30
N ILE E 321 -23.78 -48.98 1.50
CA ILE E 321 -23.93 -48.46 2.85
C ILE E 321 -25.00 -49.22 3.61
N GLY E 322 -26.15 -49.43 2.98
CA GLY E 322 -27.23 -50.17 3.60
C GLY E 322 -27.00 -51.67 3.58
N ASN E 323 -26.68 -52.21 2.41
CA ASN E 323 -26.40 -53.64 2.28
C ASN E 323 -25.34 -54.08 3.28
N VAL E 324 -24.11 -53.59 3.11
CA VAL E 324 -23.05 -53.90 4.05
C VAL E 324 -23.38 -53.39 5.45
N ASP E 325 -24.21 -52.35 5.55
CA ASP E 325 -24.66 -51.79 6.82
C ASP E 325 -26.17 -52.01 6.92
N ASP E 326 -26.55 -53.21 7.34
CA ASP E 326 -27.96 -53.57 7.49
C ASP E 326 -28.63 -53.71 6.12
N GLU E 327 -28.28 -54.76 5.38
CA GLU E 327 -28.87 -55.00 4.07
C GLU E 327 -30.36 -55.29 4.20
N LEU E 328 -30.71 -56.38 4.85
CA LEU E 328 -32.11 -56.73 5.04
C LEU E 328 -32.81 -55.70 5.91
N GLN E 329 -34.03 -55.33 5.51
CA GLN E 329 -34.82 -54.33 6.23
C GLN E 329 -34.05 -53.00 6.32
N LYS E 330 -33.70 -52.47 5.16
CA LYS E 330 -32.92 -51.23 5.07
C LYS E 330 -33.83 -50.04 5.39
N GLN E 331 -34.20 -49.95 6.67
CA GLN E 331 -35.03 -48.83 7.11
C GLN E 331 -34.28 -47.51 6.97
N GLN E 332 -33.05 -47.45 7.48
CA GLN E 332 -32.25 -46.23 7.33
C GLN E 332 -31.95 -45.93 5.87
N GLN E 333 -31.89 -46.97 5.03
CA GLN E 333 -31.65 -46.75 3.61
C GLN E 333 -32.88 -46.13 2.94
N LEU E 334 -34.08 -46.61 3.28
CA LEU E 334 -35.29 -46.03 2.72
C LEU E 334 -35.50 -44.61 3.22
N ALA E 335 -35.32 -44.39 4.52
CA ALA E 335 -35.45 -43.04 5.07
C ALA E 335 -34.44 -42.09 4.44
N LEU E 336 -33.19 -42.55 4.29
CA LEU E 336 -32.18 -41.72 3.64
C LEU E 336 -32.52 -41.45 2.19
N ARG E 337 -33.17 -42.41 1.52
CA ARG E 337 -33.56 -42.20 0.12
C ARG E 337 -34.67 -41.15 0.03
N GLU E 338 -35.66 -41.24 0.91
CA GLU E 338 -36.73 -40.24 0.91
C GLU E 338 -36.19 -38.85 1.25
N LEU E 339 -35.31 -38.78 2.26
CA LEU E 339 -34.71 -37.49 2.61
C LEU E 339 -33.89 -36.94 1.46
N SER E 340 -33.16 -37.80 0.75
CA SER E 340 -32.38 -37.35 -0.40
C SER E 340 -33.30 -36.83 -1.51
N ALA E 341 -34.42 -37.52 -1.75
CA ALA E 341 -35.36 -37.06 -2.76
C ALA E 341 -35.96 -35.72 -2.38
N SER E 342 -36.24 -35.52 -1.09
CA SER E 342 -36.80 -34.25 -0.64
C SER E 342 -35.77 -33.13 -0.78
N LEU E 343 -34.51 -33.39 -0.41
CA LEU E 343 -33.47 -32.39 -0.53
C LEU E 343 -33.26 -32.01 -2.00
N LEU E 344 -33.14 -33.01 -2.86
CA LEU E 344 -32.98 -32.74 -4.29
C LEU E 344 -34.19 -31.99 -4.86
N GLU E 345 -35.38 -32.31 -4.36
CA GLU E 345 -36.58 -31.60 -4.82
C GLU E 345 -36.55 -30.15 -4.41
N ARG E 346 -36.18 -29.86 -3.15
CA ARG E 346 -36.10 -28.48 -2.71
C ARG E 346 -35.00 -27.71 -3.42
N VAL E 347 -33.89 -28.38 -3.74
CA VAL E 347 -32.81 -27.71 -4.45
C VAL E 347 -33.21 -27.42 -5.89
N ILE E 348 -33.93 -28.35 -6.52
CA ILE E 348 -34.36 -28.15 -7.90
C ILE E 348 -35.40 -27.04 -7.96
N GLU E 349 -36.38 -27.06 -7.06
CA GLU E 349 -37.41 -26.02 -7.04
C GLU E 349 -36.82 -24.67 -6.70
N ASP E 350 -35.85 -24.63 -5.79
CA ASP E 350 -35.22 -23.37 -5.41
C ASP E 350 -34.21 -22.89 -6.43
N PHE E 351 -33.76 -23.75 -7.34
CA PHE E 351 -32.79 -23.39 -8.37
C PHE E 351 -33.40 -23.37 -9.75
N GLY E 352 -34.73 -23.52 -9.87
CA GLY E 352 -35.40 -23.51 -11.15
C GLY E 352 -35.63 -22.15 -11.76
N SER E 353 -35.03 -21.10 -11.20
CA SER E 353 -35.22 -19.75 -11.75
C SER E 353 -34.37 -19.55 -13.01
N SER E 354 -33.08 -19.87 -12.93
CA SER E 354 -32.18 -19.73 -14.07
C SER E 354 -31.56 -21.03 -14.53
N TYR E 355 -31.64 -22.10 -13.73
CA TYR E 355 -31.07 -23.38 -14.12
C TYR E 355 -32.12 -24.47 -14.11
N SER E 356 -33.12 -24.35 -14.98
CA SER E 356 -34.20 -25.32 -15.08
C SER E 356 -33.92 -26.42 -16.09
N THR E 357 -32.67 -26.58 -16.53
CA THR E 357 -32.30 -27.60 -17.49
C THR E 357 -31.81 -28.88 -16.84
N LEU E 358 -31.92 -28.99 -15.51
CA LEU E 358 -31.47 -30.20 -14.82
C LEU E 358 -32.43 -31.36 -14.99
N LYS E 359 -33.65 -31.10 -15.47
CA LYS E 359 -34.61 -32.19 -15.65
C LYS E 359 -34.15 -33.20 -16.68
N PRO E 360 -33.64 -32.80 -17.84
CA PRO E 360 -33.18 -33.81 -18.81
C PRO E 360 -32.00 -34.63 -18.31
N ARG E 361 -31.05 -33.99 -17.61
CA ARG E 361 -29.90 -34.73 -17.10
C ARG E 361 -30.32 -35.68 -15.98
N ILE E 362 -31.22 -35.25 -15.11
CA ILE E 362 -31.67 -36.11 -14.02
C ILE E 362 -32.46 -37.29 -14.57
N THR E 363 -33.37 -37.02 -15.52
CA THR E 363 -34.15 -38.10 -16.11
C THR E 363 -33.27 -39.08 -16.86
N ARG E 364 -32.30 -38.56 -17.64
CA ARG E 364 -31.40 -39.44 -18.38
C ARG E 364 -30.55 -40.27 -17.43
N THR E 365 -30.11 -39.67 -16.31
CA THR E 365 -29.30 -40.41 -15.35
C THR E 365 -30.11 -41.49 -14.65
N LEU E 366 -31.35 -41.18 -14.26
CA LEU E 366 -32.18 -42.18 -13.59
C LEU E 366 -32.54 -43.31 -14.55
N LEU E 367 -32.91 -42.98 -15.78
CA LEU E 367 -33.26 -44.01 -16.75
C LEU E 367 -32.04 -44.85 -17.11
N ARG E 368 -30.87 -44.24 -17.22
CA ARG E 368 -29.66 -44.99 -17.54
C ARG E 368 -29.26 -45.89 -16.39
N ALA E 369 -29.43 -45.44 -15.15
CA ALA E 369 -29.08 -46.25 -13.99
C ALA E 369 -30.04 -47.42 -13.83
N PHE E 370 -31.35 -47.15 -13.92
CA PHE E 370 -32.33 -48.22 -13.78
C PHE E 370 -32.21 -49.23 -14.93
N VAL E 371 -32.01 -48.74 -16.15
CA VAL E 371 -31.87 -49.64 -17.31
C VAL E 371 -30.48 -50.23 -17.43
N SER E 372 -29.53 -49.81 -16.59
CA SER E 372 -28.17 -50.31 -16.63
C SER E 372 -27.86 -51.31 -15.52
N VAL E 373 -28.43 -51.11 -14.33
CA VAL E 373 -28.19 -52.01 -13.21
C VAL E 373 -29.16 -51.67 -12.08
N ASN E 374 -28.95 -52.28 -10.91
CA ASN E 374 -29.81 -52.04 -9.75
C ASN E 374 -29.24 -50.92 -8.89
N ASN E 375 -29.05 -49.76 -9.54
CA ASN E 375 -28.51 -48.58 -8.87
C ASN E 375 -29.60 -47.99 -7.97
N THR E 376 -29.79 -48.63 -6.81
CA THR E 376 -30.79 -48.19 -5.84
C THR E 376 -32.20 -48.26 -6.42
N THR E 377 -32.64 -49.49 -6.71
CA THR E 377 -33.94 -49.75 -7.27
C THR E 377 -34.63 -50.87 -6.51
N PRO E 378 -35.97 -50.89 -6.51
CA PRO E 378 -36.78 -49.90 -7.21
C PRO E 378 -37.33 -48.82 -6.28
N GLY E 379 -37.10 -48.99 -4.98
CA GLY E 379 -37.58 -48.01 -4.02
C GLY E 379 -36.88 -46.67 -4.16
N THR E 380 -35.55 -46.68 -4.15
CA THR E 380 -34.80 -45.43 -4.29
C THR E 380 -35.06 -44.78 -5.64
N GLN E 381 -35.21 -45.59 -6.70
CA GLN E 381 -35.48 -45.05 -8.02
C GLN E 381 -36.85 -44.40 -8.07
N TYR E 382 -37.87 -45.09 -7.56
CA TYR E 382 -39.21 -44.50 -7.55
C TYR E 382 -39.26 -43.23 -6.71
N GLY E 383 -38.61 -43.24 -5.55
CA GLY E 383 -38.57 -42.04 -4.72
C GLY E 383 -37.86 -40.89 -5.40
N ALA E 384 -36.75 -41.17 -6.08
CA ALA E 384 -36.03 -40.13 -6.78
C ALA E 384 -36.85 -39.55 -7.93
N LEU E 385 -37.53 -40.42 -8.68
CA LEU E 385 -38.35 -39.95 -9.78
C LEU E 385 -39.51 -39.10 -9.27
N LEU E 386 -40.20 -39.58 -8.21
CA LEU E 386 -41.29 -38.81 -7.64
C LEU E 386 -40.82 -37.47 -7.12
N GLY E 387 -39.67 -37.44 -6.44
CA GLY E 387 -39.15 -36.19 -5.94
C GLY E 387 -38.78 -35.23 -7.06
N LEU E 388 -38.16 -35.75 -8.13
CA LEU E 388 -37.82 -34.90 -9.26
C LEU E 388 -39.06 -34.33 -9.93
N ARG E 389 -40.10 -35.15 -10.09
CA ARG E 389 -41.34 -34.67 -10.69
C ARG E 389 -42.00 -33.61 -9.81
N GLY E 390 -42.05 -33.86 -8.50
CA GLY E 390 -42.64 -32.87 -7.60
C GLY E 390 -41.87 -31.56 -7.60
N LEU E 391 -40.55 -31.62 -7.60
CA LEU E 391 -39.75 -30.40 -7.65
C LEU E 391 -39.95 -29.66 -8.96
N GLY E 392 -39.99 -30.40 -10.07
CA GLY E 392 -40.21 -29.80 -11.37
C GLY E 392 -41.63 -29.96 -11.88
N SER E 393 -42.60 -29.75 -10.99
CA SER E 393 -44.02 -29.88 -11.35
C SER E 393 -44.36 -28.93 -12.47
N GLU E 394 -44.06 -29.30 -13.71
CA GLU E 394 -44.35 -28.47 -14.87
C GLU E 394 -44.15 -29.25 -16.16
N VAL E 395 -43.24 -30.21 -16.13
CA VAL E 395 -42.95 -31.03 -17.30
C VAL E 395 -43.43 -32.47 -17.03
N ILE E 396 -44.64 -32.59 -16.50
CA ILE E 396 -45.18 -33.92 -16.20
C ILE E 396 -45.39 -34.74 -17.47
N ARG E 397 -45.50 -34.09 -18.63
CA ARG E 397 -45.69 -34.82 -19.88
C ARG E 397 -44.40 -35.49 -20.33
N ILE E 398 -43.32 -34.71 -20.44
CA ILE E 398 -42.04 -35.27 -20.86
C ILE E 398 -41.50 -36.21 -19.80
N VAL E 399 -41.52 -35.78 -18.53
CA VAL E 399 -41.04 -36.62 -17.45
C VAL E 399 -41.88 -37.88 -17.33
N VAL E 400 -43.19 -37.75 -17.54
CA VAL E 400 -44.06 -38.93 -17.49
C VAL E 400 -43.79 -39.86 -18.66
N LEU E 401 -43.39 -39.31 -19.81
CA LEU E 401 -43.09 -40.15 -20.97
C LEU E 401 -41.78 -40.91 -20.76
N GLY E 402 -40.70 -40.19 -20.43
CA GLY E 402 -39.44 -40.85 -20.20
C GLY E 402 -39.50 -41.84 -19.05
N ASN E 403 -40.05 -41.41 -17.91
CA ASN E 403 -40.20 -42.31 -16.77
C ASN E 403 -41.16 -43.44 -17.07
N VAL E 404 -42.10 -43.25 -17.99
CA VAL E 404 -43.03 -44.32 -18.34
C VAL E 404 -42.34 -45.37 -19.20
N ILE E 405 -41.53 -44.94 -20.17
CA ILE E 405 -40.80 -45.89 -21.01
C ILE E 405 -39.75 -46.62 -20.19
N ASN E 406 -38.94 -45.87 -19.44
CA ASN E 406 -37.92 -46.50 -18.59
C ASN E 406 -38.57 -47.43 -17.56
N TRP E 407 -39.71 -47.02 -17.00
CA TRP E 407 -40.41 -47.86 -16.05
C TRP E 407 -41.01 -49.09 -16.72
N SER E 408 -41.28 -49.00 -18.02
CA SER E 408 -41.82 -50.15 -18.75
C SER E 408 -40.73 -51.16 -19.06
N SER E 409 -39.61 -50.70 -19.61
CA SER E 409 -38.50 -51.60 -19.91
C SER E 409 -37.93 -52.20 -18.63
N THR E 410 -37.57 -51.33 -17.67
CA THR E 410 -37.06 -51.83 -16.39
C THR E 410 -38.10 -52.67 -15.66
N PHE E 411 -39.38 -52.35 -15.83
CA PHE E 411 -40.43 -53.14 -15.19
C PHE E 411 -40.48 -54.54 -15.79
N LEU E 412 -40.35 -54.65 -17.12
CA LEU E 412 -40.34 -55.97 -17.74
C LEU E 412 -39.10 -56.76 -17.37
N GLU E 413 -37.94 -56.10 -17.36
CA GLU E 413 -36.71 -56.77 -16.96
C GLU E 413 -36.80 -57.29 -15.53
N LYS E 414 -37.31 -56.46 -14.62
CA LYS E 414 -37.47 -56.89 -13.24
C LYS E 414 -38.49 -58.02 -13.13
N LEU E 415 -39.55 -57.97 -13.94
CA LEU E 415 -40.54 -59.04 -13.93
C LEU E 415 -39.95 -60.35 -14.41
N GLN E 416 -39.02 -60.29 -15.37
CA GLN E 416 -38.36 -61.49 -15.87
C GLN E 416 -37.16 -61.91 -15.04
N GLN E 417 -36.71 -61.07 -14.10
CA GLN E 417 -35.57 -61.41 -13.25
C GLN E 417 -35.46 -60.43 -12.09
N GLU E 418 -36.30 -60.60 -11.08
CA GLU E 418 -36.28 -59.71 -9.91
C GLU E 418 -36.17 -60.51 -8.62
N ASP E 419 -36.52 -59.89 -7.50
CA ASP E 419 -36.45 -60.57 -6.20
C ASP E 419 -37.07 -59.70 -5.11
N GLN E 420 -37.09 -58.39 -5.32
CA GLN E 420 -37.65 -57.45 -4.35
C GLN E 420 -39.12 -57.22 -4.68
N VAL E 421 -39.96 -58.16 -4.25
CA VAL E 421 -41.39 -58.05 -4.50
C VAL E 421 -41.98 -56.89 -3.72
N PHE E 422 -41.67 -56.80 -2.43
CA PHE E 422 -42.19 -55.72 -1.61
C PHE E 422 -41.69 -54.37 -2.11
N LEU E 423 -40.41 -54.29 -2.47
CA LEU E 423 -39.85 -53.03 -2.97
C LEU E 423 -40.50 -52.64 -4.30
N ILE E 424 -40.74 -53.62 -5.17
CA ILE E 424 -41.38 -53.32 -6.46
C ILE E 424 -42.81 -52.85 -6.25
N ASP E 425 -43.55 -53.51 -5.35
CA ASP E 425 -44.92 -53.09 -5.09
C ASP E 425 -44.98 -51.70 -4.48
N THR E 426 -44.10 -51.42 -3.51
CA THR E 426 -44.08 -50.10 -2.89
C THR E 426 -43.69 -49.03 -3.89
N LEU E 427 -42.72 -49.32 -4.76
CA LEU E 427 -42.31 -48.34 -5.76
C LEU E 427 -43.42 -48.08 -6.77
N ILE E 428 -44.12 -49.14 -7.19
CA ILE E 428 -45.22 -48.97 -8.14
C ILE E 428 -46.35 -48.16 -7.50
N GLU E 429 -46.68 -48.46 -6.25
CA GLU E 429 -47.74 -47.72 -5.57
C GLU E 429 -47.37 -46.26 -5.39
N THR E 430 -46.12 -45.99 -5.01
CA THR E 430 -45.68 -44.61 -4.83
C THR E 430 -45.67 -43.86 -6.15
N LEU E 431 -45.23 -44.51 -7.23
CA LEU E 431 -45.22 -43.86 -8.53
C LEU E 431 -46.63 -43.58 -9.03
N ARG E 432 -47.55 -44.53 -8.85
CA ARG E 432 -48.93 -44.33 -9.29
C ARG E 432 -49.60 -43.24 -8.46
N VAL E 433 -49.36 -43.22 -7.15
CA VAL E 433 -49.97 -42.19 -6.31
C VAL E 433 -49.40 -40.83 -6.63
N LEU E 434 -48.10 -40.76 -6.95
CA LEU E 434 -47.49 -39.48 -7.29
C LEU E 434 -47.91 -39.00 -8.68
N THR E 435 -48.23 -39.92 -9.58
CA THR E 435 -48.65 -39.56 -10.92
C THR E 435 -50.14 -39.29 -11.03
N LYS E 436 -50.94 -39.79 -10.09
CA LYS E 436 -52.38 -39.58 -10.13
C LYS E 436 -52.73 -38.17 -9.68
N GLY E 449 -53.26 -35.41 -12.24
CA GLY E 449 -54.07 -35.02 -13.38
C GLY E 449 -55.56 -35.05 -13.10
N ILE E 450 -56.16 -33.88 -12.95
CA ILE E 450 -57.59 -33.80 -12.67
C ILE E 450 -58.39 -34.19 -13.92
N ASP E 451 -58.08 -33.56 -15.06
CA ASP E 451 -58.80 -33.87 -16.29
C ASP E 451 -58.52 -35.29 -16.75
N ASN E 452 -57.25 -35.72 -16.66
CA ASN E 452 -56.90 -37.07 -17.10
C ASN E 452 -57.54 -38.12 -16.19
N GLU E 453 -57.53 -37.89 -14.87
CA GLU E 453 -58.13 -38.84 -13.95
C GLU E 453 -59.64 -38.89 -14.11
N ARG E 454 -60.28 -37.73 -14.28
CA ARG E 454 -61.73 -37.70 -14.44
C ARG E 454 -62.15 -38.35 -15.75
N LEU E 455 -61.45 -38.05 -16.85
CA LEU E 455 -61.80 -38.63 -18.13
C LEU E 455 -61.53 -40.13 -18.15
N LYS E 456 -60.42 -40.56 -17.54
CA LYS E 456 -60.11 -41.99 -17.52
C LYS E 456 -61.09 -42.76 -16.64
N GLN E 457 -61.44 -42.21 -15.48
CA GLN E 457 -62.38 -42.87 -14.59
C GLN E 457 -63.82 -42.81 -15.08
N ARG E 458 -64.15 -41.83 -15.93
CA ARG E 458 -65.50 -41.69 -16.46
C ARG E 458 -65.70 -42.53 -17.72
N VAL E 459 -64.75 -42.48 -18.65
CA VAL E 459 -64.82 -43.23 -19.90
C VAL E 459 -63.90 -44.45 -19.87
N GLY E 460 -62.60 -44.24 -19.69
CA GLY E 460 -61.66 -45.34 -19.64
C GLY E 460 -60.63 -45.28 -20.74
N ASP E 461 -60.19 -44.07 -21.11
CA ASP E 461 -59.19 -43.94 -22.15
C ASP E 461 -57.84 -44.51 -21.73
N LEU E 462 -57.36 -44.13 -20.54
CA LEU E 462 -56.08 -44.65 -20.08
C LEU E 462 -56.14 -46.14 -19.82
N ILE E 463 -57.27 -46.63 -19.28
CA ILE E 463 -57.40 -48.06 -19.02
C ILE E 463 -57.46 -48.84 -20.32
N ALA E 464 -58.05 -48.26 -21.37
CA ALA E 464 -58.13 -48.96 -22.64
C ALA E 464 -56.80 -48.96 -23.39
N ASP E 465 -56.13 -47.80 -23.43
CA ASP E 465 -54.85 -47.72 -24.12
C ASP E 465 -53.78 -48.54 -23.39
N ARG E 466 -53.65 -48.33 -22.08
CA ARG E 466 -52.65 -49.08 -21.33
C ARG E 466 -53.02 -50.54 -21.18
N ILE E 467 -54.32 -50.85 -21.14
CA ILE E 467 -54.73 -52.25 -21.01
C ILE E 467 -54.51 -53.00 -22.32
N GLN E 468 -54.76 -52.35 -23.46
CA GLN E 468 -54.57 -53.00 -24.75
C GLN E 468 -53.11 -53.02 -25.17
N ALA E 469 -52.32 -52.06 -24.71
CA ALA E 469 -50.91 -51.96 -25.05
C ALA E 469 -50.06 -52.19 -23.79
N CYS E 470 -48.82 -51.71 -23.81
CA CYS E 470 -47.88 -51.86 -22.69
C CYS E 470 -47.62 -53.36 -22.50
N ASP E 471 -48.02 -53.96 -21.38
CA ASP E 471 -47.80 -55.37 -21.14
C ASP E 471 -49.11 -55.99 -20.66
N ASP E 472 -49.03 -57.19 -20.09
CA ASP E 472 -50.18 -57.92 -19.58
C ASP E 472 -50.04 -58.19 -18.09
N ALA E 473 -49.60 -57.19 -17.34
CA ALA E 473 -49.42 -57.33 -15.89
C ALA E 473 -50.79 -57.36 -15.22
N GLN E 474 -51.18 -58.53 -14.70
CA GLN E 474 -52.47 -58.64 -14.04
C GLN E 474 -52.47 -57.92 -12.71
N ASP E 475 -51.36 -58.00 -11.96
CA ASP E 475 -51.28 -57.33 -10.67
C ASP E 475 -51.09 -55.83 -10.82
N ILE E 476 -50.29 -55.41 -11.81
CA ILE E 476 -50.05 -53.99 -12.02
C ILE E 476 -51.31 -53.32 -12.59
N TYR E 477 -51.86 -53.88 -13.66
CA TYR E 477 -53.05 -53.30 -14.26
C TYR E 477 -54.25 -53.41 -13.32
N TRP E 478 -54.41 -54.56 -12.67
CA TRP E 478 -55.53 -54.73 -11.74
C TRP E 478 -55.40 -53.80 -10.55
N GLY E 479 -54.19 -53.66 -10.00
CA GLY E 479 -54.01 -52.79 -8.85
C GLY E 479 -54.18 -51.32 -9.21
N ILE E 480 -53.67 -50.91 -10.37
CA ILE E 480 -53.82 -49.52 -10.78
C ILE E 480 -55.26 -49.18 -11.09
N PHE E 481 -55.96 -50.09 -11.79
CA PHE E 481 -57.36 -49.85 -12.12
C PHE E 481 -58.24 -49.84 -10.88
N PHE E 482 -57.99 -50.78 -9.96
CA PHE E 482 -58.78 -50.84 -8.73
C PHE E 482 -58.51 -49.63 -7.85
N GLY E 483 -57.25 -49.18 -7.78
CA GLY E 483 -56.92 -48.03 -6.95
C GLY E 483 -57.37 -46.72 -7.56
N GLU E 484 -57.49 -46.66 -8.88
CA GLU E 484 -57.91 -45.45 -9.56
C GLU E 484 -59.42 -45.38 -9.77
N VAL E 485 -60.12 -46.50 -9.66
CA VAL E 485 -61.57 -46.51 -9.84
C VAL E 485 -62.25 -45.84 -8.66
N ALA F 7 -69.87 8.63 4.36
CA ALA F 7 -69.19 9.74 5.02
C ALA F 7 -67.79 9.35 5.46
N ILE F 8 -67.61 8.07 5.75
CA ILE F 8 -66.31 7.55 6.18
C ILE F 8 -65.33 7.65 5.03
N PRO F 9 -65.76 7.40 3.78
CA PRO F 9 -64.82 7.50 2.65
C PRO F 9 -64.38 8.92 2.40
N ARG F 10 -65.33 9.85 2.31
CA ARG F 10 -64.98 11.25 2.07
C ARG F 10 -64.16 11.82 3.22
N ASP F 11 -64.56 11.52 4.45
CA ASP F 11 -63.82 12.02 5.61
C ASP F 11 -62.41 11.43 5.65
N VAL F 12 -62.26 10.16 5.26
CA VAL F 12 -60.94 9.55 5.24
C VAL F 12 -60.08 10.13 4.14
N ARG F 13 -60.68 10.48 3.01
CA ARG F 13 -59.91 11.07 1.91
C ARG F 13 -59.47 12.49 2.24
N LEU F 14 -60.40 13.32 2.71
CA LEU F 14 -60.05 14.69 3.06
C LEU F 14 -59.05 14.72 4.22
N LEU F 15 -59.31 13.93 5.27
CA LEU F 15 -58.39 13.87 6.39
C LEU F 15 -57.03 13.33 5.97
N HIS F 16 -57.02 12.35 5.07
CA HIS F 16 -55.74 11.81 4.59
C HIS F 16 -54.96 12.87 3.81
N LEU F 17 -55.65 13.64 2.98
CA LEU F 17 -54.97 14.69 2.22
C LEU F 17 -54.45 15.78 3.15
N ILE F 18 -55.25 16.19 4.13
CA ILE F 18 -54.80 17.21 5.07
C ILE F 18 -53.59 16.72 5.86
N PHE F 19 -53.60 15.44 6.25
CA PHE F 19 -52.47 14.89 6.98
C PHE F 19 -51.22 14.84 6.10
N ALA F 20 -51.38 14.41 4.84
CA ALA F 20 -50.24 14.37 3.94
C ALA F 20 -49.65 15.76 3.73
N THR F 21 -50.52 16.77 3.55
CA THR F 21 -50.05 18.14 3.42
C THR F 21 -49.49 18.69 4.71
N GLN F 22 -49.83 18.09 5.85
CA GLN F 22 -49.34 18.52 7.16
C GLN F 22 -48.39 17.50 7.77
N ASN F 23 -47.69 16.74 6.92
CA ASN F 23 -46.74 15.73 7.40
C ASN F 23 -47.45 14.61 8.13
N ILE F 24 -47.69 13.49 7.45
CA ILE F 24 -48.35 12.34 8.04
C ILE F 24 -48.39 11.20 7.04
N TYR F 25 -47.91 10.03 7.46
CA TYR F 25 -47.89 8.84 6.60
C TYR F 25 -48.04 7.60 7.47
N SER F 26 -49.16 7.52 8.19
CA SER F 26 -49.42 6.37 9.06
C SER F 26 -50.88 6.37 9.51
N TYR F 27 -51.45 5.19 9.68
CA TYR F 27 -52.84 5.06 10.12
C TYR F 27 -53.00 3.71 10.80
N GLN F 28 -53.29 3.72 12.09
CA GLN F 28 -53.47 2.49 12.87
C GLN F 28 -54.94 2.23 13.17
N ASP F 29 -55.78 2.34 12.15
CA ASP F 29 -57.21 2.10 12.30
C ASP F 29 -57.85 3.13 13.22
N HIS F 30 -57.51 3.08 14.51
CA HIS F 30 -58.08 4.02 15.46
C HIS F 30 -57.72 5.46 15.12
N VAL F 31 -56.59 5.66 14.42
CA VAL F 31 -56.20 7.02 14.05
C VAL F 31 -57.23 7.68 13.14
N PRO F 32 -57.63 7.09 12.01
CA PRO F 32 -58.63 7.76 11.18
C PRO F 32 -59.98 7.89 11.86
N LEU F 33 -60.41 6.88 12.61
CA LEU F 33 -61.69 6.96 13.31
C LEU F 33 -61.66 8.04 14.40
N GLN F 34 -60.56 8.10 15.16
CA GLN F 34 -60.47 9.12 16.20
C GLN F 34 -60.39 10.52 15.60
N LEU F 35 -59.63 10.68 14.52
CA LEU F 35 -59.53 11.99 13.88
C LEU F 35 -60.87 12.43 13.31
N MET F 36 -61.57 11.52 12.62
CA MET F 36 -62.88 11.85 12.07
C MET F 36 -63.88 12.18 13.16
N ASP F 37 -63.86 11.41 14.26
CA ASP F 37 -64.78 11.67 15.36
C ASP F 37 -64.49 13.02 16.00
N PHE F 38 -63.22 13.34 16.22
CA PHE F 38 -62.86 14.62 16.83
C PHE F 38 -63.24 15.78 15.91
N ALA F 39 -63.01 15.63 14.60
CA ALA F 39 -63.36 16.68 13.66
C ALA F 39 -64.87 16.88 13.61
N TYR F 40 -65.63 15.79 13.58
CA TYR F 40 -67.09 15.91 13.55
C TYR F 40 -67.61 16.55 14.82
N ARG F 41 -67.06 16.14 15.97
CA ARG F 41 -67.50 16.74 17.24
C ARG F 41 -67.17 18.22 17.29
N TYR F 42 -65.98 18.60 16.84
CA TYR F 42 -65.60 20.02 16.85
C TYR F 42 -66.49 20.82 15.91
N THR F 43 -66.80 20.27 14.73
CA THR F 43 -67.67 20.97 13.79
C THR F 43 -69.07 21.13 14.35
N THR F 44 -69.60 20.07 14.96
CA THR F 44 -70.94 20.15 15.54
C THR F 44 -70.98 21.16 16.68
N GLY F 45 -69.97 21.14 17.56
CA GLY F 45 -69.93 22.09 18.65
C GLY F 45 -69.81 23.52 18.18
N THR F 46 -68.95 23.76 17.18
CA THR F 46 -68.80 25.11 16.65
C THR F 46 -70.07 25.59 15.98
N LEU F 47 -70.74 24.71 15.23
CA LEU F 47 -71.99 25.09 14.57
C LEU F 47 -73.08 25.39 15.59
N GLN F 48 -73.18 24.56 16.64
CA GLN F 48 -74.19 24.80 17.67
C GLN F 48 -73.91 26.10 18.43
N ASP F 49 -72.65 26.35 18.76
CA ASP F 49 -72.30 27.58 19.46
C ASP F 49 -72.57 28.81 18.60
N ALA F 50 -72.22 28.74 17.31
CA ALA F 50 -72.47 29.87 16.42
C ALA F 50 -73.96 30.10 16.22
N THR F 51 -74.74 29.02 16.17
CA THR F 51 -76.19 29.16 15.99
C THR F 51 -76.84 29.72 17.24
N ILE F 52 -76.39 29.29 18.42
CA ILE F 52 -76.96 29.80 19.67
C ILE F 52 -76.59 31.26 19.87
N TYR F 53 -75.30 31.59 19.69
CA TYR F 53 -74.87 32.97 19.86
C TYR F 53 -75.48 33.89 18.80
N SER F 54 -75.68 33.38 17.59
CA SER F 54 -76.27 34.20 16.52
C SER F 54 -77.77 34.38 16.73
N ASP F 55 -78.46 33.36 17.25
CA ASP F 55 -79.89 33.47 17.48
C ASP F 55 -80.23 34.21 18.77
N HIS F 56 -79.29 34.28 19.71
CA HIS F 56 -79.54 34.99 20.97
C HIS F 56 -78.91 36.38 20.94
N ALA F 57 -77.96 36.63 21.82
CA ALA F 57 -77.27 37.92 21.91
C ALA F 57 -78.31 38.97 22.30
N HIS F 58 -78.46 40.06 21.56
CA HIS F 58 -79.45 41.08 21.89
C HIS F 58 -80.77 40.81 21.18
N ALA F 59 -80.91 41.33 19.96
CA ALA F 59 -82.12 41.17 19.16
C ALA F 59 -81.93 40.13 18.06
N SER F 60 -81.25 39.03 18.36
CA SER F 60 -81.01 37.98 17.37
C SER F 60 -80.23 38.52 16.19
N GLY F 61 -80.92 38.98 15.17
CA GLY F 61 -80.28 39.51 13.98
C GLY F 61 -81.14 39.26 12.76
N SER F 62 -80.53 39.44 11.60
CA SER F 62 -81.20 39.24 10.33
C SER F 62 -81.22 37.75 9.99
N HIS F 63 -81.66 37.43 8.77
CA HIS F 63 -81.72 36.05 8.33
C HIS F 63 -80.35 35.57 7.88
N ILE F 64 -80.26 34.28 7.54
CA ILE F 64 -79.02 33.67 7.09
C ILE F 64 -79.13 33.18 5.65
N SER F 65 -80.22 32.52 5.30
CA SER F 65 -80.41 32.00 3.95
C SER F 65 -79.33 30.98 3.60
N ASN F 66 -79.53 29.73 4.01
CA ASN F 66 -78.56 28.68 3.74
C ASN F 66 -78.65 28.25 2.27
N ALA F 67 -77.64 27.50 1.85
CA ALA F 67 -77.57 27.01 0.48
C ALA F 67 -77.91 25.53 0.34
N GLY F 68 -77.87 24.77 1.44
CA GLY F 68 -78.19 23.36 1.38
C GLY F 68 -79.67 23.08 1.52
N ASN F 69 -80.39 23.92 2.26
CA ASN F 69 -81.82 23.76 2.46
C ASN F 69 -82.44 25.04 2.98
N ALA F 70 -83.16 24.95 4.10
CA ALA F 70 -83.80 26.13 4.67
C ALA F 70 -82.75 27.09 5.22
N GLY F 71 -83.12 28.37 5.25
CA GLY F 71 -82.25 29.42 5.74
C GLY F 71 -82.55 29.80 7.18
N THR F 72 -81.53 30.30 7.87
CA THR F 72 -81.67 30.70 9.25
C THR F 72 -82.09 32.17 9.35
N ASN F 73 -82.47 32.57 10.56
CA ASN F 73 -82.91 33.95 10.83
C ASN F 73 -82.23 34.42 12.11
N ALA F 74 -80.91 34.63 12.02
CA ALA F 74 -80.13 35.08 13.17
C ALA F 74 -78.77 35.60 12.73
N GLN F 75 -78.74 36.46 11.71
CA GLN F 75 -77.50 37.03 11.20
C GLN F 75 -76.59 35.92 10.68
N LEU F 76 -75.81 35.31 11.56
CA LEU F 76 -74.87 34.24 11.19
C LEU F 76 -73.82 34.85 10.26
N THR F 77 -73.44 34.18 9.18
CA THR F 77 -72.45 34.72 8.25
C THR F 77 -71.10 34.90 8.94
N THR F 78 -70.19 35.64 8.30
CA THR F 78 -68.86 35.86 8.87
C THR F 78 -68.94 36.65 10.18
N GLU F 79 -69.96 37.48 10.36
CA GLU F 79 -70.07 38.25 11.58
C GLU F 79 -70.30 37.34 12.79
N ASP F 80 -71.42 36.61 12.80
CA ASP F 80 -71.70 35.71 13.91
C ASP F 80 -70.71 34.57 13.98
N ILE F 81 -70.13 34.18 12.84
CA ILE F 81 -69.16 33.09 12.84
C ILE F 81 -67.88 33.52 13.55
N ARG F 82 -67.28 34.62 13.09
CA ARG F 82 -66.06 35.11 13.71
C ARG F 82 -66.31 35.52 15.17
N LEU F 83 -67.46 36.12 15.43
CA LEU F 83 -67.78 36.52 16.81
C LEU F 83 -67.90 35.30 17.72
N ALA F 84 -68.55 34.24 17.24
CA ALA F 84 -68.69 33.03 18.05
C ALA F 84 -67.35 32.32 18.22
N ILE F 85 -66.51 32.32 17.19
CA ILE F 85 -65.21 31.67 17.30
C ILE F 85 -64.33 32.40 18.29
N ALA F 86 -64.23 33.73 18.16
CA ALA F 86 -63.41 34.51 19.07
C ALA F 86 -63.94 34.43 20.50
N ALA F 87 -65.26 34.60 20.68
CA ALA F 87 -65.85 34.52 22.00
C ALA F 87 -65.78 33.10 22.58
N ARG F 88 -65.54 32.09 21.73
CA ARG F 88 -65.47 30.70 22.18
C ARG F 88 -64.53 29.96 21.21
N THR F 89 -63.23 30.07 21.47
CA THR F 89 -62.24 29.41 20.62
C THR F 89 -62.42 27.89 20.64
N ASN F 90 -62.35 27.27 21.82
CA ASN F 90 -62.10 27.98 23.08
C ASN F 90 -61.07 27.24 23.92
N TYR F 91 -59.80 27.39 23.55
CA TYR F 91 -58.72 26.73 24.28
C TYR F 91 -58.43 27.44 25.59
N GLN F 92 -57.84 28.64 25.51
CA GLN F 92 -57.51 29.40 26.70
C GLN F 92 -58.77 29.77 27.48
N PHE F 93 -59.37 30.92 27.16
CA PHE F 93 -60.58 31.37 27.84
C PHE F 93 -60.32 31.58 29.32
N LYS F 94 -61.17 30.99 30.16
CA LYS F 94 -61.02 31.12 31.61
C LYS F 94 -61.96 30.14 32.31
N PRO F 95 -61.42 29.15 33.02
CA PRO F 95 -62.28 28.19 33.71
C PRO F 95 -61.54 27.37 34.75
N VAL F 96 -62.07 26.21 35.11
CA VAL F 96 -61.44 25.33 36.09
C VAL F 96 -60.36 24.50 35.39
N PRO F 97 -59.20 24.35 36.01
CA PRO F 97 -58.12 23.57 35.36
C PRO F 97 -57.81 24.10 33.99
N PRO F 98 -57.86 25.42 33.80
CA PRO F 98 -57.56 25.99 32.48
C PRO F 98 -57.35 27.49 32.53
N LYS F 99 -56.12 27.92 32.82
CA LYS F 99 -55.80 29.33 32.91
C LYS F 99 -56.56 30.00 34.05
N GLU F 100 -56.33 31.30 34.24
CA GLU F 100 -56.99 32.03 35.31
C GLU F 100 -56.66 31.43 36.67
N LEU F 101 -57.45 30.44 37.10
CA LEU F 101 -57.20 29.81 38.39
C LEU F 101 -55.91 28.99 38.36
N LEU F 102 -55.71 28.20 37.30
CA LEU F 102 -54.49 27.39 37.21
C LEU F 102 -53.27 28.28 37.05
N LEU F 103 -53.36 29.32 36.23
CA LEU F 103 -52.21 30.22 36.05
C LEU F 103 -51.91 30.99 37.32
N GLU F 104 -52.94 31.40 38.06
CA GLU F 104 -52.72 32.14 39.30
C GLU F 104 -52.12 31.23 40.38
N LEU F 105 -52.62 30.01 40.50
CA LEU F 105 -52.09 29.09 41.50
C LEU F 105 -50.66 28.67 41.17
N ALA F 106 -50.38 28.37 39.90
CA ALA F 106 -49.04 27.97 39.51
C ALA F 106 -48.06 29.13 39.63
N ALA F 107 -48.52 30.35 39.30
CA ALA F 107 -47.63 31.51 39.39
C ALA F 107 -47.40 31.92 40.84
N GLU F 108 -48.37 31.67 41.72
CA GLU F 108 -48.24 32.03 43.13
C GLU F 108 -47.54 30.96 43.95
N ARG F 109 -47.52 29.72 43.49
CA ARG F 109 -46.87 28.64 44.22
C ARG F 109 -45.36 28.68 44.03
N UNK G 1 83.63 -52.16 -67.58
CA UNK G 1 82.74 -52.50 -66.48
C UNK G 1 83.22 -51.88 -65.16
N UNK G 2 84.52 -51.95 -64.94
CA UNK G 2 85.11 -51.39 -63.72
C UNK G 2 84.94 -49.88 -63.67
N UNK G 3 85.19 -49.22 -64.79
CA UNK G 3 85.05 -47.78 -64.87
C UNK G 3 83.60 -47.36 -64.65
N UNK G 4 82.67 -48.10 -65.24
CA UNK G 4 81.25 -47.81 -65.10
C UNK G 4 80.81 -48.02 -63.66
N UNK G 5 81.36 -49.05 -63.01
CA UNK G 5 81.02 -49.35 -61.63
C UNK G 5 81.54 -48.24 -60.70
N UNK G 6 82.77 -47.83 -60.90
CA UNK G 6 83.38 -46.77 -60.10
C UNK G 6 82.62 -45.45 -60.28
N UNK G 7 82.31 -45.13 -61.53
CA UNK G 7 81.58 -43.91 -61.85
C UNK G 7 80.19 -43.94 -61.22
N UNK G 8 79.58 -45.13 -61.21
CA UNK G 8 78.26 -45.30 -60.63
C UNK G 8 78.31 -45.12 -59.11
N UNK G 9 79.38 -45.61 -58.50
CA UNK G 9 79.56 -45.49 -57.06
C UNK G 9 79.77 -44.04 -56.67
N UNK G 10 80.66 -43.36 -57.39
CA UNK G 10 80.95 -41.94 -57.13
C UNK G 10 79.70 -41.11 -57.33
N UNK G 11 78.96 -41.39 -58.41
CA UNK G 11 77.73 -40.67 -58.69
C UNK G 11 76.69 -40.93 -57.61
N UNK G 12 76.72 -42.14 -57.04
CA UNK G 12 75.80 -42.52 -55.99
C UNK G 12 76.11 -41.75 -54.71
N UNK G 13 77.40 -41.66 -54.38
CA UNK G 13 77.83 -40.93 -53.19
C UNK G 13 77.51 -39.45 -53.32
N UNK G 14 77.85 -38.87 -54.48
CA UNK G 14 77.58 -37.47 -54.74
C UNK G 14 76.08 -37.19 -54.69
N UNK G 15 75.30 -38.12 -55.23
CA UNK G 15 73.84 -38.00 -55.22
C UNK G 15 73.31 -38.06 -53.79
N UNK G 16 73.95 -38.86 -52.96
CA UNK G 16 73.56 -38.99 -51.57
C UNK G 16 73.85 -37.71 -50.80
N UNK G 17 75.04 -37.16 -51.01
CA UNK G 17 75.44 -35.91 -50.37
C UNK G 17 74.52 -34.77 -50.80
N UNK G 18 74.24 -34.70 -52.10
CA UNK G 18 73.35 -33.68 -52.64
C UNK G 18 71.94 -33.85 -52.08
N UNK G 19 71.55 -35.11 -51.86
CA UNK G 19 70.24 -35.41 -51.30
C UNK G 19 70.15 -34.93 -49.85
N UNK G 20 71.21 -35.16 -49.09
CA UNK G 20 71.26 -34.72 -47.69
C UNK G 20 71.23 -33.20 -47.61
N UNK G 21 72.03 -32.56 -48.46
CA UNK G 21 72.09 -31.10 -48.50
C UNK G 21 70.73 -30.52 -48.89
N UNK G 22 70.05 -31.20 -49.81
CA UNK G 22 68.73 -30.77 -50.26
C UNK G 22 67.71 -30.97 -49.14
N UNK G 23 67.95 -31.97 -48.30
CA UNK G 23 67.06 -32.26 -47.18
C UNK G 23 67.20 -31.18 -46.11
N UNK G 24 68.44 -30.88 -45.74
CA UNK G 24 68.72 -29.85 -44.74
C UNK G 24 68.25 -28.49 -45.22
N UNK G 25 68.53 -28.18 -46.48
CA UNK G 25 68.11 -26.92 -47.08
C UNK G 25 66.60 -26.86 -47.21
N UNK G 26 65.97 -28.03 -47.32
CA UNK G 26 64.52 -28.11 -47.43
C UNK G 26 63.86 -27.90 -46.07
N UNK G 27 64.53 -28.35 -45.02
CA UNK G 27 64.03 -28.21 -43.66
C UNK G 27 64.20 -26.77 -43.18
N UNK G 28 65.45 -26.28 -43.23
CA UNK G 28 65.75 -24.92 -42.81
C UNK G 28 65.04 -23.90 -43.71
N UNK G 29 65.14 -24.12 -45.01
CA UNK G 29 64.51 -23.23 -45.98
C UNK G 29 62.99 -23.33 -45.88
N UNK G 30 62.51 -24.51 -45.47
CA UNK G 30 61.07 -24.72 -45.33
C UNK G 30 60.52 -23.97 -44.13
N UNK G 31 61.27 -23.99 -43.03
CA UNK G 31 60.88 -23.31 -41.81
C UNK G 31 60.98 -21.79 -41.98
N UNK G 32 62.10 -21.35 -42.56
CA UNK G 32 62.32 -19.93 -42.81
C UNK G 32 61.30 -19.38 -43.79
N UNK G 33 60.99 -20.16 -44.82
CA UNK G 33 60.02 -19.76 -45.83
C UNK G 33 58.62 -19.73 -45.25
N UNK G 34 58.32 -20.71 -44.40
CA UNK G 34 57.01 -20.80 -43.77
C UNK G 34 56.81 -19.66 -42.78
N UNK G 35 57.91 -19.22 -42.17
CA UNK G 35 57.86 -18.12 -41.20
C UNK G 35 57.90 -16.77 -41.90
N UNK G 36 58.36 -16.77 -43.15
CA UNK G 36 58.45 -15.54 -43.93
C UNK G 36 57.08 -15.11 -44.42
N UNK G 37 59.41 -14.73 -48.47
CA UNK G 37 57.98 -14.55 -48.73
C UNK G 37 57.53 -13.15 -48.32
N UNK G 38 58.39 -12.17 -48.55
CA UNK G 38 58.08 -10.78 -48.20
C UNK G 38 57.85 -10.63 -46.71
N UNK G 39 55.95 -9.19 -51.86
CA UNK G 39 54.76 -9.90 -51.45
C UNK G 39 54.68 -10.01 -49.93
N UNK G 40 53.63 -9.44 -49.35
CA UNK G 40 53.44 -9.48 -47.90
C UNK G 40 52.03 -9.03 -47.53
N UNK G 41 51.67 -7.82 -47.95
CA UNK G 41 50.35 -7.27 -47.66
C UNK G 41 49.27 -8.00 -48.46
N UNK G 42 48.49 -8.83 -47.78
CA UNK G 42 47.43 -9.58 -48.43
C UNK G 42 46.46 -10.16 -47.40
N UNK G 43 46.00 -11.39 -47.64
CA UNK G 43 45.07 -12.05 -46.74
C UNK G 43 45.12 -13.56 -46.91
N UNK G 44 44.52 -14.27 -45.96
CA UNK G 44 44.47 -15.74 -46.00
C UNK G 44 45.83 -16.36 -45.71
N UNK G 45 46.85 -15.52 -45.52
CA UNK G 45 48.19 -16.00 -45.23
C UNK G 45 48.26 -16.58 -43.83
N UNK G 46 47.81 -15.79 -42.85
CA UNK G 46 47.80 -16.23 -41.46
C UNK G 46 46.82 -17.39 -41.27
N UNK G 47 45.79 -17.43 -42.12
CA UNK G 47 44.80 -18.50 -42.06
C UNK G 47 45.39 -19.81 -42.56
N UNK G 48 46.05 -19.74 -43.72
CA UNK G 48 46.67 -20.92 -44.30
C UNK G 48 47.80 -21.44 -43.42
N UNK G 49 48.69 -20.54 -43.00
CA UNK G 49 49.80 -20.90 -42.14
C UNK G 49 49.30 -21.45 -40.81
N UNK G 50 48.23 -20.85 -40.29
CA UNK G 50 47.64 -21.29 -39.04
C UNK G 50 47.05 -22.70 -39.18
N UNK G 51 46.45 -22.95 -40.34
CA UNK G 51 45.86 -24.26 -40.62
C UNK G 51 46.95 -25.33 -40.73
N UNK G 52 48.01 -25.02 -41.45
CA UNK G 52 49.12 -25.94 -41.63
C UNK G 52 49.78 -26.24 -40.28
N UNK G 53 50.03 -25.19 -39.51
CA UNK G 53 50.64 -25.34 -38.19
C UNK G 53 49.74 -26.16 -37.27
N UNK G 54 48.44 -25.96 -37.41
CA UNK G 54 47.46 -26.69 -36.60
C UNK G 54 47.48 -28.17 -36.95
N UNK G 55 47.52 -28.47 -38.24
CA UNK G 55 47.58 -29.86 -38.71
C UNK G 55 48.85 -30.53 -38.25
N UNK G 56 49.97 -29.84 -38.39
CA UNK G 56 51.27 -30.36 -37.97
C UNK G 56 51.28 -30.62 -36.46
N UNK G 57 50.72 -29.69 -35.71
CA UNK G 57 50.64 -29.82 -34.25
C UNK G 57 49.78 -31.02 -33.87
N UNK G 58 48.68 -31.21 -34.60
CA UNK G 58 47.78 -32.33 -34.35
C UNK G 58 48.47 -33.65 -34.63
N UNK G 59 49.21 -33.71 -35.74
CA UNK G 59 49.94 -34.91 -36.12
C UNK G 59 51.01 -35.24 -35.07
N UNK G 60 51.71 -34.20 -34.62
CA UNK G 60 52.76 -34.37 -33.61
C UNK G 60 52.15 -34.88 -32.30
N UNK G 61 51.00 -34.33 -31.94
CA UNK G 61 50.30 -34.74 -30.73
C UNK G 61 49.87 -36.20 -30.82
N UNK G 62 49.37 -36.58 -31.99
CA UNK G 62 48.94 -37.96 -32.22
C UNK G 62 50.12 -38.91 -32.12
N UNK G 63 51.24 -38.52 -32.71
CA UNK G 63 52.46 -39.33 -32.68
C UNK G 63 52.95 -39.50 -31.24
N UNK G 64 52.92 -38.39 -30.48
CA UNK G 64 53.35 -38.41 -29.09
C UNK G 64 52.45 -39.33 -28.28
N UNK G 65 51.15 -39.26 -28.53
CA UNK G 65 50.18 -40.09 -27.83
C UNK G 65 50.41 -41.57 -28.14
N UNK G 66 50.69 -41.86 -29.41
CA UNK G 66 50.95 -43.22 -29.84
C UNK G 66 52.22 -43.77 -29.18
N UNK G 67 53.25 -42.93 -29.13
CA UNK G 67 54.51 -43.31 -28.51
C UNK G 67 54.32 -43.57 -27.02
N UNK G 68 53.55 -42.72 -26.36
CA UNK G 68 53.27 -42.86 -24.94
C UNK G 68 52.49 -44.14 -24.68
N UNK G 69 51.54 -44.43 -25.55
CA UNK G 69 50.73 -45.64 -25.42
C UNK G 69 51.59 -46.89 -25.61
N UNK G 70 52.50 -46.83 -26.57
CA UNK G 70 53.39 -47.95 -26.85
C UNK G 70 54.33 -48.19 -25.67
N UNK G 71 54.86 -47.11 -25.12
CA UNK G 71 55.77 -47.19 -23.99
C UNK G 71 55.05 -47.75 -22.75
N UNK G 72 53.82 -47.29 -22.55
CA UNK G 72 53.02 -47.74 -21.42
C UNK G 72 52.65 -49.21 -21.57
N UNK G 73 52.44 -49.63 -22.82
CA UNK G 73 52.08 -51.01 -23.11
C UNK G 73 53.30 -51.93 -22.99
N UNK G 74 54.48 -51.36 -23.21
CA UNK G 74 55.72 -52.13 -23.13
C UNK G 74 56.20 -52.21 -21.68
N UNK G 75 55.83 -51.23 -20.87
CA UNK G 75 56.21 -51.19 -19.47
C UNK G 75 55.38 -52.17 -18.65
N UNK H 1 -60.85 -5.98 28.46
CA UNK H 1 -61.24 -6.20 27.08
C UNK H 1 -62.71 -5.86 26.86
N UNK H 2 -63.22 -6.13 25.66
CA UNK H 2 -64.60 -5.84 25.33
C UNK H 2 -65.50 -7.07 25.56
N UNK H 3 -64.97 -8.04 26.29
CA UNK H 3 -65.73 -9.26 26.58
C UNK H 3 -66.94 -8.94 27.46
N UNK H 4 -66.71 -8.14 28.48
CA UNK H 4 -67.78 -7.74 29.40
C UNK H 4 -68.79 -6.84 28.70
N UNK H 5 -68.28 -5.96 27.85
CA UNK H 5 -69.13 -5.03 27.11
C UNK H 5 -70.04 -5.80 26.15
N UNK H 6 -69.49 -6.82 25.51
CA UNK H 6 -70.24 -7.63 24.57
C UNK H 6 -71.25 -8.52 25.31
N UNK H 7 -70.82 -9.06 26.44
CA UNK H 7 -71.67 -9.92 27.26
C UNK H 7 -72.89 -9.14 27.77
N UNK H 8 -72.64 -7.96 28.32
CA UNK H 8 -73.71 -7.12 28.83
C UNK H 8 -74.57 -6.59 27.69
N UNK H 9 -73.94 -6.27 26.57
CA UNK H 9 -74.65 -5.76 25.41
C UNK H 9 -75.66 -6.78 24.90
N UNK H 10 -75.20 -8.01 24.70
CA UNK H 10 -76.07 -9.09 24.25
C UNK H 10 -77.06 -9.49 25.33
N UNK H 11 -76.69 -9.25 26.58
CA UNK H 11 -77.55 -9.58 27.72
C UNK H 11 -78.76 -8.66 27.78
N UNK H 12 -78.55 -7.37 27.52
CA UNK H 12 -79.63 -6.39 27.56
C UNK H 12 -79.23 -5.11 26.84
N UNK H 13 -78.01 -4.65 27.08
CA UNK H 13 -77.51 -3.41 26.47
C UNK H 13 -77.55 -3.50 24.96
N UNK H 14 -78.71 -3.25 24.37
CA UNK H 14 -78.89 -3.29 22.93
C UNK H 14 -78.59 -4.69 22.37
N UNK H 15 -79.65 -5.47 22.17
CA UNK H 15 -79.50 -6.82 21.65
C UNK H 15 -79.10 -6.80 20.18
N UNK H 16 -79.61 -5.81 19.45
CA UNK H 16 -79.30 -5.66 18.03
C UNK H 16 -77.82 -5.39 17.81
N UNK H 17 -77.37 -5.55 16.57
CA UNK H 17 -75.97 -5.32 16.23
C UNK H 17 -75.61 -3.85 16.37
N UNK H 18 -74.76 -3.54 17.35
CA UNK H 18 -74.33 -2.16 17.60
C UNK H 18 -73.24 -1.75 16.62
N UNK H 19 -72.65 -0.59 16.86
CA UNK H 19 -71.59 -0.08 16.00
C UNK H 19 -70.23 -0.22 16.67
N UNK H 20 -69.22 -0.60 15.89
CA UNK H 20 -67.86 -0.77 16.40
C UNK H 20 -67.33 0.54 16.96
N UNK H 21 -67.57 1.63 16.24
CA UNK H 21 -67.12 2.96 16.67
C UNK H 21 -67.79 3.34 17.99
N UNK H 22 -69.09 3.05 18.09
CA UNK H 22 -69.85 3.36 19.30
C UNK H 22 -69.32 2.56 20.48
N UNK H 23 -69.02 1.28 20.24
CA UNK H 23 -68.48 0.41 21.29
C UNK H 23 -67.12 0.91 21.76
N UNK H 24 -66.27 1.28 20.80
CA UNK H 24 -64.94 1.79 21.12
C UNK H 24 -65.04 3.09 21.92
N UNK H 25 -65.97 3.96 21.52
CA UNK H 25 -66.19 5.22 22.21
C UNK H 25 -66.65 4.99 23.64
N UNK H 26 -67.56 4.02 23.81
CA UNK H 26 -68.07 3.68 25.11
C UNK H 26 -66.97 3.14 26.00
N UNK H 27 -66.12 2.29 25.43
CA UNK H 27 -64.99 1.72 26.15
C UNK H 27 -64.03 2.81 26.59
N UNK H 28 -63.76 3.76 25.70
CA UNK H 28 -62.86 4.87 26.00
C UNK H 28 -63.44 5.72 27.13
N UNK H 29 -64.74 5.97 27.07
CA UNK H 29 -65.43 6.75 28.10
C UNK H 29 -65.34 6.06 29.44
N UNK H 30 -65.55 4.74 29.43
CA UNK H 30 -65.47 3.94 30.67
C UNK H 30 -64.07 4.00 31.25
N UNK H 31 -63.07 3.88 30.38
CA UNK H 31 -61.68 3.94 30.80
C UNK H 31 -61.36 5.31 31.41
N UNK H 32 -61.88 6.35 30.79
CA UNK H 32 -61.68 7.72 31.28
C UNK H 32 -62.32 7.89 32.65
N UNK H 33 -63.50 7.30 32.82
CA UNK H 33 -64.22 7.37 34.09
C UNK H 33 -63.44 6.66 35.18
N UNK H 34 -62.95 5.46 34.87
CA UNK H 34 -62.17 4.67 35.82
C UNK H 34 -60.90 5.43 36.21
N UNK H 35 -60.24 6.01 35.22
CA UNK H 35 -59.03 6.78 35.46
C UNK H 35 -59.33 7.99 36.33
N UNK H 36 -60.50 8.57 36.15
CA UNK H 36 -60.94 9.72 36.93
C UNK H 36 -61.20 9.32 38.38
N UNK H 37 -61.74 8.12 38.57
CA UNK H 37 -62.03 7.60 39.89
C UNK H 37 -60.72 7.29 40.64
N UNK H 38 -59.85 6.53 40.00
CA UNK H 38 -58.56 6.18 40.59
C UNK H 38 -57.76 7.43 40.90
N UNK H 39 -57.75 8.37 39.96
CA UNK H 39 -57.04 9.64 40.13
C UNK H 39 -57.65 10.43 41.29
N UNK H 40 -58.96 10.31 41.44
CA UNK H 40 -59.67 10.98 42.54
C UNK H 40 -59.27 10.38 43.88
N UNK H 41 -59.05 9.07 43.89
CA UNK H 41 -58.65 8.37 45.11
C UNK H 41 -57.22 8.75 45.48
N UNK H 42 -56.31 8.66 44.52
CA UNK H 42 -54.92 9.01 44.73
C UNK H 42 -54.79 10.46 45.20
N UNK H 43 -55.50 11.36 44.52
CA UNK H 43 -55.51 12.76 44.90
C UNK H 43 -56.10 12.95 46.29
N UNK H 44 -57.07 12.09 46.62
CA UNK H 44 -57.71 12.13 47.93
C UNK H 44 -56.72 11.73 49.02
N UNK H 45 -55.79 10.84 48.67
CA UNK H 45 -54.77 10.40 49.61
C UNK H 45 -53.68 11.46 49.77
N UNK H 46 -53.16 11.93 48.65
CA UNK H 46 -52.13 12.96 48.66
C UNK H 46 -52.62 14.20 49.41
N UNK H 47 -53.85 14.62 49.11
CA UNK H 47 -54.46 15.75 49.79
C UNK H 47 -54.83 15.37 51.23
N UNK H 48 -55.02 14.08 51.46
CA UNK H 48 -55.36 13.59 52.79
C UNK H 48 -54.10 13.30 53.62
N UNK H 49 -52.94 13.70 53.09
CA UNK H 49 -51.67 13.54 53.81
C UNK H 49 -51.21 12.08 53.81
N UNK H 50 -52.04 11.20 54.36
CA UNK H 50 -51.71 9.78 54.45
C UNK H 50 -51.31 9.23 53.08
N UNK H 51 -50.20 8.50 53.05
CA UNK H 51 -49.69 7.92 51.82
C UNK H 51 -50.70 6.95 51.22
N UNK H 52 -50.93 5.84 51.91
CA UNK H 52 -51.88 4.82 51.44
C UNK H 52 -53.21 4.95 52.16
N UNK H 53 -54.20 4.21 51.68
CA UNK H 53 -55.54 4.23 52.28
C UNK H 53 -56.16 5.62 52.17
N UNK H 54 -56.99 5.81 51.14
CA UNK H 54 -57.66 7.10 50.93
C UNK H 54 -58.76 7.31 51.95
N UNK H 55 -59.51 8.39 51.79
CA UNK H 55 -60.61 8.71 52.70
C UNK H 55 -61.95 8.48 52.04
N UNK H 56 -62.66 7.43 52.48
CA UNK H 56 -63.97 7.10 51.93
C UNK H 56 -64.97 8.22 52.21
N UNK H 57 -64.90 8.79 53.41
CA UNK H 57 -65.80 9.87 53.80
C UNK H 57 -65.54 11.10 52.94
N UNK H 58 -64.28 11.40 52.68
CA UNK H 58 -63.90 12.55 51.87
C UNK H 58 -64.34 12.35 50.42
N UNK H 59 -64.14 11.15 49.91
CA UNK H 59 -64.51 10.83 48.54
C UNK H 59 -66.02 10.91 48.36
N UNK H 60 -66.74 10.41 49.36
CA UNK H 60 -68.20 10.42 49.32
C UNK H 60 -68.74 11.84 49.43
N UNK H 61 -68.08 12.65 50.26
CA UNK H 61 -68.48 14.04 50.46
C UNK H 61 -68.22 14.87 49.22
N UNK H 62 -67.11 14.58 48.54
CA UNK H 62 -66.75 15.31 47.33
C UNK H 62 -67.63 14.88 46.15
N UNK H 63 -67.92 13.59 46.08
CA UNK H 63 -68.76 13.05 45.01
C UNK H 63 -70.21 13.43 45.22
N UNK H 64 -70.85 12.80 46.20
CA UNK H 64 -72.26 13.08 46.50
C UNK H 64 -72.48 13.15 48.01
N UNK I 1 -61.81 -12.93 35.34
CA UNK I 1 -60.75 -12.23 34.62
C UNK I 1 -60.74 -10.74 34.96
N UNK I 2 -59.96 -10.39 35.97
CA UNK I 2 -59.87 -8.99 36.40
C UNK I 2 -58.49 -8.42 36.09
N UNK I 3 -57.96 -8.77 34.92
CA UNK I 3 -56.64 -8.29 34.51
C UNK I 3 -56.66 -6.79 34.26
N UNK I 4 -57.66 -6.34 33.51
CA UNK I 4 -57.80 -4.92 33.20
C UNK I 4 -58.18 -4.12 34.43
N UNK I 5 -59.04 -4.70 35.27
CA UNK I 5 -59.48 -4.05 36.49
C UNK I 5 -58.32 -3.85 37.46
N UNK I 6 -57.53 -4.91 37.65
CA UNK I 6 -56.38 -4.85 38.55
C UNK I 6 -55.27 -4.01 37.94
N UNK I 7 -55.25 -3.92 36.61
CA UNK I 7 -54.23 -3.14 35.91
C UNK I 7 -54.51 -1.65 36.05
N UNK I 8 -55.76 -1.26 35.90
CA UNK I 8 -56.14 0.14 36.00
C UNK I 8 -56.17 0.60 37.46
N UNK I 9 -56.82 -0.20 38.30
CA UNK I 9 -56.92 0.12 39.72
C UNK I 9 -55.56 0.08 40.39
N UNK I 10 -54.79 -0.97 40.11
CA UNK I 10 -53.46 -1.14 40.68
C UNK I 10 -52.46 -0.22 39.99
N UNK I 11 -52.84 0.31 38.83
CA UNK I 11 -51.98 1.20 38.07
C UNK I 11 -52.08 2.64 38.59
N UNK I 12 -53.29 3.15 38.66
CA UNK I 12 -53.53 4.51 39.13
C UNK I 12 -53.76 4.54 40.64
N UNK I 13 -53.57 3.38 41.29
CA UNK I 13 -53.76 3.27 42.72
C UNK I 13 -52.50 2.72 43.40
N UNK I 14 -51.57 2.25 42.58
CA UNK I 14 -50.32 1.69 43.10
C UNK I 14 -50.59 0.46 43.97
N UNK I 15 -50.96 0.71 45.22
CA UNK I 15 -51.24 -0.37 46.17
C UNK I 15 -52.44 -1.18 45.70
N UNK I 16 -52.51 -2.44 46.16
CA UNK I 16 -53.60 -3.33 45.79
C UNK I 16 -54.90 -2.89 46.45
N UNK I 17 -56.02 -3.40 45.93
CA UNK I 17 -57.33 -3.06 46.46
C UNK I 17 -57.92 -4.23 47.25
N UNK I 18 -59.13 -4.63 46.88
CA UNK I 18 -59.80 -5.74 47.55
C UNK I 18 -61.09 -6.12 46.81
N UNK I 19 -61.74 -7.17 47.28
CA UNK I 19 -62.99 -7.64 46.68
C UNK I 19 -64.08 -6.58 46.80
N UNK I 20 -64.06 -5.83 47.90
CA UNK I 20 -65.04 -4.79 48.13
C UNK I 20 -64.84 -3.64 47.15
N UNK I 21 -63.59 -3.21 46.98
CA UNK I 21 -63.26 -2.13 46.06
C UNK I 21 -63.58 -2.53 44.62
N UNK I 22 -63.20 -3.75 44.26
CA UNK I 22 -63.45 -4.26 42.91
C UNK I 22 -64.94 -4.35 42.63
N UNK I 23 -65.70 -4.85 43.61
CA UNK I 23 -67.14 -4.98 43.47
C UNK I 23 -67.80 -3.60 43.36
N UNK I 24 -67.27 -2.64 44.10
CA UNK I 24 -67.79 -1.27 44.07
C UNK I 24 -67.55 -0.63 42.71
N UNK I 25 -66.32 -0.78 42.20
CA UNK I 25 -65.96 -0.23 40.91
C UNK I 25 -66.79 -0.86 39.79
N UNK I 26 -66.96 -2.18 39.87
CA UNK I 26 -67.73 -2.91 38.88
C UNK I 26 -69.20 -2.48 38.92
N UNK I 27 -69.71 -2.26 40.13
CA UNK I 27 -71.09 -1.83 40.30
C UNK I 27 -71.29 -0.42 39.74
N UNK I 28 -70.33 0.45 39.99
CA UNK I 28 -70.39 1.82 39.49
C UNK I 28 -70.35 1.85 37.97
N UNK I 29 -69.43 1.07 37.40
CA UNK I 29 -69.28 0.99 35.96
C UNK I 29 -70.55 0.42 35.32
N UNK I 30 -71.13 -0.59 35.96
CA UNK I 30 -72.35 -1.21 35.47
C UNK I 30 -73.51 -0.22 35.52
N UNK I 31 -73.56 0.58 36.58
CA UNK I 31 -74.62 1.58 36.74
C UNK I 31 -74.49 2.66 35.69
N UNK I 32 -73.26 3.13 35.46
CA UNK I 32 -73.01 4.17 34.47
C UNK I 32 -73.34 3.67 33.07
N UNK I 33 -72.90 2.46 32.76
CA UNK I 33 -73.16 1.85 31.45
C UNK I 33 -74.66 1.66 31.25
N UNK I 34 -75.35 1.26 32.30
CA UNK I 34 -76.79 1.04 32.25
C UNK I 34 -77.52 2.36 32.02
N UNK I 35 -77.04 3.42 32.66
CA UNK I 35 -77.64 4.74 32.53
C UNK I 35 -77.44 5.28 31.12
N UNK I 36 -76.22 5.14 30.60
CA UNK I 36 -75.89 5.61 29.26
C UNK I 36 -76.70 4.84 28.21
N UNK I 37 -76.73 3.52 28.36
CA UNK I 37 -77.46 2.67 27.44
C UNK I 37 -78.96 2.98 27.48
N UNK I 38 -79.46 3.26 28.68
CA UNK I 38 -80.86 3.58 28.86
C UNK I 38 -81.20 4.93 28.21
N UNK I 39 -80.27 5.88 28.32
CA UNK I 39 -80.44 7.20 27.73
C UNK I 39 -80.42 7.12 26.21
N UNK I 40 -79.47 6.38 25.67
CA UNK I 40 -79.35 6.22 24.23
C UNK I 40 -80.56 5.50 23.66
N UNK I 41 -80.96 4.42 24.31
CA UNK I 41 -82.12 3.64 23.88
C UNK I 41 -83.39 4.48 23.97
N UNK I 42 -83.49 5.31 25.01
CA UNK I 42 -84.65 6.17 25.19
C UNK I 42 -84.70 7.24 24.10
N UNK I 43 -83.54 7.78 23.74
CA UNK I 43 -83.46 8.79 22.69
C UNK I 43 -83.82 8.21 21.34
N UNK I 44 -83.29 7.02 21.05
CA UNK I 44 -83.56 6.34 19.79
C UNK I 44 -85.04 5.99 19.68
N UNK I 45 -85.59 5.44 20.75
CA UNK I 45 -87.01 5.06 20.78
C UNK I 45 -87.89 6.29 20.64
N UNK I 46 -87.47 7.40 21.25
CA UNK I 46 -88.23 8.64 21.18
C UNK I 46 -88.17 9.23 19.78
N UNK I 47 -87.05 9.01 19.09
CA UNK I 47 -86.86 9.53 17.74
C UNK I 47 -87.53 8.60 16.72
N UNK I 48 -87.85 7.38 17.16
CA UNK I 48 -88.49 6.41 16.28
C UNK I 48 -87.60 6.08 15.09
N UNK I 49 -86.31 5.87 15.35
CA UNK I 49 -85.36 5.55 14.30
C UNK I 49 -85.13 4.05 14.22
N UNK I 50 -84.29 3.62 13.27
CA UNK I 50 -83.98 2.21 13.10
C UNK I 50 -82.83 1.79 13.99
N UNK I 51 -82.74 0.49 14.26
CA UNK I 51 -81.67 -0.05 15.11
C UNK I 51 -80.31 0.12 14.44
N UNK I 52 -79.29 0.37 15.25
CA UNK I 52 -79.46 0.48 16.69
C UNK I 52 -79.41 1.94 17.14
N UNK I 53 -78.39 2.29 17.92
CA UNK I 53 -78.23 3.64 18.41
C UNK I 53 -77.64 4.55 17.33
N UNK I 54 -77.02 5.64 17.76
CA UNK I 54 -76.41 6.59 16.83
C UNK I 54 -75.37 7.46 17.54
N UNK I 55 -74.45 8.03 16.77
CA UNK I 55 -73.41 8.88 17.32
C UNK I 55 -74.01 10.12 17.97
N UNK I 56 -75.05 10.67 17.35
CA UNK I 56 -75.73 11.85 17.88
C UNK I 56 -76.40 11.53 19.22
N UNK I 57 -77.08 10.40 19.27
CA UNK I 57 -77.76 9.98 20.50
C UNK I 57 -76.74 9.71 21.61
N UNK I 58 -75.63 9.10 21.25
CA UNK I 58 -74.58 8.79 22.21
C UNK I 58 -73.97 10.07 22.77
N UNK I 59 -73.73 11.04 21.88
CA UNK I 59 -73.16 12.32 22.28
C UNK I 59 -74.12 13.08 23.18
N UNK I 60 -75.40 13.05 22.83
CA UNK I 60 -76.43 13.73 23.61
C UNK I 60 -76.54 13.11 25.01
N UNK I 61 -76.55 11.78 25.06
CA UNK I 61 -76.64 11.08 26.32
C UNK I 61 -75.41 11.35 27.19
N UNK I 62 -74.24 11.41 26.55
CA UNK I 62 -73.00 11.68 27.25
C UNK I 62 -72.99 13.10 27.83
N UNK I 63 -73.53 14.05 27.06
CA UNK I 63 -73.59 15.44 27.49
C UNK I 63 -74.58 15.58 28.65
N UNK I 64 -75.72 14.92 28.54
CA UNK I 64 -76.74 14.97 29.59
C UNK I 64 -76.23 14.35 30.88
N UNK I 65 -75.56 13.21 30.75
CA UNK I 65 -75.01 12.50 31.91
C UNK I 65 -73.88 13.32 32.53
N UNK I 66 -73.12 14.02 31.69
CA UNK I 66 -72.02 14.84 32.17
C UNK I 66 -72.53 16.10 32.86
N UNK I 67 -73.70 16.55 32.44
CA UNK I 67 -74.31 17.75 33.03
C UNK I 67 -75.10 17.40 34.28
N UNK I 68 -75.47 16.13 34.41
CA UNK I 68 -76.23 15.66 35.56
C UNK I 68 -75.33 15.52 36.79
N GLN J 499 -58.07 45.64 49.49
CA GLN J 499 -57.54 44.59 50.36
C GLN J 499 -58.35 44.51 51.66
N LYS J 500 -58.80 45.67 52.14
CA LYS J 500 -59.57 45.70 53.38
C LYS J 500 -60.90 44.97 53.22
N ARG J 501 -61.60 45.22 52.10
CA ARG J 501 -62.89 44.56 51.88
C ARG J 501 -62.72 43.06 51.74
N LYS J 502 -61.69 42.62 51.00
CA LYS J 502 -61.46 41.19 50.83
C LYS J 502 -61.07 40.53 52.15
N LEU J 503 -60.24 41.20 52.94
CA LEU J 503 -59.85 40.62 54.23
C LEU J 503 -61.03 40.55 55.18
N LYS J 504 -61.86 41.59 55.24
CA LYS J 504 -63.01 41.58 56.11
C LYS J 504 -64.03 40.52 55.68
N GLU J 505 -64.29 40.42 54.37
CA GLU J 505 -65.24 39.42 53.88
C GLU J 505 -64.73 38.01 54.14
N LEU J 506 -63.43 37.77 53.90
CA LEU J 506 -62.87 36.46 54.13
C LEU J 506 -62.89 36.09 55.61
N LEU J 507 -62.59 37.06 56.48
CA LEU J 507 -62.60 36.79 57.91
C LEU J 507 -64.02 36.52 58.41
N ARG J 508 -65.00 37.29 57.93
CA ARG J 508 -66.38 37.07 58.34
C ARG J 508 -66.91 35.74 57.84
N ASN J 509 -66.62 35.39 56.58
CA ASN J 509 -67.08 34.12 56.04
C ASN J 509 -66.41 32.94 56.75
N VAL J 510 -65.11 33.06 57.03
CA VAL J 510 -64.41 31.98 57.71
C VAL J 510 -64.92 31.82 59.14
N GLY J 511 -65.21 32.94 59.80
CA GLY J 511 -65.72 32.87 61.17
C GLY J 511 -67.15 32.41 61.26
N ALA J 512 -67.93 32.63 60.20
CA ALA J 512 -69.33 32.21 60.18
C ALA J 512 -69.53 30.81 59.61
N ASP J 513 -68.55 30.28 58.89
CA ASP J 513 -68.66 28.94 58.31
C ASP J 513 -68.09 27.89 59.26
N GLU J 514 -64.82 26.96 56.49
CA GLU J 514 -65.08 26.00 57.56
C GLU J 514 -63.78 25.51 58.18
N GLY J 515 -62.81 26.41 58.30
CA GLY J 515 -61.52 26.09 58.88
C GLY J 515 -61.28 26.86 60.17
N ASP J 516 -60.49 26.29 61.05
CA ASP J 516 -60.17 26.91 62.33
C ASP J 516 -58.74 26.54 62.72
N GLY J 517 -57.99 27.53 63.20
CA GLY J 517 -56.62 27.32 63.61
C GLY J 517 -55.63 27.16 62.49
N GLU J 518 -56.02 27.47 61.25
CA GLU J 518 -55.13 27.35 60.09
C GLU J 518 -54.60 28.74 59.77
N THR J 519 -53.48 29.10 60.40
CA THR J 519 -52.88 30.40 60.16
C THR J 519 -52.24 30.48 58.78
N VAL J 520 -51.39 29.49 58.46
CA VAL J 520 -50.74 29.48 57.15
C VAL J 520 -51.77 29.34 56.04
N ILE J 521 -52.76 28.45 56.23
CA ILE J 521 -53.80 28.28 55.22
C ILE J 521 -54.64 29.54 55.09
N ASP J 522 -54.85 30.27 56.19
CA ASP J 522 -55.63 31.49 56.12
C ASP J 522 -54.88 32.60 55.41
N GLY J 523 -53.58 32.71 55.66
CA GLY J 523 -52.77 33.72 55.01
C GLY J 523 -52.53 33.45 53.54
N ASP J 524 -51.90 32.30 53.25
CA ASP J 524 -51.64 31.95 51.85
C ASP J 524 -52.95 31.78 51.07
N VAL J 525 -53.92 31.09 51.66
CA VAL J 525 -55.20 30.91 50.99
C VAL J 525 -55.92 32.25 50.82
N GLU J 526 -55.72 33.17 51.75
CA GLU J 526 -56.35 34.49 51.63
C GLU J 526 -55.72 35.31 50.51
N GLU J 527 -54.39 35.29 50.42
CA GLU J 527 -53.72 36.04 49.36
C GLU J 527 -54.02 35.44 48.00
N LEU J 528 -53.90 34.12 47.87
CA LEU J 528 -54.20 33.47 46.60
C LEU J 528 -55.66 33.68 46.20
N LEU J 529 -56.58 33.57 47.16
CA LEU J 529 -57.99 33.78 46.86
C LEU J 529 -58.25 35.22 46.45
N LEU J 530 -57.54 36.18 47.06
CA LEU J 530 -57.72 37.57 46.68
C LEU J 530 -57.19 37.84 45.28
N ASP J 531 -56.01 37.31 44.95
CA ASP J 531 -55.45 37.51 43.62
C ASP J 531 -56.34 36.85 42.56
N LEU J 532 -56.76 35.61 42.80
CA LEU J 532 -57.62 34.93 41.85
C LEU J 532 -58.95 35.66 41.70
N ALA J 533 -59.49 36.19 42.80
CA ALA J 533 -60.75 36.92 42.73
C ALA J 533 -60.59 38.20 41.93
N ASP J 534 -59.47 38.92 42.12
CA ASP J 534 -59.24 40.14 41.37
C ASP J 534 -59.06 39.85 39.89
N GLU J 535 -58.29 38.81 39.56
CA GLU J 535 -58.09 38.46 38.15
C GLU J 535 -59.40 38.04 37.50
N PHE J 536 -60.21 37.23 38.20
CA PHE J 536 -61.49 36.82 37.66
C PHE J 536 -62.43 38.00 37.46
N VAL J 537 -62.42 38.94 38.41
CA VAL J 537 -63.27 40.13 38.29
C VAL J 537 -62.82 40.97 37.09
N THR J 538 -61.51 41.14 36.92
CA THR J 538 -61.01 41.90 35.79
C THR J 538 -61.36 41.23 34.47
N SER J 539 -61.28 39.90 34.43
CA SER J 539 -61.64 39.18 33.21
C SER J 539 -63.12 39.31 32.91
N VAL J 540 -63.96 39.25 33.94
CA VAL J 540 -65.40 39.39 33.74
C VAL J 540 -65.73 40.79 33.24
N THR J 541 -65.14 41.81 33.85
CA THR J 541 -65.38 43.18 33.41
C THR J 541 -64.91 43.38 31.98
N SER J 542 -63.74 42.85 31.65
CA SER J 542 -63.24 42.96 30.28
C SER J 542 -64.16 42.27 29.29
N PHE J 543 -64.69 41.10 29.67
CA PHE J 543 -65.63 40.40 28.79
C PHE J 543 -66.90 41.21 28.60
N ALA J 544 -67.40 41.84 29.66
CA ALA J 544 -68.59 42.67 29.54
C ALA J 544 -68.34 43.87 28.64
N CYS J 545 -67.19 44.53 28.81
CA CYS J 545 -66.86 45.66 27.95
C CYS J 545 -66.74 45.24 26.49
N ARG J 546 -66.12 44.07 26.24
CA ARG J 546 -66.00 43.58 24.87
C ARG J 546 -67.38 43.27 24.28
N LEU J 547 -68.27 42.70 25.10
CA LEU J 547 -69.62 42.39 24.61
C LEU J 547 -70.37 43.68 24.28
N ALA J 548 -70.25 44.70 25.14
CA ALA J 548 -70.91 45.97 24.86
C ALA J 548 -70.36 46.62 23.60
N LYS J 549 -69.04 46.61 23.44
CA LYS J 549 -68.44 47.18 22.23
C LYS J 549 -68.90 46.44 20.98
N HIS J 550 -68.97 45.11 21.06
CA HIS J 550 -69.43 44.32 19.91
C HIS J 550 -70.91 44.55 19.64
N ARG J 551 -71.69 44.91 20.68
CA ARG J 551 -73.11 45.17 20.54
C ARG J 551 -73.42 46.65 20.30
N LYS J 552 -72.40 47.49 20.20
CA LYS J 552 -72.57 48.93 19.96
C LYS J 552 -73.27 49.58 21.16
N VAL J 553 -72.51 49.71 22.24
CA VAL J 553 -73.00 50.32 23.47
C VAL J 553 -71.87 50.41 24.48
N ASP J 554 -71.84 51.50 25.25
CA ASP J 554 -70.81 51.67 26.24
C ASP J 554 -70.94 50.64 27.36
N ASN J 555 -69.84 50.42 28.07
CA ASN J 555 -69.81 49.46 29.17
C ASN J 555 -70.70 49.93 30.31
N ILE J 556 -72.01 49.71 30.18
CA ILE J 556 -72.96 50.11 31.20
C ILE J 556 -73.14 48.97 32.19
N ASP J 557 -74.24 48.22 32.04
CA ASP J 557 -74.52 47.10 32.94
C ASP J 557 -75.57 46.18 32.34
N MET J 558 -75.34 45.73 31.10
CA MET J 558 -76.28 44.85 30.42
C MET J 558 -75.60 43.80 29.54
N ARG J 559 -74.29 43.78 29.45
CA ARG J 559 -73.55 42.82 28.63
C ARG J 559 -72.75 41.89 29.53
N ASP J 560 -72.68 40.62 29.12
CA ASP J 560 -71.94 39.60 29.88
C ASP J 560 -72.63 39.44 31.24
N VAL J 561 -71.88 39.29 32.33
CA VAL J 561 -72.46 39.13 33.65
C VAL J 561 -73.31 37.86 33.69
N GLN J 562 -74.62 38.02 33.87
CA GLN J 562 -75.51 36.87 33.91
C GLN J 562 -75.56 36.15 32.56
N LEU J 563 -75.58 36.91 31.47
CA LEU J 563 -75.63 36.30 30.14
C LEU J 563 -74.33 35.57 29.84
N HIS J 564 -73.18 36.16 30.18
CA HIS J 564 -71.90 35.51 29.91
C HIS J 564 -71.73 34.26 30.79
N LEU J 565 -72.12 34.35 32.06
CA LEU J 565 -71.97 33.21 32.95
C LEU J 565 -72.92 32.08 32.55
N GLU J 566 -74.15 32.40 32.17
CA GLU J 566 -75.10 31.37 31.76
C GLU J 566 -74.71 30.76 30.43
N ARG J 567 -74.18 31.56 29.51
CA ARG J 567 -73.78 31.04 28.21
C ARG J 567 -72.48 30.25 28.30
N ASN J 568 -71.62 30.56 29.27
CA ASN J 568 -70.36 29.86 29.43
C ASN J 568 -70.44 28.73 30.44
N TRP J 569 -71.56 28.58 31.14
CA TRP J 569 -71.72 27.51 32.12
C TRP J 569 -73.07 26.81 31.97
N VAL K 355 -61.21 50.08 48.59
CA VAL K 355 -62.50 49.59 49.02
C VAL K 355 -63.25 48.95 47.86
N HIS K 356 -64.51 48.57 48.11
CA HIS K 356 -65.31 47.96 47.05
C HIS K 356 -65.57 48.93 45.91
N LEU K 357 -65.89 50.18 46.24
CA LEU K 357 -66.15 51.17 45.19
C LEU K 357 -64.88 51.48 44.40
N ALA K 358 -63.75 51.62 45.09
CA ALA K 358 -62.49 51.90 44.39
C ALA K 358 -62.09 50.74 43.50
N THR K 359 -62.19 49.51 44.00
CA THR K 359 -61.83 48.35 43.19
C THR K 359 -62.77 48.21 42.00
N PHE K 360 -64.07 48.43 42.21
CA PHE K 360 -65.02 48.31 41.10
C PHE K 360 -64.79 49.41 40.07
N MET K 361 -64.38 50.60 40.50
CA MET K 361 -64.14 51.68 39.56
C MET K 361 -62.86 51.43 38.77
N ARG K 362 -61.78 51.04 39.45
CA ARG K 362 -60.53 50.77 38.76
C ARG K 362 -60.67 49.60 37.79
N ARG K 363 -61.26 48.50 38.26
CA ARG K 363 -61.45 47.35 37.38
C ARG K 363 -62.43 47.66 36.25
N VAL K 364 -63.41 48.53 36.50
CA VAL K 364 -64.36 48.87 35.46
C VAL K 364 -63.72 49.77 34.41
N MET K 365 -62.76 50.60 34.81
CA MET K 365 -62.09 51.49 33.87
C MET K 365 -61.03 50.73 33.06
N GLU K 366 -60.08 50.09 33.76
CA GLU K 366 -59.05 49.33 33.07
C GLU K 366 -59.65 48.19 32.24
N ASN K 367 -60.60 47.46 32.82
CA ASN K 367 -61.23 46.37 32.09
C ASN K 367 -62.21 46.88 31.04
N ASN K 368 -62.76 48.08 31.22
CA ASN K 368 -63.69 48.63 30.25
C ASN K 368 -62.97 49.20 29.03
N GLY K 369 -61.76 49.71 29.20
CA GLY K 369 -61.00 50.25 28.09
C GLY K 369 -60.46 49.19 27.15
N LEU K 370 -59.31 49.45 26.55
CA LEU K 370 -58.69 48.50 25.63
C LEU K 370 -59.57 48.27 24.41
N ARG K 371 -60.67 47.53 24.59
CA ARG K 371 -61.56 47.25 23.47
C ARG K 371 -62.16 48.53 22.89
N ASN K 372 -62.36 49.55 23.73
CA ASN K 372 -62.92 50.81 23.28
C ASN K 372 -62.39 51.92 24.18
N TYR K 373 -63.05 53.07 24.17
CA TYR K 373 -62.62 54.19 24.99
C TYR K 373 -62.84 53.88 26.47
N VAL K 374 -61.99 54.46 27.31
CA VAL K 374 -62.06 54.25 28.75
C VAL K 374 -63.20 55.09 29.32
N ASP K 375 -63.30 55.13 30.65
CA ASP K 375 -64.35 55.89 31.32
C ASP K 375 -65.73 55.36 30.94
N HIS K 376 -66.20 54.34 31.67
CA HIS K 376 -67.51 53.75 31.41
C HIS K 376 -68.11 53.35 32.76
N ASP K 377 -68.91 54.25 33.32
CA ASP K 377 -69.53 53.98 34.61
C ASP K 377 -70.56 52.87 34.49
N THR K 378 -70.67 52.07 35.56
CA THR K 378 -71.62 50.97 35.58
C THR K 378 -72.94 51.39 36.21
N GLU K 379 -73.27 50.82 37.37
CA GLU K 379 -74.50 51.15 38.08
C GLU K 379 -74.51 50.39 39.40
N LEU K 380 -75.39 50.83 40.31
CA LEU K 380 -75.48 50.19 41.60
C LEU K 380 -75.90 48.73 41.47
N LEU K 381 -76.80 48.43 40.54
CA LEU K 381 -77.23 47.05 40.34
C LEU K 381 -76.07 46.19 39.83
N SER K 382 -75.29 46.72 38.88
CA SER K 382 -74.15 45.97 38.37
C SER K 382 -73.09 45.75 39.45
N TYR K 383 -72.82 46.78 40.25
CA TYR K 383 -71.84 46.63 41.32
C TYR K 383 -72.30 45.60 42.35
N MET K 384 -73.57 45.67 42.74
CA MET K 384 -74.09 44.70 43.70
C MET K 384 -74.07 43.29 43.14
N SER K 385 -74.39 43.14 41.86
CA SER K 385 -74.36 41.81 41.25
C SER K 385 -72.94 41.26 41.20
N SER K 386 -71.97 42.10 40.81
CA SER K 386 -70.58 41.65 40.78
C SER K 386 -70.09 41.28 42.17
N ALA K 387 -70.42 42.10 43.17
CA ALA K 387 -70.01 41.79 44.53
C ALA K 387 -70.63 40.49 45.03
N CYS K 388 -71.90 40.25 44.68
CA CYS K 388 -72.55 39.01 45.08
C CYS K 388 -71.92 37.81 44.40
N GLU K 389 -71.58 37.94 43.11
CA GLU K 389 -70.94 36.84 42.40
C GLU K 389 -69.57 36.54 42.99
N GLY K 390 -68.77 37.58 43.24
CA GLY K 390 -67.46 37.36 43.83
C GLY K 390 -67.55 36.75 45.21
N PHE K 391 -68.48 37.23 46.04
CA PHE K 391 -68.65 36.66 47.37
C PHE K 391 -69.09 35.21 47.29
N MET K 392 -69.94 34.87 46.32
CA MET K 392 -70.38 33.49 46.18
C MET K 392 -69.23 32.59 45.73
N ALA K 393 -68.43 33.05 44.77
CA ALA K 393 -67.29 32.25 44.32
C ALA K 393 -66.28 32.06 45.45
N GLY K 394 -65.96 33.14 46.16
CA GLY K 394 -65.03 33.01 47.27
C GLY K 394 -65.54 32.11 48.37
N ILE K 395 -66.85 32.19 48.65
CA ILE K 395 -67.44 31.32 49.68
C ILE K 395 -67.39 29.87 49.24
N LEU K 396 -67.63 29.60 47.95
CA LEU K 396 -67.57 28.23 47.46
C LEU K 396 -66.14 27.69 47.52
N THR K 397 -65.16 28.49 47.09
CA THR K 397 -63.77 28.04 47.14
C THR K 397 -63.32 27.81 48.58
N ASP K 398 -63.67 28.72 49.49
CA ASP K 398 -63.29 28.54 50.88
C ASP K 398 -63.97 27.32 51.49
N SER K 399 -65.22 27.06 51.11
CA SER K 399 -65.92 25.89 51.62
C SER K 399 -65.31 24.61 51.09
N VAL K 400 -64.91 24.59 49.82
CA VAL K 400 -64.29 23.39 49.25
C VAL K 400 -62.93 23.15 49.88
N ILE K 401 -62.15 24.22 50.08
CA ILE K 401 -60.83 24.07 50.70
C ILE K 401 -60.97 23.60 52.14
N LEU K 402 -61.93 24.15 52.87
CA LEU K 402 -62.13 23.75 54.26
C LEU K 402 -62.60 22.30 54.35
N ALA K 403 -63.49 21.89 53.44
CA ALA K 403 -63.98 20.51 53.45
C ALA K 403 -62.90 19.53 53.01
N ASN K 404 -61.97 19.96 52.16
CA ASN K 404 -60.89 19.10 51.69
C ASN K 404 -59.69 19.07 52.64
N HIS K 405 -59.56 20.06 53.50
CA HIS K 405 -58.45 20.11 54.44
C HIS K 405 -58.72 19.25 55.67
#